data_7Y0D
#
_entry.id   7Y0D
#
_cell.length_a   1.00
_cell.length_b   1.00
_cell.length_c   1.00
_cell.angle_alpha   90.00
_cell.angle_beta   90.00
_cell.angle_gamma   90.00
#
_symmetry.space_group_name_H-M   'P 1'
#
_entity_poly.entity_id   1
_entity_poly.type   'polypeptide(L)'
_entity_poly.pdbx_seq_one_letter_code
;MAVKSGARSGRNVVHLARPTLRETLGRLAPGTPLRDGLERILRGRTGALIVLGYDDSVEAICDGGFVLDVRYAPTRLREL
SKMDGAVVLSSDGSRILRANVQLVPDPSIPTDESGTRHRSAERTAIQTGYPVISVSHSMSIVTVYVAGERHVVPDSATIL
SRANQTIATLERYKGRLDEVSRQLSTAEIEDFVTLRDVMTVVQRLEMVRRISLEIDADVVELGTDGRQLKLQLDELVGDN
ETARELIVRDYHANPDPPTAAQVAATLEELDSLSDSELLDFTVLARVFGYPSTAEAQDSAMSSRGYRAMAAIPRLQFAHV
DLLVRSFGSLQNLLAASADDLQSVDGIGSMWARHIREGLSLLAESTIADRLAAAALEHHHHHH
;
_entity_poly.pdbx_strand_id   A,B,C,D,E,F,G,H
#
# COMPACT_ATOMS: atom_id res chain seq x y z
N PRO A 19 16.99 -18.68 34.75
CA PRO A 19 16.40 -18.57 33.41
C PRO A 19 16.62 -19.82 32.57
N THR A 20 15.96 -20.91 32.92
CA THR A 20 16.07 -22.15 32.19
C THR A 20 15.07 -22.19 31.05
N LEU A 21 15.22 -23.18 30.17
CA LEU A 21 14.35 -23.28 29.00
C LEU A 21 12.92 -23.61 29.40
N ARG A 22 12.74 -24.63 30.23
CA ARG A 22 11.40 -25.05 30.63
C ARG A 22 10.97 -24.33 31.90
N GLU A 23 11.18 -23.04 31.91
CA GLU A 23 10.53 -22.06 32.75
C GLU A 23 10.04 -20.88 31.95
N THR A 24 10.83 -20.44 30.96
CA THR A 24 10.36 -19.42 30.04
C THR A 24 9.38 -19.99 29.05
N LEU A 25 9.56 -21.25 28.64
CA LEU A 25 8.55 -21.89 27.82
C LEU A 25 7.22 -21.94 28.54
N GLY A 26 7.25 -22.16 29.86
CA GLY A 26 6.03 -22.07 30.64
C GLY A 26 5.50 -20.65 30.74
N ARG A 27 6.38 -19.67 30.91
CA ARG A 27 5.96 -18.28 31.00
C ARG A 27 5.39 -17.75 29.70
N LEU A 28 5.62 -18.44 28.59
CA LEU A 28 5.05 -18.05 27.31
C LEU A 28 3.79 -18.83 26.96
N ALA A 29 3.31 -19.70 27.85
CA ALA A 29 2.17 -20.54 27.53
C ALA A 29 0.91 -19.70 27.38
N PRO A 30 -0.04 -20.15 26.55
CA PRO A 30 -1.29 -19.41 26.39
C PRO A 30 -2.02 -19.24 27.71
N GLY A 31 -2.63 -18.07 27.88
CA GLY A 31 -3.27 -17.73 29.14
C GLY A 31 -2.45 -16.73 29.91
N THR A 32 -1.13 -16.89 29.87
CA THR A 32 -0.24 -15.96 30.53
C THR A 32 -0.30 -14.60 29.82
N PRO A 33 -0.29 -13.49 30.57
CA PRO A 33 -0.39 -12.17 29.92
C PRO A 33 0.68 -11.92 28.89
N LEU A 34 1.88 -12.46 29.07
CA LEU A 34 2.91 -12.34 28.06
C LEU A 34 2.45 -12.96 26.75
N ARG A 35 1.79 -14.12 26.82
CA ARG A 35 1.28 -14.73 25.60
C ARG A 35 0.18 -13.91 24.97
N ASP A 36 -0.64 -13.22 25.78
CA ASP A 36 -1.67 -12.34 25.21
C ASP A 36 -1.04 -11.17 24.46
N GLY A 37 -0.02 -10.55 25.06
CA GLY A 37 0.69 -9.49 24.36
C GLY A 37 1.33 -9.98 23.07
N LEU A 38 1.95 -11.16 23.10
CA LEU A 38 2.53 -11.74 21.90
C LEU A 38 1.47 -12.05 20.85
N GLU A 39 0.30 -12.53 21.26
CA GLU A 39 -0.77 -12.79 20.30
C GLU A 39 -1.24 -11.50 19.65
N ARG A 40 -1.40 -10.43 20.43
CA ARG A 40 -1.78 -9.15 19.84
C ARG A 40 -0.71 -8.64 18.89
N ILE A 41 0.56 -8.79 19.26
CA ILE A 41 1.65 -8.39 18.37
C ILE A 41 1.60 -9.17 17.07
N LEU A 42 1.35 -10.48 17.16
CA LEU A 42 1.25 -11.30 15.96
C LEU A 42 0.09 -10.86 15.09
N ARG A 43 -1.05 -10.52 15.70
CA ARG A 43 -2.17 -10.02 14.92
C ARG A 43 -1.85 -8.66 14.30
N GLY A 44 -1.04 -7.85 14.98
CA GLY A 44 -0.65 -6.55 14.45
C GLY A 44 0.21 -6.63 13.21
N ARG A 45 0.72 -7.80 12.88
CA ARG A 45 1.57 -8.02 11.71
C ARG A 45 2.74 -7.04 11.69
N THR A 46 3.44 -7.01 12.82
CA THR A 46 4.67 -6.24 12.93
C THR A 46 5.64 -7.00 13.81
N GLY A 47 6.92 -6.71 13.64
CA GLY A 47 7.94 -7.42 14.37
C GLY A 47 8.01 -7.00 15.83
N ALA A 48 8.80 -7.75 16.58
CA ALA A 48 9.08 -7.42 17.97
C ALA A 48 10.39 -8.06 18.36
N LEU A 49 11.03 -7.49 19.37
CA LEU A 49 12.29 -8.03 19.89
C LEU A 49 12.31 -7.69 21.37
N ILE A 50 11.95 -8.67 22.20
CA ILE A 50 11.66 -8.44 23.60
C ILE A 50 12.74 -9.11 24.44
N VAL A 51 13.27 -8.37 25.41
CA VAL A 51 14.23 -8.90 26.36
C VAL A 51 13.54 -9.01 27.71
N LEU A 52 13.45 -10.23 28.23
CA LEU A 52 12.82 -10.45 29.53
C LEU A 52 13.89 -10.32 30.60
N GLY A 53 13.98 -9.15 31.21
CA GLY A 53 14.96 -8.99 32.27
C GLY A 53 15.88 -7.81 31.95
N TYR A 54 16.05 -6.96 32.95
CA TYR A 54 16.90 -5.78 32.85
C TYR A 54 17.93 -5.82 33.95
N ASP A 55 19.19 -5.62 33.59
CA ASP A 55 20.27 -5.60 34.56
C ASP A 55 21.42 -4.78 33.98
N ASP A 56 22.57 -4.82 34.66
CA ASP A 56 23.72 -4.04 34.20
C ASP A 56 24.23 -4.54 32.87
N SER A 57 24.10 -5.84 32.59
CA SER A 57 24.51 -6.37 31.29
C SER A 57 23.67 -5.76 30.17
N VAL A 58 22.34 -5.79 30.32
CA VAL A 58 21.46 -5.23 29.31
C VAL A 58 21.69 -3.73 29.16
N GLU A 59 21.80 -3.02 30.28
CA GLU A 59 22.07 -1.60 30.22
C GLU A 59 23.38 -1.31 29.48
N ALA A 60 24.38 -2.17 29.68
CA ALA A 60 25.63 -2.03 28.94
C ALA A 60 25.46 -2.40 27.47
N ILE A 61 24.43 -3.17 27.13
CA ILE A 61 24.21 -3.60 25.76
C ILE A 61 23.23 -2.68 25.03
N CYS A 62 22.16 -2.25 25.70
CA CYS A 62 21.12 -1.47 25.04
C CYS A 62 21.53 0.00 24.94
N ASP A 63 21.05 0.65 23.89
CA ASP A 63 21.28 2.08 23.72
C ASP A 63 20.26 2.65 22.73
N GLY A 64 20.03 3.95 22.86
CA GLY A 64 19.24 4.70 21.90
C GLY A 64 17.76 4.41 21.92
N GLY A 65 17.12 4.59 23.07
CA GLY A 65 15.69 4.35 23.21
C GLY A 65 15.11 5.25 24.27
N PHE A 66 14.02 4.80 24.88
CA PHE A 66 13.32 5.55 25.90
C PHE A 66 13.30 4.77 27.21
N VAL A 67 13.06 5.49 28.30
CA VAL A 67 12.95 4.91 29.63
C VAL A 67 11.50 5.07 30.06
N LEU A 68 10.75 3.97 30.08
CA LEU A 68 9.31 4.02 30.29
C LEU A 68 8.90 3.76 31.74
N ASP A 69 9.20 2.57 32.27
CA ASP A 69 8.79 2.18 33.62
C ASP A 69 7.27 2.29 33.79
N VAL A 70 6.55 1.46 33.05
CA VAL A 70 5.09 1.48 33.05
C VAL A 70 4.57 0.08 33.36
N ARG A 71 3.34 0.03 33.87
CA ARG A 71 2.70 -1.25 34.17
C ARG A 71 2.48 -2.05 32.89
N TYR A 72 2.79 -3.33 32.95
CA TYR A 72 2.68 -4.17 31.76
C TYR A 72 1.23 -4.45 31.42
N ALA A 73 0.95 -4.53 30.11
CA ALA A 73 -0.36 -4.91 29.60
C ALA A 73 -0.19 -5.36 28.16
N PRO A 74 -0.95 -6.34 27.71
CA PRO A 74 -0.80 -6.79 26.31
C PRO A 74 -0.97 -5.68 25.30
N THR A 75 -1.91 -4.77 25.53
CA THR A 75 -2.09 -3.63 24.64
C THR A 75 -0.87 -2.72 24.65
N ARG A 76 -0.31 -2.44 25.83
CA ARG A 76 0.85 -1.58 25.89
C ARG A 76 2.05 -2.20 25.18
N LEU A 77 2.27 -3.50 25.37
CA LEU A 77 3.35 -4.17 24.67
C LEU A 77 3.13 -4.13 23.17
N ARG A 78 1.90 -4.37 22.72
CA ARG A 78 1.60 -4.30 21.30
C ARG A 78 1.88 -2.91 20.76
N GLU A 79 1.56 -1.87 21.53
CA GLU A 79 1.77 -0.51 21.09
C GLU A 79 3.26 -0.17 20.99
N LEU A 80 4.01 -0.50 22.03
CA LEU A 80 5.44 -0.16 22.06
C LEU A 80 6.26 -1.02 21.11
N SER A 81 5.74 -2.18 20.70
CA SER A 81 6.43 -3.00 19.70
C SER A 81 6.29 -2.43 18.30
N LYS A 82 5.70 -1.25 18.15
CA LYS A 82 5.52 -0.60 16.86
C LYS A 82 6.58 0.45 16.58
N MET A 83 7.65 0.45 17.37
CA MET A 83 8.61 1.55 17.38
C MET A 83 9.95 1.20 16.73
N ASP A 84 10.05 0.06 16.05
CA ASP A 84 11.27 -0.34 15.37
C ASP A 84 12.49 -0.28 16.31
N GLY A 85 12.42 -1.10 17.35
CA GLY A 85 13.51 -1.19 18.30
C GLY A 85 13.43 -2.46 19.12
N ALA A 86 13.74 -2.36 20.40
CA ALA A 86 13.63 -3.50 21.30
C ALA A 86 12.92 -3.07 22.58
N VAL A 87 12.13 -3.99 23.11
CA VAL A 87 11.41 -3.79 24.37
C VAL A 87 12.16 -4.56 25.45
N VAL A 88 12.41 -3.92 26.58
CA VAL A 88 13.11 -4.53 27.69
C VAL A 88 12.13 -4.64 28.84
N LEU A 89 11.58 -5.83 29.05
CA LEU A 89 10.68 -6.07 30.16
C LEU A 89 11.47 -6.45 31.40
N SER A 90 10.83 -6.26 32.55
CA SER A 90 11.49 -6.59 33.81
C SER A 90 11.66 -8.10 33.94
N SER A 91 12.52 -8.50 34.88
CA SER A 91 12.85 -9.91 35.03
C SER A 91 11.62 -10.75 35.32
N ASP A 92 10.65 -10.21 36.04
CA ASP A 92 9.41 -10.90 36.33
C ASP A 92 8.33 -10.63 35.29
N GLY A 93 8.63 -9.85 34.25
CA GLY A 93 7.67 -9.56 33.20
C GLY A 93 6.46 -8.78 33.65
N SER A 94 6.64 -7.80 34.52
CA SER A 94 5.54 -6.97 34.99
C SER A 94 5.66 -5.51 34.63
N ARG A 95 6.82 -5.07 34.13
CA ARG A 95 7.05 -3.68 33.79
C ARG A 95 7.66 -3.59 32.40
N ILE A 96 7.23 -2.59 31.64
CA ILE A 96 7.79 -2.31 30.33
C ILE A 96 8.73 -1.13 30.54
N LEU A 97 9.99 -1.43 30.87
CA LEU A 97 10.88 -0.41 31.43
C LEU A 97 11.78 0.28 30.42
N ARG A 98 11.96 -0.27 29.22
CA ARG A 98 12.68 0.44 28.17
C ARG A 98 12.08 0.09 26.83
N ALA A 99 12.21 0.99 25.87
CA ALA A 99 11.66 0.77 24.55
C ALA A 99 12.53 1.47 23.52
N ASN A 100 12.41 1.00 22.27
CA ASN A 100 13.14 1.54 21.11
C ASN A 100 14.64 1.40 21.25
N VAL A 101 15.13 0.63 22.22
CA VAL A 101 16.56 0.52 22.45
C VAL A 101 17.19 -0.36 21.38
N GLN A 102 18.27 0.12 20.78
CA GLN A 102 19.06 -0.74 19.91
C GLN A 102 19.91 -1.67 20.76
N LEU A 103 20.13 -2.88 20.24
CA LEU A 103 20.94 -3.87 20.93
C LEU A 103 22.29 -3.98 20.22
N VAL A 104 23.35 -3.63 20.92
CA VAL A 104 24.70 -3.66 20.37
C VAL A 104 25.60 -4.46 21.30
N PRO A 105 25.55 -5.78 21.25
CA PRO A 105 26.39 -6.62 22.10
C PRO A 105 27.79 -6.71 21.51
N ASP A 106 28.66 -7.40 22.23
CA ASP A 106 30.02 -7.63 21.76
C ASP A 106 29.99 -8.47 20.49
N PRO A 107 30.57 -8.01 19.39
CA PRO A 107 30.53 -8.80 18.15
C PRO A 107 31.51 -9.95 18.10
N SER A 108 32.39 -10.09 19.10
CA SER A 108 33.31 -11.21 19.13
C SER A 108 32.68 -12.50 19.64
N ILE A 109 31.46 -12.43 20.16
CA ILE A 109 30.77 -13.64 20.59
C ILE A 109 30.46 -14.50 19.37
N PRO A 110 30.84 -15.78 19.35
CA PRO A 110 30.64 -16.60 18.16
C PRO A 110 29.16 -16.85 17.92
N THR A 111 28.67 -16.37 16.78
CA THR A 111 27.27 -16.53 16.40
C THR A 111 27.21 -17.11 14.99
N ASP A 112 26.06 -17.71 14.69
CA ASP A 112 25.83 -18.27 13.36
C ASP A 112 24.53 -17.82 12.73
N GLU A 113 23.67 -17.11 13.45
CA GLU A 113 22.43 -16.64 12.85
C GLU A 113 22.74 -15.64 11.74
N SER A 114 21.93 -15.68 10.70
CA SER A 114 22.15 -14.88 9.49
C SER A 114 21.06 -13.82 9.43
N GLY A 115 21.32 -12.68 10.06
CA GLY A 115 20.35 -11.60 10.13
C GLY A 115 20.61 -10.76 11.36
N THR A 116 20.57 -9.43 11.19
CA THR A 116 20.97 -8.55 12.29
C THR A 116 20.03 -8.68 13.49
N ARG A 117 18.73 -8.84 13.23
CA ARG A 117 17.80 -9.04 14.33
C ARG A 117 18.14 -10.30 15.10
N HIS A 118 18.28 -11.42 14.39
CA HIS A 118 18.51 -12.70 15.06
C HIS A 118 19.92 -12.79 15.61
N ARG A 119 20.91 -12.29 14.88
CA ARG A 119 22.28 -12.31 15.39
C ARG A 119 22.39 -11.47 16.66
N SER A 120 21.79 -10.28 16.66
CA SER A 120 21.82 -9.44 17.85
C SER A 120 21.08 -10.09 19.01
N ALA A 121 19.94 -10.73 18.72
CA ALA A 121 19.20 -11.43 19.76
C ALA A 121 20.04 -12.54 20.38
N GLU A 122 20.67 -13.36 19.53
CA GLU A 122 21.46 -14.47 20.04
C GLU A 122 22.68 -13.99 20.80
N ARG A 123 23.34 -12.94 20.31
CA ARG A 123 24.50 -12.42 21.02
C ARG A 123 24.13 -11.82 22.36
N THR A 124 23.00 -11.11 22.43
CA THR A 124 22.54 -10.60 23.72
C THR A 124 22.22 -11.75 24.66
N ALA A 125 21.60 -12.81 24.13
CA ALA A 125 21.26 -13.96 24.94
C ALA A 125 22.51 -14.67 25.47
N ILE A 126 23.55 -14.76 24.65
CA ILE A 126 24.78 -15.38 25.12
C ILE A 126 25.49 -14.51 26.14
N GLN A 127 25.56 -13.20 25.87
CA GLN A 127 26.26 -12.29 26.76
C GLN A 127 25.60 -12.23 28.13
N THR A 128 24.27 -12.18 28.15
CA THR A 128 23.51 -12.31 29.39
C THR A 128 22.40 -13.31 29.15
N GLY A 129 22.28 -14.30 30.03
CA GLY A 129 21.47 -15.46 29.74
C GLY A 129 19.97 -15.25 29.87
N TYR A 130 19.53 -14.03 29.67
CA TYR A 130 18.10 -13.74 29.74
C TYR A 130 17.41 -14.16 28.45
N PRO A 131 16.13 -14.52 28.51
CA PRO A 131 15.40 -14.84 27.29
C PRO A 131 15.27 -13.62 26.40
N VAL A 132 15.37 -13.84 25.09
CA VAL A 132 15.25 -12.77 24.10
C VAL A 132 14.26 -13.26 23.06
N ILE A 133 12.99 -12.90 23.22
CA ILE A 133 11.98 -13.29 22.26
C ILE A 133 12.10 -12.41 21.02
N SER A 134 12.14 -13.04 19.85
CA SER A 134 12.31 -12.33 18.59
C SER A 134 11.17 -12.73 17.66
N VAL A 135 10.10 -11.94 17.66
CA VAL A 135 8.96 -12.19 16.79
C VAL A 135 9.23 -11.51 15.46
N SER A 136 9.48 -12.29 14.42
CA SER A 136 9.76 -11.73 13.11
C SER A 136 8.50 -11.10 12.52
N HIS A 137 8.71 -10.08 11.69
CA HIS A 137 7.63 -9.50 10.93
C HIS A 137 7.53 -10.20 9.58
N SER A 138 6.37 -10.06 8.95
CA SER A 138 5.98 -10.73 7.70
C SER A 138 5.75 -12.22 7.89
N MET A 139 5.97 -12.76 9.10
CA MET A 139 5.63 -14.13 9.41
C MET A 139 5.31 -14.22 10.90
N SER A 140 4.58 -15.26 11.27
CA SER A 140 4.04 -15.40 12.61
C SER A 140 4.90 -16.28 13.49
N ILE A 141 6.22 -16.19 13.33
CA ILE A 141 7.17 -17.05 14.02
C ILE A 141 7.64 -16.36 15.29
N VAL A 142 7.63 -17.09 16.40
CA VAL A 142 8.12 -16.61 17.67
C VAL A 142 9.32 -17.46 18.07
N THR A 143 10.44 -16.81 18.35
CA THR A 143 11.70 -17.47 18.65
C THR A 143 12.16 -17.10 20.05
N VAL A 144 12.79 -18.06 20.73
CA VAL A 144 13.32 -17.86 22.07
C VAL A 144 14.77 -18.27 22.08
N TYR A 145 15.61 -17.46 22.71
CA TYR A 145 17.05 -17.67 22.76
C TYR A 145 17.54 -17.82 24.19
N VAL A 146 16.86 -18.62 24.98
CA VAL A 146 17.18 -18.72 26.40
C VAL A 146 18.17 -19.84 26.65
N ALA A 147 19.15 -19.55 27.50
CA ALA A 147 20.09 -20.54 28.04
C ALA A 147 20.75 -21.36 26.93
N GLY A 148 21.40 -20.65 26.01
CA GLY A 148 22.16 -21.31 24.96
C GLY A 148 21.30 -21.91 23.87
N GLU A 149 20.29 -22.69 24.26
CA GLU A 149 19.40 -23.30 23.29
C GLU A 149 18.53 -22.25 22.61
N ARG A 150 18.22 -22.49 21.34
CA ARG A 150 17.29 -21.68 20.57
C ARG A 150 16.04 -22.49 20.29
N HIS A 151 14.88 -21.95 20.66
CA HIS A 151 13.62 -22.66 20.50
C HIS A 151 12.63 -21.79 19.73
N VAL A 152 11.91 -22.43 18.82
CA VAL A 152 10.83 -21.79 18.07
C VAL A 152 9.52 -22.18 18.74
N VAL A 153 8.79 -21.19 19.25
CA VAL A 153 7.52 -21.46 19.92
C VAL A 153 6.52 -21.92 18.87
N PRO A 154 6.00 -23.14 18.98
CA PRO A 154 5.12 -23.68 17.94
C PRO A 154 3.65 -23.43 18.23
N ASP A 155 2.86 -23.53 17.17
CA ASP A 155 1.41 -23.45 17.32
C ASP A 155 0.90 -24.65 18.09
N SER A 156 -0.25 -24.48 18.74
CA SER A 156 -0.76 -25.52 19.61
C SER A 156 -1.17 -26.78 18.85
N ALA A 157 -1.44 -26.69 17.55
CA ALA A 157 -1.89 -27.86 16.80
C ALA A 157 -0.82 -28.95 16.79
N THR A 158 0.40 -28.59 16.40
CA THR A 158 1.47 -29.57 16.37
C THR A 158 1.80 -30.06 17.77
N ILE A 159 1.69 -29.18 18.76
CA ILE A 159 1.94 -29.56 20.14
C ILE A 159 0.96 -30.66 20.57
N LEU A 160 -0.33 -30.46 20.28
CA LEU A 160 -1.32 -31.47 20.64
C LEU A 160 -1.14 -32.75 19.82
N SER A 161 -0.70 -32.64 18.57
CA SER A 161 -0.44 -33.85 17.79
C SER A 161 0.64 -34.70 18.46
N ARG A 162 1.78 -34.08 18.77
CA ARG A 162 2.85 -34.79 19.45
C ARG A 162 2.41 -35.31 20.81
N ALA A 163 1.60 -34.51 21.52
CA ALA A 163 1.11 -34.91 22.81
C ALA A 163 0.22 -36.14 22.71
N ASN A 164 -0.67 -36.17 21.72
CA ASN A 164 -1.53 -37.33 21.53
C ASN A 164 -0.73 -38.58 21.21
N GLN A 165 0.29 -38.44 20.36
CA GLN A 165 1.12 -39.60 20.04
C GLN A 165 1.82 -40.12 21.29
N THR A 166 2.40 -39.23 22.09
CA THR A 166 3.12 -39.71 23.27
C THR A 166 2.14 -40.21 24.33
N ILE A 167 0.91 -39.72 24.36
CA ILE A 167 -0.10 -40.30 25.24
C ILE A 167 -0.45 -41.71 24.80
N ALA A 168 -0.53 -41.95 23.50
CA ALA A 168 -0.78 -43.31 23.01
C ALA A 168 0.34 -44.25 23.45
N THR A 169 1.59 -43.82 23.29
CA THR A 169 2.70 -44.62 23.77
C THR A 169 2.60 -44.85 25.28
N LEU A 170 2.23 -43.80 26.02
CA LEU A 170 2.13 -43.92 27.47
C LEU A 170 1.07 -44.92 27.88
N GLU A 171 -0.08 -44.92 27.21
CA GLU A 171 -1.14 -45.83 27.63
C GLU A 171 -0.80 -47.28 27.27
N ARG A 172 -0.15 -47.50 26.13
CA ARG A 172 0.34 -48.84 25.83
C ARG A 172 1.32 -49.30 26.91
N TYR A 173 2.25 -48.43 27.29
CA TYR A 173 3.25 -48.80 28.27
C TYR A 173 2.60 -49.05 29.64
N LYS A 174 1.59 -48.25 29.99
CA LYS A 174 0.89 -48.44 31.25
C LYS A 174 0.16 -49.78 31.28
N GLY A 175 -0.48 -50.16 30.18
CA GLY A 175 -1.11 -51.47 30.13
C GLY A 175 -0.11 -52.60 30.30
N ARG A 176 1.04 -52.49 29.63
CA ARG A 176 2.07 -53.50 29.80
C ARG A 176 2.55 -53.57 31.25
N LEU A 177 2.75 -52.41 31.87
CA LEU A 177 3.16 -52.38 33.27
C LEU A 177 2.11 -53.02 34.16
N ASP A 178 0.83 -52.76 33.89
CA ASP A 178 -0.23 -53.33 34.70
C ASP A 178 -0.22 -54.86 34.62
N GLU A 179 -0.06 -55.41 33.41
CA GLU A 179 -0.08 -56.86 33.32
C GLU A 179 1.19 -57.46 33.96
N VAL A 180 2.32 -56.78 33.83
CA VAL A 180 3.55 -57.26 34.47
C VAL A 180 3.40 -57.26 35.98
N SER A 181 2.81 -56.19 36.53
CA SER A 181 2.61 -56.10 37.98
C SER A 181 1.61 -57.15 38.45
N ARG A 182 0.60 -57.45 37.63
CA ARG A 182 -0.33 -58.52 37.98
C ARG A 182 0.38 -59.86 38.04
N GLN A 183 1.27 -60.13 37.08
CA GLN A 183 2.06 -61.35 37.12
C GLN A 183 2.94 -61.37 38.37
N LEU A 184 3.53 -60.23 38.71
CA LEU A 184 4.37 -60.16 39.90
C LEU A 184 3.57 -60.46 41.17
N SER A 185 2.36 -59.91 41.27
CA SER A 185 1.53 -60.19 42.44
C SER A 185 1.10 -61.65 42.47
N THR A 186 0.81 -62.24 41.31
CA THR A 186 0.46 -63.65 41.26
C THR A 186 1.61 -64.52 41.75
N ALA A 187 2.85 -64.19 41.35
CA ALA A 187 4.00 -64.91 41.87
C ALA A 187 4.21 -64.65 43.36
N GLU A 188 3.88 -63.43 43.82
CA GLU A 188 4.06 -63.09 45.22
C GLU A 188 3.10 -63.86 46.11
N ILE A 189 1.87 -64.09 45.64
CA ILE A 189 0.85 -64.75 46.45
C ILE A 189 1.15 -66.24 46.54
N GLU A 190 2.13 -66.70 45.77
CA GLU A 190 2.58 -68.08 45.78
C GLU A 190 4.08 -68.00 46.06
N ASP A 191 4.41 -67.28 47.12
CA ASP A 191 5.69 -66.62 47.34
C ASP A 191 6.93 -67.41 46.97
N PHE A 192 7.65 -66.91 45.96
CA PHE A 192 9.05 -67.25 45.73
C PHE A 192 9.64 -66.05 44.99
N VAL A 193 10.39 -65.22 45.72
CA VAL A 193 10.80 -63.92 45.20
C VAL A 193 11.99 -64.13 44.27
N THR A 194 11.81 -63.84 42.98
CA THR A 194 12.85 -64.00 41.98
C THR A 194 13.28 -62.64 41.46
N LEU A 195 14.57 -62.54 41.09
CA LEU A 195 15.10 -61.29 40.60
C LEU A 195 14.47 -60.89 39.27
N ARG A 196 14.10 -61.88 38.45
CA ARG A 196 13.61 -61.60 37.11
C ARG A 196 12.36 -60.74 37.13
N ASP A 197 11.36 -61.14 37.93
CA ASP A 197 10.11 -60.38 37.98
C ASP A 197 10.31 -59.01 38.59
N VAL A 198 11.11 -58.92 39.66
CA VAL A 198 11.34 -57.63 40.29
C VAL A 198 11.98 -56.66 39.31
N MET A 199 12.98 -57.13 38.56
CA MET A 199 13.65 -56.25 37.61
C MET A 199 12.75 -55.91 36.42
N THR A 200 11.97 -56.87 35.93
CA THR A 200 11.10 -56.54 34.81
C THR A 200 9.92 -55.67 35.25
N VAL A 201 9.66 -55.55 36.55
CA VAL A 201 8.70 -54.55 37.02
C VAL A 201 9.36 -53.18 37.14
N VAL A 202 10.53 -53.12 37.77
CA VAL A 202 11.17 -51.82 37.97
C VAL A 202 11.57 -51.19 36.64
N GLN A 203 11.88 -52.01 35.64
CA GLN A 203 12.22 -51.47 34.32
C GLN A 203 11.04 -50.71 33.73
N ARG A 204 9.87 -51.34 33.69
CA ARG A 204 8.69 -50.67 33.17
C ARG A 204 8.33 -49.47 34.02
N LEU A 205 8.51 -49.57 35.33
CA LEU A 205 8.19 -48.45 36.22
C LEU A 205 9.05 -47.24 35.87
N GLU A 206 10.36 -47.44 35.75
CA GLU A 206 11.24 -46.33 35.42
C GLU A 206 10.93 -45.76 34.04
N MET A 207 10.66 -46.63 33.06
CA MET A 207 10.46 -46.10 31.71
C MET A 207 9.13 -45.38 31.57
N VAL A 208 8.09 -45.84 32.28
CA VAL A 208 6.84 -45.10 32.28
C VAL A 208 7.01 -43.77 33.01
N ARG A 209 7.89 -43.72 34.02
CA ARG A 209 8.22 -42.43 34.61
C ARG A 209 8.88 -41.51 33.59
N ARG A 210 9.79 -42.05 32.78
CA ARG A 210 10.44 -41.24 31.76
C ARG A 210 9.43 -40.67 30.77
N ILE A 211 8.51 -41.51 30.31
CA ILE A 211 7.49 -41.05 29.38
C ILE A 211 6.58 -40.01 30.04
N SER A 212 6.25 -40.22 31.31
CA SER A 212 5.42 -39.25 32.03
C SER A 212 6.11 -37.90 32.11
N LEU A 213 7.42 -37.88 32.40
CA LEU A 213 8.14 -36.61 32.42
C LEU A 213 8.14 -35.95 31.06
N GLU A 214 8.36 -36.75 30.00
CA GLU A 214 8.37 -36.20 28.65
C GLU A 214 7.04 -35.55 28.30
N ILE A 215 5.93 -36.15 28.73
CA ILE A 215 4.62 -35.56 28.42
C ILE A 215 4.32 -34.39 29.36
N ASP A 216 4.83 -34.43 30.58
CA ASP A 216 4.59 -33.32 31.51
C ASP A 216 5.26 -32.05 31.05
N ALA A 217 6.44 -32.18 30.43
CA ALA A 217 7.07 -31.00 29.82
C ALA A 217 6.16 -30.40 28.76
N ASP A 218 5.55 -31.23 27.93
CA ASP A 218 4.65 -30.73 26.90
C ASP A 218 3.41 -30.08 27.53
N VAL A 219 2.91 -30.66 28.61
CA VAL A 219 1.74 -30.09 29.29
C VAL A 219 2.06 -28.70 29.82
N VAL A 220 3.22 -28.55 30.46
CA VAL A 220 3.56 -27.23 31.00
C VAL A 220 3.85 -26.25 29.88
N GLU A 221 4.34 -26.73 28.73
CA GLU A 221 4.48 -25.86 27.57
C GLU A 221 3.12 -25.36 27.09
N LEU A 222 2.13 -26.25 27.05
CA LEU A 222 0.79 -25.86 26.61
C LEU A 222 0.15 -24.89 27.58
N GLY A 223 0.27 -25.14 28.88
CA GLY A 223 -0.27 -24.25 29.89
C GLY A 223 -1.76 -24.36 30.11
N THR A 224 -2.56 -23.78 29.22
CA THR A 224 -4.01 -23.84 29.32
C THR A 224 -4.71 -24.25 28.04
N ASP A 225 -4.04 -24.21 26.89
CA ASP A 225 -4.69 -24.62 25.64
C ASP A 225 -5.10 -26.08 25.69
N GLY A 226 -4.20 -26.94 26.15
CA GLY A 226 -4.49 -28.36 26.27
C GLY A 226 -4.93 -28.78 27.66
N ARG A 227 -6.09 -28.30 28.11
CA ARG A 227 -6.60 -28.72 29.41
C ARG A 227 -7.52 -29.94 29.25
N GLN A 228 -7.01 -30.91 28.50
CA GLN A 228 -7.56 -32.26 28.48
C GLN A 228 -6.37 -33.19 28.60
N LEU A 229 -5.22 -32.71 28.12
CA LEU A 229 -3.98 -33.47 28.18
C LEU A 229 -3.57 -33.74 29.61
N LYS A 230 -3.72 -32.74 30.49
CA LYS A 230 -3.32 -32.93 31.88
C LYS A 230 -4.15 -34.01 32.56
N LEU A 231 -5.46 -34.00 32.34
CA LEU A 231 -6.31 -35.01 32.95
C LEU A 231 -6.07 -36.39 32.33
N GLN A 232 -5.84 -36.45 31.02
CA GLN A 232 -5.49 -37.73 30.41
C GLN A 232 -4.21 -38.30 31.00
N LEU A 233 -3.20 -37.45 31.16
CA LEU A 233 -1.95 -37.89 31.78
C LEU A 233 -2.16 -38.35 33.20
N ASP A 234 -2.97 -37.61 33.97
CA ASP A 234 -3.19 -37.99 35.36
C ASP A 234 -3.92 -39.33 35.46
N GLU A 235 -4.90 -39.57 34.58
CA GLU A 235 -5.58 -40.85 34.59
C GLU A 235 -4.65 -41.98 34.16
N LEU A 236 -3.81 -41.74 33.15
CA LEU A 236 -2.96 -42.80 32.64
C LEU A 236 -1.85 -43.16 33.63
N VAL A 237 -1.18 -42.15 34.20
CA VAL A 237 -0.04 -42.40 35.06
C VAL A 237 -0.47 -43.09 36.35
N GLY A 238 -1.67 -42.75 36.84
CA GLY A 238 -2.11 -43.32 38.10
C GLY A 238 -1.17 -42.94 39.22
N ASP A 239 -0.93 -43.90 40.11
CA ASP A 239 -0.05 -43.70 41.27
C ASP A 239 1.32 -44.30 41.03
N ASN A 240 2.02 -43.72 40.04
CA ASN A 240 3.34 -44.24 39.65
C ASN A 240 4.36 -44.08 40.77
N GLU A 241 4.38 -42.90 41.41
CA GLU A 241 5.37 -42.64 42.45
C GLU A 241 5.16 -43.52 43.67
N THR A 242 3.91 -43.82 44.01
CA THR A 242 3.64 -44.74 45.11
C THR A 242 4.16 -46.13 44.77
N ALA A 243 3.96 -46.56 43.52
CA ALA A 243 4.51 -47.85 43.11
C ALA A 243 6.03 -47.84 43.23
N ARG A 244 6.66 -46.74 42.83
CA ARG A 244 8.13 -46.64 42.93
C ARG A 244 8.60 -46.77 44.37
N GLU A 245 8.01 -45.98 45.27
CA GLU A 245 8.45 -46.03 46.66
C GLU A 245 8.16 -47.39 47.29
N LEU A 246 7.00 -47.97 47.00
CA LEU A 246 6.68 -49.28 47.57
C LEU A 246 7.63 -50.36 47.06
N ILE A 247 7.94 -50.36 45.76
CA ILE A 247 8.82 -51.40 45.24
C ILE A 247 10.24 -51.24 45.77
N VAL A 248 10.71 -49.98 45.91
CA VAL A 248 12.06 -49.82 46.43
C VAL A 248 12.12 -50.16 47.91
N ARG A 249 11.04 -49.91 48.66
CA ARG A 249 11.03 -50.28 50.07
C ARG A 249 10.85 -51.78 50.26
N ASP A 250 10.23 -52.47 49.31
CA ASP A 250 10.02 -53.90 49.44
C ASP A 250 11.26 -54.69 49.01
N TYR A 251 11.75 -54.44 47.80
CA TYR A 251 12.79 -55.27 47.20
C TYR A 251 14.04 -54.45 46.98
N HIS A 252 14.89 -54.39 48.01
CA HIS A 252 16.22 -53.81 47.92
C HIS A 252 17.21 -54.86 48.38
N ALA A 253 18.31 -55.00 47.63
CA ALA A 253 19.33 -56.00 47.95
C ALA A 253 20.27 -55.42 49.00
N ASN A 254 19.76 -55.38 50.24
CA ASN A 254 20.54 -54.91 51.37
C ASN A 254 20.03 -55.62 52.62
N PRO A 255 20.87 -55.78 53.64
CA PRO A 255 20.41 -56.49 54.86
C PRO A 255 19.16 -55.88 55.49
N ASP A 256 19.05 -54.56 55.47
CA ASP A 256 17.93 -53.89 56.11
C ASP A 256 17.07 -53.18 55.07
N PRO A 257 15.78 -53.02 55.34
CA PRO A 257 14.92 -52.24 54.42
C PRO A 257 15.42 -50.82 54.29
N PRO A 258 15.42 -50.27 53.08
CA PRO A 258 15.93 -48.90 52.90
C PRO A 258 15.08 -47.88 53.62
N THR A 259 15.73 -46.83 54.08
CA THR A 259 15.07 -45.72 54.75
C THR A 259 14.69 -44.65 53.72
N ALA A 260 14.02 -43.60 54.19
CA ALA A 260 13.56 -42.54 53.28
C ALA A 260 14.73 -41.89 52.55
N ALA A 261 15.83 -41.63 53.27
CA ALA A 261 17.02 -41.11 52.61
C ALA A 261 17.58 -42.11 51.60
N GLN A 262 17.63 -43.39 51.98
CA GLN A 262 18.11 -44.41 51.05
C GLN A 262 17.14 -44.57 49.88
N VAL A 263 15.83 -44.46 50.14
CA VAL A 263 14.85 -44.52 49.07
C VAL A 263 15.08 -43.39 48.08
N ALA A 264 15.29 -42.18 48.58
CA ALA A 264 15.53 -41.04 47.70
C ALA A 264 16.82 -41.20 46.92
N ALA A 265 17.88 -41.69 47.58
CA ALA A 265 19.15 -41.91 46.89
C ALA A 265 19.00 -42.95 45.79
N THR A 266 18.27 -44.04 46.05
CA THR A 266 18.05 -45.05 45.04
C THR A 266 17.19 -44.50 43.90
N LEU A 267 16.22 -43.65 44.22
CA LEU A 267 15.42 -43.03 43.17
C LEU A 267 16.28 -42.15 42.27
N GLU A 268 17.17 -41.36 42.87
CA GLU A 268 18.08 -40.55 42.06
C GLU A 268 19.00 -41.43 41.21
N GLU A 269 19.48 -42.53 41.79
CA GLU A 269 20.35 -43.44 41.05
C GLU A 269 19.61 -44.06 39.87
N LEU A 270 18.36 -44.47 40.07
CA LEU A 270 17.62 -45.11 38.99
C LEU A 270 17.14 -44.09 37.97
N ASP A 271 17.07 -42.81 38.34
CA ASP A 271 16.88 -41.78 37.33
C ASP A 271 18.20 -41.39 36.66
N SER A 272 19.34 -41.77 37.23
CA SER A 272 20.62 -41.38 36.67
C SER A 272 20.94 -42.13 35.38
N LEU A 273 20.72 -43.43 35.36
CA LEU A 273 21.14 -44.22 34.20
C LEU A 273 20.27 -43.93 32.99
N SER A 274 20.84 -44.18 31.81
CA SER A 274 20.23 -43.83 30.54
C SER A 274 19.64 -45.08 29.88
N ASP A 275 19.24 -44.93 28.62
CA ASP A 275 18.54 -45.98 27.89
C ASP A 275 19.39 -47.25 27.76
N SER A 276 20.66 -47.09 27.39
CA SER A 276 21.49 -48.22 27.01
C SER A 276 21.66 -49.19 28.16
N GLU A 277 21.94 -48.69 29.35
CA GLU A 277 22.10 -49.54 30.52
C GLU A 277 20.80 -49.76 31.28
N LEU A 278 19.71 -49.12 30.86
CA LEU A 278 18.40 -49.47 31.41
C LEU A 278 17.82 -50.69 30.72
N LEU A 279 18.12 -50.87 29.44
CA LEU A 279 17.72 -52.09 28.75
C LEU A 279 18.65 -53.27 29.02
N ASP A 280 19.43 -53.23 30.09
CA ASP A 280 20.24 -54.36 30.52
C ASP A 280 19.80 -54.75 31.93
N PHE A 281 19.26 -55.96 32.08
CA PHE A 281 18.79 -56.41 33.38
C PHE A 281 19.94 -56.50 34.39
N THR A 282 21.13 -56.89 33.92
CA THR A 282 22.28 -57.01 34.81
C THR A 282 22.64 -55.66 35.41
N VAL A 283 22.58 -54.59 34.61
CA VAL A 283 22.86 -53.26 35.13
C VAL A 283 21.85 -52.87 36.19
N LEU A 284 20.57 -53.21 35.95
CA LEU A 284 19.55 -52.95 36.96
C LEU A 284 19.84 -53.70 38.25
N ALA A 285 20.30 -54.95 38.13
CA ALA A 285 20.70 -55.69 39.32
C ALA A 285 21.86 -55.00 40.03
N ARG A 286 22.82 -54.50 39.26
CA ARG A 286 23.95 -53.78 39.87
C ARG A 286 23.48 -52.54 40.60
N VAL A 287 22.47 -51.85 40.06
CA VAL A 287 21.89 -50.70 40.75
C VAL A 287 21.31 -51.13 42.09
N PHE A 288 20.56 -52.23 42.09
CA PHE A 288 20.08 -52.79 43.35
C PHE A 288 21.23 -53.35 44.17
N GLY A 289 22.21 -53.96 43.49
CA GLY A 289 23.36 -54.55 44.16
C GLY A 289 23.30 -56.06 44.17
N TYR A 290 23.97 -56.70 43.22
CA TYR A 290 23.90 -58.14 43.08
C TYR A 290 25.14 -58.61 42.34
N PRO A 291 25.52 -59.89 42.51
CA PRO A 291 26.65 -60.42 41.73
C PRO A 291 26.35 -60.39 40.25
N SER A 292 27.41 -60.21 39.46
CA SER A 292 27.28 -60.11 38.01
C SER A 292 26.81 -61.40 37.36
N THR A 293 26.83 -62.52 38.08
CA THR A 293 26.43 -63.79 37.50
C THR A 293 24.96 -63.76 37.09
N ALA A 294 24.69 -64.29 35.90
CA ALA A 294 23.31 -64.38 35.43
C ALA A 294 22.48 -65.35 36.26
N GLU A 295 23.12 -66.21 37.04
CA GLU A 295 22.38 -67.07 37.96
C GLU A 295 21.69 -66.26 39.04
N ALA A 296 22.28 -65.12 39.42
CA ALA A 296 21.60 -64.23 40.36
C ALA A 296 20.30 -63.71 39.79
N GLN A 297 20.23 -63.55 38.46
CA GLN A 297 18.97 -63.16 37.82
C GLN A 297 17.91 -64.23 38.03
N ASP A 298 18.28 -65.50 37.89
CA ASP A 298 17.38 -66.61 38.16
C ASP A 298 17.34 -67.01 39.63
N SER A 299 18.14 -66.35 40.48
CA SER A 299 18.20 -66.71 41.88
C SER A 299 16.91 -66.30 42.60
N ALA A 300 16.87 -66.58 43.89
CA ALA A 300 15.71 -66.30 44.72
C ALA A 300 16.13 -65.44 45.92
N MET A 301 15.13 -64.86 46.57
CA MET A 301 15.32 -64.05 47.76
C MET A 301 13.99 -63.96 48.49
N SER A 302 13.90 -63.06 49.44
CA SER A 302 12.69 -62.85 50.24
C SER A 302 12.02 -61.54 49.85
N SER A 303 10.92 -61.26 50.53
CA SER A 303 10.18 -60.01 50.37
C SER A 303 9.99 -59.39 51.75
N ARG A 304 9.87 -58.06 51.78
CA ARG A 304 9.69 -57.34 53.03
C ARG A 304 8.22 -57.11 53.37
N GLY A 305 7.29 -57.63 52.57
CA GLY A 305 5.89 -57.53 52.89
C GLY A 305 5.32 -56.14 52.81
N TYR A 306 5.36 -55.53 51.62
CA TYR A 306 4.89 -54.17 51.43
C TYR A 306 3.67 -54.09 50.52
N ARG A 307 3.78 -54.62 49.29
CA ARG A 307 2.76 -54.35 48.28
C ARG A 307 1.45 -55.05 48.61
N ALA A 308 1.50 -56.33 48.95
CA ALA A 308 0.27 -57.09 49.16
C ALA A 308 -0.53 -56.54 50.33
N MET A 309 0.13 -56.21 51.43
CA MET A 309 -0.56 -55.66 52.59
C MET A 309 -0.88 -54.18 52.42
N ALA A 310 -0.22 -53.49 51.49
CA ALA A 310 -0.56 -52.10 51.23
C ALA A 310 -1.89 -51.97 50.49
N ALA A 311 -2.39 -53.05 49.88
CA ALA A 311 -3.66 -53.00 49.17
C ALA A 311 -4.86 -52.88 50.11
N ILE A 312 -4.67 -53.07 51.41
CA ILE A 312 -5.75 -52.96 52.37
C ILE A 312 -6.18 -51.50 52.47
N PRO A 313 -7.46 -51.18 52.27
CA PRO A 313 -7.89 -49.78 52.34
C PRO A 313 -7.76 -49.22 53.74
N ARG A 314 -7.50 -47.90 53.80
CA ARG A 314 -7.39 -47.16 55.06
C ARG A 314 -6.33 -47.77 55.97
N LEU A 315 -5.10 -47.79 55.47
CA LEU A 315 -3.95 -48.27 56.23
C LEU A 315 -2.86 -47.21 56.16
N GLN A 316 -2.33 -46.83 57.32
CA GLN A 316 -1.32 -45.79 57.39
C GLN A 316 0.05 -46.31 56.95
N PHE A 317 0.84 -45.43 56.33
CA PHE A 317 2.17 -45.81 55.91
C PHE A 317 3.07 -46.11 57.10
N ALA A 318 2.90 -45.36 58.19
CA ALA A 318 3.67 -45.64 59.40
C ALA A 318 3.32 -47.01 59.95
N HIS A 319 2.04 -47.37 59.95
CA HIS A 319 1.64 -48.71 60.36
C HIS A 319 2.23 -49.77 59.43
N VAL A 320 2.27 -49.47 58.13
CA VAL A 320 2.86 -50.40 57.17
C VAL A 320 4.32 -50.64 57.49
N ASP A 321 5.06 -49.56 57.75
CA ASP A 321 6.48 -49.68 58.06
C ASP A 321 6.69 -50.43 59.37
N LEU A 322 5.85 -50.16 60.37
CA LEU A 322 5.97 -50.86 61.65
C LEU A 322 5.72 -52.35 61.47
N LEU A 323 4.70 -52.72 60.69
CA LEU A 323 4.42 -54.13 60.44
C LEU A 323 5.55 -54.78 59.67
N VAL A 324 6.13 -54.07 58.71
CA VAL A 324 7.25 -54.61 57.94
C VAL A 324 8.44 -54.88 58.86
N ARG A 325 8.75 -53.92 59.73
CA ARG A 325 9.86 -54.11 60.66
C ARG A 325 9.57 -55.22 61.65
N SER A 326 8.31 -55.40 62.03
CA SER A 326 7.96 -56.43 63.00
C SER A 326 8.06 -57.82 62.39
N PHE A 327 7.56 -58.00 61.17
CA PHE A 327 7.49 -59.33 60.56
C PHE A 327 8.56 -59.54 59.50
N GLY A 328 8.64 -58.66 58.50
CA GLY A 328 9.70 -58.71 57.51
C GLY A 328 9.44 -59.59 56.31
N SER A 329 8.25 -60.17 56.17
CA SER A 329 7.95 -61.00 55.01
C SER A 329 6.44 -61.08 54.82
N LEU A 330 6.02 -61.63 53.68
CA LEU A 330 4.60 -61.81 53.42
C LEU A 330 4.09 -63.13 53.98
N GLN A 331 4.94 -64.17 53.97
CA GLN A 331 4.49 -65.49 54.42
C GLN A 331 4.17 -65.51 55.91
N ASN A 332 4.90 -64.74 56.73
CA ASN A 332 4.58 -64.70 58.15
C ASN A 332 3.29 -63.93 58.43
N LEU A 333 2.99 -62.89 57.65
CA LEU A 333 1.68 -62.28 57.73
C LEU A 333 0.58 -63.26 57.32
N LEU A 334 0.83 -64.03 56.27
CA LEU A 334 -0.16 -65.01 55.82
C LEU A 334 -0.40 -66.07 56.90
N ALA A 335 0.66 -66.50 57.57
CA ALA A 335 0.55 -67.46 58.65
C ALA A 335 0.29 -66.81 60.00
N ALA A 336 0.19 -65.49 60.06
CA ALA A 336 -0.05 -64.80 61.32
C ALA A 336 -1.44 -65.12 61.86
N SER A 337 -1.51 -65.38 63.16
CA SER A 337 -2.77 -65.67 63.82
C SER A 337 -3.48 -64.38 64.19
N ALA A 338 -4.62 -64.51 64.88
CA ALA A 338 -5.38 -63.33 65.28
C ALA A 338 -4.58 -62.45 66.24
N ASP A 339 -3.93 -63.07 67.22
CA ASP A 339 -3.14 -62.32 68.20
C ASP A 339 -1.71 -62.05 67.73
N ASP A 340 -1.28 -62.62 66.61
CA ASP A 340 0.07 -62.41 66.12
C ASP A 340 0.29 -60.95 65.75
N LEU A 341 -0.64 -60.36 65.00
CA LEU A 341 -0.53 -58.95 64.64
C LEU A 341 -0.92 -58.04 65.79
N GLN A 342 -1.84 -58.47 66.64
CA GLN A 342 -2.23 -57.66 67.79
C GLN A 342 -1.08 -57.52 68.78
N SER A 343 -0.29 -58.58 68.96
CA SER A 343 0.83 -58.54 69.88
C SER A 343 1.91 -57.55 69.44
N VAL A 344 1.90 -57.12 68.18
CA VAL A 344 2.84 -56.12 67.71
C VAL A 344 2.53 -54.79 68.41
N ASP A 345 3.57 -54.15 68.93
CA ASP A 345 3.39 -52.89 69.64
C ASP A 345 2.83 -51.82 68.72
N GLY A 346 1.86 -51.06 69.23
CA GLY A 346 1.21 -50.03 68.46
C GLY A 346 0.09 -50.51 67.57
N ILE A 347 -0.24 -51.79 67.59
CA ILE A 347 -1.31 -52.36 66.77
C ILE A 347 -2.46 -52.77 67.69
N GLY A 348 -3.65 -52.28 67.40
CA GLY A 348 -4.82 -52.58 68.20
C GLY A 348 -5.34 -53.98 67.96
N SER A 349 -6.38 -54.32 68.71
CA SER A 349 -7.00 -55.64 68.61
C SER A 349 -7.89 -55.72 67.37
N MET A 350 -8.88 -54.84 67.26
CA MET A 350 -9.75 -54.83 66.08
C MET A 350 -8.96 -54.50 64.83
N TRP A 351 -8.00 -53.58 64.93
CA TRP A 351 -7.20 -53.19 63.77
C TRP A 351 -6.40 -54.38 63.23
N ALA A 352 -5.82 -55.18 64.12
CA ALA A 352 -5.05 -56.34 63.69
C ALA A 352 -5.94 -57.36 62.99
N ARG A 353 -7.15 -57.59 63.52
CA ARG A 353 -8.06 -58.54 62.90
C ARG A 353 -8.46 -58.10 61.50
N HIS A 354 -8.65 -56.80 61.31
CA HIS A 354 -9.02 -56.27 60.00
C HIS A 354 -7.93 -56.54 58.97
N ILE A 355 -6.66 -56.41 59.38
CA ILE A 355 -5.55 -56.61 58.46
C ILE A 355 -5.51 -58.04 57.96
N ARG A 356 -5.67 -59.01 58.87
CA ARG A 356 -5.74 -60.41 58.47
C ARG A 356 -6.96 -60.67 57.60
N GLU A 357 -8.09 -60.04 57.95
CA GLU A 357 -9.31 -60.21 57.15
C GLU A 357 -9.08 -59.77 55.72
N GLY A 358 -8.46 -58.60 55.53
CA GLY A 358 -8.12 -58.18 54.19
C GLY A 358 -7.10 -59.10 53.53
N LEU A 359 -6.13 -59.59 54.31
CA LEU A 359 -5.15 -60.52 53.78
C LEU A 359 -5.80 -61.87 53.48
N SER A 360 -6.86 -62.22 54.20
CA SER A 360 -7.52 -63.50 53.98
C SER A 360 -8.15 -63.58 52.60
N LEU A 361 -8.63 -62.45 52.06
CA LEU A 361 -9.20 -62.45 50.72
C LEU A 361 -8.16 -62.72 49.65
N LEU A 362 -6.88 -62.67 50.00
CA LEU A 362 -5.81 -62.93 49.05
C LEU A 362 -5.49 -64.42 48.92
N ALA A 363 -6.41 -65.30 49.29
CA ALA A 363 -6.17 -66.73 49.18
C ALA A 363 -5.96 -67.15 47.73
N GLU A 364 -6.76 -66.60 46.81
CA GLU A 364 -6.64 -66.92 45.40
C GLU A 364 -5.35 -66.37 44.82
N PRO B 19 34.04 10.85 0.35
CA PRO B 19 34.70 11.97 -0.33
C PRO B 19 33.79 13.18 -0.50
N THR B 20 33.67 13.67 -1.72
CA THR B 20 32.87 14.86 -2.00
C THR B 20 31.40 14.49 -2.13
N LEU B 21 30.53 15.25 -1.46
CA LEU B 21 29.10 15.01 -1.56
C LEU B 21 28.62 15.16 -3.00
N ARG B 22 29.03 16.25 -3.66
CA ARG B 22 28.65 16.45 -5.06
C ARG B 22 29.62 15.78 -6.00
N GLU B 23 29.99 14.55 -5.69
CA GLU B 23 30.54 13.54 -6.58
C GLU B 23 29.85 12.20 -6.36
N THR B 24 29.54 11.87 -5.12
CA THR B 24 28.74 10.68 -4.84
C THR B 24 27.30 10.90 -5.28
N LEU B 25 26.79 12.13 -5.15
CA LEU B 25 25.49 12.41 -5.75
C LEU B 25 25.57 12.37 -7.27
N GLY B 26 26.69 12.78 -7.85
CA GLY B 26 26.85 12.69 -9.29
C GLY B 26 26.84 11.27 -9.80
N ARG B 27 27.54 10.38 -9.10
CA ARG B 27 27.42 8.95 -9.40
C ARG B 27 26.00 8.47 -9.16
N LEU B 28 25.37 8.98 -8.10
CA LEU B 28 23.98 8.72 -7.76
C LEU B 28 23.00 9.42 -8.69
N ALA B 29 23.47 10.02 -9.78
CA ALA B 29 22.56 10.52 -10.78
C ALA B 29 21.99 9.36 -11.59
N PRO B 30 20.75 9.48 -12.06
CA PRO B 30 20.16 8.42 -12.88
C PRO B 30 20.99 8.15 -14.12
N GLY B 31 20.67 7.03 -14.77
CA GLY B 31 21.44 6.59 -15.92
C GLY B 31 22.62 5.75 -15.51
N THR B 32 23.31 6.16 -14.44
CA THR B 32 24.41 5.39 -13.91
C THR B 32 23.90 4.05 -13.37
N PRO B 33 24.74 3.00 -13.42
CA PRO B 33 24.27 1.69 -12.96
C PRO B 33 23.83 1.67 -11.51
N LEU B 34 24.39 2.55 -10.68
CA LEU B 34 24.01 2.56 -9.27
C LEU B 34 22.52 2.86 -9.11
N ARG B 35 22.02 3.87 -9.83
CA ARG B 35 20.60 4.14 -9.74
C ARG B 35 19.75 3.11 -10.45
N ASP B 36 20.29 2.42 -11.45
CA ASP B 36 19.56 1.28 -12.01
C ASP B 36 19.31 0.24 -10.93
N GLY B 37 20.35 -0.11 -10.18
CA GLY B 37 20.17 -1.03 -9.06
C GLY B 37 19.25 -0.48 -7.99
N LEU B 38 19.34 0.83 -7.72
CA LEU B 38 18.52 1.43 -6.68
C LEU B 38 17.04 1.39 -7.05
N GLU B 39 16.70 1.71 -8.31
CA GLU B 39 15.30 1.66 -8.71
C GLU B 39 14.82 0.22 -8.80
N ARG B 40 15.70 -0.72 -9.18
CA ARG B 40 15.32 -2.13 -9.14
C ARG B 40 14.98 -2.56 -7.73
N ILE B 41 15.77 -2.12 -6.75
CA ILE B 41 15.46 -2.41 -5.35
C ILE B 41 14.14 -1.78 -4.94
N LEU B 42 13.93 -0.52 -5.33
CA LEU B 42 12.73 0.19 -4.90
C LEU B 42 11.47 -0.46 -5.45
N ARG B 43 11.46 -0.80 -6.74
CA ARG B 43 10.29 -1.44 -7.32
C ARG B 43 10.10 -2.85 -6.81
N GLY B 44 11.15 -3.49 -6.29
CA GLY B 44 11.01 -4.80 -5.72
C GLY B 44 10.38 -4.84 -4.35
N ARG B 45 10.10 -3.66 -3.78
CA ARG B 45 9.41 -3.51 -2.50
C ARG B 45 10.18 -4.29 -1.41
N THR B 46 11.40 -3.84 -1.18
CA THR B 46 12.26 -4.43 -0.17
C THR B 46 13.33 -3.43 0.23
N GLY B 47 13.96 -3.68 1.36
CA GLY B 47 15.00 -2.81 1.85
C GLY B 47 16.33 -3.03 1.16
N ALA B 48 17.29 -2.20 1.53
CA ALA B 48 18.65 -2.30 1.02
C ALA B 48 19.57 -1.51 1.94
N LEU B 49 20.84 -1.92 1.98
CA LEU B 49 21.87 -1.19 2.71
C LEU B 49 23.17 -1.38 1.94
N ILE B 50 23.50 -0.40 1.10
CA ILE B 50 24.60 -0.49 0.15
C ILE B 50 25.75 0.38 0.64
N VAL B 51 26.96 -0.17 0.62
CA VAL B 51 28.16 0.56 1.02
C VAL B 51 29.14 0.51 -0.14
N LEU B 52 29.63 1.68 -0.55
CA LEU B 52 30.52 1.82 -1.70
C LEU B 52 31.96 1.92 -1.20
N GLY B 53 32.82 1.04 -1.67
CA GLY B 53 34.23 1.10 -1.36
C GLY B 53 34.66 -0.02 -0.45
N TYR B 54 35.97 -0.14 -0.29
CA TYR B 54 36.54 -1.19 0.53
C TYR B 54 37.92 -0.77 0.99
N ASP B 55 38.20 -0.89 2.29
CA ASP B 55 39.51 -0.59 2.82
C ASP B 55 39.74 -1.45 4.05
N ASP B 56 40.79 -1.11 4.81
CA ASP B 56 41.09 -1.85 6.03
C ASP B 56 40.01 -1.62 7.09
N SER B 57 39.51 -0.38 7.21
CA SER B 57 38.51 -0.09 8.22
C SER B 57 37.16 -0.73 7.88
N VAL B 58 36.77 -0.67 6.60
CA VAL B 58 35.50 -1.29 6.19
C VAL B 58 35.53 -2.78 6.46
N GLU B 59 36.61 -3.44 6.07
CA GLU B 59 36.74 -4.87 6.34
C GLU B 59 36.80 -5.17 7.83
N ALA B 60 37.49 -4.32 8.59
CA ALA B 60 37.62 -4.55 10.03
C ALA B 60 36.27 -4.46 10.73
N ILE B 61 35.43 -3.51 10.33
CA ILE B 61 34.12 -3.38 10.95
C ILE B 61 33.14 -4.45 10.47
N CYS B 62 33.08 -4.71 9.17
CA CYS B 62 32.06 -5.62 8.66
C CYS B 62 32.41 -7.07 8.99
N ASP B 63 31.43 -7.80 9.53
CA ASP B 63 31.64 -9.20 9.88
C ASP B 63 30.35 -9.98 9.65
N GLY B 64 30.51 -11.30 9.50
CA GLY B 64 29.39 -12.17 9.25
C GLY B 64 28.81 -11.97 7.86
N GLY B 65 29.64 -12.12 6.84
CA GLY B 65 29.21 -11.88 5.48
C GLY B 65 30.08 -12.59 4.48
N PHE B 66 29.50 -12.86 3.33
CA PHE B 66 30.18 -13.62 2.28
C PHE B 66 31.05 -12.70 1.42
N VAL B 67 31.84 -13.32 0.55
CA VAL B 67 32.65 -12.63 -0.43
C VAL B 67 32.30 -13.15 -1.81
N LEU B 68 32.16 -12.25 -2.77
CA LEU B 68 31.76 -12.61 -4.12
C LEU B 68 32.88 -12.42 -5.14
N ASP B 69 33.48 -11.23 -5.17
CA ASP B 69 34.60 -10.92 -6.07
C ASP B 69 34.17 -11.06 -7.54
N VAL B 70 33.07 -10.40 -7.89
CA VAL B 70 32.53 -10.44 -9.24
C VAL B 70 32.32 -9.01 -9.73
N ARG B 71 32.28 -8.86 -11.04
CA ARG B 71 32.11 -7.55 -11.64
C ARG B 71 30.70 -7.02 -11.38
N TYR B 72 30.61 -5.75 -11.00
CA TYR B 72 29.31 -5.14 -10.73
C TYR B 72 28.39 -5.23 -11.95
N ALA B 73 27.15 -5.64 -11.70
CA ALA B 73 26.08 -5.70 -12.68
C ALA B 73 24.83 -5.11 -12.07
N PRO B 74 23.91 -4.59 -12.87
CA PRO B 74 22.69 -3.98 -12.30
C PRO B 74 21.85 -4.97 -11.52
N THR B 75 21.82 -6.25 -11.90
CA THR B 75 20.95 -7.21 -11.24
C THR B 75 21.62 -7.86 -10.03
N ARG B 76 22.95 -7.90 -10.00
CA ARG B 76 23.64 -8.47 -8.85
C ARG B 76 23.26 -7.74 -7.58
N LEU B 77 23.28 -6.41 -7.60
CA LEU B 77 22.91 -5.64 -6.42
C LEU B 77 21.47 -5.88 -6.04
N ARG B 78 20.57 -5.89 -7.03
CA ARG B 78 19.15 -6.05 -6.75
C ARG B 78 18.87 -7.39 -6.07
N GLU B 79 19.48 -8.46 -6.56
CA GLU B 79 19.24 -9.77 -5.96
C GLU B 79 19.99 -9.91 -4.63
N LEU B 80 21.22 -9.43 -4.54
CA LEU B 80 22.02 -9.56 -3.34
C LEU B 80 21.46 -8.75 -2.18
N SER B 81 20.66 -7.71 -2.47
CA SER B 81 20.03 -6.95 -1.40
C SER B 81 19.02 -7.77 -0.62
N LYS B 82 18.54 -8.88 -1.19
CA LYS B 82 17.50 -9.70 -0.57
C LYS B 82 18.03 -10.61 0.53
N MET B 83 19.35 -10.75 0.68
CA MET B 83 19.91 -11.64 1.69
C MET B 83 19.83 -11.08 3.10
N ASP B 84 19.04 -10.03 3.32
CA ASP B 84 18.81 -9.49 4.66
C ASP B 84 20.15 -9.08 5.28
N GLY B 85 20.76 -8.08 4.66
CA GLY B 85 22.04 -7.59 5.15
C GLY B 85 22.57 -6.50 4.25
N ALA B 86 23.79 -6.07 4.55
CA ALA B 86 24.45 -4.99 3.84
C ALA B 86 25.41 -5.54 2.79
N VAL B 87 25.52 -4.83 1.68
CA VAL B 87 26.41 -5.20 0.58
C VAL B 87 27.51 -4.15 0.51
N VAL B 88 28.76 -4.61 0.46
CA VAL B 88 29.91 -3.72 0.36
C VAL B 88 30.51 -3.86 -1.04
N LEU B 89 30.76 -2.73 -1.68
CA LEU B 89 31.16 -2.65 -3.08
C LEU B 89 32.60 -2.19 -3.20
N SER B 90 33.02 -1.95 -4.44
CA SER B 90 34.30 -1.31 -4.74
C SER B 90 34.08 0.18 -4.93
N SER B 91 35.10 0.96 -4.60
CA SER B 91 34.97 2.42 -4.58
C SER B 91 34.56 2.96 -5.95
N ASP B 92 34.93 2.28 -7.02
CA ASP B 92 34.49 2.64 -8.36
C ASP B 92 33.17 1.99 -8.73
N GLY B 93 32.57 1.22 -7.82
CA GLY B 93 31.34 0.51 -8.11
C GLY B 93 31.51 -0.54 -9.18
N SER B 94 32.58 -1.34 -9.07
CA SER B 94 32.87 -2.34 -10.08
C SER B 94 32.95 -3.74 -9.48
N ARG B 95 33.50 -3.84 -8.27
CA ARG B 95 33.79 -5.13 -7.65
C ARG B 95 32.88 -5.31 -6.43
N ILE B 96 31.95 -6.26 -6.53
CA ILE B 96 31.12 -6.68 -5.41
C ILE B 96 31.93 -7.74 -4.66
N LEU B 97 32.54 -7.34 -3.55
CA LEU B 97 33.47 -8.21 -2.83
C LEU B 97 33.00 -8.57 -1.43
N ARG B 98 31.74 -8.31 -1.12
CA ARG B 98 31.21 -8.55 0.22
C ARG B 98 29.69 -8.49 0.13
N ALA B 99 29.02 -9.38 0.87
CA ALA B 99 27.57 -9.40 0.87
C ALA B 99 27.07 -10.04 2.15
N ASN B 100 25.79 -9.83 2.44
CA ASN B 100 25.07 -10.38 3.59
C ASN B 100 25.56 -9.80 4.91
N VAL B 101 26.55 -8.94 4.89
CA VAL B 101 27.29 -8.62 6.10
C VAL B 101 26.48 -7.69 7.00
N GLN B 102 26.48 -7.99 8.29
CA GLN B 102 26.08 -7.00 9.27
C GLN B 102 27.22 -6.01 9.47
N LEU B 103 26.89 -4.73 9.44
CA LEU B 103 27.89 -3.70 9.73
C LEU B 103 27.78 -3.30 11.19
N VAL B 104 28.88 -3.43 11.92
CA VAL B 104 28.88 -3.20 13.36
C VAL B 104 29.93 -2.15 13.72
N PRO B 105 29.64 -0.88 13.47
CA PRO B 105 30.62 0.17 13.78
C PRO B 105 30.75 0.42 15.26
N ASP B 106 31.60 1.37 15.63
CA ASP B 106 31.84 1.69 17.02
C ASP B 106 30.54 2.16 17.65
N PRO B 107 30.07 1.54 18.73
CA PRO B 107 28.83 1.98 19.35
C PRO B 107 28.96 3.26 20.16
N SER B 108 30.13 3.90 20.14
CA SER B 108 30.34 5.15 20.84
C SER B 108 30.15 6.38 19.95
N ILE B 109 30.15 6.21 18.64
CA ILE B 109 29.98 7.32 17.71
C ILE B 109 28.56 7.85 17.83
N PRO B 110 28.38 9.15 18.08
CA PRO B 110 27.02 9.67 18.29
C PRO B 110 26.21 9.66 17.00
N THR B 111 25.00 9.10 17.09
CA THR B 111 24.04 9.10 16.00
C THR B 111 22.68 9.44 16.57
N ASP B 112 21.86 10.13 15.76
CA ASP B 112 20.53 10.55 16.19
C ASP B 112 19.41 9.79 15.52
N GLU B 113 19.72 8.93 14.55
CA GLU B 113 18.68 8.16 13.89
C GLU B 113 18.04 7.18 14.87
N SER B 114 16.80 6.81 14.57
CA SER B 114 16.08 5.79 15.32
C SER B 114 15.79 4.63 14.39
N GLY B 115 16.22 3.43 14.78
CA GLY B 115 16.17 2.29 13.91
C GLY B 115 17.57 1.77 13.66
N THR B 116 17.78 0.47 13.87
CA THR B 116 19.13 -0.07 13.84
C THR B 116 19.78 0.09 12.47
N ARG B 117 18.99 -0.03 11.40
CA ARG B 117 19.52 0.13 10.06
C ARG B 117 20.15 1.50 9.88
N HIS B 118 19.41 2.55 10.26
CA HIS B 118 19.90 3.90 10.03
C HIS B 118 20.99 4.30 11.02
N ARG B 119 20.90 3.82 12.26
CA ARG B 119 22.00 4.08 13.20
C ARG B 119 23.30 3.45 12.71
N SER B 120 23.22 2.21 12.24
CA SER B 120 24.41 1.57 11.68
C SER B 120 24.92 2.33 10.47
N ALA B 121 24.01 2.75 9.58
CA ALA B 121 24.42 3.47 8.39
C ALA B 121 25.15 4.76 8.74
N GLU B 122 24.57 5.55 9.66
CA GLU B 122 25.20 6.81 10.02
C GLU B 122 26.54 6.61 10.70
N ARG B 123 26.61 5.67 11.65
CA ARG B 123 27.86 5.46 12.37
C ARG B 123 28.95 4.94 11.44
N THR B 124 28.59 4.05 10.51
CA THR B 124 29.58 3.58 9.55
C THR B 124 30.05 4.70 8.64
N ALA B 125 29.13 5.56 8.19
CA ALA B 125 29.53 6.68 7.35
C ALA B 125 30.41 7.66 8.11
N ILE B 126 30.21 7.80 9.42
CA ILE B 126 31.09 8.65 10.20
C ILE B 126 32.48 8.02 10.35
N GLN B 127 32.53 6.72 10.65
CA GLN B 127 33.82 6.06 10.84
C GLN B 127 34.61 6.03 9.54
N THR B 128 34.06 5.40 8.50
CA THR B 128 34.65 5.44 7.17
C THR B 128 33.84 6.39 6.29
N GLY B 129 34.54 7.30 5.62
CA GLY B 129 33.87 8.38 4.93
C GLY B 129 33.12 7.98 3.67
N TYR B 130 33.16 6.71 3.29
CA TYR B 130 32.51 6.27 2.08
C TYR B 130 31.00 6.39 2.23
N PRO B 131 30.27 6.45 1.11
CA PRO B 131 28.81 6.48 1.19
C PRO B 131 28.26 5.24 1.88
N VAL B 132 27.20 5.43 2.65
CA VAL B 132 26.42 4.33 3.22
C VAL B 132 24.97 4.61 2.86
N ILE B 133 24.52 4.06 1.73
CA ILE B 133 23.19 4.32 1.23
C ILE B 133 22.20 3.38 1.89
N SER B 134 21.08 3.92 2.37
CA SER B 134 20.07 3.16 3.09
C SER B 134 18.71 3.38 2.42
N VAL B 135 18.00 2.29 2.15
CA VAL B 135 16.67 2.34 1.56
C VAL B 135 15.73 1.60 2.50
N SER B 136 14.83 2.33 3.13
CA SER B 136 13.91 1.72 4.09
C SER B 136 12.95 0.78 3.39
N HIS B 137 12.75 -0.40 3.96
CA HIS B 137 11.82 -1.36 3.38
C HIS B 137 10.39 -0.87 3.54
N SER B 138 9.51 -1.38 2.67
CA SER B 138 8.10 -1.04 2.59
C SER B 138 7.85 0.39 2.17
N MET B 139 8.89 1.17 1.85
CA MET B 139 8.72 2.53 1.38
C MET B 139 9.56 2.78 0.14
N SER B 140 9.63 4.02 -0.30
CA SER B 140 10.36 4.42 -1.51
C SER B 140 11.32 5.56 -1.20
N ILE B 141 12.09 5.40 -0.12
CA ILE B 141 12.97 6.45 0.38
C ILE B 141 14.41 5.98 0.21
N VAL B 142 15.24 6.82 -0.40
CA VAL B 142 16.67 6.54 -0.57
C VAL B 142 17.44 7.59 0.19
N THR B 143 18.32 7.14 1.10
CA THR B 143 19.06 8.01 1.98
C THR B 143 20.55 7.87 1.71
N VAL B 144 21.26 9.00 1.70
CA VAL B 144 22.70 9.03 1.46
C VAL B 144 23.36 9.67 2.66
N TYR B 145 24.42 9.05 3.17
CA TYR B 145 25.09 9.48 4.38
C TYR B 145 26.51 9.96 4.09
N VAL B 146 26.70 10.65 2.96
CA VAL B 146 28.02 11.09 2.57
C VAL B 146 28.45 12.31 3.39
N ALA B 147 29.74 12.35 3.71
CA ALA B 147 30.39 13.52 4.28
C ALA B 147 29.71 14.00 5.57
N GLY B 148 29.17 13.07 6.35
CA GLY B 148 28.55 13.45 7.60
C GLY B 148 27.28 14.25 7.46
N GLU B 149 26.58 14.15 6.32
CA GLU B 149 25.31 14.81 6.12
C GLU B 149 24.31 13.82 5.54
N ARG B 150 23.21 13.60 6.24
CA ARG B 150 22.11 12.82 5.71
C ARG B 150 21.40 13.61 4.63
N HIS B 151 20.95 12.91 3.58
CA HIS B 151 20.33 13.58 2.45
C HIS B 151 19.36 12.62 1.78
N VAL B 152 18.05 12.86 1.97
CA VAL B 152 17.05 12.04 1.30
C VAL B 152 17.07 12.34 -0.18
N VAL B 153 17.15 11.29 -0.99
CA VAL B 153 17.11 11.45 -2.44
C VAL B 153 15.69 11.88 -2.81
N PRO B 154 15.52 13.03 -3.45
CA PRO B 154 14.18 13.47 -3.84
C PRO B 154 13.78 12.95 -5.20
N ASP B 155 12.49 12.96 -5.46
CA ASP B 155 11.99 12.57 -6.77
C ASP B 155 12.29 13.65 -7.79
N SER B 156 12.29 13.25 -9.06
CA SER B 156 12.60 14.20 -10.13
C SER B 156 11.54 15.29 -10.25
N ALA B 157 10.32 15.04 -9.78
CA ALA B 157 9.27 16.03 -9.89
C ALA B 157 9.59 17.28 -9.06
N THR B 158 9.93 17.09 -7.78
CA THR B 158 10.26 18.22 -6.93
C THR B 158 11.51 18.94 -7.43
N ILE B 159 12.51 18.17 -7.86
CA ILE B 159 13.73 18.77 -8.39
C ILE B 159 13.41 19.65 -9.59
N LEU B 160 12.61 19.13 -10.52
CA LEU B 160 12.27 19.91 -11.71
C LEU B 160 11.42 21.13 -11.35
N SER B 161 10.53 21.00 -10.38
CA SER B 161 9.69 22.13 -9.99
C SER B 161 10.53 23.27 -9.42
N ARG B 162 11.38 22.95 -8.43
CA ARG B 162 12.23 23.99 -7.85
C ARG B 162 13.20 24.53 -8.89
N ALA B 163 13.65 23.67 -9.81
CA ALA B 163 14.50 24.14 -10.89
C ALA B 163 13.76 25.11 -11.80
N ASN B 164 12.48 24.85 -12.04
CA ASN B 164 11.69 25.75 -12.89
C ASN B 164 11.53 27.11 -12.23
N GLN B 165 11.21 27.13 -10.93
CA GLN B 165 11.09 28.42 -10.25
C GLN B 165 12.44 29.16 -10.25
N THR B 166 13.52 28.45 -9.96
CA THR B 166 14.83 29.08 -9.94
C THR B 166 15.22 29.59 -11.32
N ILE B 167 14.87 28.84 -12.37
CA ILE B 167 15.16 29.26 -13.73
C ILE B 167 14.39 30.52 -14.07
N ALA B 168 13.11 30.57 -13.71
CA ALA B 168 12.31 31.77 -13.96
C ALA B 168 12.93 32.99 -13.30
N THR B 169 13.27 32.85 -12.01
CA THR B 169 13.95 33.94 -11.33
C THR B 169 15.30 34.23 -12.00
N LEU B 170 15.88 33.21 -12.65
CA LEU B 170 17.16 33.41 -13.33
C LEU B 170 17.01 34.30 -14.56
N GLU B 171 15.96 34.11 -15.37
CA GLU B 171 15.86 35.06 -16.47
C GLU B 171 15.40 36.42 -15.97
N ARG B 172 14.73 36.48 -14.81
CA ARG B 172 14.49 37.79 -14.21
C ARG B 172 15.82 38.50 -13.92
N TYR B 173 16.74 37.79 -13.26
CA TYR B 173 18.07 38.35 -13.03
C TYR B 173 18.75 38.70 -14.34
N LYS B 174 18.59 37.84 -15.36
CA LYS B 174 19.25 38.08 -16.64
C LYS B 174 18.74 39.35 -17.29
N GLY B 175 17.43 39.58 -17.26
CA GLY B 175 16.89 40.81 -17.80
C GLY B 175 17.41 42.03 -17.08
N ARG B 176 17.40 41.98 -15.73
CA ARG B 176 17.91 43.13 -14.98
C ARG B 176 19.39 43.39 -15.28
N LEU B 177 20.20 42.33 -15.26
CA LEU B 177 21.63 42.47 -15.51
C LEU B 177 21.88 42.97 -16.93
N ASP B 178 21.13 42.46 -17.91
CA ASP B 178 21.32 42.90 -19.29
C ASP B 178 20.97 44.36 -19.47
N GLU B 179 19.87 44.83 -18.85
CA GLU B 179 19.53 46.24 -19.01
C GLU B 179 20.56 47.14 -18.32
N VAL B 180 21.05 46.74 -17.14
CA VAL B 180 22.08 47.54 -16.48
C VAL B 180 23.35 47.53 -17.30
N SER B 181 23.71 46.39 -17.89
CA SER B 181 24.93 46.29 -18.68
C SER B 181 24.83 47.13 -19.95
N ARG B 182 23.67 47.13 -20.62
CA ARG B 182 23.51 47.95 -21.80
C ARG B 182 23.51 49.44 -21.43
N GLN B 183 22.97 49.79 -20.27
CA GLN B 183 23.10 51.16 -19.79
C GLN B 183 24.55 51.54 -19.60
N LEU B 184 25.34 50.64 -19.00
CA LEU B 184 26.76 50.90 -18.81
C LEU B 184 27.47 51.05 -20.15
N SER B 185 27.15 50.19 -21.11
CA SER B 185 27.78 50.28 -22.43
C SER B 185 27.44 51.59 -23.12
N THR B 186 26.17 52.01 -23.05
CA THR B 186 25.78 53.28 -23.64
C THR B 186 26.48 54.44 -22.96
N ALA B 187 26.56 54.42 -21.63
CA ALA B 187 27.28 55.48 -20.93
C ALA B 187 28.76 55.48 -21.27
N GLU B 188 29.33 54.32 -21.56
CA GLU B 188 30.76 54.24 -21.88
C GLU B 188 31.05 54.74 -23.30
N ILE B 189 30.15 54.48 -24.25
CA ILE B 189 30.41 54.88 -25.63
C ILE B 189 30.27 56.37 -25.85
N GLU B 190 29.76 57.10 -24.86
CA GLU B 190 29.86 58.56 -24.75
C GLU B 190 30.47 58.93 -23.41
N ASP B 191 31.62 58.32 -23.11
CA ASP B 191 32.09 58.05 -21.76
C ASP B 191 31.92 59.18 -20.75
N PHE B 192 31.08 58.91 -19.74
CA PHE B 192 31.02 59.65 -18.48
C PHE B 192 30.59 58.62 -17.43
N VAL B 193 31.57 58.01 -16.76
CA VAL B 193 31.36 56.79 -16.00
C VAL B 193 31.71 57.05 -14.54
N THR B 194 30.79 56.73 -13.64
CA THR B 194 30.98 56.84 -12.21
C THR B 194 31.12 55.44 -11.60
N LEU B 195 31.32 55.41 -10.28
CA LEU B 195 31.53 54.16 -9.57
C LEU B 195 30.23 53.39 -9.37
N ARG B 196 29.12 54.10 -9.19
CA ARG B 196 27.87 53.43 -8.82
C ARG B 196 27.39 52.47 -9.90
N ASP B 197 27.33 52.93 -11.14
CA ASP B 197 26.83 52.08 -12.22
C ASP B 197 27.72 50.86 -12.43
N VAL B 198 29.04 51.08 -12.44
CA VAL B 198 29.98 49.97 -12.62
C VAL B 198 29.83 48.95 -11.50
N MET B 199 29.76 49.41 -10.25
CA MET B 199 29.69 48.47 -9.15
C MET B 199 28.34 47.76 -9.09
N THR B 200 27.26 48.43 -9.50
CA THR B 200 25.99 47.73 -9.61
C THR B 200 26.06 46.64 -10.68
N VAL B 201 26.72 46.93 -11.80
CA VAL B 201 26.95 45.88 -12.79
C VAL B 201 27.74 44.72 -12.17
N VAL B 202 28.76 45.05 -11.38
CA VAL B 202 29.62 44.02 -10.79
C VAL B 202 28.82 43.14 -9.85
N GLN B 203 27.99 43.76 -8.99
CA GLN B 203 27.24 42.97 -8.02
C GLN B 203 26.16 42.14 -8.71
N ARG B 204 25.51 42.68 -9.74
CA ARG B 204 24.57 41.87 -10.51
C ARG B 204 25.27 40.67 -11.13
N LEU B 205 26.47 40.89 -11.68
CA LEU B 205 27.22 39.79 -12.27
C LEU B 205 27.57 38.73 -11.24
N GLU B 206 28.01 39.16 -10.06
CA GLU B 206 28.37 38.22 -9.00
C GLU B 206 27.15 37.41 -8.55
N MET B 207 26.00 38.08 -8.39
CA MET B 207 24.83 37.39 -7.89
C MET B 207 24.27 36.43 -8.92
N VAL B 208 24.31 36.81 -10.20
CA VAL B 208 23.87 35.86 -11.22
C VAL B 208 24.86 34.70 -11.33
N ARG B 209 26.14 34.95 -11.05
CA ARG B 209 27.11 33.85 -10.98
C ARG B 209 26.75 32.89 -9.84
N ARG B 210 26.36 33.43 -8.69
CA ARG B 210 25.99 32.57 -7.56
C ARG B 210 24.77 31.73 -7.91
N ILE B 211 23.75 32.35 -8.52
CA ILE B 211 22.57 31.61 -8.91
C ILE B 211 22.93 30.54 -9.95
N SER B 212 23.83 30.88 -10.87
CA SER B 212 24.28 29.91 -11.87
C SER B 212 24.95 28.71 -11.21
N LEU B 213 25.79 28.97 -10.20
CA LEU B 213 26.45 27.86 -9.51
C LEU B 213 25.45 26.98 -8.77
N GLU B 214 24.47 27.59 -8.11
CA GLU B 214 23.45 26.79 -7.43
C GLU B 214 22.67 25.93 -8.41
N ILE B 215 22.26 26.51 -9.54
CA ILE B 215 21.52 25.73 -10.53
C ILE B 215 22.42 24.67 -11.16
N ASP B 216 23.72 24.94 -11.27
CA ASP B 216 24.64 23.93 -11.78
C ASP B 216 24.74 22.75 -10.83
N ALA B 217 24.76 23.03 -9.52
CA ALA B 217 24.72 21.94 -8.54
C ALA B 217 23.45 21.12 -8.69
N ASP B 218 22.32 21.80 -8.91
CA ASP B 218 21.07 21.08 -9.14
C ASP B 218 21.13 20.25 -10.41
N VAL B 219 21.79 20.77 -11.45
CA VAL B 219 21.95 20.04 -12.70
C VAL B 219 22.77 18.78 -12.46
N VAL B 220 23.84 18.89 -11.68
CA VAL B 220 24.65 17.73 -11.34
C VAL B 220 23.80 16.71 -10.58
N GLU B 221 22.96 17.18 -9.66
CA GLU B 221 22.08 16.28 -8.93
C GLU B 221 21.13 15.54 -9.86
N LEU B 222 20.56 16.25 -10.85
CA LEU B 222 19.71 15.58 -11.83
C LEU B 222 20.49 14.57 -12.64
N GLY B 223 21.66 14.96 -13.12
CA GLY B 223 22.53 14.07 -13.87
C GLY B 223 22.16 13.91 -15.32
N THR B 224 21.15 13.09 -15.61
CA THR B 224 20.73 12.86 -16.99
C THR B 224 19.23 12.92 -17.21
N ASP B 225 18.40 12.78 -16.19
CA ASP B 225 16.96 12.82 -16.40
C ASP B 225 16.52 14.19 -16.92
N GLY B 226 17.03 15.25 -16.30
CA GLY B 226 16.77 16.59 -16.78
C GLY B 226 17.83 17.06 -17.75
N ARG B 227 17.89 16.46 -18.94
CA ARG B 227 18.89 16.84 -19.92
C ARG B 227 18.42 18.07 -20.69
N GLN B 228 17.94 19.08 -19.96
CA GLN B 228 17.63 20.38 -20.53
C GLN B 228 18.05 21.55 -19.66
N LEU B 229 18.25 21.35 -18.36
CA LEU B 229 18.57 22.47 -17.48
C LEU B 229 19.91 23.09 -17.83
N LYS B 230 20.92 22.27 -18.11
CA LYS B 230 22.21 22.81 -18.52
C LYS B 230 22.11 23.48 -19.88
N LEU B 231 21.24 22.98 -20.76
CA LEU B 231 21.02 23.66 -22.04
C LEU B 231 20.45 25.06 -21.82
N GLN B 232 19.47 25.18 -20.93
CA GLN B 232 18.92 26.49 -20.63
C GLN B 232 19.95 27.39 -19.96
N LEU B 233 20.77 26.84 -19.07
CA LEU B 233 21.83 27.63 -18.46
C LEU B 233 22.80 28.16 -19.50
N ASP B 234 23.20 27.32 -20.45
CA ASP B 234 24.11 27.76 -21.51
C ASP B 234 23.46 28.83 -22.39
N GLU B 235 22.19 28.64 -22.74
CA GLU B 235 21.53 29.56 -23.65
C GLU B 235 21.09 30.85 -22.97
N LEU B 236 21.05 30.88 -21.64
CA LEU B 236 20.59 32.05 -20.92
C LEU B 236 21.73 32.82 -20.27
N VAL B 237 22.54 32.15 -19.44
CA VAL B 237 23.64 32.83 -18.75
C VAL B 237 24.67 33.31 -19.75
N GLY B 238 25.03 32.46 -20.71
CA GLY B 238 25.96 32.86 -21.74
C GLY B 238 27.37 33.05 -21.21
N ASP B 239 28.04 34.07 -21.76
CA ASP B 239 29.45 34.32 -21.46
C ASP B 239 29.62 35.06 -20.14
N ASN B 240 29.23 34.39 -19.06
CA ASN B 240 29.33 35.00 -17.74
C ASN B 240 30.78 35.11 -17.29
N GLU B 241 31.55 34.04 -17.44
CA GLU B 241 32.91 34.02 -16.90
C GLU B 241 33.84 34.93 -17.70
N THR B 242 33.71 34.93 -19.03
CA THR B 242 34.54 35.82 -19.84
C THR B 242 34.26 37.29 -19.52
N ALA B 243 32.98 37.64 -19.38
CA ALA B 243 32.63 39.01 -19.00
C ALA B 243 33.16 39.34 -17.61
N ARG B 244 33.09 38.38 -16.68
CA ARG B 244 33.62 38.59 -15.35
C ARG B 244 35.13 38.87 -15.39
N GLU B 245 35.86 38.06 -16.15
CA GLU B 245 37.30 38.26 -16.26
C GLU B 245 37.62 39.61 -16.91
N LEU B 246 36.89 39.97 -17.96
CA LEU B 246 37.14 41.24 -18.64
C LEU B 246 36.87 42.42 -17.72
N ILE B 247 35.75 42.38 -16.99
CA ILE B 247 35.41 43.50 -16.12
C ILE B 247 36.39 43.60 -14.96
N VAL B 248 36.87 42.45 -14.45
CA VAL B 248 37.85 42.49 -13.37
C VAL B 248 39.17 43.06 -13.88
N ARG B 249 39.62 42.63 -15.05
CA ARG B 249 40.88 43.13 -15.60
C ARG B 249 40.80 44.61 -15.90
N ASP B 250 39.67 45.07 -16.45
CA ASP B 250 39.53 46.48 -16.77
C ASP B 250 39.44 47.33 -15.51
N TYR B 251 38.43 47.07 -14.69
CA TYR B 251 38.11 47.91 -13.54
C TYR B 251 38.87 47.40 -12.33
N HIS B 252 39.99 48.04 -12.03
CA HIS B 252 40.78 47.72 -10.84
C HIS B 252 41.66 48.92 -10.55
N ALA B 253 41.45 49.57 -9.40
CA ALA B 253 42.20 50.78 -9.08
C ALA B 253 43.63 50.44 -8.69
N ASN B 254 44.50 50.35 -9.68
CA ASN B 254 45.92 50.12 -9.48
C ASN B 254 46.70 50.98 -10.46
N PRO B 255 47.96 51.29 -10.16
CA PRO B 255 48.79 52.00 -11.14
C PRO B 255 48.90 51.27 -12.47
N ASP B 256 48.85 49.95 -12.45
CA ASP B 256 48.89 49.13 -13.65
C ASP B 256 47.74 48.14 -13.64
N PRO B 257 47.25 47.74 -14.82
CA PRO B 257 46.15 46.76 -14.87
C PRO B 257 46.57 45.45 -14.25
N PRO B 258 45.65 44.77 -13.56
CA PRO B 258 46.01 43.53 -12.86
C PRO B 258 46.29 42.39 -13.84
N THR B 259 47.03 41.40 -13.34
CA THR B 259 47.40 40.23 -14.11
C THR B 259 46.43 39.09 -13.82
N ALA B 260 46.73 37.91 -14.36
CA ALA B 260 45.85 36.76 -14.17
C ALA B 260 45.79 36.34 -12.71
N ALA B 261 46.92 36.35 -12.01
CA ALA B 261 46.94 35.98 -10.60
C ALA B 261 46.10 36.94 -9.77
N GLN B 262 46.20 38.24 -10.03
CA GLN B 262 45.38 39.21 -9.33
C GLN B 262 43.90 39.01 -9.63
N VAL B 263 43.58 38.66 -10.89
CA VAL B 263 42.19 38.39 -11.25
C VAL B 263 41.66 37.20 -10.46
N ALA B 264 42.46 36.13 -10.38
CA ALA B 264 42.04 34.95 -9.63
C ALA B 264 41.88 35.27 -8.15
N ALA B 265 42.79 36.08 -7.59
CA ALA B 265 42.67 36.47 -6.19
C ALA B 265 41.41 37.27 -5.94
N THR B 266 41.09 38.21 -6.84
CA THR B 266 39.89 39.01 -6.68
C THR B 266 38.64 38.14 -6.80
N LEU B 267 38.64 37.18 -7.72
CA LEU B 267 37.50 36.27 -7.85
C LEU B 267 37.34 35.43 -6.58
N GLU B 268 38.45 34.95 -6.02
CA GLU B 268 38.37 34.19 -4.77
C GLU B 268 37.83 35.05 -3.64
N GLU B 269 38.29 36.30 -3.54
CA GLU B 269 37.79 37.19 -2.49
C GLU B 269 36.31 37.46 -2.67
N LEU B 270 35.86 37.66 -3.91
CA LEU B 270 34.45 37.90 -4.17
C LEU B 270 33.60 36.67 -3.82
N ASP B 271 34.09 35.47 -4.16
CA ASP B 271 33.35 34.27 -3.82
C ASP B 271 33.34 34.01 -2.32
N SER B 272 34.40 34.43 -1.62
CA SER B 272 34.46 34.21 -0.17
C SER B 272 33.42 35.05 0.56
N LEU B 273 33.27 36.31 0.17
CA LEU B 273 32.31 37.19 0.83
C LEU B 273 30.89 36.75 0.52
N SER B 274 30.01 36.91 1.51
CA SER B 274 28.64 36.44 1.40
C SER B 274 27.79 37.46 0.65
N ASP B 275 26.49 37.15 0.52
CA ASP B 275 25.58 38.04 -0.18
C ASP B 275 25.41 39.36 0.57
N SER B 276 25.52 39.34 1.90
CA SER B 276 25.48 40.58 2.65
C SER B 276 26.62 41.51 2.26
N GLU B 277 27.82 40.96 2.08
CA GLU B 277 28.93 41.74 1.58
C GLU B 277 28.83 41.97 0.08
N LEU B 278 28.19 41.06 -0.65
CA LEU B 278 28.01 41.23 -2.08
C LEU B 278 27.16 42.46 -2.38
N LEU B 279 26.09 42.65 -1.62
CA LEU B 279 25.23 43.82 -1.81
C LEU B 279 25.80 45.08 -1.17
N ASP B 280 26.86 44.97 -0.39
CA ASP B 280 27.49 46.13 0.23
C ASP B 280 28.46 46.77 -0.75
N PHE B 281 28.28 48.07 -1.00
CA PHE B 281 29.14 48.75 -1.96
C PHE B 281 30.56 48.91 -1.42
N THR B 282 30.72 49.12 -0.11
CA THR B 282 32.05 49.30 0.45
C THR B 282 32.90 48.03 0.30
N VAL B 283 32.29 46.86 0.49
CA VAL B 283 33.05 45.61 0.36
C VAL B 283 33.54 45.43 -1.07
N LEU B 284 32.64 45.63 -2.04
CA LEU B 284 33.05 45.53 -3.43
C LEU B 284 34.09 46.58 -3.79
N ALA B 285 34.01 47.75 -3.16
CA ALA B 285 35.01 48.78 -3.37
C ALA B 285 36.38 48.33 -2.87
N ARG B 286 36.41 47.71 -1.69
CA ARG B 286 37.69 47.32 -1.09
C ARG B 286 38.24 46.02 -1.66
N VAL B 287 37.42 45.23 -2.37
CA VAL B 287 37.95 44.05 -3.05
C VAL B 287 38.93 44.47 -4.13
N PHE B 288 38.54 45.39 -5.00
CA PHE B 288 39.46 45.96 -5.97
C PHE B 288 40.38 46.98 -5.32
N GLY B 289 39.87 47.70 -4.31
CA GLY B 289 40.59 48.73 -3.60
C GLY B 289 40.18 50.10 -4.05
N TYR B 290 39.23 50.69 -3.33
CA TYR B 290 38.62 51.98 -3.61
C TYR B 290 38.52 52.75 -2.32
N PRO B 291 38.34 54.06 -2.38
CA PRO B 291 38.01 54.81 -1.16
C PRO B 291 36.73 54.29 -0.54
N SER B 292 36.70 54.25 0.79
CA SER B 292 35.56 53.76 1.54
C SER B 292 34.56 54.86 1.88
N THR B 293 34.85 56.10 1.50
CA THR B 293 33.95 57.21 1.80
C THR B 293 32.67 57.12 0.97
N ALA B 294 31.63 57.81 1.45
CA ALA B 294 30.38 57.87 0.70
C ALA B 294 30.54 58.60 -0.62
N GLU B 295 31.56 59.43 -0.76
CA GLU B 295 31.82 60.15 -2.01
C GLU B 295 32.49 59.27 -3.05
N ALA B 296 32.98 58.08 -2.68
CA ALA B 296 33.56 57.17 -3.66
C ALA B 296 32.50 56.71 -4.66
N GLN B 297 31.28 56.47 -4.18
CA GLN B 297 30.19 56.10 -5.08
C GLN B 297 29.92 57.20 -6.11
N ASP B 298 30.09 58.46 -5.71
CA ASP B 298 29.97 59.58 -6.64
C ASP B 298 31.22 59.79 -7.47
N SER B 299 32.34 59.16 -7.12
CA SER B 299 33.57 59.33 -7.87
C SER B 299 33.45 58.73 -9.26
N ALA B 300 34.03 59.40 -10.25
CA ALA B 300 33.97 58.98 -11.64
C ALA B 300 35.34 58.49 -12.10
N MET B 301 35.33 57.54 -13.03
CA MET B 301 36.56 56.98 -13.57
C MET B 301 36.31 56.51 -14.99
N SER B 302 37.40 56.33 -15.73
CA SER B 302 37.35 55.92 -17.11
C SER B 302 37.74 54.45 -17.24
N SER B 303 37.08 53.75 -18.17
CA SER B 303 37.39 52.35 -18.41
C SER B 303 38.75 52.20 -19.07
N ARG B 304 39.41 51.08 -18.77
CA ARG B 304 40.64 50.72 -19.48
C ARG B 304 40.37 50.23 -20.89
N GLY B 305 39.10 50.00 -21.24
CA GLY B 305 38.71 49.64 -22.58
C GLY B 305 38.39 48.18 -22.79
N TYR B 306 38.80 47.31 -21.87
CA TYR B 306 38.66 45.87 -22.08
C TYR B 306 37.21 45.49 -22.41
N ARG B 307 36.27 45.93 -21.57
CA ARG B 307 34.87 45.58 -21.80
C ARG B 307 34.36 46.18 -23.10
N ALA B 308 34.72 47.42 -23.39
CA ALA B 308 34.19 48.10 -24.58
C ALA B 308 34.69 47.44 -25.86
N MET B 309 35.99 47.23 -25.98
CA MET B 309 36.55 46.67 -27.21
C MET B 309 36.51 45.16 -27.25
N ALA B 310 36.07 44.50 -26.17
CA ALA B 310 35.88 43.05 -26.23
C ALA B 310 34.79 42.64 -27.21
N ALA B 311 33.90 43.57 -27.58
CA ALA B 311 32.84 43.25 -28.53
C ALA B 311 33.37 42.99 -29.93
N ILE B 312 34.53 43.53 -30.28
CA ILE B 312 35.10 43.32 -31.61
C ILE B 312 35.60 41.89 -31.73
N PRO B 313 35.13 41.11 -32.70
CA PRO B 313 35.50 39.70 -32.79
C PRO B 313 36.87 39.52 -33.43
N ARG B 314 37.33 38.27 -33.41
CA ARG B 314 38.58 37.86 -34.05
C ARG B 314 39.77 38.65 -33.51
N LEU B 315 39.80 38.83 -32.20
CA LEU B 315 40.87 39.56 -31.53
C LEU B 315 41.52 38.67 -30.49
N GLN B 316 42.85 38.57 -30.55
CA GLN B 316 43.61 37.78 -29.59
C GLN B 316 43.92 38.61 -28.35
N PHE B 317 43.94 37.94 -27.20
CA PHE B 317 44.09 38.65 -25.92
C PHE B 317 45.46 39.27 -25.76
N ALA B 318 46.49 38.70 -26.39
CA ALA B 318 47.84 39.26 -26.28
C ALA B 318 47.89 40.65 -26.88
N HIS B 319 47.39 40.81 -28.11
CA HIS B 319 47.36 42.13 -28.73
C HIS B 319 46.41 43.06 -28.00
N VAL B 320 45.36 42.52 -27.38
CA VAL B 320 44.46 43.34 -26.59
C VAL B 320 45.19 43.95 -25.40
N ASP B 321 45.95 43.13 -24.68
CA ASP B 321 46.72 43.61 -23.55
C ASP B 321 47.81 44.59 -24.00
N LEU B 322 48.43 44.31 -25.14
CA LEU B 322 49.44 45.23 -25.67
C LEU B 322 48.83 46.59 -26.00
N LEU B 323 47.65 46.59 -26.62
CA LEU B 323 46.98 47.84 -26.92
C LEU B 323 46.59 48.59 -25.65
N VAL B 324 46.10 47.87 -24.65
CA VAL B 324 45.74 48.51 -23.38
C VAL B 324 46.96 49.14 -22.73
N ARG B 325 48.09 48.42 -22.73
CA ARG B 325 49.32 48.97 -22.18
C ARG B 325 49.78 50.20 -22.95
N SER B 326 49.71 50.15 -24.29
CA SER B 326 50.17 51.26 -25.11
C SER B 326 49.22 52.45 -25.05
N PHE B 327 47.98 52.26 -24.62
CA PHE B 327 47.01 53.34 -24.53
C PHE B 327 46.69 53.72 -23.10
N GLY B 328 46.31 52.76 -22.26
CA GLY B 328 46.07 53.05 -20.86
C GLY B 328 44.61 53.27 -20.51
N SER B 329 43.88 53.95 -21.39
CA SER B 329 42.48 54.27 -21.12
C SER B 329 41.66 54.13 -22.40
N LEU B 330 40.36 53.92 -22.21
CA LEU B 330 39.44 53.86 -23.33
C LEU B 330 39.36 55.20 -24.07
N GLN B 331 39.58 56.30 -23.36
CA GLN B 331 39.55 57.61 -24.00
C GLN B 331 40.68 57.76 -25.00
N ASN B 332 41.84 57.17 -24.70
CA ASN B 332 42.95 57.18 -25.64
C ASN B 332 42.59 56.45 -26.92
N LEU B 333 41.94 55.29 -26.80
CA LEU B 333 41.50 54.55 -27.98
C LEU B 333 40.44 55.33 -28.76
N LEU B 334 39.53 56.00 -28.04
CA LEU B 334 38.51 56.80 -28.70
C LEU B 334 39.14 57.95 -29.48
N ALA B 335 40.17 58.57 -28.91
CA ALA B 335 40.88 59.67 -29.55
C ALA B 335 42.04 59.19 -30.41
N ALA B 336 42.20 57.88 -30.58
CA ALA B 336 43.30 57.35 -31.38
C ALA B 336 43.14 57.76 -32.84
N SER B 337 44.27 58.07 -33.47
CA SER B 337 44.28 58.43 -34.87
C SER B 337 44.23 57.17 -35.74
N ALA B 338 44.18 57.38 -37.06
CA ALA B 338 44.12 56.24 -37.97
C ALA B 338 45.38 55.40 -37.90
N ASP B 339 46.55 56.04 -37.82
CA ASP B 339 47.82 55.34 -37.73
C ASP B 339 48.33 55.24 -36.30
N ASP B 340 47.58 55.72 -35.31
CA ASP B 340 48.00 55.58 -33.92
C ASP B 340 48.04 54.11 -33.51
N LEU B 341 47.07 53.32 -33.98
CA LEU B 341 47.08 51.89 -33.69
C LEU B 341 48.26 51.19 -34.36
N GLN B 342 48.65 51.64 -35.56
CA GLN B 342 49.82 51.06 -36.22
C GLN B 342 51.09 51.32 -35.44
N SER B 343 51.13 52.40 -34.66
CA SER B 343 52.31 52.70 -33.85
C SER B 343 52.53 51.67 -32.76
N VAL B 344 51.47 50.98 -32.31
CA VAL B 344 51.61 49.96 -31.29
C VAL B 344 52.37 48.77 -31.86
N ASP B 345 53.29 48.22 -31.08
CA ASP B 345 54.12 47.11 -31.54
C ASP B 345 53.26 45.88 -31.79
N GLY B 346 53.56 45.18 -32.88
CA GLY B 346 52.84 43.97 -33.23
C GLY B 346 51.51 44.17 -33.91
N ILE B 347 51.22 45.39 -34.38
CA ILE B 347 49.95 45.72 -35.02
C ILE B 347 50.22 46.08 -36.47
N GLY B 348 49.50 45.41 -37.39
CA GLY B 348 49.62 45.68 -38.80
C GLY B 348 48.78 46.87 -39.23
N SER B 349 48.77 47.11 -40.54
CA SER B 349 48.03 48.22 -41.11
C SER B 349 46.59 47.84 -41.39
N MET B 350 46.36 46.76 -42.13
CA MET B 350 44.99 46.33 -42.43
C MET B 350 44.25 45.91 -41.17
N TRP B 351 44.94 45.23 -40.25
CA TRP B 351 44.31 44.81 -39.01
C TRP B 351 43.83 46.02 -38.20
N ALA B 352 44.70 47.02 -38.07
CA ALA B 352 44.30 48.24 -37.35
C ALA B 352 43.19 48.97 -38.10
N ARG B 353 43.29 49.03 -39.43
CA ARG B 353 42.24 49.69 -40.21
C ARG B 353 40.93 48.95 -40.08
N HIS B 354 40.96 47.61 -40.07
CA HIS B 354 39.75 46.84 -39.86
C HIS B 354 39.19 47.04 -38.45
N ILE B 355 40.05 47.28 -37.47
CA ILE B 355 39.60 47.52 -36.11
C ILE B 355 38.79 48.81 -36.03
N ARG B 356 39.24 49.87 -36.69
CA ARG B 356 38.56 51.14 -36.64
C ARG B 356 37.15 51.06 -37.23
N GLU B 357 36.90 50.12 -38.14
CA GLU B 357 35.57 49.97 -38.71
C GLU B 357 34.56 49.60 -37.63
N GLY B 358 34.91 48.68 -36.74
CA GLY B 358 34.05 48.37 -35.62
C GLY B 358 33.95 49.52 -34.63
N LEU B 359 35.07 50.21 -34.39
CA LEU B 359 35.06 51.34 -33.46
C LEU B 359 34.18 52.47 -33.97
N SER B 360 34.22 52.73 -35.27
CA SER B 360 33.46 53.86 -35.83
C SER B 360 31.97 53.68 -35.66
N LEU B 361 31.46 52.47 -35.90
CA LEU B 361 30.02 52.24 -35.80
C LEU B 361 29.54 52.30 -34.36
N LEU B 362 30.41 51.99 -33.40
CA LEU B 362 30.03 52.05 -31.99
C LEU B 362 29.69 53.47 -31.56
N ALA B 363 30.45 54.46 -32.04
CA ALA B 363 30.24 55.84 -31.62
C ALA B 363 28.88 56.38 -32.06
N GLU B 364 28.24 55.75 -33.03
CA GLU B 364 26.94 56.19 -33.50
C GLU B 364 25.87 55.98 -32.42
N PRO C 19 6.26 17.93 -44.46
CA PRO C 19 5.83 18.39 -43.12
C PRO C 19 6.76 19.45 -42.54
N THR C 20 6.43 20.72 -42.77
CA THR C 20 7.21 21.81 -42.21
C THR C 20 6.95 21.92 -40.71
N LEU C 21 7.94 22.47 -39.99
CA LEU C 21 7.78 22.66 -38.56
C LEU C 21 6.66 23.64 -38.26
N ARG C 22 6.61 24.75 -38.99
CA ARG C 22 5.58 25.77 -38.75
C ARG C 22 4.31 25.49 -39.56
N GLU C 23 3.90 24.24 -39.52
CA GLU C 23 2.51 23.84 -39.76
C GLU C 23 2.03 22.90 -38.67
N THR C 24 2.91 22.02 -38.18
CA THR C 24 2.57 21.25 -36.99
C THR C 24 2.54 22.14 -35.75
N LEU C 25 3.37 23.19 -35.73
CA LEU C 25 3.26 24.14 -34.64
C LEU C 25 1.88 24.80 -34.62
N GLY C 26 1.35 25.16 -35.79
CA GLY C 26 0.01 25.70 -35.85
C GLY C 26 -1.04 24.66 -35.51
N ARG C 27 -0.84 23.42 -35.96
CA ARG C 27 -1.78 22.35 -35.64
C ARG C 27 -1.84 22.07 -34.15
N LEU C 28 -0.75 22.33 -33.43
CA LEU C 28 -0.70 22.14 -31.99
C LEU C 28 -1.06 23.40 -31.21
N ALA C 29 -1.48 24.45 -31.89
CA ALA C 29 -1.80 25.69 -31.20
C ALA C 29 -3.03 25.51 -30.30
N PRO C 30 -3.06 26.17 -29.16
CA PRO C 30 -4.27 26.12 -28.31
C PRO C 30 -5.49 26.60 -29.06
N GLY C 31 -6.62 25.94 -28.80
CA GLY C 31 -7.84 26.19 -29.55
C GLY C 31 -8.13 25.05 -30.49
N THR C 32 -7.08 24.52 -31.11
CA THR C 32 -7.22 23.32 -31.93
C THR C 32 -7.51 22.12 -31.03
N PRO C 33 -8.41 21.23 -31.46
CA PRO C 33 -8.75 20.08 -30.60
C PRO C 33 -7.56 19.20 -30.26
N LEU C 34 -6.54 19.16 -31.12
CA LEU C 34 -5.35 18.38 -30.80
C LEU C 34 -4.68 18.91 -29.55
N ARG C 35 -4.61 20.24 -29.41
CA ARG C 35 -4.05 20.80 -28.19
C ARG C 35 -4.94 20.54 -26.98
N ASP C 36 -6.25 20.45 -27.18
CA ASP C 36 -7.13 20.08 -26.07
C ASP C 36 -6.83 18.67 -25.59
N GLY C 37 -6.68 17.73 -26.52
CA GLY C 37 -6.29 16.39 -26.15
C GLY C 37 -4.93 16.37 -25.46
N LEU C 38 -3.98 17.17 -25.98
CA LEU C 38 -2.66 17.22 -25.37
C LEU C 38 -2.71 17.74 -23.95
N GLU C 39 -3.49 18.79 -23.70
CA GLU C 39 -3.57 19.34 -22.35
C GLU C 39 -4.31 18.41 -21.41
N ARG C 40 -5.31 17.68 -21.92
CA ARG C 40 -5.94 16.66 -21.08
C ARG C 40 -4.96 15.55 -20.72
N ILE C 41 -4.13 15.13 -21.68
CA ILE C 41 -3.09 14.15 -21.39
C ILE C 41 -2.13 14.69 -20.34
N LEU C 42 -1.76 15.97 -20.48
CA LEU C 42 -0.86 16.58 -19.50
C LEU C 42 -1.47 16.58 -18.11
N ARG C 43 -2.77 16.86 -18.02
CA ARG C 43 -3.44 16.76 -16.72
C ARG C 43 -3.50 15.33 -16.22
N GLY C 44 -3.42 14.35 -17.11
CA GLY C 44 -3.49 12.96 -16.72
C GLY C 44 -2.25 12.42 -16.05
N ARG C 45 -1.15 13.18 -16.05
CA ARG C 45 0.11 12.76 -15.43
C ARG C 45 0.59 11.43 -16.00
N THR C 46 0.44 11.26 -17.32
CA THR C 46 0.89 10.07 -18.00
C THR C 46 1.52 10.46 -19.34
N GLY C 47 2.37 9.57 -19.85
CA GLY C 47 3.10 9.83 -21.07
C GLY C 47 2.22 9.68 -22.30
N ALA C 48 2.83 9.99 -23.45
CA ALA C 48 2.14 9.90 -24.73
C ALA C 48 3.15 9.60 -25.82
N LEU C 49 2.65 9.01 -26.91
CA LEU C 49 3.47 8.72 -28.08
C LEU C 49 2.54 8.76 -29.29
N ILE C 50 2.45 9.93 -29.92
CA ILE C 50 1.46 10.21 -30.94
C ILE C 50 2.15 10.34 -32.29
N VAL C 51 1.64 9.61 -33.28
CA VAL C 51 2.15 9.64 -34.63
C VAL C 51 1.08 10.24 -35.52
N LEU C 52 1.27 11.50 -35.92
CA LEU C 52 0.27 12.21 -36.72
C LEU C 52 0.36 11.82 -38.20
N GLY C 53 0.23 10.52 -38.44
CA GLY C 53 0.26 10.02 -39.79
C GLY C 53 0.46 8.53 -39.88
N TYR C 54 -0.24 7.88 -40.80
CA TYR C 54 -0.11 6.46 -41.05
C TYR C 54 0.13 6.23 -42.53
N ASP C 55 1.03 5.32 -42.85
CA ASP C 55 1.37 5.02 -44.23
C ASP C 55 2.06 3.66 -44.25
N ASP C 56 2.58 3.27 -45.41
CA ASP C 56 3.22 1.97 -45.55
C ASP C 56 4.47 1.87 -44.67
N SER C 57 5.25 2.95 -44.59
CA SER C 57 6.39 2.95 -43.68
C SER C 57 5.94 2.82 -42.22
N VAL C 58 4.87 3.54 -41.86
CA VAL C 58 4.32 3.42 -40.52
C VAL C 58 3.84 1.99 -40.27
N GLU C 59 3.18 1.39 -41.27
CA GLU C 59 2.74 0.00 -41.13
C GLU C 59 3.92 -0.93 -40.91
N ALA C 60 5.02 -0.71 -41.64
CA ALA C 60 6.21 -1.53 -41.45
C ALA C 60 6.75 -1.37 -40.04
N ILE C 61 6.75 -0.13 -39.51
CA ILE C 61 7.18 0.06 -38.14
C ILE C 61 6.16 -0.49 -37.16
N CYS C 62 4.87 -0.28 -37.44
CA CYS C 62 3.83 -0.66 -36.50
C CYS C 62 3.65 -2.18 -36.45
N ASP C 63 3.44 -2.68 -35.24
CA ASP C 63 3.17 -4.10 -35.03
C ASP C 63 2.62 -4.29 -33.62
N GLY C 64 1.64 -5.19 -33.50
CA GLY C 64 1.08 -5.53 -32.21
C GLY C 64 0.22 -4.44 -31.58
N GLY C 65 -0.91 -4.12 -32.19
CA GLY C 65 -1.80 -3.11 -31.66
C GLY C 65 -3.22 -3.34 -32.13
N PHE C 66 -4.11 -2.49 -31.64
CA PHE C 66 -5.53 -2.59 -31.96
C PHE C 66 -5.87 -1.66 -33.11
N VAL C 67 -6.88 -2.05 -33.88
CA VAL C 67 -7.38 -1.26 -35.01
C VAL C 67 -8.69 -0.63 -34.58
N LEU C 68 -8.70 0.70 -34.46
CA LEU C 68 -9.84 1.41 -33.89
C LEU C 68 -10.72 2.06 -34.95
N ASP C 69 -10.16 2.96 -35.76
CA ASP C 69 -10.91 3.72 -36.76
C ASP C 69 -12.10 4.44 -36.13
N VAL C 70 -11.78 5.36 -35.23
CA VAL C 70 -12.77 6.18 -34.55
C VAL C 70 -12.45 7.65 -34.80
N ARG C 71 -13.48 8.48 -34.76
CA ARG C 71 -13.27 9.92 -34.89
C ARG C 71 -12.52 10.45 -33.68
N TYR C 72 -11.68 11.46 -33.92
CA TYR C 72 -10.86 12.00 -32.86
C TYR C 72 -11.72 12.69 -31.81
N ALA C 73 -11.31 12.56 -30.55
CA ALA C 73 -11.93 13.25 -29.44
C ALA C 73 -10.88 13.37 -28.35
N PRO C 74 -10.74 14.54 -27.73
CA PRO C 74 -9.72 14.68 -26.69
C PRO C 74 -9.87 13.69 -25.56
N THR C 75 -11.12 13.35 -25.21
CA THR C 75 -11.36 12.32 -24.21
C THR C 75 -10.85 10.97 -24.69
N ARG C 76 -11.13 10.62 -25.94
CA ARG C 76 -10.67 9.35 -26.48
C ARG C 76 -9.15 9.29 -26.52
N LEU C 77 -8.51 10.38 -26.96
CA LEU C 77 -7.05 10.42 -26.99
C LEU C 77 -6.47 10.27 -25.59
N ARG C 78 -7.04 10.97 -24.61
CA ARG C 78 -6.55 10.87 -23.25
C ARG C 78 -6.69 9.45 -22.72
N GLU C 79 -7.82 8.81 -23.01
CA GLU C 79 -8.01 7.44 -22.52
C GLU C 79 -7.06 6.47 -23.19
N LEU C 80 -6.85 6.61 -24.50
CA LEU C 80 -5.95 5.70 -25.19
C LEU C 80 -4.50 5.90 -24.78
N SER C 81 -4.12 7.14 -24.43
CA SER C 81 -2.74 7.39 -24.05
C SER C 81 -2.33 6.72 -22.75
N LYS C 82 -3.23 5.97 -22.11
CA LYS C 82 -2.91 5.20 -20.92
C LYS C 82 -2.52 3.78 -21.25
N MET C 83 -2.45 3.43 -22.53
CA MET C 83 -2.23 2.06 -22.96
C MET C 83 -0.75 1.71 -23.15
N ASP C 84 0.16 2.64 -22.85
CA ASP C 84 1.60 2.39 -22.93
C ASP C 84 2.00 1.89 -24.32
N GLY C 85 1.75 2.75 -25.31
CA GLY C 85 2.07 2.41 -26.68
C GLY C 85 2.11 3.63 -27.58
N ALA C 86 1.62 3.50 -28.80
CA ALA C 86 1.61 4.59 -29.77
C ALA C 86 0.19 4.82 -30.27
N VAL C 87 -0.22 6.07 -30.27
CA VAL C 87 -1.54 6.47 -30.79
C VAL C 87 -1.31 7.04 -32.18
N VAL C 88 -1.72 6.31 -33.21
CA VAL C 88 -1.44 6.65 -34.59
C VAL C 88 -2.67 7.34 -35.15
N LEU C 89 -2.67 8.67 -35.16
CA LEU C 89 -3.75 9.42 -35.76
C LEU C 89 -3.62 9.40 -37.28
N SER C 90 -4.59 10.00 -37.96
CA SER C 90 -4.58 10.02 -39.42
C SER C 90 -3.63 11.11 -39.91
N SER C 91 -3.68 11.41 -41.21
CA SER C 91 -2.82 12.45 -41.76
C SER C 91 -3.17 13.81 -41.17
N ASP C 92 -4.46 14.10 -41.02
CA ASP C 92 -4.92 15.39 -40.50
C ASP C 92 -5.10 15.39 -38.99
N GLY C 93 -4.78 14.29 -38.31
CA GLY C 93 -4.95 14.24 -36.87
C GLY C 93 -6.38 14.32 -36.41
N SER C 94 -7.31 13.71 -37.15
CA SER C 94 -8.72 13.72 -36.81
C SER C 94 -9.32 12.33 -36.70
N ARG C 95 -8.56 11.28 -36.99
CA ARG C 95 -9.04 9.92 -36.96
C ARG C 95 -8.02 9.05 -36.22
N ILE C 96 -8.43 8.50 -35.09
CA ILE C 96 -7.59 7.53 -34.40
C ILE C 96 -7.69 6.20 -35.13
N LEU C 97 -6.54 5.64 -35.48
CA LEU C 97 -6.50 4.37 -36.21
C LEU C 97 -5.94 3.23 -35.38
N ARG C 98 -4.79 3.43 -34.73
CA ARG C 98 -4.16 2.39 -33.95
C ARG C 98 -3.79 2.92 -32.58
N ALA C 99 -3.84 2.05 -31.59
CA ALA C 99 -3.45 2.39 -30.23
C ALA C 99 -2.79 1.18 -29.59
N ASN C 100 -1.97 1.44 -28.57
CA ASN C 100 -1.15 0.41 -27.95
C ASN C 100 -0.36 -0.35 -29.01
N VAL C 101 0.36 0.40 -29.83
CA VAL C 101 1.18 -0.16 -30.90
C VAL C 101 2.64 0.03 -30.53
N GLN C 102 3.39 -1.06 -30.50
CA GLN C 102 4.81 -0.99 -30.24
C GLN C 102 5.56 -0.57 -31.49
N LEU C 103 6.58 0.26 -31.32
CA LEU C 103 7.34 0.81 -32.43
C LEU C 103 8.69 0.13 -32.50
N VAL C 104 9.03 -0.38 -33.68
CA VAL C 104 10.31 -1.04 -33.90
C VAL C 104 10.99 -0.42 -35.12
N PRO C 105 11.49 0.80 -35.00
CA PRO C 105 12.15 1.43 -36.14
C PRO C 105 13.55 0.88 -36.34
N ASP C 106 14.15 1.24 -37.46
CA ASP C 106 15.52 0.80 -37.75
C ASP C 106 16.49 1.51 -36.82
N PRO C 107 17.26 0.77 -36.01
CA PRO C 107 18.22 1.41 -35.11
C PRO C 107 19.55 1.75 -35.75
N SER C 108 19.76 1.39 -37.02
CA SER C 108 21.00 1.73 -37.70
C SER C 108 21.15 3.23 -37.89
N ILE C 109 20.05 3.93 -38.11
CA ILE C 109 20.07 5.38 -38.30
C ILE C 109 20.55 6.05 -37.02
N PRO C 110 21.26 7.18 -37.11
CA PRO C 110 21.77 7.82 -35.90
C PRO C 110 20.66 8.31 -34.99
N THR C 111 20.92 8.29 -33.69
CA THR C 111 19.97 8.76 -32.69
C THR C 111 20.74 9.39 -31.54
N ASP C 112 20.33 10.60 -31.16
CA ASP C 112 21.02 11.35 -30.11
C ASP C 112 20.14 11.63 -28.90
N GLU C 113 18.89 11.18 -28.90
CA GLU C 113 17.99 11.46 -27.80
C GLU C 113 18.39 10.69 -26.55
N SER C 114 18.07 11.26 -25.39
CA SER C 114 18.31 10.63 -24.10
C SER C 114 16.98 10.09 -23.59
N GLY C 115 16.75 8.79 -23.83
CA GLY C 115 15.50 8.16 -23.45
C GLY C 115 14.98 7.23 -24.52
N THR C 116 14.66 5.99 -24.14
CA THR C 116 14.30 4.97 -25.11
C THR C 116 13.05 5.36 -25.91
N ARG C 117 12.03 5.89 -25.22
CA ARG C 117 10.83 6.30 -25.91
C ARG C 117 11.11 7.43 -26.89
N HIS C 118 11.86 8.44 -26.44
CA HIS C 118 12.21 9.56 -27.31
C HIS C 118 13.08 9.09 -28.48
N ARG C 119 14.02 8.19 -28.21
CA ARG C 119 14.87 7.67 -29.27
C ARG C 119 14.05 6.94 -30.33
N SER C 120 13.12 6.09 -29.89
CA SER C 120 12.27 5.37 -30.84
C SER C 120 11.38 6.32 -31.62
N ALA C 121 10.84 7.34 -30.95
CA ALA C 121 10.00 8.32 -31.63
C ALA C 121 10.79 9.07 -32.70
N GLU C 122 12.00 9.51 -32.36
CA GLU C 122 12.82 10.21 -33.34
C GLU C 122 13.21 9.30 -34.49
N ARG C 123 13.50 8.04 -34.19
CA ARG C 123 13.83 7.10 -35.25
C ARG C 123 12.66 6.90 -36.20
N THR C 124 11.44 6.80 -35.66
CA THR C 124 10.27 6.69 -36.51
C THR C 124 10.07 7.94 -37.35
N ALA C 125 10.28 9.11 -36.75
CA ALA C 125 10.16 10.37 -37.48
C ALA C 125 11.17 10.46 -38.61
N ILE C 126 12.36 9.89 -38.41
CA ILE C 126 13.34 9.80 -39.50
C ILE C 126 12.88 8.80 -40.54
N GLN C 127 12.29 7.68 -40.09
CA GLN C 127 11.85 6.63 -41.00
C GLN C 127 10.80 7.14 -41.98
N THR C 128 9.82 7.90 -41.49
CA THR C 128 8.76 8.42 -42.34
C THR C 128 8.52 9.89 -42.04
N GLY C 129 8.13 10.63 -43.07
CA GLY C 129 7.94 12.06 -42.95
C GLY C 129 6.67 12.46 -42.23
N TYR C 130 6.53 12.02 -40.98
CA TYR C 130 5.37 12.35 -40.15
C TYR C 130 5.85 12.81 -38.79
N PRO C 131 5.35 13.94 -38.29
CA PRO C 131 5.78 14.41 -36.96
C PRO C 131 5.33 13.47 -35.87
N VAL C 132 6.10 13.45 -34.79
CA VAL C 132 5.81 12.61 -33.63
C VAL C 132 5.96 13.46 -32.38
N ILE C 133 5.01 13.32 -31.45
CA ILE C 133 4.99 14.07 -30.20
C ILE C 133 5.13 13.08 -29.05
N SER C 134 6.00 13.41 -28.10
CA SER C 134 6.20 12.61 -26.91
C SER C 134 6.10 13.49 -25.68
N VAL C 135 5.44 12.99 -24.65
CA VAL C 135 5.35 13.66 -23.35
C VAL C 135 5.92 12.71 -22.31
N SER C 136 6.91 13.20 -21.55
CA SER C 136 7.58 12.35 -20.58
C SER C 136 6.64 12.05 -19.41
N HIS C 137 6.81 10.87 -18.84
CA HIS C 137 5.99 10.46 -17.70
C HIS C 137 6.36 11.27 -16.48
N SER C 138 5.33 11.75 -15.77
CA SER C 138 5.43 12.52 -14.53
C SER C 138 6.03 13.90 -14.71
N MET C 139 6.39 14.30 -15.93
CA MET C 139 6.85 15.65 -16.20
C MET C 139 6.00 16.25 -17.31
N SER C 140 5.87 17.58 -17.29
CA SER C 140 4.98 18.29 -18.19
C SER C 140 5.68 18.74 -19.48
N ILE C 141 6.73 18.07 -19.90
CA ILE C 141 7.43 18.45 -21.11
C ILE C 141 6.71 17.87 -22.32
N VAL C 142 6.83 18.56 -23.45
CA VAL C 142 6.26 18.09 -24.71
C VAL C 142 7.26 18.39 -25.82
N THR C 143 7.49 17.40 -26.69
CA THR C 143 8.49 17.50 -27.72
C THR C 143 7.86 17.23 -29.09
N VAL C 144 8.48 17.77 -30.12
CA VAL C 144 8.02 17.62 -31.50
C VAL C 144 9.17 17.08 -32.33
N TYR C 145 8.88 16.11 -33.18
CA TYR C 145 9.90 15.46 -34.01
C TYR C 145 9.56 15.57 -35.47
N VAL C 146 9.23 16.76 -35.94
CA VAL C 146 8.82 16.96 -37.32
C VAL C 146 10.05 17.10 -38.21
N ALA C 147 10.05 16.34 -39.32
CA ALA C 147 11.08 16.45 -40.36
C ALA C 147 12.49 16.32 -39.80
N GLY C 148 12.63 15.59 -38.70
CA GLY C 148 13.93 15.42 -38.08
C GLY C 148 14.36 16.55 -37.18
N GLU C 149 13.53 17.58 -36.99
CA GLU C 149 13.86 18.69 -36.12
C GLU C 149 13.33 18.42 -34.71
N ARG C 150 14.17 18.65 -33.71
CA ARG C 150 13.80 18.46 -32.32
C ARG C 150 13.41 19.81 -31.71
N HIS C 151 12.25 19.86 -31.07
CA HIS C 151 11.74 21.10 -30.51
C HIS C 151 10.94 20.78 -29.26
N VAL C 152 10.88 21.75 -28.35
CA VAL C 152 10.05 21.66 -27.15
C VAL C 152 8.99 22.74 -27.23
N VAL C 153 7.73 22.33 -27.24
CA VAL C 153 6.63 23.29 -27.20
C VAL C 153 6.56 23.86 -25.79
N PRO C 154 6.72 25.16 -25.62
CA PRO C 154 6.73 25.75 -24.28
C PRO C 154 5.34 26.19 -23.84
N ASP C 155 5.25 26.55 -22.56
CA ASP C 155 4.01 27.04 -22.00
C ASP C 155 3.66 28.41 -22.57
N SER C 156 2.38 28.75 -22.50
CA SER C 156 1.93 30.04 -23.01
C SER C 156 2.60 31.20 -22.29
N ALA C 157 2.96 31.01 -21.02
CA ALA C 157 3.57 32.10 -20.25
C ALA C 157 4.90 32.52 -20.85
N THR C 158 5.75 31.56 -21.18
CA THR C 158 7.09 31.88 -21.69
C THR C 158 7.01 32.59 -23.04
N ILE C 159 6.19 32.07 -23.95
CA ILE C 159 6.06 32.67 -25.27
C ILE C 159 5.39 34.03 -25.20
N LEU C 160 4.41 34.19 -24.31
CA LEU C 160 3.82 35.52 -24.11
C LEU C 160 4.85 36.50 -23.58
N SER C 161 5.68 36.07 -22.62
CA SER C 161 6.72 36.95 -22.09
C SER C 161 7.72 37.34 -23.18
N ARG C 162 8.13 36.37 -24.00
CA ARG C 162 9.07 36.66 -25.08
C ARG C 162 8.47 37.63 -26.09
N ALA C 163 7.20 37.42 -26.44
CA ALA C 163 6.54 38.33 -27.38
C ALA C 163 6.41 39.72 -26.80
N ASN C 164 6.08 39.83 -25.52
CA ASN C 164 5.97 41.14 -24.88
C ASN C 164 7.32 41.83 -24.83
N GLN C 165 8.39 41.07 -24.57
CA GLN C 165 9.72 41.67 -24.58
C GLN C 165 10.10 42.16 -25.97
N THR C 166 9.80 41.39 -27.00
CA THR C 166 10.17 41.80 -28.36
C THR C 166 9.30 42.93 -28.88
N ILE C 167 8.07 43.05 -28.36
CA ILE C 167 7.18 44.10 -28.85
C ILE C 167 7.76 45.47 -28.54
N ALA C 168 8.47 45.61 -27.41
CA ALA C 168 9.07 46.89 -27.05
C ALA C 168 10.10 47.31 -28.08
N THR C 169 10.98 46.37 -28.47
CA THR C 169 11.89 46.64 -29.57
C THR C 169 11.14 46.94 -30.85
N LEU C 170 9.96 46.34 -31.03
CA LEU C 170 9.16 46.67 -32.21
C LEU C 170 8.74 48.13 -32.21
N GLU C 171 8.23 48.65 -31.08
CA GLU C 171 7.86 50.05 -31.09
C GLU C 171 9.09 50.95 -31.20
N ARG C 172 10.22 50.52 -30.62
CA ARG C 172 11.45 51.33 -30.76
C ARG C 172 11.86 51.44 -32.23
N TYR C 173 11.86 50.30 -32.94
CA TYR C 173 12.19 50.32 -34.36
C TYR C 173 11.19 51.16 -35.15
N LYS C 174 9.90 51.03 -34.83
CA LYS C 174 8.88 51.80 -35.54
C LYS C 174 9.06 53.29 -35.31
N GLY C 175 9.38 53.69 -34.08
CA GLY C 175 9.61 55.11 -33.80
C GLY C 175 10.85 55.64 -34.50
N ARG C 176 11.93 54.85 -34.52
CA ARG C 176 13.13 55.27 -35.24
C ARG C 176 12.84 55.44 -36.72
N LEU C 177 12.11 54.49 -37.31
CA LEU C 177 11.75 54.59 -38.72
C LEU C 177 10.84 55.78 -38.95
N ASP C 178 9.94 56.06 -38.01
CA ASP C 178 9.01 57.18 -38.15
C ASP C 178 9.75 58.51 -38.15
N GLU C 179 10.70 58.68 -37.22
CA GLU C 179 11.45 59.93 -37.18
C GLU C 179 12.34 60.06 -38.42
N VAL C 180 12.93 58.95 -38.88
CA VAL C 180 13.73 58.99 -40.10
C VAL C 180 12.86 59.39 -41.28
N SER C 181 11.65 58.83 -41.39
CA SER C 181 10.76 59.17 -42.49
C SER C 181 10.30 60.62 -42.42
N ARG C 182 10.02 61.12 -41.22
CA ARG C 182 9.62 62.51 -41.07
C ARG C 182 10.74 63.46 -41.48
N GLN C 183 11.97 63.15 -41.07
CA GLN C 183 13.12 63.94 -41.49
C GLN C 183 13.30 63.88 -43.01
N LEU C 184 13.11 62.69 -43.58
CA LEU C 184 13.25 62.54 -45.03
C LEU C 184 12.20 63.36 -45.77
N SER C 185 10.96 63.36 -45.28
CA SER C 185 9.90 64.15 -45.92
C SER C 185 10.18 65.64 -45.78
N THR C 186 10.64 66.08 -44.61
CA THR C 186 11.03 67.47 -44.43
C THR C 186 12.13 67.86 -45.40
N ALA C 187 13.07 66.95 -45.65
CA ALA C 187 14.06 67.18 -46.70
C ALA C 187 13.40 67.23 -48.08
N GLU C 188 12.41 66.38 -48.31
CA GLU C 188 11.76 66.29 -49.63
C GLU C 188 11.08 67.59 -50.00
N ILE C 189 10.38 68.21 -49.04
CA ILE C 189 9.64 69.43 -49.37
C ILE C 189 10.58 70.56 -49.77
N GLU C 190 11.85 70.45 -49.44
CA GLU C 190 12.92 71.37 -49.86
C GLU C 190 14.05 70.57 -50.51
N ASP C 191 13.68 69.73 -51.47
CA ASP C 191 14.41 68.55 -51.90
C ASP C 191 15.92 68.74 -51.94
N PHE C 192 16.62 67.91 -51.17
CA PHE C 192 18.08 67.78 -51.25
C PHE C 192 18.40 66.39 -50.72
N VAL C 193 18.70 65.47 -51.63
CA VAL C 193 18.71 64.04 -51.33
C VAL C 193 20.15 63.53 -51.41
N THR C 194 20.59 62.84 -50.37
CA THR C 194 21.83 62.10 -50.35
C THR C 194 21.54 60.62 -50.16
N LEU C 195 22.51 59.78 -50.54
CA LEU C 195 22.28 58.34 -50.54
C LEU C 195 22.00 57.81 -49.14
N ARG C 196 22.72 58.30 -48.14
CA ARG C 196 22.52 57.83 -46.77
C ARG C 196 21.10 58.15 -46.29
N ASP C 197 20.64 59.38 -46.53
CA ASP C 197 19.31 59.78 -46.10
C ASP C 197 18.23 58.99 -46.83
N VAL C 198 18.40 58.78 -48.13
CA VAL C 198 17.39 58.09 -48.93
C VAL C 198 17.41 56.59 -48.72
N MET C 199 18.48 56.05 -48.11
CA MET C 199 18.64 54.62 -47.95
C MET C 199 18.45 54.14 -46.51
N THR C 200 18.63 55.01 -45.51
CA THR C 200 18.41 54.57 -44.14
C THR C 200 16.96 54.21 -43.88
N VAL C 201 16.04 54.76 -44.67
CA VAL C 201 14.62 54.40 -44.52
C VAL C 201 14.42 52.92 -44.86
N VAL C 202 14.96 52.48 -45.99
CA VAL C 202 14.90 51.06 -46.35
C VAL C 202 15.71 50.23 -45.36
N GLN C 203 16.81 50.78 -44.86
CA GLN C 203 17.64 50.06 -43.90
C GLN C 203 16.86 49.73 -42.64
N ARG C 204 16.03 50.68 -42.16
CA ARG C 204 15.15 50.40 -41.02
C ARG C 204 13.97 49.52 -41.41
N LEU C 205 13.44 49.71 -42.64
CA LEU C 205 12.29 48.94 -43.08
C LEU C 205 12.59 47.44 -43.11
N GLU C 206 13.78 47.09 -43.58
CA GLU C 206 14.16 45.67 -43.63
C GLU C 206 14.09 45.05 -42.24
N MET C 207 14.74 45.66 -41.27
CA MET C 207 14.78 45.09 -39.92
C MET C 207 13.39 45.07 -39.28
N VAL C 208 12.60 46.12 -39.48
CA VAL C 208 11.29 46.13 -38.84
C VAL C 208 10.41 45.04 -39.44
N ARG C 209 10.52 44.80 -40.75
CA ARG C 209 9.76 43.71 -41.36
C ARG C 209 10.26 42.34 -40.87
N ARG C 210 11.58 42.19 -40.72
CA ARG C 210 12.12 40.92 -40.22
C ARG C 210 11.59 40.63 -38.82
N ILE C 211 11.64 41.61 -37.93
CA ILE C 211 11.15 41.39 -36.58
C ILE C 211 9.63 41.20 -36.58
N SER C 212 8.93 41.86 -37.51
CA SER C 212 7.49 41.67 -37.62
C SER C 212 7.16 40.22 -37.96
N LEU C 213 7.84 39.65 -38.95
CA LEU C 213 7.57 38.26 -39.32
C LEU C 213 8.02 37.31 -38.22
N GLU C 214 9.11 37.65 -37.53
CA GLU C 214 9.57 36.81 -36.42
C GLU C 214 8.53 36.75 -35.31
N ILE C 215 7.92 37.89 -34.98
CA ILE C 215 6.88 37.88 -33.96
C ILE C 215 5.61 37.23 -34.49
N ASP C 216 5.32 37.38 -35.78
CA ASP C 216 4.14 36.74 -36.36
C ASP C 216 4.25 35.23 -36.32
N ALA C 217 5.47 34.70 -36.41
CA ALA C 217 5.65 33.25 -36.22
C ALA C 217 5.16 32.83 -34.84
N ASP C 218 5.53 33.58 -33.80
CA ASP C 218 5.04 33.27 -32.46
C ASP C 218 3.53 33.46 -32.37
N VAL C 219 3.00 34.48 -33.04
CA VAL C 219 1.56 34.74 -32.98
C VAL C 219 0.79 33.56 -33.57
N VAL C 220 1.22 33.06 -34.72
CA VAL C 220 0.54 31.92 -35.32
C VAL C 220 0.80 30.66 -34.49
N GLU C 221 1.93 30.60 -33.80
CA GLU C 221 2.14 29.49 -32.86
C GLU C 221 1.11 29.51 -31.75
N LEU C 222 0.82 30.69 -31.21
CA LEU C 222 -0.27 30.81 -30.24
C LEU C 222 -1.60 30.40 -30.86
N GLY C 223 -1.89 30.92 -32.03
CA GLY C 223 -3.13 30.59 -32.72
C GLY C 223 -4.35 31.28 -32.16
N THR C 224 -4.73 30.93 -30.93
CA THR C 224 -5.94 31.49 -30.33
C THR C 224 -5.69 31.97 -28.91
N ASP C 225 -4.72 31.37 -28.23
CA ASP C 225 -4.44 31.75 -26.85
C ASP C 225 -4.00 33.20 -26.74
N GLY C 226 -3.02 33.59 -27.55
CA GLY C 226 -2.52 34.95 -27.51
C GLY C 226 -3.23 35.87 -28.48
N ARG C 227 -4.54 36.04 -28.31
CA ARG C 227 -5.30 36.87 -29.22
C ARG C 227 -5.20 38.34 -28.84
N GLN C 228 -3.97 38.80 -28.55
CA GLN C 228 -3.71 40.21 -28.34
C GLN C 228 -2.47 40.61 -29.12
N LEU C 229 -1.55 39.65 -29.30
CA LEU C 229 -0.37 39.93 -30.09
C LEU C 229 -0.72 40.14 -31.56
N LYS C 230 -1.72 39.43 -32.06
CA LYS C 230 -2.15 39.65 -33.44
C LYS C 230 -2.65 41.07 -33.65
N LEU C 231 -3.48 41.57 -32.73
CA LEU C 231 -3.97 42.94 -32.85
C LEU C 231 -2.87 43.96 -32.61
N GLN C 232 -1.93 43.66 -31.70
CA GLN C 232 -0.81 44.57 -31.49
C GLN C 232 0.05 44.70 -32.75
N LEU C 233 0.31 43.57 -33.42
CA LEU C 233 1.04 43.64 -34.68
C LEU C 233 0.22 44.33 -35.76
N ASP C 234 -1.09 44.15 -35.74
CA ASP C 234 -1.95 44.85 -36.70
C ASP C 234 -1.83 46.36 -36.52
N GLU C 235 -1.85 46.83 -35.27
CA GLU C 235 -1.78 48.27 -35.03
C GLU C 235 -0.37 48.83 -35.18
N LEU C 236 0.66 48.01 -34.99
CA LEU C 236 2.02 48.53 -35.02
C LEU C 236 2.64 48.46 -36.41
N VAL C 237 2.45 47.33 -37.12
CA VAL C 237 3.01 47.19 -38.45
C VAL C 237 2.44 48.23 -39.40
N GLY C 238 1.13 48.43 -39.35
CA GLY C 238 0.50 49.41 -40.22
C GLY C 238 0.73 49.08 -41.68
N ASP C 239 1.04 50.10 -42.46
CA ASP C 239 1.30 49.94 -43.89
C ASP C 239 2.78 49.73 -44.18
N ASN C 240 3.40 48.78 -43.47
CA ASN C 240 4.80 48.48 -43.69
C ASN C 240 5.02 47.91 -45.09
N GLU C 241 4.17 46.99 -45.52
CA GLU C 241 4.34 46.37 -46.83
C GLU C 241 4.13 47.38 -47.96
N THR C 242 3.07 48.19 -47.86
CA THR C 242 2.82 49.19 -48.90
C THR C 242 3.92 50.23 -48.94
N ALA C 243 4.39 50.67 -47.76
CA ALA C 243 5.49 51.63 -47.72
C ALA C 243 6.76 51.02 -48.33
N ARG C 244 7.03 49.75 -48.05
CA ARG C 244 8.19 49.09 -48.63
C ARG C 244 8.07 49.01 -50.15
N GLU C 245 6.89 48.64 -50.65
CA GLU C 245 6.71 48.54 -52.09
C GLU C 245 6.86 49.91 -52.75
N LEU C 246 6.29 50.96 -52.15
CA LEU C 246 6.38 52.29 -52.74
C LEU C 246 7.79 52.84 -52.68
N ILE C 247 8.53 52.55 -51.60
CA ILE C 247 9.91 53.02 -51.52
C ILE C 247 10.79 52.26 -52.52
N VAL C 248 10.47 51.00 -52.80
CA VAL C 248 11.16 50.30 -53.88
C VAL C 248 10.83 50.96 -55.23
N ARG C 249 9.57 51.31 -55.45
CA ARG C 249 9.17 51.92 -56.70
C ARG C 249 9.86 53.27 -56.90
N ASP C 250 9.98 54.06 -55.83
CA ASP C 250 10.51 55.42 -55.95
C ASP C 250 12.04 55.45 -55.88
N TYR C 251 12.60 55.00 -54.76
CA TYR C 251 14.01 55.24 -54.44
C TYR C 251 14.91 54.16 -55.06
N HIS C 252 14.99 54.20 -56.39
CA HIS C 252 15.85 53.31 -57.15
C HIS C 252 16.42 54.08 -58.33
N ALA C 253 17.74 54.13 -58.42
CA ALA C 253 18.42 54.83 -59.52
C ALA C 253 18.47 53.89 -60.72
N ASN C 254 17.40 53.92 -61.52
CA ASN C 254 17.28 53.11 -62.72
C ASN C 254 16.77 53.98 -63.86
N PRO C 255 17.07 53.61 -65.10
CA PRO C 255 16.62 54.44 -66.24
C PRO C 255 15.11 54.64 -66.27
N ASP C 256 14.34 53.62 -65.92
CA ASP C 256 12.89 53.70 -65.89
C ASP C 256 12.39 53.20 -64.55
N PRO C 257 11.24 53.71 -64.08
CA PRO C 257 10.70 53.27 -62.79
C PRO C 257 10.44 51.76 -62.80
N PRO C 258 10.73 51.08 -61.69
CA PRO C 258 10.60 49.62 -61.68
C PRO C 258 9.16 49.17 -61.86
N THR C 259 8.99 48.04 -62.52
CA THR C 259 7.69 47.45 -62.74
C THR C 259 7.37 46.47 -61.60
N ALA C 260 6.29 45.69 -61.76
CA ALA C 260 5.95 44.70 -60.74
C ALA C 260 7.04 43.63 -60.63
N ALA C 261 7.54 43.14 -61.77
CA ALA C 261 8.60 42.15 -61.73
C ALA C 261 9.88 42.72 -61.13
N GLN C 262 10.24 43.95 -61.52
CA GLN C 262 11.44 44.58 -60.97
C GLN C 262 11.30 44.78 -59.46
N VAL C 263 10.15 45.26 -59.01
CA VAL C 263 9.92 45.46 -57.58
C VAL C 263 10.00 44.13 -56.84
N ALA C 264 9.39 43.09 -57.40
CA ALA C 264 9.42 41.78 -56.76
C ALA C 264 10.84 41.25 -56.65
N ALA C 265 11.63 41.38 -57.73
CA ALA C 265 13.01 40.92 -57.69
C ALA C 265 13.83 41.69 -56.68
N THR C 266 13.67 43.00 -56.63
CA THR C 266 14.42 43.81 -55.68
C THR C 266 14.04 43.49 -54.24
N LEU C 267 12.76 43.30 -53.96
CA LEU C 267 12.36 42.95 -52.59
C LEU C 267 12.81 41.54 -52.23
N GLU C 268 12.82 40.62 -53.19
CA GLU C 268 13.36 39.29 -52.94
C GLU C 268 14.84 39.36 -52.61
N GLU C 269 15.59 40.20 -53.32
CA GLU C 269 17.00 40.40 -53.01
C GLU C 269 17.15 41.01 -51.62
N LEU C 270 16.29 41.96 -51.27
CA LEU C 270 16.34 42.57 -49.95
C LEU C 270 16.09 41.54 -48.86
N ASP C 271 15.15 40.63 -49.08
CA ASP C 271 14.89 39.58 -48.11
C ASP C 271 15.99 38.53 -48.10
N SER C 272 16.71 38.37 -49.20
CA SER C 272 17.75 37.35 -49.26
C SER C 272 18.96 37.73 -48.42
N LEU C 273 19.32 39.01 -48.42
CA LEU C 273 20.52 39.45 -47.74
C LEU C 273 20.38 39.28 -46.22
N SER C 274 21.49 38.98 -45.57
CA SER C 274 21.50 38.72 -44.14
C SER C 274 21.83 40.01 -43.38
N ASP C 275 22.02 39.90 -42.06
CA ASP C 275 22.32 41.06 -41.24
C ASP C 275 23.66 41.67 -41.62
N SER C 276 24.66 40.83 -41.91
CA SER C 276 25.95 41.35 -42.36
C SER C 276 25.81 42.10 -43.67
N GLU C 277 24.84 41.73 -44.49
CA GLU C 277 24.54 42.43 -45.74
C GLU C 277 23.47 43.50 -45.56
N LEU C 278 23.04 43.76 -44.32
CA LEU C 278 22.00 44.73 -44.03
C LEU C 278 22.50 45.93 -43.24
N LEU C 279 23.34 45.70 -42.23
CA LEU C 279 23.83 46.79 -41.39
C LEU C 279 24.73 47.76 -42.14
N ASP C 280 25.22 47.38 -43.33
CA ASP C 280 26.06 48.26 -44.14
C ASP C 280 25.22 48.83 -45.28
N PHE C 281 25.20 50.16 -45.38
CA PHE C 281 24.46 50.83 -46.44
C PHE C 281 25.05 50.55 -47.82
N THR C 282 26.34 50.23 -47.90
CA THR C 282 27.01 50.03 -49.17
C THR C 282 26.60 48.71 -49.83
N VAL C 283 26.53 47.64 -49.04
CA VAL C 283 26.02 46.37 -49.57
C VAL C 283 24.60 46.56 -50.08
N LEU C 284 23.79 47.31 -49.34
CA LEU C 284 22.45 47.65 -49.81
C LEU C 284 22.50 48.46 -51.09
N ALA C 285 23.51 49.32 -51.23
CA ALA C 285 23.66 50.11 -52.45
C ALA C 285 23.88 49.21 -53.66
N ARG C 286 24.76 48.21 -53.53
CA ARG C 286 24.84 47.20 -54.59
C ARG C 286 23.54 46.41 -54.74
N VAL C 287 22.78 46.22 -53.66
CA VAL C 287 21.51 45.49 -53.77
C VAL C 287 20.56 46.23 -54.71
N PHE C 288 20.41 47.53 -54.52
CA PHE C 288 19.59 48.32 -55.44
C PHE C 288 20.29 48.55 -56.77
N GLY C 289 21.61 48.51 -56.80
CA GLY C 289 22.35 48.83 -58.00
C GLY C 289 22.91 50.23 -57.92
N TYR C 290 24.18 50.35 -57.53
CA TYR C 290 24.80 51.63 -57.25
C TYR C 290 26.31 51.47 -57.33
N PRO C 291 27.05 52.56 -57.54
CA PRO C 291 28.50 52.48 -57.41
C PRO C 291 28.90 52.07 -56.00
N SER C 292 29.96 51.27 -55.91
CA SER C 292 30.48 50.80 -54.63
C SER C 292 31.42 51.80 -53.97
N THR C 293 31.69 52.93 -54.61
CA THR C 293 32.59 53.92 -54.05
C THR C 293 31.98 54.56 -52.80
N ALA C 294 32.87 55.04 -51.93
CA ALA C 294 32.41 55.67 -50.68
C ALA C 294 31.71 57.00 -50.95
N GLU C 295 32.15 57.74 -51.97
CA GLU C 295 31.53 59.02 -52.27
C GLU C 295 30.11 58.87 -52.78
N ALA C 296 29.69 57.67 -53.15
CA ALA C 296 28.32 57.44 -53.58
C ALA C 296 27.32 57.73 -52.46
N GLN C 297 27.76 57.68 -51.20
CA GLN C 297 26.89 58.00 -50.08
C GLN C 297 26.41 59.45 -50.15
N ASP C 298 27.19 60.33 -50.77
CA ASP C 298 26.80 61.72 -50.95
C ASP C 298 26.19 62.00 -52.32
N SER C 299 26.02 60.97 -53.14
CA SER C 299 25.41 61.16 -54.45
C SER C 299 23.95 61.54 -54.31
N ALA C 300 23.47 62.33 -55.27
CA ALA C 300 22.11 62.83 -55.27
C ALA C 300 21.33 62.28 -56.46
N MET C 301 20.02 62.15 -56.28
CA MET C 301 19.14 61.69 -57.33
C MET C 301 17.76 62.27 -57.10
N SER C 302 16.94 62.26 -58.15
CA SER C 302 15.60 62.83 -58.13
C SER C 302 14.59 61.73 -57.81
N SER C 303 13.82 61.94 -56.75
CA SER C 303 12.79 60.98 -56.36
C SER C 303 11.67 60.96 -57.38
N ARG C 304 11.07 59.78 -57.56
CA ARG C 304 9.92 59.66 -58.45
C ARG C 304 8.71 60.39 -57.92
N GLY C 305 8.67 60.68 -56.62
CA GLY C 305 7.59 61.42 -56.02
C GLY C 305 6.53 60.60 -55.31
N TYR C 306 6.75 59.30 -55.13
CA TYR C 306 5.73 58.45 -54.52
C TYR C 306 5.43 58.88 -53.09
N ARG C 307 6.47 59.21 -52.32
CA ARG C 307 6.30 59.43 -50.89
C ARG C 307 5.38 60.61 -50.60
N ALA C 308 5.59 61.74 -51.27
CA ALA C 308 4.88 62.96 -50.92
C ALA C 308 3.40 62.87 -51.30
N MET C 309 3.11 62.42 -52.52
CA MET C 309 1.74 62.40 -53.03
C MET C 309 1.02 61.08 -52.78
N ALA C 310 1.67 60.11 -52.13
CA ALA C 310 1.00 58.86 -51.79
C ALA C 310 0.02 59.01 -50.63
N ALA C 311 0.04 60.13 -49.92
CA ALA C 311 -0.81 60.35 -48.77
C ALA C 311 -2.15 60.98 -49.13
N ILE C 312 -2.40 61.23 -50.40
CA ILE C 312 -3.67 61.86 -50.83
C ILE C 312 -4.81 60.88 -50.60
N PRO C 313 -5.89 61.28 -49.94
CA PRO C 313 -7.00 60.36 -49.70
C PRO C 313 -7.76 60.02 -50.98
N ARG C 314 -8.40 58.85 -50.96
CA ARG C 314 -9.19 58.34 -52.08
C ARG C 314 -8.37 58.34 -53.37
N LEU C 315 -7.15 57.85 -53.29
CA LEU C 315 -6.21 57.83 -54.40
C LEU C 315 -5.94 56.40 -54.83
N GLN C 316 -6.16 56.12 -56.11
CA GLN C 316 -5.90 54.79 -56.65
C GLN C 316 -4.43 54.65 -57.03
N PHE C 317 -3.89 53.44 -56.83
CA PHE C 317 -2.49 53.21 -57.17
C PHE C 317 -2.23 53.31 -58.67
N ALA C 318 -3.23 52.99 -59.48
CA ALA C 318 -3.07 53.12 -60.93
C ALA C 318 -2.84 54.58 -61.33
N HIS C 319 -3.59 55.50 -60.73
CA HIS C 319 -3.37 56.92 -60.99
C HIS C 319 -1.99 57.35 -60.53
N VAL C 320 -1.54 56.84 -59.37
CA VAL C 320 -0.21 57.17 -58.87
C VAL C 320 0.86 56.73 -59.84
N ASP C 321 0.75 55.48 -60.32
CA ASP C 321 1.74 54.95 -61.25
C ASP C 321 1.72 55.71 -62.57
N LEU C 322 0.53 56.04 -63.07
CA LEU C 322 0.44 56.79 -64.32
C LEU C 322 1.05 58.18 -64.18
N LEU C 323 0.78 58.86 -63.06
CA LEU C 323 1.37 60.17 -62.82
C LEU C 323 2.88 60.08 -62.69
N VAL C 324 3.39 59.05 -62.03
CA VAL C 324 4.84 58.87 -61.91
C VAL C 324 5.46 58.65 -63.29
N ARG C 325 4.82 57.81 -64.11
CA ARG C 325 5.34 57.56 -65.46
C ARG C 325 5.33 58.82 -66.29
N SER C 326 4.26 59.61 -66.21
CA SER C 326 4.14 60.81 -67.03
C SER C 326 4.93 61.99 -66.49
N PHE C 327 5.38 61.93 -65.24
CA PHE C 327 6.16 63.01 -64.63
C PHE C 327 7.60 62.60 -64.39
N GLY C 328 7.83 61.49 -63.69
CA GLY C 328 9.17 60.99 -63.45
C GLY C 328 9.91 61.62 -62.30
N SER C 329 9.39 62.72 -61.73
CA SER C 329 10.04 63.39 -60.63
C SER C 329 9.00 64.07 -59.75
N LEU C 330 9.39 64.30 -58.50
CA LEU C 330 8.50 65.00 -57.57
C LEU C 330 8.44 66.49 -57.87
N GLN C 331 9.52 67.06 -58.40
CA GLN C 331 9.54 68.49 -58.68
C GLN C 331 8.51 68.86 -59.73
N ASN C 332 8.36 68.03 -60.76
CA ASN C 332 7.36 68.31 -61.80
C ASN C 332 5.95 68.29 -61.24
N LEU C 333 5.65 67.32 -60.36
CA LEU C 333 4.33 67.26 -59.74
C LEU C 333 4.10 68.46 -58.83
N LEU C 334 5.10 68.85 -58.05
CA LEU C 334 4.97 69.99 -57.15
C LEU C 334 4.74 71.28 -57.95
N ALA C 335 5.47 71.45 -59.05
CA ALA C 335 5.37 72.64 -59.88
C ALA C 335 4.30 72.52 -60.96
N ALA C 336 3.54 71.43 -60.96
CA ALA C 336 2.48 71.26 -61.96
C ALA C 336 1.45 72.38 -61.84
N SER C 337 1.04 72.90 -62.98
CA SER C 337 0.11 74.02 -63.02
C SER C 337 -1.29 73.54 -62.65
N ALA C 338 -2.25 74.48 -62.72
CA ALA C 338 -3.63 74.15 -62.37
C ALA C 338 -4.21 73.12 -63.32
N ASP C 339 -3.94 73.25 -64.62
CA ASP C 339 -4.46 72.33 -65.62
C ASP C 339 -3.39 71.40 -66.19
N ASP C 340 -2.18 71.41 -65.63
CA ASP C 340 -1.13 70.52 -66.12
C ASP C 340 -1.50 69.06 -65.88
N LEU C 341 -2.04 68.74 -64.71
CA LEU C 341 -2.42 67.36 -64.43
C LEU C 341 -3.66 66.95 -65.22
N GLN C 342 -4.56 67.90 -65.49
CA GLN C 342 -5.74 67.58 -66.29
C GLN C 342 -5.38 67.24 -67.72
N SER C 343 -4.34 67.88 -68.27
CA SER C 343 -3.91 67.59 -69.64
C SER C 343 -3.38 66.16 -69.77
N VAL C 344 -2.96 65.54 -68.67
CA VAL C 344 -2.52 64.15 -68.73
C VAL C 344 -3.69 63.25 -69.09
N ASP C 345 -3.46 62.32 -70.00
CA ASP C 345 -4.52 61.43 -70.47
C ASP C 345 -5.05 60.58 -69.31
N GLY C 346 -6.37 60.41 -69.30
CA GLY C 346 -7.02 59.64 -68.25
C GLY C 346 -7.27 60.39 -66.96
N ILE C 347 -6.96 61.68 -66.91
CA ILE C 347 -7.17 62.50 -65.72
C ILE C 347 -8.28 63.50 -66.02
N GLY C 348 -9.32 63.50 -65.19
CA GLY C 348 -10.43 64.40 -65.36
C GLY C 348 -10.13 65.78 -64.81
N SER C 349 -11.13 66.65 -64.91
CA SER C 349 -10.98 68.03 -64.44
C SER C 349 -10.98 68.08 -62.91
N MET C 350 -12.06 67.60 -62.28
CA MET C 350 -12.17 67.64 -60.83
C MET C 350 -11.09 66.79 -60.18
N TRP C 351 -10.77 65.64 -60.79
CA TRP C 351 -9.73 64.77 -60.24
C TRP C 351 -8.38 65.46 -60.23
N ALA C 352 -8.08 66.24 -61.27
CA ALA C 352 -6.81 66.95 -61.33
C ALA C 352 -6.73 68.05 -60.26
N ARG C 353 -7.84 68.75 -60.01
CA ARG C 353 -7.84 69.82 -59.03
C ARG C 353 -7.54 69.30 -57.63
N HIS C 354 -8.11 68.15 -57.28
CA HIS C 354 -7.93 67.61 -55.94
C HIS C 354 -6.49 67.19 -55.69
N ILE C 355 -5.79 66.74 -56.73
CA ILE C 355 -4.39 66.33 -56.57
C ILE C 355 -3.53 67.53 -56.18
N ARG C 356 -3.72 68.65 -56.86
CA ARG C 356 -2.93 69.85 -56.58
C ARG C 356 -3.26 70.45 -55.22
N GLU C 357 -4.44 70.15 -54.67
CA GLU C 357 -4.79 70.66 -53.35
C GLU C 357 -3.84 70.12 -52.29
N GLY C 358 -3.51 68.83 -52.36
CA GLY C 358 -2.56 68.27 -51.42
C GLY C 358 -1.16 68.83 -51.60
N LEU C 359 -0.73 69.00 -52.85
CA LEU C 359 0.61 69.51 -53.10
C LEU C 359 0.79 70.92 -52.56
N SER C 360 -0.22 71.78 -52.79
CA SER C 360 -0.15 73.14 -52.26
C SER C 360 -0.16 73.16 -50.74
N LEU C 361 -1.03 72.34 -50.13
CA LEU C 361 -1.10 72.29 -48.67
C LEU C 361 0.18 71.72 -48.06
N LEU C 362 0.76 70.70 -48.70
CA LEU C 362 1.97 70.09 -48.18
C LEU C 362 3.20 70.98 -48.32
N ALA C 363 3.10 72.09 -49.05
CA ALA C 363 4.25 72.96 -49.25
C ALA C 363 4.75 73.61 -47.96
N GLU C 364 3.95 73.57 -46.90
CA GLU C 364 4.36 74.14 -45.62
C GLU C 364 5.32 73.22 -44.89
N PRO D 19 -29.30 29.21 -11.40
CA PRO D 19 -28.11 30.06 -11.42
C PRO D 19 -27.45 30.12 -12.79
N THR D 20 -27.02 31.32 -13.18
CA THR D 20 -26.35 31.48 -14.47
C THR D 20 -24.94 30.90 -14.41
N LEU D 21 -24.35 30.74 -15.60
CA LEU D 21 -22.96 30.28 -15.68
C LEU D 21 -22.06 31.15 -14.83
N ARG D 22 -22.11 32.46 -15.04
CA ARG D 22 -21.36 33.38 -14.20
C ARG D 22 -22.16 33.82 -12.98
N GLU D 23 -22.81 32.87 -12.34
CA GLU D 23 -23.27 32.86 -10.97
C GLU D 23 -22.89 31.56 -10.29
N THR D 24 -22.97 30.44 -11.01
CA THR D 24 -22.37 29.20 -10.54
C THR D 24 -20.88 29.36 -10.35
N LEU D 25 -20.21 30.01 -11.30
CA LEU D 25 -18.78 30.26 -11.14
C LEU D 25 -18.52 31.17 -9.94
N GLY D 26 -19.43 32.11 -9.69
CA GLY D 26 -19.28 32.96 -8.51
C GLY D 26 -19.42 32.20 -7.22
N ARG D 27 -20.39 31.29 -7.14
CA ARG D 27 -20.50 30.43 -5.97
C ARG D 27 -19.32 29.49 -5.85
N LEU D 28 -18.72 29.11 -6.97
CA LEU D 28 -17.53 28.27 -6.99
C LEU D 28 -16.25 29.08 -6.85
N ALA D 29 -16.34 30.39 -6.74
CA ALA D 29 -15.17 31.18 -6.46
C ALA D 29 -14.65 30.84 -5.06
N PRO D 30 -13.34 30.93 -4.84
CA PRO D 30 -12.80 30.64 -3.51
C PRO D 30 -13.47 31.49 -2.43
N GLY D 31 -13.32 31.04 -1.19
CA GLY D 31 -13.94 31.68 -0.04
C GLY D 31 -15.35 31.20 0.22
N THR D 32 -16.12 30.98 -0.84
CA THR D 32 -17.49 30.52 -0.69
C THR D 32 -17.51 29.12 -0.08
N PRO D 33 -18.54 28.80 0.73
CA PRO D 33 -18.56 27.49 1.38
C PRO D 33 -18.54 26.31 0.41
N LEU D 34 -19.22 26.42 -0.73
CA LEU D 34 -19.21 25.32 -1.68
C LEU D 34 -17.83 25.08 -2.24
N ARG D 35 -17.10 26.15 -2.57
CA ARG D 35 -15.74 25.97 -3.04
C ARG D 35 -14.83 25.47 -1.92
N ASP D 36 -15.14 25.81 -0.66
CA ASP D 36 -14.37 25.26 0.45
C ASP D 36 -14.57 23.74 0.53
N GLY D 37 -15.80 23.28 0.36
CA GLY D 37 -16.03 21.84 0.35
C GLY D 37 -15.37 21.16 -0.83
N LEU D 38 -15.39 21.80 -1.99
CA LEU D 38 -14.69 21.26 -3.15
C LEU D 38 -13.20 21.14 -2.89
N GLU D 39 -12.60 22.15 -2.25
CA GLU D 39 -11.18 22.12 -1.93
C GLU D 39 -10.88 21.02 -0.92
N ARG D 40 -11.73 20.86 0.10
CA ARG D 40 -11.53 19.81 1.09
C ARG D 40 -11.58 18.44 0.44
N ILE D 41 -12.49 18.25 -0.52
CA ILE D 41 -12.53 16.99 -1.26
C ILE D 41 -11.26 16.83 -2.07
N LEU D 42 -10.81 17.90 -2.74
CA LEU D 42 -9.64 17.80 -3.60
C LEU D 42 -8.40 17.41 -2.82
N ARG D 43 -8.20 18.03 -1.65
CA ARG D 43 -7.08 17.63 -0.80
C ARG D 43 -7.27 16.24 -0.22
N GLY D 44 -8.52 15.78 -0.10
CA GLY D 44 -8.77 14.45 0.40
C GLY D 44 -8.48 13.35 -0.59
N ARG D 45 -8.18 13.70 -1.84
CA ARG D 45 -7.82 12.74 -2.88
C ARG D 45 -8.88 11.65 -2.95
N THR D 46 -10.09 12.07 -3.30
CA THR D 46 -11.21 11.15 -3.43
C THR D 46 -12.24 11.79 -4.34
N GLY D 47 -13.04 10.94 -4.97
CA GLY D 47 -14.04 11.43 -5.89
C GLY D 47 -15.17 12.15 -5.19
N ALA D 48 -15.95 12.88 -5.99
CA ALA D 48 -17.13 13.57 -5.50
C ALA D 48 -18.00 13.93 -6.68
N LEU D 49 -19.30 13.69 -6.55
CA LEU D 49 -20.28 14.06 -7.58
C LEU D 49 -21.37 14.86 -6.86
N ILE D 50 -21.14 16.16 -6.70
CA ILE D 50 -22.04 17.05 -5.99
C ILE D 50 -22.98 17.69 -6.99
N VAL D 51 -24.28 17.69 -6.69
CA VAL D 51 -25.27 18.28 -7.57
C VAL D 51 -26.18 19.19 -6.76
N LEU D 52 -26.58 20.30 -7.39
CA LEU D 52 -27.28 21.39 -6.72
C LEU D 52 -28.68 21.53 -7.28
N GLY D 53 -29.65 21.67 -6.40
CA GLY D 53 -31.04 21.81 -6.78
C GLY D 53 -31.90 20.67 -6.27
N TYR D 54 -33.21 20.89 -6.34
CA TYR D 54 -34.17 19.88 -5.93
C TYR D 54 -35.45 20.10 -6.72
N ASP D 55 -35.64 19.33 -7.78
CA ASP D 55 -36.88 19.35 -8.54
C ASP D 55 -37.41 17.92 -8.64
N ASP D 56 -38.53 17.76 -9.34
CA ASP D 56 -39.08 16.44 -9.53
C ASP D 56 -38.20 15.59 -10.44
N SER D 57 -37.46 16.22 -11.35
CA SER D 57 -36.60 15.45 -12.24
C SER D 57 -35.33 14.98 -11.52
N VAL D 58 -34.78 15.81 -10.63
CA VAL D 58 -33.61 15.41 -9.85
C VAL D 58 -33.92 14.17 -9.04
N GLU D 59 -35.08 14.15 -8.36
CA GLU D 59 -35.47 12.96 -7.63
C GLU D 59 -35.83 11.82 -8.57
N ALA D 60 -36.46 12.13 -9.72
CA ALA D 60 -36.87 11.09 -10.66
C ALA D 60 -35.67 10.40 -11.31
N ILE D 61 -34.50 11.01 -11.27
CA ILE D 61 -33.30 10.39 -11.81
C ILE D 61 -32.44 9.78 -10.70
N CYS D 62 -32.28 10.48 -9.59
CA CYS D 62 -31.47 9.94 -8.49
C CYS D 62 -32.16 8.75 -7.84
N ASP D 63 -31.36 7.79 -7.39
CA ASP D 63 -31.84 6.63 -6.66
C ASP D 63 -30.70 6.05 -5.86
N GLY D 64 -31.05 5.21 -4.89
CA GLY D 64 -30.04 4.56 -4.08
C GLY D 64 -29.31 5.50 -3.15
N GLY D 65 -30.00 6.00 -2.14
CA GLY D 65 -29.36 6.87 -1.17
C GLY D 65 -30.31 7.18 -0.04
N PHE D 66 -29.80 7.95 0.93
CA PHE D 66 -30.53 8.25 2.13
C PHE D 66 -31.19 9.62 2.03
N VAL D 67 -31.79 10.07 3.15
CA VAL D 67 -32.34 11.40 3.30
C VAL D 67 -31.90 11.93 4.65
N LEU D 68 -31.34 13.15 4.67
CA LEU D 68 -30.69 13.66 5.86
C LEU D 68 -31.37 14.88 6.47
N ASP D 69 -31.55 15.97 5.71
CA ASP D 69 -32.11 17.22 6.23
C ASP D 69 -31.31 17.75 7.41
N VAL D 70 -30.04 18.09 7.14
CA VAL D 70 -29.20 18.79 8.11
C VAL D 70 -28.52 19.95 7.40
N ARG D 71 -28.11 20.93 8.18
CA ARG D 71 -27.59 22.18 7.64
C ARG D 71 -26.25 21.96 6.94
N TYR D 72 -26.03 22.71 5.86
CA TYR D 72 -24.81 22.57 5.08
C TYR D 72 -23.59 22.93 5.91
N ALA D 73 -22.49 22.24 5.63
CA ALA D 73 -21.21 22.49 6.28
C ALA D 73 -20.11 22.01 5.34
N PRO D 74 -18.88 22.52 5.50
CA PRO D 74 -17.78 22.06 4.63
C PRO D 74 -17.41 20.59 4.80
N THR D 75 -17.86 19.92 5.85
CA THR D 75 -17.48 18.53 6.08
C THR D 75 -18.55 17.53 5.67
N ARG D 76 -19.84 17.92 5.63
CA ARG D 76 -20.89 16.96 5.30
C ARG D 76 -20.72 16.44 3.87
N LEU D 77 -20.52 17.34 2.91
CA LEU D 77 -20.34 16.91 1.54
C LEU D 77 -19.06 16.09 1.40
N ARG D 78 -18.02 16.48 2.12
CA ARG D 78 -16.77 15.74 2.05
C ARG D 78 -16.96 14.30 2.49
N GLU D 79 -17.62 14.09 3.64
CA GLU D 79 -17.83 12.74 4.13
C GLU D 79 -18.76 11.94 3.22
N LEU D 80 -19.87 12.54 2.81
CA LEU D 80 -20.81 11.79 1.96
C LEU D 80 -20.26 11.53 0.57
N SER D 81 -19.28 12.32 0.12
CA SER D 81 -18.56 11.99 -1.10
C SER D 81 -17.55 10.88 -0.87
N LYS D 82 -16.91 10.87 0.31
CA LYS D 82 -16.04 9.75 0.68
C LYS D 82 -16.82 8.46 0.75
N MET D 83 -18.09 8.53 1.06
CA MET D 83 -18.99 7.39 1.13
C MET D 83 -19.31 6.78 -0.28
N ASP D 84 -18.59 7.25 -1.30
CA ASP D 84 -18.62 6.70 -2.65
C ASP D 84 -20.02 6.79 -3.27
N GLY D 85 -20.43 8.04 -3.48
CA GLY D 85 -21.69 8.29 -4.15
C GLY D 85 -21.86 9.77 -4.41
N ALA D 86 -22.92 10.09 -5.15
CA ALA D 86 -23.23 11.46 -5.50
C ALA D 86 -24.06 12.12 -4.40
N VAL D 87 -23.71 13.36 -4.06
CA VAL D 87 -24.40 14.14 -3.05
C VAL D 87 -25.32 15.13 -3.75
N VAL D 88 -26.56 15.23 -3.29
CA VAL D 88 -27.51 16.21 -3.80
C VAL D 88 -27.64 17.32 -2.78
N LEU D 89 -27.86 18.55 -3.26
CA LEU D 89 -27.95 19.70 -2.38
C LEU D 89 -29.16 20.53 -2.77
N SER D 90 -29.62 21.33 -1.81
CA SER D 90 -30.69 22.28 -2.07
C SER D 90 -30.27 23.29 -3.13
N SER D 91 -31.26 23.84 -3.84
CA SER D 91 -30.98 24.74 -4.95
C SER D 91 -30.12 25.93 -4.52
N ASP D 92 -30.27 26.37 -3.27
CA ASP D 92 -29.39 27.38 -2.71
C ASP D 92 -28.14 26.79 -2.08
N GLY D 93 -28.00 25.46 -2.10
CA GLY D 93 -26.83 24.82 -1.51
C GLY D 93 -26.70 25.08 -0.03
N SER D 94 -27.80 24.88 0.71
CA SER D 94 -27.82 25.15 2.14
C SER D 94 -28.28 23.97 2.98
N ARG D 95 -29.06 23.05 2.42
CA ARG D 95 -29.55 21.90 3.17
C ARG D 95 -29.38 20.64 2.34
N ILE D 96 -28.88 19.59 2.99
CA ILE D 96 -28.56 18.33 2.32
C ILE D 96 -29.67 17.34 2.66
N LEU D 97 -30.22 16.70 1.63
CA LEU D 97 -31.34 15.80 1.85
C LEU D 97 -31.20 14.47 1.10
N ARG D 98 -30.09 14.23 0.43
CA ARG D 98 -29.83 12.95 -0.21
C ARG D 98 -28.37 12.58 0.02
N ALA D 99 -27.96 11.48 -0.58
CA ALA D 99 -26.57 11.02 -0.57
C ALA D 99 -26.49 9.79 -1.46
N ASN D 100 -25.27 9.44 -1.86
CA ASN D 100 -24.97 8.12 -2.39
C ASN D 100 -25.72 7.88 -3.70
N VAL D 101 -26.46 8.88 -4.18
CA VAL D 101 -27.34 8.65 -5.31
C VAL D 101 -26.53 8.26 -6.55
N GLN D 102 -27.17 7.56 -7.47
CA GLN D 102 -26.56 7.16 -8.74
C GLN D 102 -27.27 7.91 -9.84
N LEU D 103 -26.66 9.01 -10.30
CA LEU D 103 -27.31 9.91 -11.25
C LEU D 103 -27.42 9.20 -12.60
N VAL D 104 -28.63 8.76 -12.91
CA VAL D 104 -28.85 7.88 -14.07
C VAL D 104 -29.81 8.52 -15.08
N PRO D 105 -29.31 9.40 -15.95
CA PRO D 105 -30.14 9.91 -17.05
C PRO D 105 -30.23 8.88 -18.17
N ASP D 106 -31.12 9.17 -19.11
CA ASP D 106 -31.35 8.27 -20.23
C ASP D 106 -30.12 8.23 -21.14
N PRO D 107 -29.91 7.12 -21.86
CA PRO D 107 -28.80 7.06 -22.80
C PRO D 107 -29.07 7.73 -24.14
N SER D 108 -30.26 8.31 -24.32
CA SER D 108 -30.57 8.99 -25.57
C SER D 108 -29.75 10.27 -25.73
N ILE D 109 -29.47 10.96 -24.63
CA ILE D 109 -28.74 12.22 -24.68
C ILE D 109 -27.30 11.96 -25.08
N PRO D 110 -26.82 12.56 -26.17
CA PRO D 110 -25.43 12.34 -26.57
C PRO D 110 -24.45 12.97 -25.60
N THR D 111 -23.26 12.35 -25.52
CA THR D 111 -22.20 12.81 -24.63
C THR D 111 -20.90 12.18 -25.11
N ASP D 112 -19.92 13.01 -25.46
CA ASP D 112 -18.65 12.51 -26.00
C ASP D 112 -17.62 12.21 -24.92
N GLU D 113 -17.94 12.50 -23.66
CA GLU D 113 -17.02 12.19 -22.58
C GLU D 113 -16.81 10.69 -22.44
N SER D 114 -15.60 10.29 -22.06
CA SER D 114 -15.26 8.90 -21.81
C SER D 114 -15.03 8.73 -20.31
N GLY D 115 -15.95 8.03 -19.66
CA GLY D 115 -15.93 7.88 -18.21
C GLY D 115 -17.32 7.93 -17.62
N THR D 116 -17.70 6.93 -16.83
CA THR D 116 -19.08 6.81 -16.37
C THR D 116 -19.46 7.97 -15.45
N ARG D 117 -18.59 8.34 -14.52
CA ARG D 117 -18.90 9.45 -13.62
C ARG D 117 -19.14 10.73 -14.40
N HIS D 118 -18.24 11.04 -15.33
CA HIS D 118 -18.35 12.29 -16.07
C HIS D 118 -19.46 12.23 -17.12
N ARG D 119 -19.67 11.07 -17.74
CA ARG D 119 -20.80 10.93 -18.66
C ARG D 119 -22.13 11.15 -17.94
N SER D 120 -22.26 10.56 -16.76
CA SER D 120 -23.46 10.80 -15.96
C SER D 120 -23.60 12.26 -15.61
N ALA D 121 -22.49 12.92 -15.24
CA ALA D 121 -22.57 14.34 -14.89
C ALA D 121 -23.02 15.18 -16.08
N GLU D 122 -22.46 14.91 -17.27
CA GLU D 122 -22.82 15.69 -18.45
C GLU D 122 -24.28 15.47 -18.84
N ARG D 123 -24.73 14.22 -18.86
CA ARG D 123 -26.12 13.96 -19.22
C ARG D 123 -27.07 14.50 -18.18
N THR D 124 -26.69 14.46 -16.90
CA THR D 124 -27.51 15.08 -15.86
C THR D 124 -27.65 16.57 -16.08
N ALA D 125 -26.54 17.25 -16.40
CA ALA D 125 -26.60 18.68 -16.64
C ALA D 125 -27.45 19.00 -17.86
N ILE D 126 -27.34 18.19 -18.91
CA ILE D 126 -28.14 18.45 -20.11
C ILE D 126 -29.63 18.27 -19.81
N GLN D 127 -29.99 17.15 -19.19
CA GLN D 127 -31.41 16.89 -18.89
C GLN D 127 -31.97 17.93 -17.93
N THR D 128 -31.21 18.28 -16.91
CA THR D 128 -31.64 19.24 -15.90
C THR D 128 -30.58 20.33 -15.80
N GLY D 129 -30.94 21.54 -16.23
CA GLY D 129 -29.98 22.62 -16.30
C GLY D 129 -29.58 23.14 -14.94
N TYR D 130 -28.84 22.33 -14.20
CA TYR D 130 -28.45 22.61 -12.83
C TYR D 130 -26.94 22.48 -12.70
N PRO D 131 -26.35 23.09 -11.67
CA PRO D 131 -24.89 22.97 -11.48
C PRO D 131 -24.55 21.63 -10.85
N VAL D 132 -23.97 20.74 -11.65
CA VAL D 132 -23.48 19.44 -11.21
C VAL D 132 -21.96 19.46 -11.27
N ILE D 133 -21.31 19.09 -10.17
CA ILE D 133 -19.86 19.14 -10.06
C ILE D 133 -19.33 17.71 -10.10
N SER D 134 -18.36 17.47 -10.98
CA SER D 134 -17.79 16.15 -11.21
C SER D 134 -16.28 16.21 -10.97
N VAL D 135 -15.86 15.94 -9.75
CA VAL D 135 -14.44 15.90 -9.39
C VAL D 135 -13.94 14.49 -9.57
N SER D 136 -12.84 14.33 -10.30
CA SER D 136 -12.25 13.02 -10.55
C SER D 136 -11.10 12.78 -9.58
N HIS D 137 -11.03 11.57 -9.03
CA HIS D 137 -9.91 11.22 -8.18
C HIS D 137 -8.67 11.00 -9.02
N SER D 138 -7.52 10.93 -8.34
CA SER D 138 -6.20 10.79 -8.93
C SER D 138 -5.74 12.07 -9.61
N MET D 139 -6.62 13.07 -9.67
CA MET D 139 -6.28 14.38 -10.20
C MET D 139 -6.84 15.44 -9.27
N SER D 140 -6.54 16.70 -9.59
CA SER D 140 -7.05 17.85 -8.84
C SER D 140 -8.04 18.65 -9.67
N ILE D 141 -8.87 17.98 -10.45
CA ILE D 141 -9.72 18.62 -11.46
C ILE D 141 -11.11 18.82 -10.90
N VAL D 142 -11.66 20.01 -11.12
CA VAL D 142 -13.04 20.35 -10.78
C VAL D 142 -13.76 20.70 -12.08
N THR D 143 -14.93 20.10 -12.29
CA THR D 143 -15.61 20.20 -13.57
C THR D 143 -17.08 20.54 -13.37
N VAL D 144 -17.60 21.42 -14.22
CA VAL D 144 -19.01 21.79 -14.24
C VAL D 144 -19.50 21.75 -15.68
N TYR D 145 -20.69 21.17 -15.90
CA TYR D 145 -21.20 20.89 -17.24
C TYR D 145 -22.39 21.77 -17.61
N VAL D 146 -22.52 22.94 -16.99
CA VAL D 146 -23.73 23.74 -17.20
C VAL D 146 -23.75 24.36 -18.58
N ALA D 147 -24.96 24.71 -19.03
CA ALA D 147 -25.18 25.52 -20.22
C ALA D 147 -24.62 24.88 -21.49
N GLY D 148 -24.64 23.56 -21.57
CA GLY D 148 -24.24 22.88 -22.79
C GLY D 148 -22.75 22.74 -23.00
N GLU D 149 -21.93 23.21 -22.07
CA GLU D 149 -20.48 23.05 -22.15
C GLU D 149 -19.95 22.66 -20.77
N ARG D 150 -18.78 22.03 -20.77
CA ARG D 150 -18.09 21.67 -19.54
C ARG D 150 -16.91 22.61 -19.31
N HIS D 151 -16.82 23.15 -18.09
CA HIS D 151 -15.78 24.10 -17.75
C HIS D 151 -14.90 23.51 -16.65
N VAL D 152 -13.66 23.18 -16.99
CA VAL D 152 -12.70 22.70 -16.00
C VAL D 152 -12.25 23.90 -15.17
N VAL D 153 -12.63 23.92 -13.90
CA VAL D 153 -12.25 25.01 -13.02
C VAL D 153 -10.73 25.05 -12.93
N PRO D 154 -10.10 26.17 -13.25
CA PRO D 154 -8.64 26.22 -13.31
C PRO D 154 -8.04 26.68 -11.99
N ASP D 155 -6.77 26.31 -11.81
CA ASP D 155 -6.01 26.81 -10.67
C ASP D 155 -5.80 28.31 -10.82
N SER D 156 -5.60 28.98 -9.68
CA SER D 156 -5.48 30.43 -9.67
C SER D 156 -4.30 30.93 -10.50
N ALA D 157 -3.27 30.10 -10.70
CA ALA D 157 -2.07 30.56 -11.39
C ALA D 157 -2.38 30.97 -12.83
N THR D 158 -3.08 30.11 -13.57
CA THR D 158 -3.38 30.40 -14.96
C THR D 158 -4.30 31.62 -15.09
N ILE D 159 -5.28 31.73 -14.20
CA ILE D 159 -6.18 32.88 -14.24
C ILE D 159 -5.42 34.16 -14.00
N LEU D 160 -4.55 34.17 -12.97
CA LEU D 160 -3.76 35.35 -12.69
C LEU D 160 -2.83 35.68 -13.86
N SER D 161 -2.24 34.66 -14.48
CA SER D 161 -1.36 34.89 -15.60
C SER D 161 -2.09 35.58 -16.76
N ARG D 162 -3.24 35.03 -17.15
CA ARG D 162 -3.95 35.61 -18.29
C ARG D 162 -4.50 36.99 -17.95
N ALA D 163 -4.94 37.19 -16.70
CA ALA D 163 -5.42 38.51 -16.30
C ALA D 163 -4.30 39.53 -16.33
N ASN D 164 -3.11 39.17 -15.84
CA ASN D 164 -1.97 40.08 -15.87
C ASN D 164 -1.58 40.40 -17.31
N GLN D 165 -1.64 39.40 -18.19
CA GLN D 165 -1.36 39.65 -19.60
C GLN D 165 -2.38 40.61 -20.19
N THR D 166 -3.65 40.47 -19.82
CA THR D 166 -4.69 41.34 -20.36
C THR D 166 -4.59 42.76 -19.82
N ILE D 167 -4.11 42.91 -18.58
CA ILE D 167 -4.02 44.25 -17.99
C ILE D 167 -3.08 45.14 -18.78
N ALA D 168 -2.00 44.58 -19.31
CA ALA D 168 -1.07 45.38 -20.10
C ALA D 168 -1.74 45.93 -21.35
N THR D 169 -2.44 45.08 -22.09
CA THR D 169 -3.13 45.54 -23.29
C THR D 169 -4.20 46.57 -22.94
N LEU D 170 -4.93 46.34 -21.85
CA LEU D 170 -5.99 47.25 -21.47
C LEU D 170 -5.46 48.61 -21.01
N GLU D 171 -4.31 48.64 -20.32
CA GLU D 171 -3.75 49.93 -19.92
C GLU D 171 -3.16 50.67 -21.11
N ARG D 172 -2.55 49.95 -22.04
CA ARG D 172 -2.18 50.57 -23.31
C ARG D 172 -3.41 51.17 -23.98
N TYR D 173 -4.54 50.46 -23.88
CA TYR D 173 -5.78 50.98 -24.45
C TYR D 173 -6.24 52.25 -23.75
N LYS D 174 -6.16 52.30 -22.41
CA LYS D 174 -6.55 53.56 -21.76
C LYS D 174 -5.64 54.69 -22.22
N GLY D 175 -4.34 54.41 -22.38
CA GLY D 175 -3.44 55.45 -22.88
C GLY D 175 -3.87 55.97 -24.24
N ARG D 176 -4.17 55.05 -25.16
CA ARG D 176 -4.58 55.45 -26.49
C ARG D 176 -5.87 56.26 -26.45
N LEU D 177 -6.86 55.81 -25.67
CA LEU D 177 -8.09 56.56 -25.50
C LEU D 177 -7.84 57.96 -24.96
N ASP D 178 -7.04 58.08 -23.90
CA ASP D 178 -6.87 59.39 -23.28
C ASP D 178 -6.20 60.36 -24.24
N GLU D 179 -5.17 59.89 -24.97
CA GLU D 179 -4.49 60.82 -25.86
C GLU D 179 -5.35 61.18 -27.06
N VAL D 180 -6.05 60.21 -27.65
CA VAL D 180 -6.93 60.52 -28.78
C VAL D 180 -8.04 61.46 -28.37
N SER D 181 -8.65 61.22 -27.20
CA SER D 181 -9.76 62.04 -26.75
C SER D 181 -9.30 63.45 -26.39
N ARG D 182 -8.12 63.58 -25.78
CA ARG D 182 -7.59 64.91 -25.50
C ARG D 182 -7.32 65.67 -26.80
N GLN D 183 -6.77 64.98 -27.81
CA GLN D 183 -6.55 65.61 -29.10
C GLN D 183 -7.87 66.07 -29.71
N LEU D 184 -8.89 65.21 -29.66
CA LEU D 184 -10.18 65.57 -30.22
C LEU D 184 -10.82 66.74 -29.49
N SER D 185 -10.70 66.77 -28.17
CA SER D 185 -11.26 67.88 -27.40
C SER D 185 -10.55 69.20 -27.73
N THR D 186 -9.22 69.17 -27.82
CA THR D 186 -8.48 70.38 -28.18
C THR D 186 -8.86 70.84 -29.57
N ALA D 187 -9.03 69.91 -30.52
CA ALA D 187 -9.49 70.28 -31.85
C ALA D 187 -10.90 70.88 -31.80
N GLU D 188 -11.77 70.31 -30.96
CA GLU D 188 -13.15 70.77 -30.89
C GLU D 188 -13.26 72.12 -30.20
N ILE D 189 -12.22 72.52 -29.46
CA ILE D 189 -12.18 73.89 -28.94
C ILE D 189 -12.24 74.89 -30.09
N GLU D 190 -11.59 74.56 -31.21
CA GLU D 190 -11.68 75.34 -32.44
C GLU D 190 -12.33 74.48 -33.51
N ASP D 191 -13.46 73.88 -33.15
CA ASP D 191 -14.05 72.71 -33.80
C ASP D 191 -14.02 72.78 -35.32
N PHE D 192 -13.42 71.75 -35.93
CA PHE D 192 -13.63 71.40 -37.33
C PHE D 192 -13.58 69.88 -37.38
N VAL D 193 -14.72 69.27 -37.73
CA VAL D 193 -14.96 67.86 -37.47
C VAL D 193 -14.85 67.06 -38.76
N THR D 194 -14.20 65.91 -38.68
CA THR D 194 -14.18 64.93 -39.75
C THR D 194 -14.70 63.60 -39.23
N LEU D 195 -15.25 62.80 -40.15
CA LEU D 195 -15.90 61.54 -39.78
C LEU D 195 -14.93 60.59 -39.11
N ARG D 196 -13.73 60.43 -39.68
CA ARG D 196 -12.72 59.58 -39.06
C ARG D 196 -12.35 60.09 -37.67
N ASP D 197 -12.18 61.40 -37.53
CA ASP D 197 -11.84 61.96 -36.23
C ASP D 197 -12.99 61.86 -35.25
N VAL D 198 -14.23 61.85 -35.73
CA VAL D 198 -15.36 61.84 -34.80
C VAL D 198 -15.70 60.42 -34.35
N MET D 199 -15.32 59.39 -35.11
CA MET D 199 -15.61 58.03 -34.64
C MET D 199 -14.41 57.16 -34.35
N THR D 200 -13.17 57.65 -34.52
CA THR D 200 -12.04 56.90 -33.99
C THR D 200 -12.13 56.82 -32.47
N VAL D 201 -12.55 57.91 -31.83
CA VAL D 201 -12.76 57.90 -30.39
C VAL D 201 -13.79 56.86 -30.00
N VAL D 202 -14.87 56.74 -30.78
CA VAL D 202 -15.92 55.79 -30.46
C VAL D 202 -15.42 54.36 -30.63
N GLN D 203 -14.66 54.10 -31.69
CA GLN D 203 -14.09 52.77 -31.89
C GLN D 203 -13.19 52.38 -30.72
N ARG D 204 -12.30 53.28 -30.32
CA ARG D 204 -11.39 52.96 -29.23
C ARG D 204 -12.15 52.81 -27.91
N LEU D 205 -13.20 53.62 -27.71
CA LEU D 205 -14.01 53.49 -26.50
C LEU D 205 -14.72 52.15 -26.45
N GLU D 206 -15.24 51.70 -27.57
CA GLU D 206 -15.87 50.38 -27.59
C GLU D 206 -14.86 49.28 -27.34
N MET D 207 -13.65 49.41 -27.89
CA MET D 207 -12.62 48.41 -27.62
C MET D 207 -12.30 48.33 -26.14
N VAL D 208 -12.12 49.49 -25.48
CA VAL D 208 -11.78 49.46 -24.06
C VAL D 208 -12.96 48.93 -23.25
N ARG D 209 -14.19 49.22 -23.66
CA ARG D 209 -15.35 48.64 -22.98
C ARG D 209 -15.37 47.12 -23.08
N ARG D 210 -15.09 46.58 -24.27
CA ARG D 210 -15.08 45.14 -24.44
C ARG D 210 -14.00 44.49 -23.58
N ILE D 211 -12.82 45.07 -23.55
CA ILE D 211 -11.76 44.48 -22.73
C ILE D 211 -12.12 44.60 -21.25
N SER D 212 -12.77 45.68 -20.84
CA SER D 212 -13.22 45.79 -19.46
C SER D 212 -14.22 44.69 -19.11
N LEU D 213 -15.14 44.38 -20.03
CA LEU D 213 -16.08 43.29 -19.77
C LEU D 213 -15.36 41.95 -19.68
N GLU D 214 -14.36 41.72 -20.53
CA GLU D 214 -13.63 40.46 -20.49
C GLU D 214 -12.89 40.29 -19.16
N ILE D 215 -12.22 41.35 -18.72
CA ILE D 215 -11.52 41.27 -17.43
C ILE D 215 -12.54 41.16 -16.30
N ASP D 216 -13.74 41.70 -16.48
CA ASP D 216 -14.80 41.50 -15.49
C ASP D 216 -15.19 40.03 -15.39
N ALA D 217 -15.29 39.36 -16.54
CA ALA D 217 -15.57 37.92 -16.51
C ALA D 217 -14.45 37.16 -15.79
N ASP D 218 -13.20 37.55 -16.05
CA ASP D 218 -12.08 36.89 -15.38
C ASP D 218 -12.13 37.11 -13.87
N VAL D 219 -12.41 38.33 -13.42
CA VAL D 219 -12.46 38.55 -11.98
C VAL D 219 -13.67 37.86 -11.36
N VAL D 220 -14.77 37.72 -12.12
CA VAL D 220 -15.92 36.99 -11.61
C VAL D 220 -15.57 35.52 -11.38
N GLU D 221 -14.91 34.91 -12.35
CA GLU D 221 -14.52 33.51 -12.17
C GLU D 221 -13.39 33.36 -11.15
N LEU D 222 -12.65 34.43 -10.88
CA LEU D 222 -11.54 34.38 -9.94
C LEU D 222 -12.01 34.52 -8.50
N GLY D 223 -12.92 35.46 -8.24
CA GLY D 223 -13.61 35.57 -6.97
C GLY D 223 -12.94 36.33 -5.84
N THR D 224 -12.04 35.71 -5.09
CA THR D 224 -11.44 36.41 -3.96
C THR D 224 -9.95 36.21 -3.79
N ASP D 225 -9.36 35.17 -4.38
CA ASP D 225 -7.91 35.02 -4.31
C ASP D 225 -7.22 36.17 -5.05
N GLY D 226 -7.74 36.53 -6.22
CA GLY D 226 -7.24 37.69 -6.93
C GLY D 226 -8.02 38.93 -6.56
N ARG D 227 -7.96 39.31 -5.29
CA ARG D 227 -8.63 40.52 -4.84
C ARG D 227 -7.75 41.73 -5.09
N GLN D 228 -7.21 41.82 -6.31
CA GLN D 228 -6.47 42.99 -6.75
C GLN D 228 -6.85 43.46 -8.14
N LEU D 229 -7.39 42.60 -9.00
CA LEU D 229 -7.80 43.04 -10.33
C LEU D 229 -8.98 44.00 -10.26
N LYS D 230 -9.86 43.84 -9.26
CA LYS D 230 -10.90 44.84 -9.06
C LYS D 230 -10.29 46.19 -8.70
N LEU D 231 -9.25 46.19 -7.87
CA LEU D 231 -8.54 47.44 -7.57
C LEU D 231 -7.92 48.03 -8.83
N GLN D 232 -7.29 47.19 -9.65
CA GLN D 232 -6.68 47.67 -10.88
C GLN D 232 -7.72 48.30 -11.80
N LEU D 233 -8.85 47.62 -12.00
CA LEU D 233 -9.87 48.16 -12.89
C LEU D 233 -10.47 49.44 -12.33
N ASP D 234 -10.76 49.47 -11.01
CA ASP D 234 -11.32 50.68 -10.42
C ASP D 234 -10.35 51.86 -10.56
N GLU D 235 -9.06 51.61 -10.36
CA GLU D 235 -8.07 52.67 -10.52
C GLU D 235 -7.92 53.09 -11.97
N LEU D 236 -8.05 52.15 -12.91
CA LEU D 236 -7.69 52.44 -14.29
C LEU D 236 -8.86 52.94 -15.13
N VAL D 237 -9.91 52.12 -15.28
CA VAL D 237 -10.94 52.45 -16.26
C VAL D 237 -11.70 53.70 -15.85
N GLY D 238 -11.90 53.90 -14.54
CA GLY D 238 -12.58 55.08 -14.05
C GLY D 238 -13.96 55.26 -14.62
N ASP D 239 -14.11 56.22 -15.52
CA ASP D 239 -15.39 56.55 -16.15
C ASP D 239 -15.34 56.10 -17.61
N ASN D 240 -16.01 55.00 -17.92
CA ASN D 240 -16.13 54.50 -19.29
C ASN D 240 -17.56 54.50 -19.78
N GLU D 241 -18.50 53.95 -18.99
CA GLU D 241 -19.90 53.97 -19.39
C GLU D 241 -20.42 55.40 -19.43
N THR D 242 -20.01 56.24 -18.48
CA THR D 242 -20.39 57.65 -18.53
C THR D 242 -19.78 58.35 -19.73
N ALA D 243 -18.55 57.96 -20.09
CA ALA D 243 -17.93 58.50 -21.29
C ALA D 243 -18.73 58.14 -22.54
N ARG D 244 -19.16 56.88 -22.65
CA ARG D 244 -19.97 56.48 -23.78
C ARG D 244 -21.29 57.24 -23.80
N GLU D 245 -21.93 57.37 -22.64
CA GLU D 245 -23.20 58.11 -22.57
C GLU D 245 -23.01 59.55 -23.01
N LEU D 246 -21.96 60.21 -22.51
CA LEU D 246 -21.71 61.60 -22.86
C LEU D 246 -21.42 61.75 -24.34
N ILE D 247 -20.62 60.86 -24.92
CA ILE D 247 -20.26 61.00 -26.32
C ILE D 247 -21.47 60.76 -27.21
N VAL D 248 -22.33 59.80 -26.85
CA VAL D 248 -23.52 59.55 -27.67
C VAL D 248 -24.50 60.72 -27.54
N ARG D 249 -24.68 61.24 -26.32
CA ARG D 249 -25.60 62.37 -26.14
C ARG D 249 -25.13 63.59 -26.91
N ASP D 250 -23.86 63.97 -26.73
CA ASP D 250 -23.32 65.15 -27.40
C ASP D 250 -23.31 64.97 -28.91
N TYR D 251 -22.92 63.79 -29.38
CA TYR D 251 -22.67 63.57 -30.80
C TYR D 251 -23.65 62.52 -31.31
N HIS D 252 -24.76 62.99 -31.88
CA HIS D 252 -25.77 62.09 -32.46
C HIS D 252 -26.56 62.89 -33.49
N ALA D 253 -26.22 62.70 -34.76
CA ALA D 253 -26.83 63.47 -35.84
C ALA D 253 -28.23 62.96 -36.11
N ASN D 254 -29.22 63.61 -35.48
CA ASN D 254 -30.62 63.30 -35.71
C ASN D 254 -31.42 64.50 -35.24
N PRO D 255 -32.45 64.92 -35.98
CA PRO D 255 -33.12 66.20 -35.64
C PRO D 255 -33.62 66.27 -34.20
N ASP D 256 -34.18 65.17 -33.67
CA ASP D 256 -34.62 65.39 -32.30
C ASP D 256 -33.48 65.13 -31.32
N PRO D 257 -33.48 65.80 -30.17
CA PRO D 257 -32.46 65.55 -29.16
C PRO D 257 -32.51 64.10 -28.70
N PRO D 258 -31.35 63.43 -28.64
CA PRO D 258 -31.35 62.04 -28.15
C PRO D 258 -31.78 61.96 -26.70
N THR D 259 -32.51 60.91 -26.37
CA THR D 259 -33.04 60.69 -25.03
C THR D 259 -32.36 59.48 -24.40
N ALA D 260 -32.69 59.23 -23.14
CA ALA D 260 -32.09 58.12 -22.41
C ALA D 260 -32.39 56.79 -23.09
N ALA D 261 -33.63 56.59 -23.53
CA ALA D 261 -33.98 55.38 -24.26
C ALA D 261 -33.20 55.27 -25.56
N GLN D 262 -33.09 56.39 -26.30
CA GLN D 262 -32.34 56.37 -27.55
C GLN D 262 -30.86 56.11 -27.29
N VAL D 263 -30.30 56.71 -26.24
CA VAL D 263 -28.90 56.49 -25.92
C VAL D 263 -28.67 55.01 -25.58
N ALA D 264 -29.55 54.43 -24.76
CA ALA D 264 -29.41 53.02 -24.43
C ALA D 264 -29.52 52.15 -25.67
N ALA D 265 -30.50 52.45 -26.54
CA ALA D 265 -30.68 51.68 -27.76
C ALA D 265 -29.42 51.73 -28.63
N THR D 266 -28.83 52.91 -28.76
CA THR D 266 -27.57 53.02 -29.48
C THR D 266 -26.46 52.24 -28.78
N LEU D 267 -26.50 52.17 -27.44
CA LEU D 267 -25.47 51.44 -26.71
C LEU D 267 -25.52 49.95 -27.02
N GLU D 268 -26.69 49.33 -26.91
CA GLU D 268 -26.75 47.92 -27.31
C GLU D 268 -26.63 47.71 -28.81
N GLU D 269 -26.92 48.74 -29.61
CA GLU D 269 -26.64 48.62 -31.04
C GLU D 269 -25.14 48.54 -31.29
N LEU D 270 -24.36 49.36 -30.57
CA LEU D 270 -22.91 49.26 -30.65
C LEU D 270 -22.42 47.92 -30.14
N ASP D 271 -22.97 47.46 -29.02
CA ASP D 271 -22.57 46.18 -28.46
C ASP D 271 -22.92 45.03 -29.39
N SER D 272 -23.95 45.20 -30.22
CA SER D 272 -24.30 44.17 -31.18
C SER D 272 -23.30 44.09 -32.32
N LEU D 273 -22.62 45.19 -32.62
CA LEU D 273 -21.65 45.20 -33.69
C LEU D 273 -20.47 44.28 -33.37
N SER D 274 -19.97 43.60 -34.40
CA SER D 274 -18.77 42.80 -34.24
C SER D 274 -17.53 43.68 -34.41
N ASP D 275 -16.38 43.12 -34.06
CA ASP D 275 -15.13 43.86 -34.21
C ASP D 275 -14.87 44.18 -35.67
N SER D 276 -15.14 43.22 -36.56
CA SER D 276 -15.05 43.50 -37.99
C SER D 276 -16.00 44.63 -38.39
N GLU D 277 -17.20 44.63 -37.81
CA GLU D 277 -18.13 45.75 -37.98
C GLU D 277 -17.72 46.97 -37.17
N LEU D 278 -16.92 46.80 -36.13
CA LEU D 278 -16.47 47.93 -35.31
C LEU D 278 -15.39 48.75 -35.97
N LEU D 279 -14.50 48.11 -36.74
CA LEU D 279 -13.40 48.80 -37.39
C LEU D 279 -13.78 49.49 -38.68
N ASP D 280 -15.04 49.39 -39.12
CA ASP D 280 -15.51 50.08 -40.30
C ASP D 280 -16.27 51.33 -39.90
N PHE D 281 -15.85 52.48 -40.41
CA PHE D 281 -16.46 53.74 -40.02
C PHE D 281 -17.87 53.89 -40.57
N THR D 282 -18.19 53.20 -41.67
CA THR D 282 -19.52 53.29 -42.24
C THR D 282 -20.56 52.71 -41.30
N VAL D 283 -20.27 51.55 -40.72
CA VAL D 283 -21.22 50.92 -39.80
C VAL D 283 -21.37 51.77 -38.54
N LEU D 284 -20.26 52.26 -38.00
CA LEU D 284 -20.34 53.10 -36.81
C LEU D 284 -21.10 54.40 -37.09
N ALA D 285 -20.99 54.90 -38.32
CA ALA D 285 -21.76 56.09 -38.71
C ALA D 285 -23.24 55.78 -38.77
N ARG D 286 -23.62 54.70 -39.46
CA ARG D 286 -25.03 54.38 -39.62
C ARG D 286 -25.68 53.96 -38.31
N VAL D 287 -24.89 53.48 -37.34
CA VAL D 287 -25.45 53.25 -36.00
C VAL D 287 -25.86 54.57 -35.37
N PHE D 288 -24.96 55.56 -35.39
CA PHE D 288 -25.32 56.90 -34.93
C PHE D 288 -26.29 57.57 -35.89
N GLY D 289 -26.05 57.41 -37.20
CA GLY D 289 -26.86 57.97 -38.25
C GLY D 289 -26.17 59.14 -38.90
N TYR D 290 -25.44 58.86 -39.97
CA TYR D 290 -24.59 59.79 -40.71
C TYR D 290 -24.71 59.46 -42.19
N PRO D 291 -24.32 60.38 -43.06
CA PRO D 291 -24.15 60.01 -44.47
C PRO D 291 -23.07 58.95 -44.64
N SER D 292 -23.45 57.76 -45.08
CA SER D 292 -22.52 56.64 -45.18
C SER D 292 -21.55 56.78 -46.33
N THR D 293 -21.72 57.78 -47.19
CA THR D 293 -20.86 57.93 -48.36
C THR D 293 -19.43 58.25 -47.94
N ALA D 294 -18.48 57.87 -48.80
CA ALA D 294 -17.08 58.16 -48.56
C ALA D 294 -16.74 59.63 -48.73
N GLU D 295 -17.67 60.44 -49.23
CA GLU D 295 -17.47 61.88 -49.35
C GLU D 295 -17.90 62.65 -48.11
N ALA D 296 -18.47 61.97 -47.12
CA ALA D 296 -18.84 62.59 -45.86
C ALA D 296 -17.76 62.46 -44.80
N GLN D 297 -16.58 61.96 -45.17
CA GLN D 297 -15.51 61.81 -44.19
C GLN D 297 -15.07 63.15 -43.62
N ASP D 298 -15.27 64.23 -44.36
CA ASP D 298 -14.91 65.57 -43.92
C ASP D 298 -16.10 66.35 -43.39
N SER D 299 -17.26 65.70 -43.23
CA SER D 299 -18.44 66.38 -42.73
C SER D 299 -18.23 66.78 -41.28
N ALA D 300 -18.70 67.99 -40.93
CA ALA D 300 -18.52 68.56 -39.61
C ALA D 300 -19.86 68.94 -39.01
N MET D 301 -19.89 68.97 -37.68
CA MET D 301 -21.09 69.40 -36.95
C MET D 301 -20.64 70.05 -35.64
N SER D 302 -21.52 70.90 -35.10
CA SER D 302 -21.25 71.59 -33.86
C SER D 302 -21.51 70.67 -32.67
N SER D 303 -20.66 70.76 -31.66
CA SER D 303 -20.85 69.98 -30.45
C SER D 303 -22.13 70.41 -29.74
N ARG D 304 -22.90 69.41 -29.28
CA ARG D 304 -24.18 69.69 -28.64
C ARG D 304 -23.99 70.35 -27.27
N GLY D 305 -22.95 69.96 -26.54
CA GLY D 305 -22.65 70.62 -25.29
C GLY D 305 -22.31 69.68 -24.13
N TYR D 306 -22.66 68.40 -24.28
CA TYR D 306 -22.43 67.45 -23.19
C TYR D 306 -20.95 67.29 -22.89
N ARG D 307 -20.15 67.01 -23.92
CA ARG D 307 -18.76 66.61 -23.76
C ARG D 307 -17.92 67.64 -23.01
N ALA D 308 -17.74 68.82 -23.61
CA ALA D 308 -16.82 69.81 -23.05
C ALA D 308 -17.33 70.37 -21.72
N MET D 309 -18.63 70.66 -21.66
CA MET D 309 -19.18 71.30 -20.47
C MET D 309 -19.36 70.34 -19.31
N ALA D 310 -19.36 69.03 -19.57
CA ALA D 310 -19.51 68.05 -18.49
C ALA D 310 -18.33 68.06 -17.52
N ALA D 311 -17.23 68.72 -17.86
CA ALA D 311 -16.07 68.78 -16.97
C ALA D 311 -16.31 69.66 -15.75
N ILE D 312 -17.40 70.42 -15.71
CA ILE D 312 -17.66 71.32 -14.58
C ILE D 312 -17.95 70.50 -13.33
N PRO D 313 -17.25 70.73 -12.22
CA PRO D 313 -17.51 69.97 -11.00
C PRO D 313 -18.78 70.44 -10.30
N ARG D 314 -19.32 69.53 -9.47
CA ARG D 314 -20.50 69.81 -8.66
C ARG D 314 -21.67 70.28 -9.52
N LEU D 315 -21.84 69.63 -10.67
CA LEU D 315 -22.87 70.01 -11.63
C LEU D 315 -23.74 68.81 -11.94
N GLN D 316 -25.06 69.00 -11.89
CA GLN D 316 -26.01 67.92 -12.09
C GLN D 316 -26.30 67.72 -13.57
N PHE D 317 -26.80 66.52 -13.90
CA PHE D 317 -27.13 66.20 -15.28
C PHE D 317 -28.37 66.94 -15.76
N ALA D 318 -29.32 67.20 -14.86
CA ALA D 318 -30.51 67.95 -15.25
C ALA D 318 -30.15 69.36 -15.70
N HIS D 319 -29.20 69.99 -15.02
CA HIS D 319 -28.72 71.29 -15.47
C HIS D 319 -28.10 71.18 -16.86
N VAL D 320 -27.35 70.10 -17.11
CA VAL D 320 -26.75 69.90 -18.43
C VAL D 320 -27.83 69.81 -19.49
N ASP D 321 -28.89 69.04 -19.21
CA ASP D 321 -29.96 68.88 -20.20
C ASP D 321 -30.69 70.19 -20.45
N LEU D 322 -30.99 70.94 -19.39
CA LEU D 322 -31.71 72.19 -19.58
C LEU D 322 -30.85 73.23 -20.29
N LEU D 323 -29.55 73.25 -20.00
CA LEU D 323 -28.65 74.15 -20.71
C LEU D 323 -28.56 73.78 -22.18
N VAL D 324 -28.53 72.48 -22.48
CA VAL D 324 -28.54 72.03 -23.88
C VAL D 324 -29.83 72.48 -24.56
N ARG D 325 -30.96 72.35 -23.87
CA ARG D 325 -32.22 72.81 -24.43
C ARG D 325 -32.19 74.30 -24.71
N SER D 326 -31.61 75.08 -23.80
CA SER D 326 -31.55 76.52 -23.97
C SER D 326 -30.59 76.93 -25.08
N PHE D 327 -29.57 76.12 -25.34
CA PHE D 327 -28.57 76.47 -26.34
C PHE D 327 -28.63 75.57 -27.57
N GLY D 328 -28.54 74.25 -27.38
CA GLY D 328 -28.56 73.32 -28.50
C GLY D 328 -27.22 73.08 -29.17
N SER D 329 -26.18 73.77 -28.75
CA SER D 329 -24.85 73.59 -29.34
C SER D 329 -23.82 74.09 -28.34
N LEU D 330 -22.54 73.91 -28.70
CA LEU D 330 -21.43 74.33 -27.84
C LEU D 330 -20.71 75.57 -28.34
N GLN D 331 -20.65 75.78 -29.66
CA GLN D 331 -19.98 76.98 -30.17
C GLN D 331 -20.72 78.25 -29.77
N ASN D 332 -22.06 78.19 -29.75
CA ASN D 332 -22.83 79.33 -29.25
C ASN D 332 -22.60 79.54 -27.76
N LEU D 333 -22.36 78.45 -27.02
CA LEU D 333 -21.96 78.59 -25.62
C LEU D 333 -20.61 79.29 -25.51
N LEU D 334 -19.67 78.96 -26.40
CA LEU D 334 -18.39 79.66 -26.43
C LEU D 334 -18.59 81.13 -26.75
N ALA D 335 -19.49 81.44 -27.67
CA ALA D 335 -19.84 82.81 -28.00
C ALA D 335 -20.88 83.41 -27.07
N ALA D 336 -21.37 82.64 -26.10
CA ALA D 336 -22.33 83.15 -25.15
C ALA D 336 -21.68 84.15 -24.21
N SER D 337 -22.49 85.07 -23.70
CA SER D 337 -22.01 86.11 -22.79
C SER D 337 -21.95 85.55 -21.37
N ALA D 338 -21.76 86.43 -20.40
CA ALA D 338 -21.64 86.01 -19.00
C ALA D 338 -22.98 85.94 -18.29
N ASP D 339 -23.98 86.71 -18.74
CA ASP D 339 -25.27 86.76 -18.07
C ASP D 339 -26.38 86.05 -18.83
N ASP D 340 -26.16 85.66 -20.09
CA ASP D 340 -27.19 84.92 -20.81
C ASP D 340 -27.39 83.54 -20.20
N LEU D 341 -26.36 82.98 -19.57
CA LEU D 341 -26.54 81.76 -18.80
C LEU D 341 -27.49 82.00 -17.63
N GLN D 342 -27.36 83.15 -16.96
CA GLN D 342 -28.31 83.51 -15.91
C GLN D 342 -29.71 83.72 -16.48
N SER D 343 -29.80 84.19 -17.74
CA SER D 343 -31.09 84.37 -18.37
C SER D 343 -31.83 83.05 -18.59
N VAL D 344 -31.11 81.93 -18.60
CA VAL D 344 -31.76 80.63 -18.71
C VAL D 344 -32.62 80.39 -17.47
N ASP D 345 -33.74 79.68 -17.67
CA ASP D 345 -34.69 79.44 -16.60
C ASP D 345 -34.04 78.68 -15.45
N GLY D 346 -34.29 79.12 -14.23
CA GLY D 346 -33.77 78.45 -13.05
C GLY D 346 -32.30 78.64 -12.78
N ILE D 347 -31.68 79.69 -13.35
CA ILE D 347 -30.27 79.95 -13.18
C ILE D 347 -30.10 81.32 -12.56
N GLY D 348 -29.27 81.39 -11.51
CA GLY D 348 -28.95 82.64 -10.86
C GLY D 348 -27.76 83.33 -11.53
N SER D 349 -27.34 84.43 -10.90
CA SER D 349 -26.22 85.21 -11.44
C SER D 349 -24.88 84.60 -11.04
N MET D 350 -24.66 84.44 -9.73
CA MET D 350 -23.38 83.92 -9.25
C MET D 350 -23.18 82.47 -9.70
N TRP D 351 -24.26 81.69 -9.75
CA TRP D 351 -24.16 80.31 -10.25
C TRP D 351 -23.72 80.28 -11.71
N ALA D 352 -24.26 81.18 -12.52
CA ALA D 352 -23.86 81.24 -13.93
C ALA D 352 -22.43 81.73 -14.09
N ARG D 353 -21.95 82.56 -13.16
CA ARG D 353 -20.59 83.07 -13.25
C ARG D 353 -19.57 81.94 -13.11
N HIS D 354 -19.90 80.89 -12.36
CA HIS D 354 -19.00 79.76 -12.22
C HIS D 354 -18.79 79.05 -13.56
N ILE D 355 -19.85 78.90 -14.34
CA ILE D 355 -19.78 78.17 -15.60
C ILE D 355 -18.93 78.93 -16.60
N ARG D 356 -19.18 80.24 -16.74
CA ARG D 356 -18.45 81.04 -17.72
C ARG D 356 -16.96 81.09 -17.40
N GLU D 357 -16.61 81.22 -16.12
CA GLU D 357 -15.20 81.19 -15.73
C GLU D 357 -14.57 79.85 -16.08
N GLY D 358 -15.27 78.76 -15.79
CA GLY D 358 -14.74 77.44 -16.14
C GLY D 358 -14.67 77.23 -17.64
N LEU D 359 -15.71 77.63 -18.36
CA LEU D 359 -15.71 77.44 -19.81
C LEU D 359 -14.65 78.29 -20.49
N SER D 360 -14.41 79.50 -19.99
CA SER D 360 -13.35 80.33 -20.53
C SER D 360 -11.99 79.68 -20.33
N LEU D 361 -11.76 79.07 -19.17
CA LEU D 361 -10.51 78.37 -18.91
C LEU D 361 -10.39 77.10 -19.74
N LEU D 362 -11.49 76.60 -20.31
CA LEU D 362 -11.45 75.40 -21.12
C LEU D 362 -10.91 75.66 -22.52
N ALA D 363 -10.86 76.92 -22.96
CA ALA D 363 -10.38 77.22 -24.29
C ALA D 363 -8.91 76.84 -24.47
N GLU D 364 -8.09 77.12 -23.47
CA GLU D 364 -6.66 76.82 -23.54
C GLU D 364 -6.38 75.40 -23.05
N PRO E 19 26.11 -43.57 -3.39
CA PRO E 19 25.08 -42.58 -3.09
C PRO E 19 23.66 -43.13 -3.25
N THR E 20 23.30 -44.11 -2.43
CA THR E 20 22.00 -44.74 -2.53
C THR E 20 20.91 -43.83 -1.97
N LEU E 21 19.66 -44.17 -2.31
CA LEU E 21 18.53 -43.41 -1.80
C LEU E 21 18.44 -43.49 -0.28
N ARG E 22 18.54 -44.70 0.27
CA ARG E 22 18.46 -44.87 1.71
C ARG E 22 19.84 -44.77 2.37
N GLU E 23 20.60 -43.78 1.97
CA GLU E 23 21.63 -43.14 2.77
C GLU E 23 21.52 -41.64 2.68
N THR E 24 21.11 -41.11 1.52
CA THR E 24 20.78 -39.69 1.42
C THR E 24 19.59 -39.36 2.30
N LEU E 25 18.59 -40.26 2.35
CA LEU E 25 17.44 -40.03 3.24
C LEU E 25 17.88 -39.92 4.68
N GLY E 26 18.81 -40.77 5.12
CA GLY E 26 19.35 -40.63 6.46
C GLY E 26 20.15 -39.35 6.63
N ARG E 27 20.91 -38.96 5.61
CA ARG E 27 21.72 -37.74 5.70
C ARG E 27 20.85 -36.50 5.77
N LEU E 28 19.64 -36.54 5.23
CA LEU E 28 18.70 -35.43 5.33
C LEU E 28 17.67 -35.62 6.43
N ALA E 29 17.83 -36.66 7.25
CA ALA E 29 16.87 -36.93 8.30
C ALA E 29 16.92 -35.84 9.37
N PRO E 30 15.84 -35.67 10.14
CA PRO E 30 15.87 -34.71 11.24
C PRO E 30 17.00 -35.02 12.21
N GLY E 31 17.62 -33.97 12.72
CA GLY E 31 18.80 -34.09 13.54
C GLY E 31 20.04 -33.65 12.77
N THR E 32 20.06 -33.96 11.48
CA THR E 32 21.13 -33.50 10.62
C THR E 32 20.97 -32.00 10.34
N PRO E 33 22.09 -31.29 10.12
CA PRO E 33 21.98 -29.86 9.80
C PRO E 33 21.19 -29.58 8.54
N LEU E 34 21.20 -30.51 7.58
CA LEU E 34 20.43 -30.31 6.35
C LEU E 34 18.94 -30.17 6.66
N ARG E 35 18.43 -31.01 7.56
CA ARG E 35 17.02 -30.90 7.94
C ARG E 35 16.74 -29.60 8.68
N ASP E 36 17.70 -29.11 9.48
CA ASP E 36 17.51 -27.82 10.14
C ASP E 36 17.37 -26.71 9.12
N GLY E 37 18.24 -26.71 8.10
CA GLY E 37 18.11 -25.74 7.03
C GLY E 37 16.80 -25.87 6.28
N LEU E 38 16.37 -27.11 6.04
CA LEU E 38 15.09 -27.33 5.35
C LEU E 38 13.94 -26.78 6.16
N GLU E 39 13.95 -27.00 7.47
CA GLU E 39 12.89 -26.46 8.33
C GLU E 39 12.89 -24.94 8.31
N ARG E 40 14.07 -24.32 8.41
CA ARG E 40 14.13 -22.87 8.37
C ARG E 40 13.61 -22.33 7.05
N ILE E 41 13.96 -22.99 5.95
CA ILE E 41 13.42 -22.60 4.64
C ILE E 41 11.90 -22.71 4.64
N LEU E 42 11.38 -23.81 5.18
CA LEU E 42 9.93 -24.03 5.17
C LEU E 42 9.19 -22.97 5.96
N ARG E 43 9.71 -22.60 7.14
CA ARG E 43 9.06 -21.59 7.95
C ARG E 43 9.12 -20.21 7.32
N GLY E 44 10.03 -19.99 6.37
CA GLY E 44 10.17 -18.71 5.70
C GLY E 44 9.20 -18.45 4.57
N ARG E 45 8.37 -19.43 4.24
CA ARG E 45 7.39 -19.30 3.14
C ARG E 45 8.09 -18.94 1.83
N THR E 46 9.25 -19.54 1.60
CA THR E 46 9.99 -19.31 0.36
C THR E 46 10.76 -20.58 0.03
N GLY E 47 10.86 -20.89 -1.27
CA GLY E 47 11.46 -22.13 -1.72
C GLY E 47 12.98 -22.05 -1.76
N ALA E 48 13.56 -23.17 -2.17
CA ALA E 48 15.02 -23.30 -2.25
C ALA E 48 15.36 -24.45 -3.17
N LEU E 49 16.61 -24.47 -3.62
CA LEU E 49 17.14 -25.57 -4.42
C LEU E 49 18.58 -25.81 -3.98
N ILE E 50 18.85 -27.03 -3.52
CA ILE E 50 20.14 -27.39 -2.94
C ILE E 50 20.74 -28.53 -3.74
N VAL E 51 22.00 -28.40 -4.12
CA VAL E 51 22.73 -29.46 -4.82
C VAL E 51 23.97 -29.82 -4.02
N LEU E 52 24.15 -31.11 -3.78
CA LEU E 52 25.27 -31.63 -3.00
C LEU E 52 26.16 -32.44 -3.92
N GLY E 53 27.42 -32.03 -4.04
CA GLY E 53 28.33 -32.69 -4.94
C GLY E 53 28.89 -31.76 -6.01
N TYR E 54 30.20 -31.67 -6.10
CA TYR E 54 30.88 -30.79 -7.05
C TYR E 54 31.83 -31.61 -7.90
N ASP E 55 31.83 -31.35 -9.21
CA ASP E 55 32.74 -32.03 -10.13
C ASP E 55 32.86 -31.18 -11.40
N ASP E 56 33.43 -31.78 -12.44
CA ASP E 56 33.47 -31.12 -13.73
C ASP E 56 32.09 -30.94 -14.32
N SER E 57 31.20 -31.92 -14.13
CA SER E 57 29.83 -31.79 -14.62
C SER E 57 29.11 -30.64 -13.94
N VAL E 58 29.26 -30.52 -12.62
CA VAL E 58 28.64 -29.41 -11.90
C VAL E 58 29.21 -28.08 -12.39
N GLU E 59 30.53 -28.03 -12.63
CA GLU E 59 31.13 -26.82 -13.15
C GLU E 59 30.55 -26.45 -14.51
N ALA E 60 30.38 -27.44 -15.38
CA ALA E 60 29.85 -27.17 -16.72
C ALA E 60 28.35 -26.88 -16.69
N ILE E 61 27.66 -27.23 -15.61
CA ILE E 61 26.22 -27.04 -15.50
C ILE E 61 25.88 -25.90 -14.56
N CYS E 62 26.51 -25.88 -13.37
CA CYS E 62 26.16 -24.90 -12.33
C CYS E 62 27.05 -23.67 -12.50
N ASP E 63 26.57 -22.70 -13.27
CA ASP E 63 27.25 -21.44 -13.47
C ASP E 63 26.26 -20.31 -13.23
N GLY E 64 26.72 -19.08 -13.36
CA GLY E 64 25.90 -17.92 -13.04
C GLY E 64 25.83 -17.60 -11.56
N GLY E 65 26.49 -18.39 -10.71
CA GLY E 65 26.50 -18.12 -9.29
C GLY E 65 27.72 -17.35 -8.86
N PHE E 66 28.32 -17.74 -7.74
CA PHE E 66 29.50 -17.08 -7.23
C PHE E 66 30.48 -18.15 -6.77
N VAL E 67 31.53 -17.74 -6.07
CA VAL E 67 32.50 -18.66 -5.50
C VAL E 67 32.64 -18.32 -4.02
N LEU E 68 32.06 -19.14 -3.16
CA LEU E 68 31.92 -18.81 -1.75
C LEU E 68 33.03 -19.42 -0.88
N ASP E 69 33.08 -20.75 -0.81
CA ASP E 69 34.05 -21.47 0.02
C ASP E 69 33.99 -21.03 1.48
N VAL E 70 32.86 -21.32 2.13
CA VAL E 70 32.64 -20.97 3.52
C VAL E 70 32.17 -22.20 4.28
N ARG E 71 32.29 -22.13 5.60
CA ARG E 71 31.91 -23.23 6.47
C ARG E 71 30.40 -23.43 6.46
N TYR E 72 29.97 -24.69 6.43
CA TYR E 72 28.55 -25.02 6.36
C TYR E 72 27.81 -24.57 7.62
N ALA E 73 26.57 -24.14 7.42
CA ALA E 73 25.65 -23.76 8.49
C ALA E 73 24.24 -23.61 7.92
N PRO E 74 23.21 -24.02 8.67
CA PRO E 74 21.84 -23.97 8.12
C PRO E 74 21.38 -22.57 7.75
N THR E 75 21.80 -21.54 8.50
CA THR E 75 21.38 -20.19 8.21
C THR E 75 21.89 -19.69 6.87
N ARG E 76 23.09 -20.12 6.46
CA ARG E 76 23.61 -19.73 5.16
C ARG E 76 22.70 -20.22 4.04
N LEU E 77 22.29 -21.49 4.11
CA LEU E 77 21.34 -22.03 3.15
C LEU E 77 20.01 -21.31 3.24
N ARG E 78 19.59 -20.97 4.45
CA ARG E 78 18.33 -20.24 4.62
C ARG E 78 18.37 -18.92 3.86
N GLU E 79 19.47 -18.18 3.97
CA GLU E 79 19.55 -16.89 3.27
C GLU E 79 19.72 -17.07 1.77
N LEU E 80 20.60 -17.99 1.35
CA LEU E 80 20.81 -18.23 -0.07
C LEU E 80 19.57 -18.78 -0.75
N SER E 81 18.61 -19.30 0.02
CA SER E 81 17.33 -19.68 -0.55
C SER E 81 16.66 -18.50 -1.24
N LYS E 82 16.82 -17.30 -0.69
CA LYS E 82 16.25 -16.09 -1.28
C LYS E 82 16.95 -15.69 -2.58
N MET E 83 18.12 -16.27 -2.87
CA MET E 83 18.89 -15.85 -4.04
C MET E 83 18.22 -16.20 -5.35
N ASP E 84 17.17 -17.02 -5.34
CA ASP E 84 16.48 -17.45 -6.56
C ASP E 84 17.43 -18.21 -7.49
N GLY E 85 17.90 -19.35 -6.99
CA GLY E 85 18.83 -20.18 -7.74
C GLY E 85 19.05 -21.54 -7.12
N ALA E 86 20.30 -21.98 -7.05
CA ALA E 86 20.62 -23.25 -6.41
C ALA E 86 21.94 -23.12 -5.67
N VAL E 87 22.01 -23.71 -4.48
CA VAL E 87 23.18 -23.65 -3.62
C VAL E 87 24.03 -24.87 -3.92
N VAL E 88 25.30 -24.65 -4.28
CA VAL E 88 26.21 -25.74 -4.56
C VAL E 88 26.85 -26.21 -3.27
N LEU E 89 26.81 -27.51 -3.03
CA LEU E 89 27.49 -28.15 -1.91
C LEU E 89 28.40 -29.24 -2.44
N SER E 90 29.40 -29.58 -1.63
CA SER E 90 30.38 -30.60 -2.01
C SER E 90 29.70 -31.98 -1.94
N SER E 91 30.50 -33.03 -2.12
CA SER E 91 29.96 -34.38 -2.08
C SER E 91 29.36 -34.69 -0.71
N ASP E 92 30.04 -34.29 0.36
CA ASP E 92 29.52 -34.48 1.70
C ASP E 92 28.51 -33.41 2.10
N GLY E 93 28.31 -32.39 1.27
CA GLY E 93 27.44 -31.30 1.63
C GLY E 93 27.93 -30.48 2.80
N SER E 94 29.23 -30.31 2.94
CA SER E 94 29.82 -29.57 4.06
C SER E 94 30.51 -28.30 3.64
N ARG E 95 30.71 -28.06 2.34
CA ARG E 95 31.38 -26.86 1.85
C ARG E 95 30.46 -26.14 0.89
N ILE E 96 30.13 -24.89 1.20
CA ILE E 96 29.29 -24.05 0.36
C ILE E 96 30.19 -23.42 -0.69
N LEU E 97 30.26 -24.02 -1.87
CA LEU E 97 31.14 -23.51 -2.91
C LEU E 97 30.52 -22.34 -3.66
N ARG E 98 29.35 -22.54 -4.25
CA ARG E 98 28.69 -21.53 -5.05
C ARG E 98 27.36 -21.15 -4.42
N ALA E 99 26.63 -20.28 -5.11
CA ALA E 99 25.33 -19.83 -4.64
C ALA E 99 24.59 -19.19 -5.81
N ASN E 100 23.32 -19.55 -5.97
CA ASN E 100 22.48 -19.06 -7.07
C ASN E 100 23.12 -19.35 -8.42
N VAL E 101 23.31 -20.63 -8.69
CA VAL E 101 23.83 -21.07 -9.97
C VAL E 101 22.67 -21.23 -10.95
N GLN E 102 22.88 -20.79 -12.18
CA GLN E 102 21.89 -20.96 -13.24
C GLN E 102 21.86 -22.44 -13.62
N LEU E 103 20.92 -23.18 -13.05
CA LEU E 103 20.84 -24.62 -13.24
C LEU E 103 20.32 -24.89 -14.66
N VAL E 104 21.22 -24.81 -15.62
CA VAL E 104 20.90 -25.14 -17.01
C VAL E 104 20.96 -26.66 -17.17
N PRO E 105 19.85 -27.31 -17.49
CA PRO E 105 19.88 -28.78 -17.62
C PRO E 105 20.18 -29.19 -19.04
N ASP E 106 20.27 -30.50 -19.28
CA ASP E 106 20.44 -31.02 -20.62
C ASP E 106 19.07 -31.33 -21.20
N PRO E 107 18.63 -30.67 -22.28
CA PRO E 107 17.31 -30.97 -22.85
C PRO E 107 17.16 -32.40 -23.32
N SER E 108 18.27 -33.08 -23.62
CA SER E 108 18.22 -34.49 -23.99
C SER E 108 17.77 -35.39 -22.84
N ILE E 109 17.73 -34.87 -21.63
CA ILE E 109 17.32 -35.64 -20.46
C ILE E 109 15.81 -35.52 -20.30
N PRO E 110 15.05 -36.59 -20.47
CA PRO E 110 13.59 -36.51 -20.25
C PRO E 110 13.25 -36.40 -18.78
N THR E 111 12.12 -35.75 -18.51
CA THR E 111 11.65 -35.58 -17.14
C THR E 111 10.16 -35.34 -17.17
N ASP E 112 9.39 -36.23 -16.55
CA ASP E 112 7.94 -36.11 -16.52
C ASP E 112 7.47 -35.07 -15.51
N GLU E 113 8.34 -34.58 -14.64
CA GLU E 113 7.93 -33.62 -13.62
C GLU E 113 7.52 -32.31 -14.27
N SER E 114 6.40 -31.75 -13.78
CA SER E 114 5.88 -30.49 -14.29
C SER E 114 6.46 -29.33 -13.49
N GLY E 115 6.88 -28.29 -14.20
CA GLY E 115 7.50 -27.13 -13.60
C GLY E 115 8.85 -26.84 -14.20
N THR E 116 9.46 -25.75 -13.73
CA THR E 116 10.77 -25.32 -14.20
C THR E 116 11.89 -25.78 -13.27
N ARG E 117 11.87 -25.33 -12.02
CA ARG E 117 12.96 -25.66 -11.10
C ARG E 117 12.99 -27.14 -10.78
N HIS E 118 11.82 -27.75 -10.56
CA HIS E 118 11.77 -29.17 -10.27
C HIS E 118 12.24 -29.99 -11.46
N ARG E 119 11.84 -29.60 -12.67
CA ARG E 119 12.28 -30.31 -13.88
C ARG E 119 13.78 -30.20 -14.04
N SER E 120 14.34 -29.01 -13.83
CA SER E 120 15.79 -28.85 -13.93
C SER E 120 16.51 -29.66 -12.87
N ALA E 121 15.97 -29.71 -11.65
CA ALA E 121 16.59 -30.49 -10.58
C ALA E 121 16.60 -31.97 -10.93
N GLU E 122 15.47 -32.50 -11.42
CA GLU E 122 15.43 -33.89 -11.82
C GLU E 122 16.37 -34.15 -12.99
N ARG E 123 16.44 -33.22 -13.94
CA ARG E 123 17.31 -33.41 -15.09
C ARG E 123 18.78 -33.45 -14.70
N THR E 124 19.20 -32.58 -13.79
CA THR E 124 20.60 -32.60 -13.36
C THR E 124 20.89 -33.78 -12.45
N ALA E 125 19.90 -34.24 -11.68
CA ALA E 125 20.07 -35.48 -10.92
C ALA E 125 20.25 -36.68 -11.84
N ILE E 126 19.54 -36.69 -12.97
CA ILE E 126 19.75 -37.73 -13.96
C ILE E 126 21.11 -37.57 -14.62
N GLN E 127 21.51 -36.33 -14.90
CA GLN E 127 22.78 -36.08 -15.56
C GLN E 127 23.95 -36.58 -14.72
N THR E 128 24.00 -36.17 -13.45
CA THR E 128 25.10 -36.55 -12.58
C THR E 128 24.53 -37.19 -11.31
N GLY E 129 25.21 -38.23 -10.84
CA GLY E 129 24.69 -39.06 -9.78
C GLY E 129 24.54 -38.38 -8.43
N TYR E 130 25.14 -37.20 -8.25
CA TYR E 130 25.05 -36.52 -6.96
C TYR E 130 23.62 -36.06 -6.71
N PRO E 131 23.14 -36.17 -5.46
CA PRO E 131 21.74 -35.85 -5.18
C PRO E 131 21.45 -34.37 -5.31
N VAL E 132 20.19 -34.05 -5.61
CA VAL E 132 19.70 -32.69 -5.71
C VAL E 132 18.39 -32.62 -4.93
N ILE E 133 18.24 -31.59 -4.11
CA ILE E 133 17.09 -31.44 -3.23
C ILE E 133 16.41 -30.10 -3.54
N SER E 134 15.09 -30.12 -3.64
CA SER E 134 14.32 -28.91 -3.89
C SER E 134 13.18 -28.81 -2.89
N VAL E 135 12.85 -27.57 -2.52
CA VAL E 135 11.72 -27.30 -1.63
C VAL E 135 10.85 -26.24 -2.29
N SER E 136 9.54 -26.51 -2.36
CA SER E 136 8.63 -25.58 -3.01
C SER E 136 8.48 -24.31 -2.18
N HIS E 137 7.92 -23.28 -2.81
CA HIS E 137 7.78 -21.97 -2.20
C HIS E 137 6.40 -21.81 -1.59
N SER E 138 6.37 -21.27 -0.37
CA SER E 138 5.17 -20.88 0.36
C SER E 138 4.26 -22.06 0.72
N MET E 139 4.59 -23.27 0.29
CA MET E 139 3.92 -24.47 0.77
C MET E 139 4.75 -25.14 1.86
N SER E 140 4.19 -26.19 2.44
CA SER E 140 4.86 -26.98 3.46
C SER E 140 5.47 -28.25 2.88
N ILE E 141 5.49 -28.39 1.56
CA ILE E 141 5.93 -29.62 0.90
C ILE E 141 7.41 -29.54 0.60
N VAL E 142 8.03 -30.70 0.44
CA VAL E 142 9.44 -30.79 0.08
C VAL E 142 9.55 -31.59 -1.21
N THR E 143 10.78 -31.83 -1.66
CA THR E 143 11.02 -32.65 -2.84
C THR E 143 12.46 -33.16 -2.78
N VAL E 144 12.64 -34.43 -3.10
CA VAL E 144 13.95 -35.08 -3.07
C VAL E 144 14.18 -35.77 -4.39
N TYR E 145 15.36 -35.60 -4.97
CA TYR E 145 15.69 -36.13 -6.29
C TYR E 145 16.97 -36.97 -6.22
N VAL E 146 17.03 -37.87 -5.26
CA VAL E 146 18.20 -38.72 -5.07
C VAL E 146 18.09 -39.94 -5.95
N ALA E 147 19.22 -40.33 -6.55
CA ALA E 147 19.37 -41.57 -7.31
C ALA E 147 18.38 -41.70 -8.46
N GLY E 148 17.85 -40.58 -8.94
CA GLY E 148 16.86 -40.58 -10.00
C GLY E 148 15.43 -40.79 -9.53
N GLU E 149 15.24 -41.60 -8.50
CA GLU E 149 13.90 -41.84 -7.95
C GLU E 149 13.46 -40.63 -7.15
N ARG E 150 12.56 -39.84 -7.72
CA ARG E 150 12.04 -38.68 -7.02
C ARG E 150 11.27 -39.12 -5.78
N HIS E 151 11.53 -38.47 -4.66
CA HIS E 151 10.92 -38.82 -3.39
C HIS E 151 10.40 -37.58 -2.70
N VAL E 152 9.31 -37.73 -1.96
CA VAL E 152 8.72 -36.65 -1.17
C VAL E 152 8.72 -37.07 0.28
N VAL E 153 9.34 -36.27 1.14
CA VAL E 153 9.42 -36.58 2.57
C VAL E 153 8.12 -36.19 3.24
N PRO E 154 7.43 -37.11 3.89
CA PRO E 154 6.19 -36.78 4.59
C PRO E 154 6.48 -36.08 5.91
N ASP E 155 5.42 -35.57 6.51
CA ASP E 155 5.52 -34.94 7.82
C ASP E 155 5.56 -36.01 8.92
N SER E 156 5.88 -35.56 10.13
CA SER E 156 6.06 -36.50 11.23
C SER E 156 4.76 -37.20 11.61
N ALA E 157 3.63 -36.50 11.49
CA ALA E 157 2.36 -37.08 11.94
C ALA E 157 1.99 -38.31 11.14
N THR E 158 2.06 -38.21 9.80
CA THR E 158 1.71 -39.35 8.96
C THR E 158 2.67 -40.51 9.16
N ILE E 159 3.97 -40.20 9.29
CA ILE E 159 4.96 -41.26 9.48
C ILE E 159 4.71 -41.99 10.79
N LEU E 160 4.44 -41.26 11.87
CA LEU E 160 4.15 -41.91 13.14
C LEU E 160 2.83 -42.68 13.11
N SER E 161 1.84 -42.18 12.37
CA SER E 161 0.59 -42.92 12.21
C SER E 161 0.86 -44.25 11.52
N ARG E 162 1.63 -44.23 10.44
CA ARG E 162 1.98 -45.48 9.77
C ARG E 162 2.75 -46.41 10.71
N ALA E 163 3.69 -45.86 11.46
CA ALA E 163 4.53 -46.68 12.33
C ALA E 163 3.70 -47.37 13.40
N ASN E 164 2.90 -46.60 14.14
CA ASN E 164 2.13 -47.19 15.23
C ASN E 164 0.91 -47.96 14.74
N GLN E 165 0.53 -47.81 13.48
CA GLN E 165 -0.44 -48.73 12.90
C GLN E 165 0.21 -50.08 12.60
N THR E 166 1.42 -50.06 12.05
CA THR E 166 2.12 -51.31 11.74
C THR E 166 2.62 -52.01 13.00
N ILE E 167 2.80 -51.27 14.11
CA ILE E 167 3.30 -51.88 15.33
C ILE E 167 2.33 -52.93 15.86
N ALA E 168 1.02 -52.67 15.74
CA ALA E 168 0.03 -53.65 16.21
C ALA E 168 0.12 -54.95 15.42
N THR E 169 0.22 -54.85 14.10
CA THR E 169 0.39 -56.06 13.28
C THR E 169 1.69 -56.76 13.63
N LEU E 170 2.76 -55.99 13.84
CA LEU E 170 4.04 -56.60 14.19
C LEU E 170 3.94 -57.36 15.52
N GLU E 171 3.29 -56.77 16.52
CA GLU E 171 3.23 -57.42 17.83
C GLU E 171 2.33 -58.64 17.79
N ARG E 172 1.21 -58.58 17.06
CA ARG E 172 0.35 -59.76 16.98
C ARG E 172 1.04 -60.88 16.21
N TYR E 173 1.80 -60.54 15.16
CA TYR E 173 2.53 -61.56 14.42
C TYR E 173 3.67 -62.14 15.26
N LYS E 174 4.30 -61.32 16.09
CA LYS E 174 5.34 -61.83 16.98
C LYS E 174 4.75 -62.74 18.05
N GLY E 175 3.55 -62.43 18.53
CA GLY E 175 2.86 -63.34 19.43
C GLY E 175 2.53 -64.67 18.76
N ARG E 176 2.07 -64.61 17.50
CA ARG E 176 1.84 -65.85 16.76
C ARG E 176 3.12 -66.65 16.60
N LEU E 177 4.23 -65.96 16.28
CA LEU E 177 5.51 -66.64 16.15
C LEU E 177 5.95 -67.27 17.46
N ASP E 178 5.75 -66.57 18.58
CA ASP E 178 6.21 -67.11 19.85
C ASP E 178 5.36 -68.29 20.32
N GLU E 179 4.05 -68.25 20.05
CA GLU E 179 3.23 -69.40 20.39
C GLU E 179 3.55 -70.60 19.50
N VAL E 180 3.85 -70.34 18.22
CA VAL E 180 4.30 -71.43 17.35
C VAL E 180 5.62 -72.01 17.86
N SER E 181 6.52 -71.14 18.31
CA SER E 181 7.80 -71.60 18.85
C SER E 181 7.59 -72.44 20.11
N ARG E 182 6.67 -72.02 20.99
CA ARG E 182 6.47 -72.76 22.22
C ARG E 182 5.78 -74.10 21.97
N GLN E 183 4.87 -74.16 20.99
CA GLN E 183 4.29 -75.45 20.65
C GLN E 183 5.32 -76.36 19.97
N LEU E 184 6.23 -75.78 19.19
CA LEU E 184 7.32 -76.57 18.64
C LEU E 184 8.22 -77.12 19.75
N SER E 185 8.49 -76.29 20.77
CA SER E 185 9.28 -76.76 21.90
C SER E 185 8.57 -77.89 22.65
N THR E 186 7.25 -77.76 22.83
CA THR E 186 6.49 -78.82 23.48
C THR E 186 6.54 -80.10 22.66
N ALA E 187 6.47 -79.99 21.33
CA ALA E 187 6.63 -81.16 20.48
C ALA E 187 8.02 -81.75 20.61
N GLU E 188 9.04 -80.90 20.72
CA GLU E 188 10.42 -81.37 20.79
C GLU E 188 10.73 -82.07 22.09
N ILE E 189 10.11 -81.64 23.20
CA ILE E 189 10.41 -82.27 24.49
C ILE E 189 9.97 -83.73 24.49
N GLU E 190 8.99 -84.08 23.66
CA GLU E 190 8.60 -85.48 23.47
C GLU E 190 9.32 -86.13 22.29
N ASP E 191 10.14 -85.37 21.57
CA ASP E 191 10.96 -85.86 20.46
C ASP E 191 10.09 -86.48 19.36
N PHE E 192 9.16 -85.67 18.85
CA PHE E 192 8.47 -85.97 17.60
C PHE E 192 8.47 -84.69 16.77
N VAL E 193 9.19 -84.70 15.66
CA VAL E 193 9.38 -83.52 14.83
C VAL E 193 8.91 -83.85 13.41
N THR E 194 8.02 -83.01 12.87
CA THR E 194 7.58 -83.11 11.50
C THR E 194 8.17 -81.96 10.69
N LEU E 195 8.19 -82.13 9.38
CA LEU E 195 8.74 -81.09 8.51
C LEU E 195 7.93 -79.81 8.59
N ARG E 196 6.60 -79.92 8.74
CA ARG E 196 5.76 -78.73 8.81
C ARG E 196 6.00 -77.94 10.09
N ASP E 197 6.32 -78.61 11.20
CA ASP E 197 6.56 -77.91 12.44
C ASP E 197 7.77 -76.99 12.35
N VAL E 198 8.86 -77.47 11.75
CA VAL E 198 10.02 -76.62 11.50
C VAL E 198 9.70 -75.59 10.43
N MET E 199 8.91 -75.99 9.43
CA MET E 199 8.64 -75.13 8.29
C MET E 199 7.87 -73.87 8.69
N THR E 200 6.84 -74.03 9.53
CA THR E 200 6.07 -72.86 9.96
C THR E 200 6.91 -71.93 10.81
N VAL E 201 7.79 -72.49 11.65
CA VAL E 201 8.69 -71.65 12.45
C VAL E 201 9.62 -70.86 11.55
N VAL E 202 10.19 -71.52 10.53
CA VAL E 202 11.08 -70.82 9.60
C VAL E 202 10.34 -69.73 8.85
N GLN E 203 9.12 -70.02 8.39
CA GLN E 203 8.35 -69.03 7.66
C GLN E 203 8.01 -67.82 8.53
N ARG E 204 7.59 -68.06 9.77
CA ARG E 204 7.26 -66.94 10.65
C ARG E 204 8.51 -66.14 11.01
N LEU E 205 9.65 -66.82 11.20
CA LEU E 205 10.90 -66.11 11.46
C LEU E 205 11.28 -65.22 10.28
N GLU E 206 11.14 -65.74 9.06
CA GLU E 206 11.43 -64.93 7.88
C GLU E 206 10.50 -63.73 7.80
N MET E 207 9.20 -63.94 8.06
CA MET E 207 8.24 -62.85 7.93
C MET E 207 8.51 -61.77 8.98
N VAL E 208 8.82 -62.17 10.22
CA VAL E 208 9.09 -61.18 11.25
C VAL E 208 10.39 -60.44 10.96
N ARG E 209 11.40 -61.14 10.42
CA ARG E 209 12.63 -60.46 10.03
C ARG E 209 12.36 -59.44 8.94
N ARG E 210 11.56 -59.81 7.94
CA ARG E 210 11.26 -58.90 6.84
C ARG E 210 10.52 -57.67 7.34
N ILE E 211 9.50 -57.87 8.17
CA ILE E 211 8.74 -56.72 8.67
C ILE E 211 9.60 -55.86 9.60
N SER E 212 10.50 -56.49 10.37
CA SER E 212 11.40 -55.72 11.22
C SER E 212 12.31 -54.83 10.37
N LEU E 213 12.86 -55.37 9.29
CA LEU E 213 13.69 -54.55 8.41
C LEU E 213 12.86 -53.44 7.77
N GLU E 214 11.63 -53.75 7.37
CA GLU E 214 10.78 -52.74 6.75
C GLU E 214 10.49 -51.59 7.70
N ILE E 215 10.24 -51.91 8.97
CA ILE E 215 10.02 -50.85 9.97
C ILE E 215 11.32 -50.12 10.28
N ASP E 216 12.44 -50.84 10.27
CA ASP E 216 13.73 -50.20 10.53
C ASP E 216 14.08 -49.18 9.44
N ALA E 217 13.61 -49.41 8.22
CA ALA E 217 13.79 -48.42 7.17
C ALA E 217 13.16 -47.08 7.56
N ASP E 218 11.91 -47.12 8.04
CA ASP E 218 11.26 -45.91 8.51
C ASP E 218 11.90 -45.37 9.78
N VAL E 219 12.47 -46.24 10.60
CA VAL E 219 13.20 -45.79 11.79
C VAL E 219 14.40 -44.95 11.37
N VAL E 220 15.15 -45.42 10.38
CA VAL E 220 16.28 -44.66 9.86
C VAL E 220 15.79 -43.37 9.21
N GLU E 221 14.65 -43.43 8.53
CA GLU E 221 14.09 -42.21 7.94
C GLU E 221 13.79 -41.18 9.02
N LEU E 222 13.21 -41.61 10.14
CA LEU E 222 12.97 -40.69 11.25
C LEU E 222 14.27 -40.14 11.80
N GLY E 223 15.24 -41.01 12.04
CA GLY E 223 16.56 -40.58 12.48
C GLY E 223 16.60 -40.08 13.90
N THR E 224 15.99 -38.92 14.15
CA THR E 224 15.88 -38.38 15.50
C THR E 224 14.47 -37.97 15.87
N ASP E 225 13.50 -38.12 14.97
CA ASP E 225 12.13 -37.73 15.29
C ASP E 225 11.48 -38.74 16.23
N GLY E 226 11.31 -39.97 15.75
CA GLY E 226 10.68 -41.01 16.54
C GLY E 226 11.66 -41.83 17.36
N ARG E 227 12.20 -41.24 18.42
CA ARG E 227 13.19 -41.95 19.24
C ARG E 227 12.51 -42.78 20.33
N GLN E 228 11.50 -43.53 19.90
CA GLN E 228 10.94 -44.65 20.65
C GLN E 228 10.70 -45.87 19.79
N LEU E 229 10.56 -45.71 18.48
CA LEU E 229 10.34 -46.84 17.59
C LEU E 229 11.54 -47.77 17.59
N LYS E 230 12.76 -47.24 17.69
CA LYS E 230 13.92 -48.12 17.69
C LYS E 230 13.91 -49.05 18.89
N LEU E 231 13.55 -48.53 20.06
CA LEU E 231 13.52 -49.38 21.26
C LEU E 231 12.33 -50.31 21.26
N GLN E 232 11.18 -49.86 20.74
CA GLN E 232 10.05 -50.77 20.60
C GLN E 232 10.39 -51.93 19.69
N LEU E 233 11.03 -51.64 18.55
CA LEU E 233 11.45 -52.70 17.65
C LEU E 233 12.50 -53.61 18.29
N ASP E 234 13.44 -53.02 19.04
CA ASP E 234 14.47 -53.82 19.68
C ASP E 234 13.88 -54.77 20.71
N GLU E 235 12.92 -54.29 21.52
CA GLU E 235 12.33 -55.16 22.54
C GLU E 235 11.37 -56.17 21.93
N LEU E 236 10.73 -55.83 20.81
CA LEU E 236 9.84 -56.80 20.17
C LEU E 236 10.62 -57.89 19.45
N VAL E 237 11.70 -57.53 18.76
CA VAL E 237 12.41 -58.49 17.93
C VAL E 237 13.16 -59.51 18.78
N GLY E 238 13.64 -59.12 19.96
CA GLY E 238 14.42 -60.03 20.75
C GLY E 238 15.71 -60.40 20.05
N ASP E 239 16.11 -61.66 20.19
CA ASP E 239 17.35 -62.17 19.58
C ASP E 239 17.00 -62.92 18.30
N ASN E 240 16.70 -62.15 17.25
CA ASN E 240 16.30 -62.75 15.98
C ASN E 240 17.49 -63.37 15.25
N GLU E 241 18.63 -62.67 15.20
CA GLU E 241 19.72 -63.11 14.35
C GLU E 241 20.36 -64.38 14.88
N THR E 242 20.62 -64.45 16.19
CA THR E 242 21.22 -65.66 16.74
C THR E 242 20.24 -66.83 16.70
N ALA E 243 18.94 -66.56 16.84
CA ALA E 243 17.95 -67.61 16.66
C ALA E 243 17.96 -68.15 15.23
N ARG E 244 18.09 -67.24 14.25
CA ARG E 244 18.21 -67.66 12.86
C ARG E 244 19.46 -68.51 12.64
N GLU E 245 20.59 -68.09 13.21
CA GLU E 245 21.82 -68.85 13.06
C GLU E 245 21.68 -70.24 13.70
N LEU E 246 21.08 -70.30 14.89
CA LEU E 246 20.89 -71.59 15.55
C LEU E 246 19.97 -72.50 14.76
N ILE E 247 18.87 -71.94 14.23
CA ILE E 247 17.92 -72.78 13.51
C ILE E 247 18.50 -73.26 12.18
N VAL E 248 19.35 -72.44 11.54
CA VAL E 248 19.95 -72.91 10.29
C VAL E 248 21.07 -73.91 10.58
N ARG E 249 21.74 -73.79 11.73
CA ARG E 249 22.72 -74.80 12.10
C ARG E 249 22.07 -76.09 12.54
N ASP E 250 20.83 -76.03 13.01
CA ASP E 250 20.14 -77.21 13.54
C ASP E 250 19.36 -77.94 12.44
N TYR E 251 18.44 -77.25 11.78
CA TYR E 251 17.50 -77.88 10.85
C TYR E 251 18.02 -77.72 9.43
N HIS E 252 18.66 -78.78 8.92
CA HIS E 252 19.07 -78.84 7.53
C HIS E 252 19.35 -80.29 7.17
N ALA E 253 19.06 -80.66 5.93
CA ALA E 253 19.26 -82.03 5.44
C ALA E 253 20.70 -82.19 4.93
N ASN E 254 21.63 -82.10 5.87
CA ASN E 254 23.05 -82.27 5.59
C ASN E 254 23.67 -83.20 6.61
N PRO E 255 24.74 -83.92 6.22
CA PRO E 255 25.33 -84.91 7.14
C PRO E 255 25.77 -84.32 8.48
N ASP E 256 26.32 -83.11 8.46
CA ASP E 256 26.79 -82.43 9.66
C ASP E 256 26.22 -81.02 9.69
N PRO E 257 26.08 -80.43 10.86
CA PRO E 257 25.58 -79.06 10.95
C PRO E 257 26.44 -78.11 10.13
N PRO E 258 25.83 -77.14 9.45
CA PRO E 258 26.59 -76.30 8.51
C PRO E 258 27.63 -75.44 9.22
N THR E 259 28.72 -75.19 8.51
CA THR E 259 29.79 -74.34 9.00
C THR E 259 29.43 -72.88 8.73
N ALA E 260 30.40 -71.98 8.93
CA ALA E 260 30.14 -70.55 8.76
C ALA E 260 29.76 -70.23 7.32
N ALA E 261 30.49 -70.78 6.36
CA ALA E 261 30.23 -70.47 4.95
C ALA E 261 28.85 -70.96 4.52
N GLN E 262 28.51 -72.21 4.86
CA GLN E 262 27.21 -72.74 4.48
C GLN E 262 26.08 -71.99 5.16
N VAL E 263 26.26 -71.66 6.44
CA VAL E 263 25.24 -70.89 7.16
C VAL E 263 25.03 -69.54 6.48
N ALA E 264 26.14 -68.85 6.17
CA ALA E 264 26.03 -67.55 5.52
C ALA E 264 25.31 -67.66 4.18
N ALA E 265 25.71 -68.65 3.36
CA ALA E 265 25.11 -68.82 2.04
C ALA E 265 23.62 -69.09 2.15
N THR E 266 23.23 -69.95 3.09
CA THR E 266 21.81 -70.14 3.36
C THR E 266 21.15 -68.82 3.74
N LEU E 267 21.86 -67.98 4.49
CA LEU E 267 21.29 -66.70 4.90
C LEU E 267 20.96 -65.83 3.69
N GLU E 268 21.90 -65.66 2.75
CA GLU E 268 21.52 -64.76 1.65
C GLU E 268 20.50 -65.42 0.73
N GLU E 269 20.55 -66.75 0.56
CA GLU E 269 19.57 -67.34 -0.34
C GLU E 269 18.16 -67.29 0.25
N LEU E 270 18.03 -67.34 1.58
CA LEU E 270 16.71 -67.15 2.18
C LEU E 270 16.30 -65.69 2.20
N ASP E 271 17.26 -64.77 2.36
CA ASP E 271 16.92 -63.35 2.37
C ASP E 271 16.44 -62.89 0.99
N SER E 272 17.10 -63.36 -0.07
CA SER E 272 16.68 -63.02 -1.44
C SER E 272 15.40 -63.75 -1.84
N LEU E 273 14.95 -64.71 -1.05
CA LEU E 273 13.75 -65.47 -1.38
C LEU E 273 12.54 -64.54 -1.29
N SER E 274 11.77 -64.46 -2.37
CA SER E 274 10.63 -63.56 -2.41
C SER E 274 9.47 -64.14 -1.60
N ASP E 275 8.56 -63.24 -1.19
CA ASP E 275 7.44 -63.66 -0.34
C ASP E 275 6.47 -64.56 -1.08
N SER E 276 6.30 -64.36 -2.39
CA SER E 276 5.39 -65.20 -3.16
C SER E 276 5.84 -66.66 -3.13
N GLU E 277 7.14 -66.89 -3.27
CA GLU E 277 7.69 -68.24 -3.13
C GLU E 277 8.03 -68.58 -1.69
N LEU E 278 8.00 -67.61 -0.79
CA LEU E 278 8.17 -67.91 0.63
C LEU E 278 6.92 -68.55 1.21
N LEU E 279 5.74 -68.08 0.79
CA LEU E 279 4.49 -68.62 1.31
C LEU E 279 4.23 -70.04 0.82
N ASP E 280 5.00 -70.54 -0.14
CA ASP E 280 4.89 -71.91 -0.62
C ASP E 280 5.87 -72.79 0.13
N PHE E 281 5.36 -73.90 0.68
CA PHE E 281 6.20 -74.77 1.50
C PHE E 281 7.16 -75.60 0.66
N THR E 282 6.82 -75.89 -0.59
CA THR E 282 7.68 -76.72 -1.43
C THR E 282 9.02 -76.03 -1.70
N VAL E 283 8.99 -74.74 -2.02
CA VAL E 283 10.23 -74.02 -2.29
C VAL E 283 11.10 -73.97 -1.05
N LEU E 284 10.50 -73.70 0.11
CA LEU E 284 11.26 -73.67 1.36
C LEU E 284 11.84 -75.03 1.70
N ALA E 285 11.08 -76.11 1.44
CA ALA E 285 11.63 -77.45 1.65
C ALA E 285 12.80 -77.71 0.72
N ARG E 286 12.69 -77.26 -0.53
CA ARG E 286 13.81 -77.40 -1.46
C ARG E 286 15.00 -76.56 -1.02
N VAL E 287 14.76 -75.47 -0.28
CA VAL E 287 15.86 -74.64 0.20
C VAL E 287 16.78 -75.44 1.10
N PHE E 288 16.21 -76.14 2.09
CA PHE E 288 17.03 -77.00 2.95
C PHE E 288 17.48 -78.25 2.20
N GLY E 289 16.72 -78.66 1.18
CA GLY E 289 16.97 -79.90 0.47
C GLY E 289 16.03 -80.98 0.94
N TYR E 290 14.95 -81.20 0.21
CA TYR E 290 13.90 -82.11 0.63
C TYR E 290 13.13 -82.55 -0.60
N PRO E 291 12.46 -83.70 -0.55
CA PRO E 291 11.56 -84.07 -1.65
C PRO E 291 10.44 -83.05 -1.80
N SER E 292 10.04 -82.83 -3.05
CA SER E 292 9.02 -81.84 -3.36
C SER E 292 7.60 -82.37 -3.19
N THR E 293 7.43 -83.62 -2.81
CA THR E 293 6.11 -84.20 -2.65
C THR E 293 5.40 -83.58 -1.45
N ALA E 294 4.05 -83.58 -1.52
CA ALA E 294 3.26 -83.07 -0.41
C ALA E 294 3.42 -83.93 0.84
N GLU E 295 3.72 -85.21 0.67
CA GLU E 295 3.93 -86.09 1.82
C GLU E 295 5.21 -85.77 2.57
N ALA E 296 6.15 -85.05 1.95
CA ALA E 296 7.39 -84.68 2.61
C ALA E 296 7.15 -83.73 3.78
N GLN E 297 6.02 -83.02 3.78
CA GLN E 297 5.71 -82.12 4.89
C GLN E 297 5.52 -82.88 6.19
N ASP E 298 5.10 -84.15 6.11
CA ASP E 298 4.94 -84.99 7.28
C ASP E 298 6.17 -85.86 7.56
N SER E 299 7.23 -85.72 6.76
CA SER E 299 8.44 -86.49 6.98
C SER E 299 9.09 -86.08 8.29
N ALA E 300 9.57 -87.07 9.04
CA ALA E 300 10.16 -86.85 10.35
C ALA E 300 11.68 -86.87 10.27
N MET E 301 12.31 -86.08 11.15
CA MET E 301 13.76 -86.02 11.22
C MET E 301 14.16 -85.73 12.65
N SER E 302 15.38 -86.13 13.02
CA SER E 302 15.89 -85.92 14.37
C SER E 302 16.66 -84.59 14.39
N SER E 303 16.23 -83.69 15.27
CA SER E 303 16.87 -82.39 15.38
C SER E 303 18.27 -82.52 15.98
N ARG E 304 19.19 -81.66 15.51
CA ARG E 304 20.51 -81.60 16.11
C ARG E 304 20.47 -81.11 17.55
N GLY E 305 19.43 -80.37 17.93
CA GLY E 305 19.25 -79.95 19.29
C GLY E 305 19.82 -78.59 19.65
N TYR E 306 20.22 -77.79 18.66
CA TYR E 306 20.83 -76.49 18.95
C TYR E 306 19.87 -75.60 19.75
N ARG E 307 18.64 -75.43 19.25
CA ARG E 307 17.68 -74.59 19.94
C ARG E 307 17.23 -75.21 21.26
N ALA E 308 17.19 -76.53 21.34
CA ALA E 308 16.71 -77.20 22.55
C ALA E 308 17.61 -76.88 23.75
N MET E 309 18.92 -76.94 23.55
CA MET E 309 19.87 -76.66 24.63
C MET E 309 20.39 -75.23 24.61
N ALA E 310 19.94 -74.40 23.65
CA ALA E 310 20.34 -73.00 23.65
C ALA E 310 19.76 -72.21 24.82
N ALA E 311 18.81 -72.79 25.55
CA ALA E 311 18.16 -72.06 26.64
C ALA E 311 19.09 -71.85 27.83
N ILE E 312 20.09 -72.72 28.00
CA ILE E 312 20.99 -72.60 29.15
C ILE E 312 21.84 -71.33 29.00
N PRO E 313 21.92 -70.49 30.02
CA PRO E 313 22.73 -69.27 29.90
C PRO E 313 24.20 -69.53 30.19
N ARG E 314 25.03 -68.63 29.64
CA ARG E 314 26.47 -68.61 29.91
C ARG E 314 27.14 -69.93 29.54
N LEU E 315 26.98 -70.32 28.28
CA LEU E 315 27.65 -71.49 27.73
C LEU E 315 28.43 -71.09 26.48
N GLN E 316 29.70 -71.50 26.42
CA GLN E 316 30.55 -71.17 25.29
C GLN E 316 30.08 -71.89 24.03
N PHE E 317 30.10 -71.17 22.90
CA PHE E 317 29.59 -71.71 21.65
C PHE E 317 30.50 -72.78 21.07
N ALA E 318 31.82 -72.64 21.25
CA ALA E 318 32.76 -73.60 20.66
C ALA E 318 32.55 -75.00 21.24
N HIS E 319 32.41 -75.09 22.56
CA HIS E 319 32.17 -76.38 23.18
C HIS E 319 30.79 -76.92 22.84
N VAL E 320 29.81 -76.03 22.62
CA VAL E 320 28.49 -76.47 22.18
C VAL E 320 28.58 -77.13 20.81
N ASP E 321 29.30 -76.50 19.88
CA ASP E 321 29.48 -77.08 18.56
C ASP E 321 30.28 -78.38 18.63
N LEU E 322 31.28 -78.44 19.51
CA LEU E 322 32.03 -79.68 19.70
C LEU E 322 31.15 -80.80 20.19
N LEU E 323 30.27 -80.52 21.16
CA LEU E 323 29.34 -81.51 21.67
C LEU E 323 28.38 -81.97 20.57
N VAL E 324 27.88 -81.01 19.77
CA VAL E 324 26.96 -81.37 18.69
C VAL E 324 27.64 -82.27 17.67
N ARG E 325 28.88 -81.94 17.31
CA ARG E 325 29.61 -82.78 16.36
C ARG E 325 29.89 -84.16 16.94
N SER E 326 30.27 -84.23 18.21
CA SER E 326 30.60 -85.51 18.84
C SER E 326 29.37 -86.41 18.93
N PHE E 327 28.23 -85.85 19.36
CA PHE E 327 27.02 -86.65 19.52
C PHE E 327 26.28 -86.79 18.19
N GLY E 328 25.86 -85.67 17.60
CA GLY E 328 25.20 -85.67 16.32
C GLY E 328 23.69 -85.60 16.37
N SER E 329 23.09 -85.85 17.53
CA SER E 329 21.64 -85.84 17.64
C SER E 329 21.24 -85.34 19.02
N LEU E 330 20.02 -84.78 19.09
CA LEU E 330 19.48 -84.33 20.36
C LEU E 330 19.21 -85.50 21.30
N GLN E 331 18.84 -86.65 20.76
CA GLN E 331 18.58 -87.82 21.59
C GLN E 331 19.83 -88.28 22.33
N ASN E 332 21.01 -88.06 21.75
CA ASN E 332 22.24 -88.40 22.45
C ASN E 332 22.41 -87.58 23.71
N LEU E 333 22.13 -86.28 23.64
CA LEU E 333 22.21 -85.43 24.83
C LEU E 333 21.08 -85.76 25.81
N LEU E 334 19.88 -86.04 25.30
CA LEU E 334 18.76 -86.35 26.18
C LEU E 334 19.01 -87.63 26.97
N ALA E 335 19.57 -88.64 26.32
CA ALA E 335 19.90 -89.90 26.96
C ALA E 335 21.32 -89.93 27.51
N ALA E 336 22.03 -88.81 27.45
CA ALA E 336 23.39 -88.77 27.96
C ALA E 336 23.41 -89.03 29.47
N SER E 337 24.36 -89.85 29.90
CA SER E 337 24.50 -90.17 31.31
C SER E 337 25.34 -89.11 32.01
N ALA E 338 25.64 -89.34 33.29
CA ALA E 338 26.45 -88.40 34.05
C ALA E 338 27.86 -88.31 33.49
N ASP E 339 28.43 -89.44 33.08
CA ASP E 339 29.79 -89.48 32.55
C ASP E 339 29.84 -89.41 31.03
N ASP E 340 28.69 -89.28 30.36
CA ASP E 340 28.70 -89.16 28.91
C ASP E 340 29.40 -87.88 28.46
N LEU E 341 29.17 -86.77 29.18
CA LEU E 341 29.86 -85.53 28.86
C LEU E 341 31.35 -85.59 29.21
N GLN E 342 31.75 -86.52 30.09
CA GLN E 342 33.17 -86.65 30.42
C GLN E 342 33.98 -87.10 29.23
N SER E 343 33.42 -87.95 28.37
CA SER E 343 34.17 -88.49 27.24
C SER E 343 34.58 -87.39 26.27
N VAL E 344 33.69 -86.44 26.00
CA VAL E 344 34.00 -85.35 25.09
C VAL E 344 35.03 -84.44 25.73
N ASP E 345 36.08 -84.12 24.97
CA ASP E 345 37.16 -83.30 25.49
C ASP E 345 36.71 -81.85 25.69
N GLY E 346 37.43 -81.14 26.56
CA GLY E 346 37.14 -79.75 26.85
C GLY E 346 36.22 -79.52 28.02
N ILE E 347 35.63 -80.56 28.58
CA ILE E 347 34.72 -80.46 29.71
C ILE E 347 35.27 -81.28 30.87
N GLY E 348 35.41 -80.64 32.03
CA GLY E 348 35.84 -81.33 33.23
C GLY E 348 34.67 -82.00 33.94
N SER E 349 34.69 -81.98 35.26
CA SER E 349 33.65 -82.60 36.07
C SER E 349 32.53 -81.62 36.43
N MET E 350 32.89 -80.44 36.95
CA MET E 350 31.86 -79.46 37.33
C MET E 350 31.11 -78.93 36.11
N TRP E 351 31.81 -78.73 34.99
CA TRP E 351 31.14 -78.23 33.80
C TRP E 351 30.07 -79.19 33.30
N ALA E 352 30.36 -80.49 33.34
CA ALA E 352 29.36 -81.49 32.96
C ALA E 352 28.16 -81.47 33.89
N ARG E 353 28.40 -81.27 35.19
CA ARG E 353 27.29 -81.20 36.14
C ARG E 353 26.36 -80.04 35.82
N HIS E 354 26.93 -78.89 35.46
CA HIS E 354 26.10 -77.73 35.11
C HIS E 354 25.23 -78.01 33.89
N ILE E 355 25.79 -78.70 32.90
CA ILE E 355 25.04 -79.02 31.69
C ILE E 355 23.87 -79.94 32.00
N ARG E 356 24.11 -80.98 32.81
CA ARG E 356 23.06 -81.94 33.12
C ARG E 356 21.95 -81.34 33.98
N GLU E 357 22.29 -80.37 34.83
CA GLU E 357 21.28 -79.73 35.66
C GLU E 357 20.25 -78.99 34.80
N GLY E 358 20.72 -78.28 33.77
CA GLY E 358 19.78 -77.63 32.87
C GLY E 358 18.96 -78.62 32.06
N LEU E 359 19.60 -79.68 31.56
CA LEU E 359 18.87 -80.69 30.79
C LEU E 359 17.82 -81.39 31.64
N SER E 360 18.18 -81.75 32.88
CA SER E 360 17.22 -82.42 33.75
C SER E 360 16.07 -81.50 34.12
N LEU E 361 16.37 -80.23 34.43
CA LEU E 361 15.32 -79.30 34.82
C LEU E 361 14.38 -79.00 33.65
N LEU E 362 14.93 -78.86 32.44
CA LEU E 362 14.11 -78.52 31.28
C LEU E 362 13.27 -79.69 30.79
N ALA E 363 13.47 -80.89 31.32
CA ALA E 363 12.66 -82.04 30.92
C ALA E 363 11.18 -81.81 31.27
N GLU E 364 10.92 -81.23 32.43
CA GLU E 364 9.55 -80.97 32.87
C GLU E 364 8.84 -79.99 31.94
N PRO F 19 -25.30 -20.59 -17.65
CA PRO F 19 -24.08 -20.22 -16.91
C PRO F 19 -24.21 -20.46 -15.41
N THR F 20 -23.95 -21.69 -15.00
CA THR F 20 -24.02 -22.03 -13.59
C THR F 20 -22.89 -21.35 -12.82
N LEU F 21 -23.13 -21.12 -11.53
CA LEU F 21 -22.10 -20.54 -10.68
C LEU F 21 -20.87 -21.43 -10.62
N ARG F 22 -21.07 -22.73 -10.39
CA ARG F 22 -19.95 -23.66 -10.34
C ARG F 22 -19.63 -24.24 -11.71
N GLU F 23 -19.58 -23.36 -12.68
CA GLU F 23 -18.90 -23.51 -13.96
C GLU F 23 -18.05 -22.30 -14.26
N THR F 24 -18.56 -21.10 -13.97
CA THR F 24 -17.76 -19.89 -14.09
C THR F 24 -16.72 -19.83 -12.99
N LEU F 25 -17.03 -20.35 -11.80
CA LEU F 25 -16.02 -20.44 -10.76
C LEU F 25 -14.86 -21.31 -11.21
N GLY F 26 -15.15 -22.41 -11.90
CA GLY F 26 -14.09 -23.22 -12.47
C GLY F 26 -13.35 -22.51 -13.59
N ARG F 27 -14.08 -21.79 -14.44
CA ARG F 27 -13.44 -21.04 -15.51
C ARG F 27 -12.50 -19.97 -14.97
N LEU F 28 -12.75 -19.47 -13.78
CA LEU F 28 -11.89 -18.47 -13.16
C LEU F 28 -10.75 -19.09 -12.37
N ALA F 29 -10.68 -20.41 -12.29
CA ALA F 29 -9.64 -21.07 -11.51
C ALA F 29 -8.27 -20.82 -12.14
N PRO F 30 -7.19 -20.91 -11.36
CA PRO F 30 -5.86 -20.71 -11.91
C PRO F 30 -5.57 -21.67 -13.05
N GLY F 31 -4.53 -21.34 -13.82
CA GLY F 31 -4.17 -22.07 -15.02
C GLY F 31 -4.93 -21.60 -16.24
N THR F 32 -6.20 -21.25 -16.07
CA THR F 32 -6.97 -20.70 -17.17
C THR F 32 -6.42 -19.34 -17.57
N PRO F 33 -6.31 -19.05 -18.87
CA PRO F 33 -5.78 -17.75 -19.29
C PRO F 33 -6.56 -16.58 -18.74
N LEU F 34 -7.87 -16.75 -18.52
CA LEU F 34 -8.65 -15.69 -17.89
C LEU F 34 -8.13 -15.38 -16.50
N ARG F 35 -7.78 -16.41 -15.73
CA ARG F 35 -7.21 -16.18 -14.41
C ARG F 35 -5.84 -15.53 -14.51
N ASP F 36 -5.05 -15.87 -15.52
CA ASP F 36 -3.76 -15.21 -15.69
C ASP F 36 -3.94 -13.73 -15.98
N GLY F 37 -4.88 -13.37 -16.84
CA GLY F 37 -5.17 -11.96 -17.08
C GLY F 37 -5.67 -11.26 -15.84
N LEU F 38 -6.53 -11.94 -15.06
CA LEU F 38 -7.03 -11.36 -13.82
C LEU F 38 -5.89 -11.08 -12.85
N GLU F 39 -4.95 -12.03 -12.72
CA GLU F 39 -3.82 -11.82 -11.82
C GLU F 39 -2.89 -10.73 -12.35
N ARG F 40 -2.73 -10.62 -13.66
CA ARG F 40 -1.97 -9.51 -14.23
C ARG F 40 -2.60 -8.18 -13.86
N ILE F 41 -3.92 -8.09 -13.96
CA ILE F 41 -4.63 -6.87 -13.57
C ILE F 41 -4.44 -6.59 -12.09
N LEU F 42 -4.55 -7.63 -11.27
CA LEU F 42 -4.41 -7.46 -9.82
C LEU F 42 -3.03 -6.96 -9.45
N ARG F 43 -1.99 -7.49 -10.10
CA ARG F 43 -0.64 -7.01 -9.84
C ARG F 43 -0.47 -5.56 -10.28
N GLY F 44 -1.21 -5.14 -11.30
CA GLY F 44 -1.14 -3.77 -11.78
C GLY F 44 -1.86 -2.75 -10.93
N ARG F 45 -2.61 -3.22 -9.93
CA ARG F 45 -3.34 -2.34 -9.01
C ARG F 45 -4.27 -1.39 -9.77
N THR F 46 -4.94 -1.93 -10.79
CA THR F 46 -5.91 -1.17 -11.55
C THR F 46 -7.24 -1.94 -11.55
N GLY F 47 -8.31 -1.21 -11.85
CA GLY F 47 -9.62 -1.81 -11.81
C GLY F 47 -9.94 -2.60 -13.07
N ALA F 48 -11.06 -3.32 -13.01
CA ALA F 48 -11.55 -4.06 -14.16
C ALA F 48 -13.02 -4.36 -13.95
N LEU F 49 -13.80 -4.19 -15.02
CA LEU F 49 -15.23 -4.51 -15.02
C LEU F 49 -15.47 -5.38 -16.25
N ILE F 50 -15.29 -6.69 -16.10
CA ILE F 50 -15.21 -7.62 -17.22
C ILE F 50 -16.52 -8.38 -17.31
N VAL F 51 -17.16 -8.30 -18.46
CA VAL F 51 -18.44 -8.97 -18.69
C VAL F 51 -18.17 -10.18 -19.59
N LEU F 52 -18.21 -11.37 -19.02
CA LEU F 52 -17.96 -12.59 -19.77
C LEU F 52 -19.19 -12.93 -20.60
N GLY F 53 -19.21 -12.46 -21.82
CA GLY F 53 -20.27 -12.78 -22.75
C GLY F 53 -20.65 -11.57 -23.59
N TYR F 54 -21.37 -11.85 -24.69
CA TYR F 54 -21.81 -10.78 -25.58
C TYR F 54 -23.09 -11.25 -26.25
N ASP F 55 -24.22 -10.78 -25.75
CA ASP F 55 -25.52 -10.99 -26.36
C ASP F 55 -26.07 -9.65 -26.81
N ASP F 56 -27.14 -9.71 -27.62
CA ASP F 56 -27.75 -8.47 -28.11
C ASP F 56 -28.27 -7.61 -26.95
N SER F 57 -28.67 -8.23 -25.85
CA SER F 57 -29.04 -7.46 -24.67
C SER F 57 -27.84 -6.71 -24.11
N VAL F 58 -26.68 -7.36 -24.05
CA VAL F 58 -25.48 -6.67 -23.58
C VAL F 58 -25.14 -5.51 -24.50
N GLU F 59 -25.25 -5.73 -25.81
CA GLU F 59 -25.04 -4.65 -26.76
C GLU F 59 -26.02 -3.50 -26.52
N ALA F 60 -27.27 -3.84 -26.19
CA ALA F 60 -28.24 -2.82 -25.84
C ALA F 60 -27.91 -2.11 -24.55
N ILE F 61 -27.14 -2.74 -23.67
CA ILE F 61 -26.74 -2.09 -22.43
C ILE F 61 -25.41 -1.37 -22.58
N CYS F 62 -24.46 -1.96 -23.31
CA CYS F 62 -23.15 -1.37 -23.48
C CYS F 62 -23.18 -0.27 -24.53
N ASP F 63 -22.67 0.91 -24.19
CA ASP F 63 -22.62 2.03 -25.12
C ASP F 63 -21.43 2.90 -24.80
N GLY F 64 -21.00 3.69 -25.77
CA GLY F 64 -19.93 4.65 -25.56
C GLY F 64 -18.58 4.00 -25.34
N GLY F 65 -18.04 3.36 -26.37
CA GLY F 65 -16.74 2.75 -26.25
C GLY F 65 -16.18 2.36 -27.60
N PHE F 66 -15.13 1.53 -27.55
CA PHE F 66 -14.44 1.07 -28.75
C PHE F 66 -14.80 -0.39 -29.04
N VAL F 67 -15.13 -0.66 -30.29
CA VAL F 67 -15.41 -2.02 -30.74
C VAL F 67 -14.11 -2.57 -31.30
N LEU F 68 -13.55 -3.58 -30.62
CA LEU F 68 -12.23 -4.10 -30.96
C LEU F 68 -12.28 -5.37 -31.78
N ASP F 69 -12.90 -6.43 -31.25
CA ASP F 69 -12.97 -7.73 -31.91
C ASP F 69 -11.57 -8.27 -32.21
N VAL F 70 -10.80 -8.48 -31.15
CA VAL F 70 -9.45 -9.01 -31.25
C VAL F 70 -9.36 -10.31 -30.45
N ARG F 71 -8.31 -11.08 -30.72
CA ARG F 71 -8.09 -12.33 -30.01
C ARG F 71 -7.67 -12.06 -28.58
N TYR F 72 -8.18 -12.87 -27.65
CA TYR F 72 -7.87 -12.68 -26.25
C TYR F 72 -6.41 -13.01 -25.95
N ALA F 73 -5.84 -12.27 -25.01
CA ALA F 73 -4.49 -12.51 -24.51
C ALA F 73 -4.40 -11.82 -23.17
N PRO F 74 -3.76 -12.43 -22.17
CA PRO F 74 -3.73 -11.79 -20.84
C PRO F 74 -3.12 -10.41 -20.84
N THR F 75 -2.10 -10.17 -21.66
CA THR F 75 -1.51 -8.83 -21.74
C THR F 75 -2.47 -7.84 -22.37
N ARG F 76 -3.22 -8.27 -23.40
CA ARG F 76 -4.23 -7.40 -23.98
C ARG F 76 -5.27 -7.00 -22.95
N LEU F 77 -5.74 -7.97 -22.15
CA LEU F 77 -6.70 -7.67 -21.10
C LEU F 77 -6.11 -6.70 -20.08
N ARG F 78 -4.86 -6.93 -19.68
CA ARG F 78 -4.22 -6.06 -18.70
C ARG F 78 -4.12 -4.63 -19.23
N GLU F 79 -3.81 -4.48 -20.52
CA GLU F 79 -3.70 -3.14 -21.09
C GLU F 79 -5.06 -2.48 -21.22
N LEU F 80 -6.07 -3.22 -21.68
CA LEU F 80 -7.39 -2.64 -21.86
C LEU F 80 -8.04 -2.29 -20.52
N SER F 81 -7.68 -2.99 -19.45
CA SER F 81 -8.26 -2.69 -18.15
C SER F 81 -7.86 -1.31 -17.64
N LYS F 82 -6.84 -0.70 -18.23
CA LYS F 82 -6.43 0.64 -17.83
C LYS F 82 -7.25 1.75 -18.47
N MET F 83 -8.18 1.41 -19.37
CA MET F 83 -8.95 2.40 -20.08
C MET F 83 -10.19 2.86 -19.32
N ASP F 84 -10.37 2.42 -18.09
CA ASP F 84 -11.36 2.97 -17.17
C ASP F 84 -12.78 2.84 -17.75
N GLY F 85 -13.21 1.60 -17.91
CA GLY F 85 -14.54 1.32 -18.40
C GLY F 85 -14.93 -0.15 -18.22
N ALA F 86 -15.67 -0.69 -19.18
CA ALA F 86 -16.07 -2.09 -19.15
C ALA F 86 -15.42 -2.84 -20.30
N VAL F 87 -14.92 -4.04 -19.99
CA VAL F 87 -14.23 -4.88 -20.96
C VAL F 87 -15.12 -6.09 -21.21
N VAL F 88 -15.82 -6.09 -22.32
CA VAL F 88 -16.77 -7.16 -22.64
C VAL F 88 -16.05 -8.22 -23.45
N LEU F 89 -15.94 -9.42 -22.90
CA LEU F 89 -15.35 -10.54 -23.61
C LEU F 89 -16.44 -11.33 -24.32
N SER F 90 -16.02 -12.21 -25.22
CA SER F 90 -16.97 -13.06 -25.92
C SER F 90 -17.52 -14.11 -24.96
N SER F 91 -18.56 -14.81 -25.42
CA SER F 91 -19.29 -15.71 -24.53
C SER F 91 -18.38 -16.82 -24.01
N ASP F 92 -17.52 -17.36 -24.86
CA ASP F 92 -16.58 -18.41 -24.47
C ASP F 92 -15.29 -17.84 -23.87
N GLY F 93 -15.18 -16.52 -23.78
CA GLY F 93 -13.96 -15.90 -23.27
C GLY F 93 -12.75 -16.08 -24.17
N SER F 94 -12.94 -15.97 -25.48
CA SER F 94 -11.85 -16.12 -26.44
C SER F 94 -11.49 -14.83 -27.18
N ARG F 95 -12.36 -13.82 -27.15
CA ARG F 95 -12.08 -12.56 -27.83
C ARG F 95 -12.48 -11.41 -26.92
N ILE F 96 -11.77 -10.30 -27.05
CA ILE F 96 -12.06 -9.08 -26.30
C ILE F 96 -12.70 -8.12 -27.30
N LEU F 97 -14.03 -8.14 -27.37
CA LEU F 97 -14.73 -7.46 -28.45
C LEU F 97 -15.37 -6.14 -28.05
N ARG F 98 -15.07 -5.64 -26.84
CA ARG F 98 -15.47 -4.30 -26.45
C ARG F 98 -14.56 -3.83 -25.33
N ALA F 99 -14.25 -2.54 -25.33
CA ALA F 99 -13.40 -1.96 -24.30
C ALA F 99 -13.86 -0.54 -24.02
N ASN F 100 -13.80 -0.16 -22.74
CA ASN F 100 -14.19 1.17 -22.29
C ASN F 100 -15.61 1.51 -22.74
N VAL F 101 -16.52 0.56 -22.59
CA VAL F 101 -17.93 0.77 -22.90
C VAL F 101 -18.66 1.06 -21.60
N GLN F 102 -19.73 1.84 -21.68
CA GLN F 102 -20.50 2.20 -20.50
C GLN F 102 -21.60 1.17 -20.27
N LEU F 103 -21.84 0.85 -19.01
CA LEU F 103 -22.88 -0.10 -18.60
C LEU F 103 -24.05 0.70 -18.05
N VAL F 104 -25.09 0.87 -18.87
CA VAL F 104 -26.30 1.58 -18.47
C VAL F 104 -27.49 0.62 -18.51
N PRO F 105 -27.65 -0.21 -17.49
CA PRO F 105 -28.71 -1.22 -17.51
C PRO F 105 -30.07 -0.59 -17.16
N ASP F 106 -31.07 -1.45 -17.06
CA ASP F 106 -32.39 -1.02 -16.63
C ASP F 106 -32.35 -0.71 -15.15
N PRO F 107 -32.69 0.51 -14.73
CA PRO F 107 -32.71 0.82 -13.29
C PRO F 107 -33.94 0.31 -12.56
N SER F 108 -34.97 -0.13 -13.28
CA SER F 108 -36.14 -0.72 -12.65
C SER F 108 -35.82 -2.05 -11.98
N ILE F 109 -34.72 -2.69 -12.36
CA ILE F 109 -34.29 -3.95 -11.76
C ILE F 109 -33.96 -3.70 -10.30
N PRO F 110 -34.56 -4.44 -9.38
CA PRO F 110 -34.25 -4.23 -7.95
C PRO F 110 -32.82 -4.65 -7.65
N THR F 111 -32.22 -3.98 -6.67
CA THR F 111 -30.86 -4.27 -6.29
C THR F 111 -30.65 -3.93 -4.83
N ASP F 112 -29.66 -4.57 -4.23
CA ASP F 112 -29.28 -4.29 -2.85
C ASP F 112 -27.93 -3.61 -2.75
N GLU F 113 -27.10 -3.67 -3.79
CA GLU F 113 -25.78 -3.08 -3.73
C GLU F 113 -25.86 -1.56 -3.66
N SER F 114 -24.78 -0.95 -3.19
CA SER F 114 -24.67 0.49 -3.07
C SER F 114 -23.29 0.88 -3.60
N GLY F 115 -23.25 1.34 -4.84
CA GLY F 115 -22.01 1.67 -5.51
C GLY F 115 -22.20 1.49 -7.00
N THR F 116 -21.79 2.48 -7.79
CA THR F 116 -22.14 2.50 -9.21
C THR F 116 -21.61 1.27 -9.93
N ARG F 117 -20.36 0.91 -9.67
CA ARG F 117 -19.80 -0.30 -10.28
C ARG F 117 -20.55 -1.53 -9.80
N HIS F 118 -20.73 -1.65 -8.49
CA HIS F 118 -21.32 -2.85 -7.91
C HIS F 118 -22.83 -2.94 -8.09
N ARG F 119 -23.51 -1.83 -8.38
CA ARG F 119 -24.92 -1.89 -8.73
C ARG F 119 -25.12 -2.11 -10.23
N SER F 120 -24.33 -1.42 -11.05
CA SER F 120 -24.41 -1.62 -12.49
C SER F 120 -24.04 -3.05 -12.87
N ALA F 121 -23.04 -3.62 -12.20
CA ALA F 121 -22.67 -5.01 -12.47
C ALA F 121 -23.82 -5.95 -12.16
N GLU F 122 -24.45 -5.77 -11.00
CA GLU F 122 -25.56 -6.64 -10.62
C GLU F 122 -26.73 -6.47 -11.57
N ARG F 123 -27.05 -5.24 -11.97
CA ARG F 123 -28.16 -5.04 -12.89
C ARG F 123 -27.88 -5.64 -14.25
N THR F 124 -26.65 -5.53 -14.74
CA THR F 124 -26.30 -6.19 -16.01
C THR F 124 -26.43 -7.70 -15.87
N ALA F 125 -25.99 -8.24 -14.74
CA ALA F 125 -26.09 -9.68 -14.51
C ALA F 125 -27.53 -10.14 -14.49
N ILE F 126 -28.41 -9.36 -13.87
CA ILE F 126 -29.82 -9.73 -13.81
C ILE F 126 -30.46 -9.61 -15.20
N GLN F 127 -30.15 -8.51 -15.91
CA GLN F 127 -30.75 -8.31 -17.23
C GLN F 127 -30.34 -9.41 -18.20
N THR F 128 -29.07 -9.81 -18.16
CA THR F 128 -28.61 -10.96 -18.92
C THR F 128 -27.68 -11.79 -18.03
N GLY F 129 -27.95 -13.08 -17.95
CA GLY F 129 -27.38 -13.92 -16.90
C GLY F 129 -25.90 -14.17 -16.96
N TYR F 130 -25.18 -13.46 -17.81
CA TYR F 130 -23.74 -13.64 -17.90
C TYR F 130 -23.07 -13.14 -16.62
N PRO F 131 -21.97 -13.77 -16.21
CA PRO F 131 -21.22 -13.27 -15.06
C PRO F 131 -20.62 -11.91 -15.37
N VAL F 132 -20.49 -11.09 -14.32
CA VAL F 132 -19.93 -9.75 -14.44
C VAL F 132 -18.83 -9.65 -13.37
N ILE F 133 -17.60 -9.92 -13.76
CA ILE F 133 -16.48 -9.91 -12.84
C ILE F 133 -16.05 -8.46 -12.60
N SER F 134 -15.97 -8.08 -11.33
CA SER F 134 -15.53 -6.75 -10.94
C SER F 134 -14.30 -6.88 -10.06
N VAL F 135 -13.20 -6.23 -10.46
CA VAL F 135 -11.96 -6.23 -9.69
C VAL F 135 -11.69 -4.78 -9.32
N SER F 136 -12.13 -4.38 -8.12
CA SER F 136 -12.00 -2.99 -7.71
C SER F 136 -10.53 -2.61 -7.58
N HIS F 137 -10.20 -1.43 -8.09
CA HIS F 137 -8.80 -0.99 -8.12
C HIS F 137 -8.28 -0.74 -6.71
N SER F 138 -6.97 -0.91 -6.55
CA SER F 138 -6.24 -0.76 -5.30
C SER F 138 -6.60 -1.86 -4.31
N MET F 139 -7.58 -2.68 -4.66
CA MET F 139 -8.02 -3.81 -3.85
C MET F 139 -7.72 -5.11 -4.57
N SER F 140 -7.48 -6.16 -3.78
CA SER F 140 -7.20 -7.48 -4.31
C SER F 140 -8.45 -8.33 -4.46
N ILE F 141 -9.62 -7.76 -4.22
CA ILE F 141 -10.86 -8.52 -4.21
C ILE F 141 -11.35 -8.71 -5.64
N VAL F 142 -11.88 -9.90 -5.93
CA VAL F 142 -12.48 -10.22 -7.22
C VAL F 142 -13.89 -10.73 -6.95
N THR F 143 -14.86 -10.16 -7.64
CA THR F 143 -16.27 -10.44 -7.40
C THR F 143 -16.90 -11.04 -8.65
N VAL F 144 -17.83 -11.97 -8.45
CA VAL F 144 -18.56 -12.61 -9.53
C VAL F 144 -20.05 -12.45 -9.26
N TYR F 145 -20.80 -12.08 -10.30
CA TYR F 145 -22.23 -11.83 -10.15
C TYR F 145 -23.06 -12.75 -11.01
N VAL F 146 -22.72 -14.02 -11.05
CA VAL F 146 -23.36 -14.95 -11.97
C VAL F 146 -24.60 -15.55 -11.32
N ALA F 147 -25.64 -15.76 -12.14
CA ALA F 147 -26.85 -16.49 -11.76
C ALA F 147 -27.64 -15.79 -10.66
N GLY F 148 -27.42 -14.51 -10.43
CA GLY F 148 -28.20 -13.75 -9.48
C GLY F 148 -27.66 -13.70 -8.07
N GLU F 149 -26.62 -14.47 -7.76
CA GLU F 149 -25.98 -14.41 -6.46
C GLU F 149 -24.58 -13.82 -6.58
N ARG F 150 -24.03 -13.40 -5.45
CA ARG F 150 -22.71 -12.81 -5.40
C ARG F 150 -21.71 -13.82 -4.85
N HIS F 151 -20.59 -13.96 -5.55
CA HIS F 151 -19.49 -14.79 -5.10
C HIS F 151 -18.20 -13.99 -5.16
N VAL F 152 -17.39 -14.11 -4.12
CA VAL F 152 -16.09 -13.45 -4.05
C VAL F 152 -15.02 -14.50 -4.24
N VAL F 153 -14.17 -14.31 -5.24
CA VAL F 153 -13.12 -15.28 -5.55
C VAL F 153 -12.09 -15.24 -4.44
N PRO F 154 -11.85 -16.35 -3.74
CA PRO F 154 -10.93 -16.33 -2.60
C PRO F 154 -9.51 -16.71 -3.00
N ASP F 155 -8.59 -16.38 -2.10
CA ASP F 155 -7.22 -16.83 -2.25
C ASP F 155 -7.13 -18.35 -2.09
N SER F 156 -6.17 -18.95 -2.78
CA SER F 156 -6.06 -20.40 -2.80
C SER F 156 -5.79 -20.98 -1.41
N ALA F 157 -5.13 -20.21 -0.54
CA ALA F 157 -4.75 -20.74 0.77
C ALA F 157 -5.98 -21.14 1.58
N THR F 158 -6.99 -20.27 1.62
CA THR F 158 -8.20 -20.58 2.37
C THR F 158 -8.94 -21.76 1.74
N ILE F 159 -8.95 -21.84 0.41
CA ILE F 159 -9.62 -22.95 -0.26
C ILE F 159 -8.97 -24.26 0.12
N LEU F 160 -7.63 -24.31 0.09
CA LEU F 160 -6.94 -25.53 0.49
C LEU F 160 -7.19 -25.84 1.96
N SER F 161 -7.20 -24.81 2.81
CA SER F 161 -7.43 -25.03 4.24
C SER F 161 -8.78 -25.69 4.47
N ARG F 162 -9.85 -25.10 3.92
CA ARG F 162 -11.17 -25.69 4.10
C ARG F 162 -11.26 -27.05 3.41
N ALA F 163 -10.59 -27.22 2.27
CA ALA F 163 -10.63 -28.50 1.56
C ALA F 163 -10.02 -29.62 2.39
N ASN F 164 -8.89 -29.35 3.04
CA ASN F 164 -8.30 -30.38 3.89
C ASN F 164 -9.13 -30.60 5.14
N GLN F 165 -9.68 -29.52 5.71
CA GLN F 165 -10.51 -29.67 6.90
C GLN F 165 -11.71 -30.57 6.62
N THR F 166 -12.29 -30.46 5.43
CA THR F 166 -13.42 -31.32 5.09
C THR F 166 -13.00 -32.68 4.54
N ILE F 167 -11.80 -32.79 3.96
CA ILE F 167 -11.34 -34.11 3.52
C ILE F 167 -11.06 -34.99 4.73
N ALA F 168 -10.67 -34.39 5.86
CA ALA F 168 -10.46 -35.17 7.07
C ALA F 168 -11.76 -35.81 7.55
N THR F 169 -12.84 -35.03 7.61
CA THR F 169 -14.10 -35.62 8.03
C THR F 169 -14.63 -36.58 6.98
N LEU F 170 -14.35 -36.33 5.70
CA LEU F 170 -14.72 -37.30 4.67
C LEU F 170 -14.02 -38.63 4.90
N GLU F 171 -12.72 -38.61 5.19
CA GLU F 171 -12.01 -39.87 5.37
C GLU F 171 -12.45 -40.59 6.64
N ARG F 172 -12.77 -39.85 7.71
CA ARG F 172 -13.28 -40.53 8.90
C ARG F 172 -14.66 -41.13 8.63
N TYR F 173 -15.48 -40.43 7.83
CA TYR F 173 -16.76 -40.99 7.40
C TYR F 173 -16.54 -42.26 6.59
N LYS F 174 -15.55 -42.27 5.71
CA LYS F 174 -15.26 -43.45 4.90
C LYS F 174 -14.80 -44.61 5.77
N GLY F 175 -14.00 -44.32 6.79
CA GLY F 175 -13.57 -45.38 7.71
C GLY F 175 -14.74 -46.00 8.44
N ARG F 176 -15.62 -45.15 8.99
CA ARG F 176 -16.80 -45.70 9.66
C ARG F 176 -17.68 -46.45 8.67
N LEU F 177 -17.82 -45.93 7.46
CA LEU F 177 -18.67 -46.56 6.46
C LEU F 177 -18.17 -47.95 6.11
N ASP F 178 -16.88 -48.09 5.81
CA ASP F 178 -16.43 -49.40 5.35
C ASP F 178 -16.25 -50.38 6.50
N GLU F 179 -16.03 -49.91 7.74
CA GLU F 179 -16.07 -50.87 8.83
C GLU F 179 -17.50 -51.35 9.10
N VAL F 180 -18.48 -50.45 8.97
CA VAL F 180 -19.87 -50.88 9.07
C VAL F 180 -20.23 -51.84 7.92
N SER F 181 -19.67 -51.59 6.73
CA SER F 181 -19.90 -52.48 5.60
C SER F 181 -19.29 -53.85 5.85
N ARG F 182 -18.10 -53.90 6.44
CA ARG F 182 -17.49 -55.18 6.81
C ARG F 182 -18.35 -55.91 7.82
N GLN F 183 -18.88 -55.18 8.81
CA GLN F 183 -19.79 -55.81 9.77
C GLN F 183 -21.04 -56.32 9.08
N LEU F 184 -21.57 -55.57 8.11
CA LEU F 184 -22.73 -56.03 7.36
C LEU F 184 -22.41 -57.31 6.60
N SER F 185 -21.24 -57.39 5.99
CA SER F 185 -20.88 -58.61 5.27
C SER F 185 -20.76 -59.80 6.23
N THR F 186 -20.13 -59.57 7.39
CA THR F 186 -19.97 -60.64 8.38
C THR F 186 -21.32 -61.14 8.86
N ALA F 187 -22.24 -60.23 9.16
CA ALA F 187 -23.59 -60.64 9.54
C ALA F 187 -24.37 -61.19 8.34
N GLU F 188 -23.96 -60.83 7.12
CA GLU F 188 -24.69 -61.22 5.94
C GLU F 188 -24.42 -62.68 5.59
N ILE F 189 -23.19 -63.15 5.76
CA ILE F 189 -22.99 -64.58 5.56
C ILE F 189 -23.25 -65.26 6.90
N GLU F 190 -24.53 -65.28 7.29
CA GLU F 190 -25.06 -66.19 8.31
C GLU F 190 -26.49 -66.57 8.02
N ASP F 191 -27.06 -66.15 6.90
CA ASP F 191 -28.49 -66.29 6.59
C ASP F 191 -29.38 -65.70 7.70
N PHE F 192 -28.99 -64.52 8.19
CA PHE F 192 -29.86 -63.69 9.00
C PHE F 192 -29.68 -62.25 8.59
N VAL F 193 -30.79 -61.54 8.39
CA VAL F 193 -30.78 -60.18 7.87
C VAL F 193 -31.70 -59.32 8.73
N THR F 194 -31.19 -58.16 9.15
CA THR F 194 -31.99 -57.18 9.88
C THR F 194 -32.00 -55.88 9.09
N LEU F 195 -33.17 -55.25 9.00
CA LEU F 195 -33.32 -54.06 8.18
C LEU F 195 -32.41 -52.94 8.63
N ARG F 196 -32.25 -52.76 9.95
CA ARG F 196 -31.40 -51.69 10.45
C ARG F 196 -29.96 -51.85 9.99
N ASP F 197 -29.41 -53.05 10.11
CA ASP F 197 -28.03 -53.28 9.67
C ASP F 197 -27.91 -53.11 8.16
N VAL F 198 -28.94 -53.52 7.42
CA VAL F 198 -28.93 -53.38 5.97
C VAL F 198 -28.85 -51.90 5.57
N MET F 199 -29.72 -51.08 6.14
CA MET F 199 -29.91 -49.73 5.63
C MET F 199 -29.15 -48.66 6.40
N THR F 200 -28.46 -49.00 7.49
CA THR F 200 -27.52 -48.05 8.07
C THR F 200 -26.33 -47.80 7.14
N VAL F 201 -25.96 -48.81 6.35
CA VAL F 201 -24.91 -48.61 5.35
C VAL F 201 -25.36 -47.59 4.31
N VAL F 202 -26.62 -47.67 3.88
CA VAL F 202 -27.15 -46.67 2.95
C VAL F 202 -27.19 -45.30 3.63
N GLN F 203 -27.52 -45.28 4.92
CA GLN F 203 -27.49 -44.04 5.69
C GLN F 203 -26.11 -43.38 5.62
N ARG F 204 -25.06 -44.18 5.88
CA ARG F 204 -23.70 -43.66 5.78
C ARG F 204 -23.36 -43.24 4.35
N LEU F 205 -23.78 -44.04 3.37
CA LEU F 205 -23.37 -43.84 1.99
C LEU F 205 -23.94 -42.55 1.42
N GLU F 206 -25.20 -42.23 1.74
CA GLU F 206 -25.80 -41.02 1.20
C GLU F 206 -25.06 -39.77 1.68
N MET F 207 -24.77 -39.69 2.97
CA MET F 207 -24.07 -38.53 3.51
C MET F 207 -22.62 -38.48 3.06
N VAL F 208 -21.98 -39.64 2.87
CA VAL F 208 -20.64 -39.65 2.30
C VAL F 208 -20.68 -39.12 0.86
N ARG F 209 -21.71 -39.47 0.10
CA ARG F 209 -21.84 -38.93 -1.25
C ARG F 209 -22.03 -37.42 -1.21
N ARG F 210 -22.83 -36.93 -0.26
CA ARG F 210 -23.04 -35.49 -0.15
C ARG F 210 -21.72 -34.76 0.13
N ILE F 211 -20.96 -35.26 1.11
CA ILE F 211 -19.69 -34.59 1.42
C ILE F 211 -18.72 -34.74 0.26
N SER F 212 -18.77 -35.85 -0.48
CA SER F 212 -17.94 -36.00 -1.68
C SER F 212 -18.29 -34.95 -2.72
N LEU F 213 -19.58 -34.67 -2.90
CA LEU F 213 -19.98 -33.60 -3.81
C LEU F 213 -19.42 -32.25 -3.35
N GLU F 214 -19.43 -32.02 -2.04
CA GLU F 214 -18.81 -30.80 -1.51
C GLU F 214 -17.32 -30.73 -1.88
N ILE F 215 -16.62 -31.85 -1.70
CA ILE F 215 -15.18 -31.86 -2.03
C ILE F 215 -14.98 -31.59 -3.51
N ASP F 216 -15.85 -32.16 -4.35
CA ASP F 216 -15.74 -31.96 -5.79
C ASP F 216 -15.96 -30.50 -6.15
N ALA F 217 -16.91 -29.85 -5.48
CA ALA F 217 -17.11 -28.42 -5.71
C ALA F 217 -15.86 -27.63 -5.34
N ASP F 218 -15.25 -27.97 -4.21
CA ASP F 218 -14.01 -27.29 -3.83
C ASP F 218 -12.90 -27.52 -4.85
N VAL F 219 -12.81 -28.74 -5.37
CA VAL F 219 -11.77 -29.08 -6.35
C VAL F 219 -12.00 -28.31 -7.65
N VAL F 220 -13.24 -28.21 -8.09
CA VAL F 220 -13.54 -27.47 -9.31
C VAL F 220 -13.22 -25.99 -9.12
N GLU F 221 -13.51 -25.46 -7.93
CA GLU F 221 -13.16 -24.07 -7.64
C GLU F 221 -11.64 -23.88 -7.71
N LEU F 222 -10.88 -24.84 -7.17
CA LEU F 222 -9.42 -24.72 -7.20
C LEU F 222 -8.87 -24.80 -8.62
N GLY F 223 -9.33 -25.78 -9.39
CA GLY F 223 -8.94 -25.93 -10.78
C GLY F 223 -7.64 -26.67 -11.00
N THR F 224 -6.49 -26.01 -10.82
CA THR F 224 -5.21 -26.67 -11.02
C THR F 224 -4.19 -26.43 -9.92
N ASP F 225 -4.32 -25.38 -9.11
CA ASP F 225 -3.35 -25.14 -8.05
C ASP F 225 -3.34 -26.27 -7.03
N GLY F 226 -4.53 -26.71 -6.62
CA GLY F 226 -4.64 -27.82 -5.71
C GLY F 226 -4.86 -29.14 -6.41
N ARG F 227 -3.91 -29.55 -7.24
CA ARG F 227 -4.03 -30.82 -7.95
C ARG F 227 -3.49 -31.97 -7.11
N GLN F 228 -3.95 -32.02 -5.86
CA GLN F 228 -3.66 -33.13 -4.95
C GLN F 228 -4.96 -33.60 -4.35
N LEU F 229 -5.92 -32.68 -4.21
CA LEU F 229 -7.22 -33.02 -3.67
C LEU F 229 -7.96 -34.00 -4.57
N LYS F 230 -7.75 -33.91 -5.88
CA LYS F 230 -8.44 -34.82 -6.80
C LYS F 230 -7.99 -36.26 -6.59
N LEU F 231 -6.67 -36.48 -6.50
CA LEU F 231 -6.18 -37.83 -6.24
C LEU F 231 -6.51 -38.27 -4.82
N GLN F 232 -6.53 -37.34 -3.86
CA GLN F 232 -6.95 -37.68 -2.52
C GLN F 232 -8.39 -38.20 -2.52
N LEU F 233 -9.26 -37.53 -3.26
CA LEU F 233 -10.64 -38.01 -3.43
C LEU F 233 -10.64 -39.39 -4.07
N ASP F 234 -9.91 -39.54 -5.19
CA ASP F 234 -9.96 -40.79 -5.92
C ASP F 234 -9.48 -41.96 -5.06
N GLU F 235 -8.59 -41.70 -4.10
CA GLU F 235 -8.09 -42.77 -3.24
C GLU F 235 -8.83 -42.92 -1.92
N LEU F 236 -9.66 -41.94 -1.53
CA LEU F 236 -10.51 -42.12 -0.34
C LEU F 236 -11.91 -42.60 -0.68
N VAL F 237 -12.61 -41.90 -1.59
CA VAL F 237 -13.97 -42.30 -1.91
C VAL F 237 -13.98 -43.67 -2.58
N GLY F 238 -12.96 -43.97 -3.37
CA GLY F 238 -12.86 -45.28 -4.01
C GLY F 238 -14.09 -45.55 -4.87
N ASP F 239 -14.64 -46.74 -4.71
CA ASP F 239 -15.82 -47.16 -5.46
C ASP F 239 -17.05 -46.81 -4.62
N ASN F 240 -17.75 -45.75 -5.02
CA ASN F 240 -18.94 -45.29 -4.31
C ASN F 240 -20.22 -45.46 -5.13
N GLU F 241 -20.20 -45.05 -6.39
CA GLU F 241 -21.36 -45.24 -7.25
C GLU F 241 -21.66 -46.72 -7.44
N THR F 242 -20.63 -47.53 -7.63
CA THR F 242 -20.84 -48.97 -7.77
C THR F 242 -21.43 -49.57 -6.52
N ALA F 243 -20.92 -49.17 -5.34
CA ALA F 243 -21.48 -49.68 -4.10
C ALA F 243 -22.93 -49.27 -3.94
N ARG F 244 -23.24 -48.01 -4.26
CA ARG F 244 -24.62 -47.54 -4.14
C ARG F 244 -25.55 -48.32 -5.05
N GLU F 245 -25.17 -48.48 -6.33
CA GLU F 245 -26.05 -49.18 -7.26
C GLU F 245 -26.19 -50.65 -6.89
N LEU F 246 -25.10 -51.29 -6.45
CA LEU F 246 -25.20 -52.69 -6.06
C LEU F 246 -26.09 -52.86 -4.84
N ILE F 247 -25.95 -51.99 -3.84
CA ILE F 247 -26.76 -52.15 -2.63
C ILE F 247 -28.22 -51.84 -2.91
N VAL F 248 -28.50 -50.87 -3.79
CA VAL F 248 -29.90 -50.58 -4.09
C VAL F 248 -30.51 -51.68 -4.96
N ARG F 249 -29.70 -52.34 -5.80
CA ARG F 249 -30.22 -53.43 -6.60
C ARG F 249 -30.45 -54.69 -5.77
N ASP F 250 -29.61 -54.91 -4.75
CA ASP F 250 -29.76 -56.11 -3.92
C ASP F 250 -30.83 -55.91 -2.86
N TYR F 251 -30.66 -54.91 -2.00
CA TYR F 251 -31.50 -54.73 -0.82
C TYR F 251 -32.65 -53.78 -1.16
N HIS F 252 -33.69 -54.34 -1.76
CA HIS F 252 -34.90 -53.57 -2.04
C HIS F 252 -36.10 -54.50 -1.94
N ALA F 253 -37.14 -54.05 -1.26
CA ALA F 253 -38.35 -54.86 -1.05
C ALA F 253 -39.28 -54.67 -2.24
N ASN F 254 -39.07 -55.49 -3.26
CA ASN F 254 -39.93 -55.50 -4.44
C ASN F 254 -40.06 -56.95 -4.91
N PRO F 255 -41.17 -57.28 -5.58
CA PRO F 255 -41.33 -58.66 -6.08
C PRO F 255 -40.19 -59.12 -6.97
N ASP F 256 -39.67 -58.25 -7.81
CA ASP F 256 -38.53 -58.56 -8.67
C ASP F 256 -37.47 -57.50 -8.52
N PRO F 257 -36.19 -57.86 -8.68
CA PRO F 257 -35.12 -56.87 -8.54
C PRO F 257 -35.30 -55.73 -9.53
N PRO F 258 -35.00 -54.50 -9.12
CA PRO F 258 -35.26 -53.35 -9.98
C PRO F 258 -34.44 -53.38 -11.26
N THR F 259 -35.06 -52.88 -12.34
CA THR F 259 -34.37 -52.77 -13.62
C THR F 259 -33.49 -51.51 -13.62
N ALA F 260 -32.75 -51.33 -14.71
CA ALA F 260 -31.83 -50.19 -14.80
C ALA F 260 -32.57 -48.87 -14.64
N ALA F 261 -33.72 -48.72 -15.30
CA ALA F 261 -34.54 -47.53 -15.10
C ALA F 261 -35.04 -47.44 -13.67
N GLN F 262 -35.48 -48.58 -13.11
CA GLN F 262 -35.93 -48.59 -11.72
C GLN F 262 -34.79 -48.24 -10.76
N VAL F 263 -33.60 -48.82 -11.00
CA VAL F 263 -32.45 -48.51 -10.16
C VAL F 263 -32.12 -47.03 -10.22
N ALA F 264 -32.11 -46.46 -11.43
CA ALA F 264 -31.81 -45.04 -11.58
C ALA F 264 -32.85 -44.19 -10.87
N ALA F 265 -34.13 -44.52 -11.04
CA ALA F 265 -35.19 -43.75 -10.39
C ALA F 265 -35.05 -43.81 -8.88
N THR F 266 -34.74 -44.98 -8.34
CA THR F 266 -34.45 -45.07 -6.90
C THR F 266 -33.25 -44.22 -6.53
N LEU F 267 -32.27 -44.10 -7.43
CA LEU F 267 -31.11 -43.26 -7.15
C LEU F 267 -31.51 -41.80 -6.98
N GLU F 268 -32.29 -41.27 -7.94
CA GLU F 268 -32.73 -39.88 -7.74
C GLU F 268 -33.67 -39.73 -6.58
N GLU F 269 -34.48 -40.76 -6.27
CA GLU F 269 -35.33 -40.69 -5.09
C GLU F 269 -34.50 -40.58 -3.82
N LEU F 270 -33.43 -41.37 -3.72
CA LEU F 270 -32.53 -41.26 -2.58
C LEU F 270 -31.86 -39.89 -2.53
N ASP F 271 -31.40 -39.39 -3.68
CA ASP F 271 -30.71 -38.12 -3.71
C ASP F 271 -31.62 -36.94 -3.43
N SER F 272 -32.93 -37.11 -3.66
CA SER F 272 -33.85 -35.98 -3.49
C SER F 272 -34.03 -35.60 -2.03
N LEU F 273 -33.99 -36.57 -1.11
CA LEU F 273 -34.25 -36.28 0.28
C LEU F 273 -33.09 -35.49 0.89
N SER F 274 -33.40 -34.76 1.96
CA SER F 274 -32.47 -33.82 2.58
C SER F 274 -31.98 -34.38 3.92
N ASP F 275 -31.12 -33.60 4.58
CA ASP F 275 -30.45 -34.05 5.79
C ASP F 275 -31.46 -34.47 6.85
N SER F 276 -32.49 -33.65 7.09
CA SER F 276 -33.46 -33.95 8.12
C SER F 276 -34.17 -35.28 7.88
N GLU F 277 -34.25 -35.70 6.61
CA GLU F 277 -34.89 -36.97 6.28
C GLU F 277 -33.91 -38.13 6.21
N LEU F 278 -32.66 -37.89 5.78
CA LEU F 278 -31.67 -38.95 5.82
C LEU F 278 -31.31 -39.33 7.25
N LEU F 279 -31.22 -38.37 8.16
CA LEU F 279 -30.88 -38.69 9.54
C LEU F 279 -31.99 -39.47 10.25
N ASP F 280 -33.19 -39.53 9.67
CA ASP F 280 -34.29 -40.30 10.22
C ASP F 280 -34.34 -41.66 9.54
N PHE F 281 -34.27 -42.72 10.33
CA PHE F 281 -34.23 -44.06 9.77
C PHE F 281 -35.54 -44.38 9.05
N THR F 282 -36.66 -43.98 9.64
CA THR F 282 -37.97 -44.37 9.13
C THR F 282 -38.22 -43.79 7.74
N VAL F 283 -37.80 -42.54 7.50
CA VAL F 283 -38.01 -41.92 6.20
C VAL F 283 -37.25 -42.69 5.12
N LEU F 284 -35.99 -43.01 5.40
CA LEU F 284 -35.19 -43.77 4.44
C LEU F 284 -35.79 -45.14 4.19
N ALA F 285 -36.33 -45.76 5.25
CA ALA F 285 -37.02 -47.04 5.08
C ALA F 285 -38.24 -46.90 4.18
N ARG F 286 -39.01 -45.83 4.37
CA ARG F 286 -40.18 -45.58 3.52
C ARG F 286 -39.76 -45.33 2.08
N VAL F 287 -38.57 -44.78 1.87
CA VAL F 287 -38.07 -44.61 0.50
C VAL F 287 -37.93 -45.98 -0.17
N PHE F 288 -37.40 -46.96 0.55
CA PHE F 288 -37.37 -48.32 0.04
C PHE F 288 -38.77 -48.86 -0.18
N GLY F 289 -39.68 -48.58 0.75
CA GLY F 289 -41.02 -49.14 0.74
C GLY F 289 -41.18 -50.19 1.81
N TYR F 290 -41.74 -49.80 2.95
CA TYR F 290 -41.81 -50.67 4.11
C TYR F 290 -42.96 -50.20 4.99
N PRO F 291 -43.52 -51.08 5.82
CA PRO F 291 -44.53 -50.63 6.79
C PRO F 291 -43.93 -49.62 7.77
N SER F 292 -44.75 -48.65 8.15
CA SER F 292 -44.29 -47.55 8.99
C SER F 292 -43.91 -48.00 10.40
N THR F 293 -44.30 -49.19 10.82
CA THR F 293 -43.99 -49.67 12.16
C THR F 293 -42.49 -49.89 12.32
N ALA F 294 -42.02 -49.73 13.56
CA ALA F 294 -40.62 -50.02 13.87
C ALA F 294 -40.32 -51.50 13.79
N GLU F 295 -41.34 -52.36 13.75
CA GLU F 295 -41.11 -53.79 13.60
C GLU F 295 -40.49 -54.13 12.26
N ALA F 296 -40.77 -53.31 11.23
CA ALA F 296 -40.13 -53.52 9.93
C ALA F 296 -38.62 -53.39 10.05
N GLN F 297 -38.15 -52.52 10.93
CA GLN F 297 -36.71 -52.42 11.16
C GLN F 297 -36.15 -53.74 11.70
N ASP F 298 -36.90 -54.41 12.57
CA ASP F 298 -36.50 -55.70 13.10
C ASP F 298 -36.86 -56.86 12.17
N SER F 299 -37.56 -56.60 11.07
CA SER F 299 -37.96 -57.67 10.17
C SER F 299 -36.76 -58.21 9.40
N ALA F 300 -36.91 -59.42 8.89
CA ALA F 300 -35.86 -60.12 8.16
C ALA F 300 -36.28 -60.30 6.71
N MET F 301 -35.36 -60.08 5.79
CA MET F 301 -35.62 -60.20 4.36
C MET F 301 -34.51 -60.99 3.70
N SER F 302 -34.84 -61.60 2.57
CA SER F 302 -33.83 -62.30 1.79
C SER F 302 -32.98 -61.31 1.01
N SER F 303 -31.79 -61.76 0.61
CA SER F 303 -30.86 -60.95 -0.16
C SER F 303 -30.78 -61.45 -1.59
N ARG F 304 -30.45 -60.54 -2.51
CA ARG F 304 -30.24 -60.91 -3.90
C ARG F 304 -28.82 -61.40 -4.17
N GLY F 305 -27.91 -61.23 -3.22
CA GLY F 305 -26.55 -61.71 -3.36
C GLY F 305 -25.64 -60.86 -4.21
N TYR F 306 -26.10 -59.70 -4.67
CA TYR F 306 -25.28 -58.86 -5.55
C TYR F 306 -23.98 -58.44 -4.85
N ARG F 307 -24.11 -57.84 -3.66
CA ARG F 307 -22.94 -57.28 -3.00
C ARG F 307 -22.00 -58.38 -2.51
N ALA F 308 -22.54 -59.49 -2.03
CA ALA F 308 -21.72 -60.53 -1.43
C ALA F 308 -20.72 -61.10 -2.44
N MET F 309 -21.19 -61.41 -3.64
CA MET F 309 -20.34 -61.99 -4.67
C MET F 309 -19.83 -60.97 -5.67
N ALA F 310 -20.17 -59.69 -5.51
CA ALA F 310 -19.60 -58.67 -6.39
C ALA F 310 -18.11 -58.50 -6.19
N ALA F 311 -17.61 -58.85 -5.00
CA ALA F 311 -16.18 -58.72 -4.70
C ALA F 311 -15.33 -59.75 -5.43
N ILE F 312 -15.95 -60.77 -6.02
CA ILE F 312 -15.18 -61.80 -6.74
C ILE F 312 -14.55 -61.17 -7.98
N PRO F 313 -13.25 -61.31 -8.19
CA PRO F 313 -12.62 -60.69 -9.36
C PRO F 313 -13.01 -61.41 -10.65
N ARG F 314 -12.85 -60.68 -11.76
CA ARG F 314 -13.10 -61.19 -13.11
C ARG F 314 -14.54 -61.68 -13.25
N LEU F 315 -15.47 -60.75 -13.10
CA LEU F 315 -16.89 -61.02 -13.24
C LEU F 315 -17.50 -60.09 -14.28
N GLN F 316 -18.50 -60.61 -14.99
CA GLN F 316 -19.23 -59.83 -15.99
C GLN F 316 -20.59 -59.45 -15.43
N PHE F 317 -20.99 -58.20 -15.66
CA PHE F 317 -22.26 -57.70 -15.12
C PHE F 317 -23.44 -58.51 -15.66
N ALA F 318 -23.40 -58.84 -16.96
CA ALA F 318 -24.50 -59.61 -17.54
C ALA F 318 -24.61 -60.98 -16.88
N HIS F 319 -23.48 -61.67 -16.69
CA HIS F 319 -23.51 -62.98 -16.04
C HIS F 319 -23.96 -62.86 -14.59
N VAL F 320 -23.54 -61.81 -13.89
CA VAL F 320 -23.98 -61.61 -12.51
C VAL F 320 -25.48 -61.44 -12.46
N ASP F 321 -26.03 -60.62 -13.35
CA ASP F 321 -27.48 -60.42 -13.40
C ASP F 321 -28.20 -61.72 -13.74
N LEU F 322 -27.68 -62.49 -14.69
CA LEU F 322 -28.32 -63.74 -15.07
C LEU F 322 -28.32 -64.73 -13.91
N LEU F 323 -27.21 -64.87 -13.20
CA LEU F 323 -27.16 -65.81 -12.09
C LEU F 323 -28.05 -65.36 -10.93
N VAL F 324 -28.10 -64.05 -10.68
CA VAL F 324 -28.99 -63.54 -9.63
C VAL F 324 -30.44 -63.82 -9.99
N ARG F 325 -30.81 -63.58 -11.25
CA ARG F 325 -32.18 -63.84 -11.68
C ARG F 325 -32.52 -65.33 -11.59
N SER F 326 -31.58 -66.19 -11.99
CA SER F 326 -31.83 -67.63 -11.98
C SER F 326 -31.82 -68.21 -10.58
N PHE F 327 -31.18 -67.56 -9.62
CA PHE F 327 -31.09 -68.05 -8.26
C PHE F 327 -31.87 -67.22 -7.26
N GLY F 328 -31.65 -65.91 -7.23
CA GLY F 328 -32.46 -65.04 -6.40
C GLY F 328 -31.86 -64.72 -5.04
N SER F 329 -31.21 -65.70 -4.41
CA SER F 329 -30.70 -65.53 -3.07
C SER F 329 -29.27 -66.05 -2.98
N LEU F 330 -28.52 -65.47 -2.04
CA LEU F 330 -27.17 -65.96 -1.76
C LEU F 330 -27.20 -67.38 -1.20
N GLN F 331 -28.30 -67.74 -0.52
CA GLN F 331 -28.44 -69.11 -0.04
C GLN F 331 -28.49 -70.09 -1.19
N ASN F 332 -29.18 -69.72 -2.29
CA ASN F 332 -29.18 -70.56 -3.48
C ASN F 332 -27.78 -70.65 -4.09
N LEU F 333 -27.01 -69.57 -4.05
CA LEU F 333 -25.62 -69.63 -4.50
C LEU F 333 -24.80 -70.60 -3.65
N LEU F 334 -25.00 -70.55 -2.33
CA LEU F 334 -24.27 -71.45 -1.44
C LEU F 334 -24.67 -72.90 -1.69
N ALA F 335 -25.96 -73.16 -1.87
CA ALA F 335 -26.44 -74.52 -2.12
C ALA F 335 -26.20 -74.99 -3.53
N ALA F 336 -25.81 -74.10 -4.45
CA ALA F 336 -25.55 -74.50 -5.82
C ALA F 336 -24.31 -75.37 -5.91
N SER F 337 -24.34 -76.32 -6.85
CA SER F 337 -23.25 -77.24 -7.08
C SER F 337 -22.39 -76.75 -8.25
N ALA F 338 -21.27 -77.44 -8.46
CA ALA F 338 -20.38 -77.08 -9.56
C ALA F 338 -21.07 -77.26 -10.91
N ASP F 339 -21.79 -78.36 -11.08
CA ASP F 339 -22.52 -78.58 -12.32
C ASP F 339 -23.72 -77.64 -12.45
N ASP F 340 -24.37 -77.32 -11.33
CA ASP F 340 -25.56 -76.48 -11.38
C ASP F 340 -25.23 -75.10 -11.94
N LEU F 341 -24.12 -74.51 -11.50
CA LEU F 341 -23.69 -73.23 -12.08
C LEU F 341 -23.36 -73.38 -13.55
N GLN F 342 -22.66 -74.46 -13.91
CA GLN F 342 -22.33 -74.69 -15.31
C GLN F 342 -23.57 -75.05 -16.13
N SER F 343 -24.54 -75.72 -15.50
CA SER F 343 -25.77 -76.08 -16.22
C SER F 343 -26.56 -74.83 -16.62
N VAL F 344 -26.39 -73.73 -15.90
CA VAL F 344 -27.04 -72.48 -16.28
C VAL F 344 -26.43 -71.98 -17.59
N ASP F 345 -27.29 -71.60 -18.52
CA ASP F 345 -26.83 -71.17 -19.83
C ASP F 345 -25.95 -69.93 -19.73
N GLY F 346 -24.91 -69.89 -20.55
CA GLY F 346 -23.99 -68.77 -20.57
C GLY F 346 -22.88 -68.81 -19.55
N ILE F 347 -22.76 -69.88 -18.78
CA ILE F 347 -21.74 -70.01 -17.75
C ILE F 347 -20.84 -71.18 -18.10
N GLY F 348 -19.53 -70.94 -18.13
CA GLY F 348 -18.57 -71.99 -18.40
C GLY F 348 -18.29 -72.85 -17.18
N SER F 349 -17.64 -73.99 -17.45
CA SER F 349 -17.31 -74.93 -16.39
C SER F 349 -16.20 -74.40 -15.48
N MET F 350 -15.14 -73.84 -16.07
CA MET F 350 -14.04 -73.31 -15.26
C MET F 350 -14.47 -72.07 -14.48
N TRP F 351 -15.46 -71.33 -14.97
CA TRP F 351 -16.00 -70.21 -14.22
C TRP F 351 -16.88 -70.68 -13.07
N ALA F 352 -17.59 -71.79 -13.26
CA ALA F 352 -18.49 -72.28 -12.22
C ALA F 352 -17.73 -72.66 -10.95
N ARG F 353 -16.62 -73.38 -11.11
CA ARG F 353 -15.82 -73.74 -9.94
C ARG F 353 -15.16 -72.52 -9.31
N HIS F 354 -14.75 -71.55 -10.13
CA HIS F 354 -14.15 -70.33 -9.59
C HIS F 354 -15.15 -69.53 -8.77
N ILE F 355 -16.42 -69.51 -9.20
CA ILE F 355 -17.46 -68.81 -8.44
C ILE F 355 -17.59 -69.42 -7.05
N ARG F 356 -17.65 -70.76 -6.98
CA ARG F 356 -17.69 -71.43 -5.69
C ARG F 356 -16.37 -71.25 -4.94
N GLU F 357 -15.25 -71.24 -5.67
CA GLU F 357 -13.95 -71.03 -5.03
C GLU F 357 -13.91 -69.70 -4.30
N GLY F 358 -14.36 -68.64 -4.96
CA GLY F 358 -14.49 -67.37 -4.27
C GLY F 358 -15.54 -67.40 -3.18
N LEU F 359 -16.68 -68.04 -3.46
CA LEU F 359 -17.74 -68.14 -2.46
C LEU F 359 -17.28 -68.91 -1.24
N SER F 360 -16.53 -70.00 -1.45
CA SER F 360 -16.00 -70.76 -0.31
C SER F 360 -15.04 -69.91 0.50
N LEU F 361 -14.19 -69.13 -0.16
CA LEU F 361 -13.31 -68.22 0.56
C LEU F 361 -14.10 -67.14 1.28
N LEU F 362 -15.14 -66.60 0.63
CA LEU F 362 -15.99 -65.61 1.27
C LEU F 362 -16.78 -66.21 2.43
N ALA F 363 -17.13 -67.49 2.34
CA ALA F 363 -17.87 -68.14 3.42
C ALA F 363 -17.05 -68.26 4.69
N GLU F 364 -15.72 -68.15 4.59
CA GLU F 364 -14.86 -68.25 5.76
C GLU F 364 -14.76 -66.91 6.48
N PRO G 19 -28.96 -8.92 26.30
CA PRO G 19 -27.77 -9.19 25.50
C PRO G 19 -26.85 -10.23 26.14
N THR G 20 -26.72 -11.39 25.51
CA THR G 20 -25.91 -12.48 26.02
C THR G 20 -24.95 -12.93 24.94
N LEU G 21 -23.77 -13.40 25.37
CA LEU G 21 -22.75 -13.82 24.41
C LEU G 21 -23.29 -14.88 23.46
N ARG G 22 -23.88 -15.94 24.00
CA ARG G 22 -24.35 -17.01 23.12
C ARG G 22 -25.75 -16.72 22.60
N GLU G 23 -25.99 -15.48 22.20
CA GLU G 23 -26.96 -15.02 21.23
C GLU G 23 -26.33 -14.00 20.28
N THR G 24 -25.46 -13.14 20.79
CA THR G 24 -24.84 -12.10 19.98
C THR G 24 -23.75 -12.67 19.08
N LEU G 25 -22.98 -13.64 19.57
CA LEU G 25 -22.07 -14.36 18.69
C LEU G 25 -22.85 -15.14 17.63
N GLY G 26 -24.01 -15.69 18.00
CA GLY G 26 -24.83 -16.38 17.04
C GLY G 26 -25.32 -15.46 15.94
N ARG G 27 -25.77 -14.26 16.31
CA ARG G 27 -26.14 -13.27 15.31
C ARG G 27 -24.91 -12.70 14.61
N LEU G 28 -23.71 -12.90 15.17
CA LEU G 28 -22.46 -12.60 14.51
C LEU G 28 -21.87 -13.79 13.79
N ALA G 29 -22.49 -14.96 13.89
CA ALA G 29 -22.01 -16.13 13.19
C ALA G 29 -22.21 -15.97 11.69
N PRO G 30 -21.41 -16.65 10.87
CA PRO G 30 -21.58 -16.56 9.42
C PRO G 30 -22.98 -16.98 9.00
N GLY G 31 -23.49 -16.32 7.97
CA GLY G 31 -24.85 -16.54 7.52
C GLY G 31 -25.76 -15.43 7.99
N THR G 32 -25.57 -14.99 9.22
CA THR G 32 -26.36 -13.89 9.75
C THR G 32 -26.02 -12.59 9.05
N PRO G 33 -26.98 -11.70 8.83
CA PRO G 33 -26.71 -10.49 8.05
C PRO G 33 -25.61 -9.62 8.61
N LEU G 34 -25.50 -9.53 9.94
CA LEU G 34 -24.45 -8.72 10.53
C LEU G 34 -23.07 -9.24 10.16
N ARG G 35 -22.90 -10.57 10.17
CA ARG G 35 -21.60 -11.14 9.82
C ARG G 35 -21.31 -10.94 8.34
N ASP G 36 -22.34 -10.98 7.50
CA ASP G 36 -22.14 -10.67 6.09
C ASP G 36 -21.63 -9.24 5.93
N GLY G 37 -22.25 -8.30 6.64
CA GLY G 37 -21.79 -6.92 6.56
C GLY G 37 -20.37 -6.76 7.07
N LEU G 38 -20.04 -7.45 8.15
CA LEU G 38 -18.68 -7.39 8.70
C LEU G 38 -17.66 -7.93 7.70
N GLU G 39 -18.01 -9.04 7.03
CA GLU G 39 -17.12 -9.58 6.02
C GLU G 39 -16.94 -8.63 4.86
N ARG G 40 -18.03 -7.98 4.42
CA ARG G 40 -17.92 -6.98 3.35
C ARG G 40 -17.01 -5.84 3.76
N ILE G 41 -17.12 -5.41 5.03
CA ILE G 41 -16.22 -4.37 5.54
C ILE G 41 -14.77 -4.85 5.48
N LEU G 42 -14.54 -6.09 5.94
CA LEU G 42 -13.18 -6.60 6.06
C LEU G 42 -12.52 -6.73 4.69
N ARG G 43 -13.25 -7.21 3.69
CA ARG G 43 -12.68 -7.29 2.34
C ARG G 43 -12.35 -5.91 1.81
N GLY G 44 -13.05 -4.88 2.26
CA GLY G 44 -12.79 -3.53 1.81
C GLY G 44 -11.58 -2.87 2.43
N ARG G 45 -10.95 -3.53 3.41
CA ARG G 45 -9.74 -3.02 4.06
C ARG G 45 -9.95 -1.63 4.62
N THR G 46 -11.11 -1.42 5.24
CA THR G 46 -11.41 -0.16 5.91
C THR G 46 -11.99 -0.45 7.28
N GLY G 47 -11.93 0.56 8.15
CA GLY G 47 -12.41 0.41 9.49
C GLY G 47 -13.91 0.21 9.56
N ALA G 48 -14.42 0.15 10.79
CA ALA G 48 -15.85 0.01 11.04
C ALA G 48 -16.10 0.29 12.51
N LEU G 49 -17.32 0.70 12.82
CA LEU G 49 -17.75 0.87 14.22
C LEU G 49 -19.27 0.77 14.22
N ILE G 50 -19.77 -0.40 14.63
CA ILE G 50 -21.20 -0.70 14.60
C ILE G 50 -21.63 -1.02 16.03
N VAL G 51 -22.70 -0.39 16.49
CA VAL G 51 -23.26 -0.66 17.81
C VAL G 51 -24.76 -0.87 17.65
N LEU G 52 -25.29 -1.90 18.34
CA LEU G 52 -26.64 -2.40 18.13
C LEU G 52 -27.45 -2.16 19.39
N GLY G 53 -28.15 -1.03 19.46
CA GLY G 53 -28.97 -0.72 20.62
C GLY G 53 -29.03 0.76 20.95
N TYR G 54 -30.24 1.28 21.09
CA TYR G 54 -30.46 2.70 21.35
C TYR G 54 -31.26 2.88 22.63
N ASP G 55 -30.82 3.82 23.47
CA ASP G 55 -31.52 4.15 24.70
C ASP G 55 -31.22 5.61 25.03
N ASP G 56 -31.58 6.02 26.24
CA ASP G 56 -31.23 7.36 26.70
C ASP G 56 -29.73 7.52 26.87
N SER G 57 -29.05 6.48 27.35
CA SER G 57 -27.61 6.58 27.55
C SER G 57 -26.87 6.64 26.21
N VAL G 58 -27.35 5.92 25.20
CA VAL G 58 -26.72 5.96 23.89
C VAL G 58 -26.82 7.36 23.29
N GLU G 59 -28.02 7.94 23.32
CA GLU G 59 -28.17 9.29 22.79
C GLU G 59 -27.41 10.30 23.64
N ALA G 60 -27.26 10.03 24.94
CA ALA G 60 -26.44 10.89 25.78
C ALA G 60 -24.98 10.88 25.34
N ILE G 61 -24.46 9.68 25.02
CA ILE G 61 -23.09 9.58 24.53
C ILE G 61 -22.97 10.17 23.12
N CYS G 62 -23.96 9.90 22.26
CA CYS G 62 -23.89 10.30 20.87
C CYS G 62 -23.81 11.82 20.72
N ASP G 63 -23.03 12.27 19.73
CA ASP G 63 -22.94 13.67 19.36
C ASP G 63 -22.23 13.78 18.03
N GLY G 64 -22.74 14.66 17.16
CA GLY G 64 -22.14 14.87 15.87
C GLY G 64 -22.31 13.70 14.93
N GLY G 65 -23.56 13.43 14.53
CA GLY G 65 -23.82 12.31 13.66
C GLY G 65 -24.88 12.60 12.62
N PHE G 66 -25.62 11.57 12.21
CA PHE G 66 -26.62 11.71 11.17
C PHE G 66 -27.90 10.98 11.56
N VAL G 67 -28.83 10.84 10.63
CA VAL G 67 -30.04 10.06 10.86
C VAL G 67 -30.60 9.59 9.52
N LEU G 68 -30.93 8.31 9.41
CA LEU G 68 -31.50 7.76 8.18
C LEU G 68 -32.87 7.16 8.37
N ASP G 69 -33.01 6.21 9.30
CA ASP G 69 -34.23 5.41 9.48
C ASP G 69 -34.58 4.65 8.19
N VAL G 70 -33.69 3.74 7.80
CA VAL G 70 -33.91 2.84 6.68
C VAL G 70 -33.64 1.41 7.13
N ARG G 71 -34.25 0.46 6.44
CA ARG G 71 -34.18 -0.94 6.84
C ARG G 71 -32.79 -1.50 6.60
N TYR G 72 -32.46 -2.53 7.36
CA TYR G 72 -31.12 -3.13 7.29
C TYR G 72 -30.87 -3.82 5.96
N ALA G 73 -29.65 -3.69 5.46
CA ALA G 73 -29.18 -4.39 4.28
C ALA G 73 -27.66 -4.42 4.34
N PRO G 74 -27.02 -5.40 3.70
CA PRO G 74 -25.57 -5.60 3.95
C PRO G 74 -24.69 -4.41 3.60
N THR G 75 -25.02 -3.65 2.56
CA THR G 75 -24.10 -2.63 2.07
C THR G 75 -24.16 -1.32 2.85
N ARG G 76 -25.23 -1.08 3.63
CA ARG G 76 -25.31 0.17 4.39
C ARG G 76 -24.15 0.31 5.36
N LEU G 77 -23.89 -0.71 6.17
CA LEU G 77 -22.79 -0.60 7.14
C LEU G 77 -21.45 -0.49 6.43
N ARG G 78 -21.30 -1.24 5.33
CA ARG G 78 -20.08 -1.17 4.54
C ARG G 78 -19.78 0.28 4.14
N GLU G 79 -20.76 0.96 3.57
CA GLU G 79 -20.54 2.34 3.13
C GLU G 79 -20.38 3.28 4.32
N LEU G 80 -21.25 3.15 5.33
CA LEU G 80 -21.26 4.09 6.44
C LEU G 80 -20.03 3.98 7.32
N SER G 81 -19.29 2.87 7.23
CA SER G 81 -18.11 2.69 8.07
C SER G 81 -16.96 3.62 7.68
N LYS G 82 -17.06 4.32 6.55
CA LYS G 82 -15.97 5.15 6.04
C LYS G 82 -15.91 6.52 6.70
N MET G 83 -16.87 6.88 7.54
CA MET G 83 -16.95 8.25 8.05
C MET G 83 -15.96 8.54 9.16
N ASP G 84 -15.26 7.53 9.68
CA ASP G 84 -14.38 7.69 10.86
C ASP G 84 -15.19 8.22 12.05
N GLY G 85 -16.33 7.57 12.28
CA GLY G 85 -17.17 7.89 13.42
C GLY G 85 -17.62 6.63 14.12
N ALA G 86 -18.93 6.41 14.16
CA ALA G 86 -19.51 5.13 14.55
C ALA G 86 -20.90 5.03 13.93
N VAL G 87 -21.38 3.80 13.79
CA VAL G 87 -22.72 3.52 13.30
C VAL G 87 -23.52 2.91 14.43
N VAL G 88 -24.71 3.44 14.67
CA VAL G 88 -25.58 2.96 15.74
C VAL G 88 -26.81 2.34 15.12
N LEU G 89 -27.14 1.13 15.57
CA LEU G 89 -28.34 0.42 15.15
C LEU G 89 -29.18 0.09 16.38
N SER G 90 -30.45 -0.18 16.14
CA SER G 90 -31.39 -0.39 17.24
C SER G 90 -31.00 -1.63 18.04
N SER G 91 -31.78 -1.91 19.08
CA SER G 91 -31.51 -3.07 19.93
C SER G 91 -31.63 -4.37 19.14
N ASP G 92 -32.67 -4.48 18.31
CA ASP G 92 -32.85 -5.67 17.49
C ASP G 92 -31.79 -5.79 16.40
N GLY G 93 -31.01 -4.73 16.15
CA GLY G 93 -29.99 -4.78 15.13
C GLY G 93 -30.53 -4.91 13.73
N SER G 94 -31.69 -4.33 13.44
CA SER G 94 -32.26 -4.38 12.11
C SER G 94 -32.73 -3.02 11.62
N ARG G 95 -32.53 -1.95 12.38
CA ARG G 95 -32.92 -0.61 11.99
C ARG G 95 -31.69 0.28 11.98
N ILE G 96 -31.53 1.04 10.89
CA ILE G 96 -30.38 1.90 10.68
C ILE G 96 -30.81 3.32 11.05
N LEU G 97 -30.20 3.88 12.08
CA LEU G 97 -30.75 5.06 12.73
C LEU G 97 -29.76 6.21 12.95
N ARG G 98 -28.45 5.95 13.02
CA ARG G 98 -27.49 7.04 13.06
C ARG G 98 -26.42 6.85 11.99
N ALA G 99 -25.33 7.60 12.12
CA ALA G 99 -24.12 7.45 11.32
C ALA G 99 -23.07 8.41 11.85
N ASN G 100 -21.80 8.09 11.60
CA ASN G 100 -20.73 9.08 11.70
C ASN G 100 -20.55 9.62 13.11
N VAL G 101 -21.33 9.14 14.07
CA VAL G 101 -21.33 9.72 15.40
C VAL G 101 -20.02 9.40 16.11
N GLN G 102 -19.47 10.38 16.82
CA GLN G 102 -18.28 10.19 17.65
C GLN G 102 -18.73 9.71 19.02
N LEU G 103 -18.77 8.40 19.22
CA LEU G 103 -19.36 7.83 20.43
C LEU G 103 -18.45 8.11 21.61
N VAL G 104 -18.73 9.20 22.33
CA VAL G 104 -17.89 9.66 23.43
C VAL G 104 -18.51 9.31 24.78
N PRO G 105 -17.96 8.34 25.50
CA PRO G 105 -18.46 8.02 26.85
C PRO G 105 -17.72 8.76 27.94
N ASP G 106 -18.03 8.43 29.18
CA ASP G 106 -17.40 9.03 30.35
C ASP G 106 -15.91 8.69 30.39
N PRO G 107 -15.01 9.67 30.42
CA PRO G 107 -13.58 9.36 30.52
C PRO G 107 -13.19 8.69 31.82
N SER G 108 -14.01 8.74 32.86
CA SER G 108 -13.65 8.14 34.14
C SER G 108 -13.71 6.62 34.12
N ILE G 109 -14.35 6.02 33.12
CA ILE G 109 -14.52 4.57 33.09
C ILE G 109 -13.16 3.92 32.79
N PRO G 110 -12.72 2.96 33.59
CA PRO G 110 -11.43 2.31 33.32
C PRO G 110 -11.46 1.49 32.04
N THR G 111 -10.37 1.55 31.29
CA THR G 111 -10.18 0.75 30.09
C THR G 111 -8.69 0.74 29.78
N ASP G 112 -8.07 -0.44 29.84
CA ASP G 112 -6.65 -0.56 29.56
C ASP G 112 -6.33 -0.62 28.08
N GLU G 113 -7.34 -0.79 27.22
CA GLU G 113 -7.11 -0.83 25.79
C GLU G 113 -6.48 0.47 25.30
N SER G 114 -5.45 0.33 24.46
CA SER G 114 -4.75 1.48 23.89
C SER G 114 -5.15 1.61 22.43
N GLY G 115 -5.74 2.76 22.09
CA GLY G 115 -6.32 2.97 20.79
C GLY G 115 -7.69 3.61 20.91
N THR G 116 -7.86 4.78 20.30
CA THR G 116 -9.06 5.58 20.55
C THR G 116 -10.32 4.87 20.06
N ARG G 117 -10.28 4.28 18.88
CA ARG G 117 -11.42 3.53 18.36
C ARG G 117 -11.85 2.45 19.35
N HIS G 118 -10.90 1.62 19.76
CA HIS G 118 -11.24 0.50 20.63
C HIS G 118 -11.55 0.96 22.05
N ARG G 119 -10.89 2.01 22.54
CA ARG G 119 -11.19 2.54 23.86
C ARG G 119 -12.62 3.05 23.92
N SER G 120 -13.03 3.80 22.90
CA SER G 120 -14.42 4.25 22.81
C SER G 120 -15.36 3.06 22.74
N ALA G 121 -15.03 2.05 21.93
CA ALA G 121 -15.89 0.88 21.81
C ALA G 121 -16.08 0.21 23.16
N GLU G 122 -14.98 0.02 23.90
CA GLU G 122 -15.06 -0.67 25.18
C GLU G 122 -15.89 0.10 26.20
N ARG G 123 -15.63 1.41 26.33
CA ARG G 123 -16.39 2.16 27.34
C ARG G 123 -17.86 2.30 26.95
N THR G 124 -18.15 2.47 25.66
CA THR G 124 -19.54 2.52 25.23
C THR G 124 -20.25 1.22 25.55
N ALA G 125 -19.58 0.08 25.32
CA ALA G 125 -20.18 -1.21 25.66
C ALA G 125 -20.36 -1.36 27.16
N ILE G 126 -19.40 -0.89 27.96
CA ILE G 126 -19.52 -1.06 29.40
C ILE G 126 -20.68 -0.22 29.94
N GLN G 127 -20.92 0.95 29.35
CA GLN G 127 -22.07 1.75 29.78
C GLN G 127 -23.37 1.14 29.28
N THR G 128 -23.53 1.06 27.96
CA THR G 128 -24.70 0.42 27.36
C THR G 128 -24.29 -0.98 26.90
N GLY G 129 -24.85 -1.99 27.54
CA GLY G 129 -24.37 -3.35 27.38
C GLY G 129 -24.75 -3.98 26.06
N TYR G 130 -24.89 -3.17 25.04
CA TYR G 130 -25.19 -3.66 23.71
C TYR G 130 -23.92 -4.07 22.98
N PRO G 131 -24.02 -4.85 21.91
CA PRO G 131 -22.84 -5.15 21.10
C PRO G 131 -22.24 -3.88 20.52
N VAL G 132 -20.90 -3.80 20.58
CA VAL G 132 -20.12 -2.71 19.98
C VAL G 132 -19.01 -3.40 19.21
N ILE G 133 -19.22 -3.59 17.91
CA ILE G 133 -18.25 -4.29 17.06
C ILE G 133 -17.25 -3.28 16.52
N SER G 134 -15.96 -3.57 16.74
CA SER G 134 -14.86 -2.68 16.36
C SER G 134 -13.93 -3.44 15.43
N VAL G 135 -13.65 -2.86 14.27
CA VAL G 135 -12.78 -3.47 13.26
C VAL G 135 -11.66 -2.49 12.94
N SER G 136 -10.42 -2.96 13.05
CA SER G 136 -9.26 -2.13 12.76
C SER G 136 -8.95 -2.19 11.27
N HIS G 137 -8.69 -1.03 10.67
CA HIS G 137 -8.38 -0.98 9.25
C HIS G 137 -7.00 -1.58 8.99
N SER G 138 -6.77 -1.95 7.73
CA SER G 138 -5.53 -2.55 7.23
C SER G 138 -5.30 -3.96 7.78
N MET G 139 -6.21 -4.47 8.61
CA MET G 139 -6.11 -5.82 9.15
C MET G 139 -7.46 -6.50 8.99
N SER G 140 -7.55 -7.76 9.43
CA SER G 140 -8.75 -8.56 9.31
C SER G 140 -9.24 -9.01 10.68
N ILE G 141 -9.17 -8.12 11.66
CA ILE G 141 -9.55 -8.41 13.03
C ILE G 141 -10.95 -7.90 13.29
N VAL G 142 -11.80 -8.73 13.89
CA VAL G 142 -13.13 -8.35 14.30
C VAL G 142 -13.25 -8.50 15.80
N THR G 143 -13.68 -7.43 16.47
CA THR G 143 -13.76 -7.39 17.91
C THR G 143 -15.20 -7.20 18.35
N VAL G 144 -15.60 -7.95 19.36
CA VAL G 144 -16.92 -7.84 19.96
C VAL G 144 -16.76 -7.40 21.41
N TYR G 145 -17.59 -6.46 21.84
CA TYR G 145 -17.47 -5.91 23.18
C TYR G 145 -18.73 -6.16 23.99
N VAL G 146 -19.24 -7.36 23.92
CA VAL G 146 -20.50 -7.68 24.59
C VAL G 146 -20.21 -8.11 26.02
N ALA G 147 -21.14 -7.76 26.92
CA ALA G 147 -21.09 -8.18 28.32
C ALA G 147 -19.80 -7.79 29.01
N GLY G 148 -19.22 -6.67 28.63
CA GLY G 148 -18.07 -6.15 29.33
C GLY G 148 -16.80 -6.96 29.17
N GLU G 149 -16.68 -7.76 28.11
CA GLU G 149 -15.46 -8.51 27.87
C GLU G 149 -15.19 -8.58 26.37
N ARG G 150 -13.95 -8.27 26.00
CA ARG G 150 -13.54 -8.32 24.61
C ARG G 150 -13.43 -9.76 24.12
N HIS G 151 -13.69 -9.96 22.83
CA HIS G 151 -13.56 -11.29 22.25
C HIS G 151 -13.31 -11.15 20.76
N VAL G 152 -12.05 -11.36 20.35
CA VAL G 152 -11.71 -11.30 18.93
C VAL G 152 -12.41 -12.44 18.21
N VAL G 153 -13.23 -12.10 17.21
CA VAL G 153 -13.82 -13.12 16.37
C VAL G 153 -12.69 -13.78 15.59
N PRO G 154 -12.49 -15.07 15.72
CA PRO G 154 -11.42 -15.74 14.99
C PRO G 154 -11.89 -16.22 13.62
N ASP G 155 -10.92 -16.52 12.77
CA ASP G 155 -11.23 -17.18 11.51
C ASP G 155 -11.79 -18.56 11.77
N SER G 156 -12.60 -19.04 10.82
CA SER G 156 -13.24 -20.34 10.99
C SER G 156 -12.22 -21.47 11.07
N ALA G 157 -11.03 -21.28 10.54
CA ALA G 157 -10.02 -22.34 10.56
C ALA G 157 -9.61 -22.69 11.99
N THR G 158 -9.36 -21.68 12.81
CA THR G 158 -8.94 -21.93 14.19
C THR G 158 -10.04 -22.61 14.99
N ILE G 159 -11.28 -22.15 14.84
CA ILE G 159 -12.40 -22.77 15.54
C ILE G 159 -12.58 -24.21 15.09
N LEU G 160 -12.46 -24.45 13.78
CA LEU G 160 -12.59 -25.81 13.27
C LEU G 160 -11.48 -26.71 13.81
N SER G 161 -10.25 -26.18 13.90
CA SER G 161 -9.15 -26.97 14.42
C SER G 161 -9.37 -27.33 15.88
N ARG G 162 -9.79 -26.36 16.69
CA ARG G 162 -10.08 -26.64 18.10
C ARG G 162 -11.21 -27.65 18.22
N ALA G 163 -12.25 -27.51 17.39
CA ALA G 163 -13.36 -28.46 17.42
C ALA G 163 -12.90 -29.86 17.04
N ASN G 164 -12.05 -29.97 16.02
CA ASN G 164 -11.54 -31.28 15.61
C ASN G 164 -10.73 -31.92 16.73
N GLN G 165 -9.91 -31.12 17.42
CA GLN G 165 -9.15 -31.68 18.54
C GLN G 165 -10.08 -32.12 19.66
N THR G 166 -11.16 -31.38 19.90
CA THR G 166 -12.06 -31.73 21.00
C THR G 166 -12.92 -32.94 20.65
N ILE G 167 -13.22 -33.14 19.37
CA ILE G 167 -14.09 -34.25 18.98
C ILE G 167 -13.43 -35.59 19.26
N ALA G 168 -12.10 -35.68 19.11
CA ALA G 168 -11.42 -36.92 19.45
C ALA G 168 -11.58 -37.25 20.93
N THR G 169 -11.43 -36.25 21.79
CA THR G 169 -11.61 -36.46 23.22
C THR G 169 -13.05 -36.85 23.53
N LEU G 170 -14.02 -36.21 22.86
CA LEU G 170 -15.42 -36.60 23.03
C LEU G 170 -15.63 -38.04 22.62
N GLU G 171 -15.02 -38.46 21.51
CA GLU G 171 -15.19 -39.82 21.01
C GLU G 171 -14.64 -40.83 22.00
N ARG G 172 -13.44 -40.57 22.54
CA ARG G 172 -12.87 -41.53 23.47
C ARG G 172 -13.66 -41.56 24.78
N TYR G 173 -14.15 -40.41 25.24
CA TYR G 173 -15.02 -40.42 26.40
C TYR G 173 -16.30 -41.20 26.14
N LYS G 174 -16.86 -41.08 24.94
CA LYS G 174 -18.04 -41.87 24.61
C LYS G 174 -17.72 -43.35 24.62
N GLY G 175 -16.52 -43.72 24.16
CA GLY G 175 -16.14 -45.12 24.22
C GLY G 175 -16.03 -45.64 25.64
N ARG G 176 -15.40 -44.86 26.52
CA ARG G 176 -15.29 -45.27 27.92
C ARG G 176 -16.67 -45.38 28.56
N LEU G 177 -17.56 -44.42 28.27
CA LEU G 177 -18.92 -44.50 28.78
C LEU G 177 -19.62 -45.75 28.27
N ASP G 178 -19.45 -46.06 26.99
CA ASP G 178 -20.09 -47.25 26.44
C ASP G 178 -19.60 -48.50 27.14
N GLU G 179 -18.29 -48.61 27.37
CA GLU G 179 -17.76 -49.79 28.05
C GLU G 179 -18.33 -49.92 29.46
N VAL G 180 -18.26 -48.84 30.24
CA VAL G 180 -18.70 -48.95 31.63
C VAL G 180 -20.20 -49.14 31.72
N SER G 181 -20.98 -48.51 30.85
CA SER G 181 -22.43 -48.70 30.85
C SER G 181 -22.82 -50.10 30.40
N ARG G 182 -22.08 -50.68 29.45
CA ARG G 182 -22.33 -52.08 29.08
C ARG G 182 -22.02 -53.00 30.25
N GLN G 183 -20.95 -52.71 30.99
CA GLN G 183 -20.66 -53.45 32.21
C GLN G 183 -21.81 -53.35 33.20
N LEU G 184 -22.34 -52.14 33.38
CA LEU G 184 -23.46 -51.97 34.30
C LEU G 184 -24.69 -52.70 33.81
N SER G 185 -24.93 -52.73 32.50
CA SER G 185 -26.07 -53.46 31.97
C SER G 185 -25.93 -54.97 32.22
N THR G 186 -24.72 -55.49 32.04
CA THR G 186 -24.45 -56.89 32.33
C THR G 186 -24.68 -57.18 33.82
N ALA G 187 -24.27 -56.26 34.68
CA ALA G 187 -24.59 -56.41 36.10
C ALA G 187 -26.10 -56.34 36.34
N GLU G 188 -26.79 -55.52 35.55
CA GLU G 188 -28.24 -55.35 35.70
C GLU G 188 -28.99 -56.64 35.38
N ILE G 189 -28.57 -57.34 34.32
CA ILE G 189 -29.25 -58.58 33.98
C ILE G 189 -28.99 -59.64 35.04
N GLU G 190 -27.93 -59.48 35.83
CA GLU G 190 -27.71 -60.29 37.02
C GLU G 190 -28.30 -59.56 38.23
N ASP G 191 -28.06 -60.09 39.43
CA ASP G 191 -28.52 -59.47 40.65
C ASP G 191 -27.39 -58.77 41.40
N PHE G 192 -26.26 -58.53 40.75
CA PHE G 192 -25.11 -57.92 41.38
C PHE G 192 -25.11 -56.42 41.08
N VAL G 193 -25.40 -55.62 42.10
CA VAL G 193 -25.47 -54.17 41.98
C VAL G 193 -24.63 -53.57 43.10
N THR G 194 -23.64 -52.76 42.73
CA THR G 194 -22.78 -52.07 43.68
C THR G 194 -22.81 -50.57 43.43
N LEU G 195 -22.62 -49.80 44.49
CA LEU G 195 -22.73 -48.35 44.39
C LEU G 195 -21.72 -47.77 43.40
N ARG G 196 -20.48 -48.26 43.46
CA ARG G 196 -19.44 -47.72 42.60
C ARG G 196 -19.76 -47.96 41.12
N ASP G 197 -20.21 -49.17 40.79
CA ASP G 197 -20.54 -49.47 39.40
C ASP G 197 -21.77 -48.71 38.94
N VAL G 198 -22.75 -48.53 39.82
CA VAL G 198 -23.96 -47.79 39.47
C VAL G 198 -23.65 -46.32 39.22
N MET G 199 -22.69 -45.78 39.97
CA MET G 199 -22.44 -44.35 40.01
C MET G 199 -21.30 -43.87 39.10
N THR G 200 -20.35 -44.74 38.75
CA THR G 200 -19.28 -44.32 37.86
C THR G 200 -19.82 -44.00 36.47
N VAL G 201 -20.83 -44.75 36.02
CA VAL G 201 -21.44 -44.44 34.72
C VAL G 201 -22.11 -43.08 34.78
N VAL G 202 -22.72 -42.74 35.93
CA VAL G 202 -23.36 -41.44 36.08
C VAL G 202 -22.33 -40.34 36.00
N GLN G 203 -21.19 -40.52 36.68
CA GLN G 203 -20.12 -39.52 36.63
C GLN G 203 -19.62 -39.33 35.20
N ARG G 204 -19.37 -40.45 34.51
CA ARG G 204 -18.89 -40.36 33.13
C ARG G 204 -19.91 -39.69 32.22
N LEU G 205 -21.20 -39.99 32.44
CA LEU G 205 -22.25 -39.42 31.61
C LEU G 205 -22.37 -37.91 31.83
N GLU G 206 -22.28 -37.47 33.08
CA GLU G 206 -22.30 -36.04 33.34
C GLU G 206 -21.10 -35.36 32.69
N MET G 207 -19.92 -35.99 32.77
CA MET G 207 -18.75 -35.37 32.18
C MET G 207 -18.87 -35.26 30.66
N VAL G 208 -19.38 -36.31 30.02
CA VAL G 208 -19.53 -36.24 28.57
C VAL G 208 -20.63 -35.24 28.19
N ARG G 209 -21.65 -35.08 29.03
CA ARG G 209 -22.66 -34.06 28.78
C ARG G 209 -22.05 -32.66 28.85
N ARG G 210 -21.18 -32.43 29.82
CA ARG G 210 -20.56 -31.11 29.93
C ARG G 210 -19.61 -30.85 28.76
N ILE G 211 -18.89 -31.87 28.29
CA ILE G 211 -18.05 -31.64 27.12
C ILE G 211 -18.91 -31.42 25.88
N SER G 212 -20.09 -32.05 25.84
CA SER G 212 -21.02 -31.80 24.74
C SER G 212 -21.48 -30.35 24.74
N LEU G 213 -21.78 -29.81 25.92
CA LEU G 213 -22.14 -28.39 25.99
C LEU G 213 -20.98 -27.50 25.55
N GLU G 214 -19.77 -27.83 25.97
CA GLU G 214 -18.61 -27.02 25.59
C GLU G 214 -18.42 -26.99 24.09
N ILE G 215 -18.56 -28.14 23.42
CA ILE G 215 -18.41 -28.15 21.97
C ILE G 215 -19.64 -27.53 21.29
N ASP G 216 -20.82 -27.61 21.92
CA ASP G 216 -22.00 -26.95 21.37
C ASP G 216 -21.84 -25.44 21.35
N ALA G 217 -21.09 -24.89 22.32
CA ALA G 217 -20.79 -23.47 22.28
C ALA G 217 -20.10 -23.09 20.98
N ASP G 218 -19.07 -23.85 20.59
CA ASP G 218 -18.38 -23.58 19.35
C ASP G 218 -19.25 -23.89 18.15
N VAL G 219 -20.16 -24.86 18.27
CA VAL G 219 -21.12 -25.11 17.19
C VAL G 219 -21.96 -23.87 16.92
N VAL G 220 -22.47 -23.26 17.99
CA VAL G 220 -23.26 -22.04 17.85
C VAL G 220 -22.42 -20.92 17.29
N GLU G 221 -21.17 -20.81 17.76
CA GLU G 221 -20.29 -19.75 17.25
C GLU G 221 -20.05 -19.89 15.76
N LEU G 222 -19.81 -21.12 15.28
CA LEU G 222 -19.66 -21.35 13.85
C LEU G 222 -20.94 -21.01 13.10
N GLY G 223 -22.08 -21.46 13.62
CA GLY G 223 -23.35 -21.08 13.03
C GLY G 223 -23.67 -21.82 11.73
N THR G 224 -22.95 -21.47 10.66
CA THR G 224 -23.19 -22.12 9.37
C THR G 224 -21.90 -22.62 8.75
N ASP G 225 -20.78 -22.00 9.09
CA ASP G 225 -19.50 -22.46 8.55
C ASP G 225 -19.20 -23.88 9.01
N GLY G 226 -19.45 -24.17 10.28
CA GLY G 226 -19.31 -25.53 10.77
C GLY G 226 -20.62 -26.29 10.68
N ARG G 227 -21.15 -26.45 9.48
CA ARG G 227 -22.41 -27.16 9.29
C ARG G 227 -22.19 -28.65 9.10
N GLN G 228 -21.33 -29.22 9.94
CA GLN G 228 -21.18 -30.66 10.13
C GLN G 228 -20.95 -31.04 11.58
N LEU G 229 -20.45 -30.12 12.41
CA LEU G 229 -20.19 -30.45 13.80
C LEU G 229 -21.48 -30.69 14.57
N LYS G 230 -22.57 -30.01 14.18
CA LYS G 230 -23.83 -30.25 14.85
C LYS G 230 -24.32 -31.67 14.61
N LEU G 231 -24.18 -32.18 13.38
CA LEU G 231 -24.61 -33.53 13.11
C LEU G 231 -23.65 -34.55 13.71
N GLN G 232 -22.36 -34.22 13.79
CA GLN G 232 -21.45 -35.11 14.51
C GLN G 232 -21.82 -35.21 15.98
N LEU G 233 -22.16 -34.08 16.61
CA LEU G 233 -22.60 -34.13 18.00
C LEU G 233 -23.92 -34.87 18.15
N ASP G 234 -24.85 -34.68 17.21
CA ASP G 234 -26.10 -35.41 17.26
C ASP G 234 -25.87 -36.91 17.18
N GLU G 235 -24.95 -37.33 16.32
CA GLU G 235 -24.62 -38.75 16.21
C GLU G 235 -23.97 -39.27 17.48
N LEU G 236 -22.94 -38.58 17.97
CA LEU G 236 -22.14 -39.12 19.06
C LEU G 236 -22.86 -39.05 20.39
N VAL G 237 -23.49 -37.91 20.69
CA VAL G 237 -24.08 -37.71 22.01
C VAL G 237 -25.23 -38.67 22.25
N GLY G 238 -26.11 -38.83 21.26
CA GLY G 238 -27.25 -39.69 21.47
C GLY G 238 -28.22 -39.11 22.49
N ASP G 239 -28.89 -40.00 23.20
CA ASP G 239 -29.90 -39.61 24.20
C ASP G 239 -29.23 -39.41 25.56
N ASN G 240 -28.43 -38.36 25.65
CA ASN G 240 -27.75 -38.06 26.91
C ASN G 240 -28.73 -37.58 27.97
N GLU G 241 -29.64 -36.68 27.61
CA GLU G 241 -30.60 -36.17 28.58
C GLU G 241 -31.63 -37.21 28.95
N THR G 242 -32.06 -38.03 27.98
CA THR G 242 -32.96 -39.13 28.30
C THR G 242 -32.31 -40.11 29.24
N ALA G 243 -31.02 -40.41 29.01
CA ALA G 243 -30.28 -41.27 29.93
C ALA G 243 -30.18 -40.62 31.30
N ARG G 244 -29.95 -39.31 31.36
CA ARG G 244 -29.92 -38.61 32.64
C ARG G 244 -31.23 -38.81 33.40
N GLU G 245 -32.35 -38.55 32.74
CA GLU G 245 -33.65 -38.66 33.40
C GLU G 245 -33.92 -40.09 33.85
N LEU G 246 -33.66 -41.06 32.97
CA LEU G 246 -33.93 -42.46 33.31
C LEU G 246 -33.08 -42.90 34.48
N ILE G 247 -31.79 -42.56 34.45
CA ILE G 247 -30.88 -43.00 35.51
C ILE G 247 -31.25 -42.34 36.83
N VAL G 248 -31.57 -41.05 36.81
CA VAL G 248 -31.92 -40.37 38.06
C VAL G 248 -33.19 -40.96 38.64
N ARG G 249 -34.20 -41.21 37.79
CA ARG G 249 -35.44 -41.79 38.29
C ARG G 249 -35.26 -43.21 38.78
N ASP G 250 -34.36 -43.98 38.16
CA ASP G 250 -34.15 -45.36 38.56
C ASP G 250 -33.35 -45.45 39.85
N TYR G 251 -32.15 -44.87 39.86
CA TYR G 251 -31.24 -44.96 41.00
C TYR G 251 -31.54 -43.81 41.98
N HIS G 252 -32.62 -43.99 42.72
CA HIS G 252 -33.12 -43.00 43.68
C HIS G 252 -33.27 -43.70 45.03
N ALA G 253 -32.19 -43.69 45.82
CA ALA G 253 -32.18 -44.36 47.12
C ALA G 253 -32.93 -43.50 48.15
N ASN G 254 -34.24 -43.45 47.97
CA ASN G 254 -35.14 -42.72 48.83
C ASN G 254 -36.39 -43.54 49.06
N PRO G 255 -37.12 -43.28 50.16
CA PRO G 255 -38.32 -44.09 50.44
C PRO G 255 -39.34 -44.07 49.32
N ASP G 256 -39.41 -42.99 48.55
CA ASP G 256 -40.36 -42.89 47.46
C ASP G 256 -39.65 -42.58 46.15
N PRO G 257 -40.21 -43.01 45.01
CA PRO G 257 -39.60 -42.65 43.73
C PRO G 257 -39.66 -41.15 43.52
N PRO G 258 -38.68 -40.58 42.83
CA PRO G 258 -38.62 -39.11 42.70
C PRO G 258 -39.71 -38.57 41.81
N THR G 259 -40.04 -37.30 42.01
CA THR G 259 -40.98 -36.58 41.17
C THR G 259 -40.22 -35.81 40.10
N ALA G 260 -40.96 -35.43 39.04
CA ALA G 260 -40.33 -34.76 37.91
C ALA G 260 -39.64 -33.47 38.33
N ALA G 261 -40.29 -32.67 39.17
CA ALA G 261 -39.65 -31.46 39.67
C ALA G 261 -38.42 -31.79 40.50
N GLN G 262 -38.52 -32.81 41.36
CA GLN G 262 -37.37 -33.21 42.16
C GLN G 262 -36.25 -33.77 41.29
N VAL G 263 -36.62 -34.54 40.26
CA VAL G 263 -35.62 -35.06 39.32
C VAL G 263 -34.89 -33.92 38.64
N ALA G 264 -35.63 -32.92 38.15
CA ALA G 264 -35.00 -31.78 37.49
C ALA G 264 -34.10 -31.02 38.46
N ALA G 265 -34.58 -30.81 39.69
CA ALA G 265 -33.81 -30.08 40.68
C ALA G 265 -32.49 -30.78 40.98
N THR G 266 -32.54 -32.11 41.17
CA THR G 266 -31.31 -32.87 41.31
C THR G 266 -30.45 -32.75 40.06
N LEU G 267 -31.07 -32.60 38.89
CA LEU G 267 -30.30 -32.45 37.66
C LEU G 267 -29.44 -31.20 37.70
N GLU G 268 -30.03 -30.04 38.01
CA GLU G 268 -29.15 -28.86 38.08
C GLU G 268 -28.24 -28.91 39.31
N GLU G 269 -28.65 -29.65 40.34
CA GLU G 269 -27.76 -29.81 41.51
C GLU G 269 -26.47 -30.50 41.11
N LEU G 270 -26.58 -31.60 40.37
CA LEU G 270 -25.39 -32.26 39.82
C LEU G 270 -24.67 -31.36 38.83
N ASP G 271 -25.42 -30.65 37.97
CA ASP G 271 -24.80 -29.79 36.98
C ASP G 271 -24.01 -28.65 37.61
N SER G 272 -24.37 -28.25 38.83
CA SER G 272 -23.65 -27.19 39.52
C SER G 272 -22.25 -27.63 39.96
N LEU G 273 -22.01 -28.94 40.06
CA LEU G 273 -20.72 -29.42 40.50
C LEU G 273 -19.65 -29.17 39.44
N SER G 274 -18.52 -28.64 39.88
CA SER G 274 -17.36 -28.48 39.00
C SER G 274 -16.60 -29.80 38.92
N ASP G 275 -15.60 -29.82 38.03
CA ASP G 275 -14.86 -31.06 37.79
C ASP G 275 -14.14 -31.53 39.05
N SER G 276 -13.66 -30.59 39.86
CA SER G 276 -12.87 -30.95 41.04
C SER G 276 -13.68 -31.84 42.00
N GLU G 277 -14.94 -31.49 42.24
CA GLU G 277 -15.78 -32.32 43.08
C GLU G 277 -16.71 -33.22 42.30
N LEU G 278 -16.66 -33.19 40.96
CA LEU G 278 -17.38 -34.17 40.16
C LEU G 278 -16.57 -35.46 40.02
N LEU G 279 -15.25 -35.34 39.84
CA LEU G 279 -14.41 -36.52 39.74
C LEU G 279 -14.41 -37.33 41.02
N ASP G 280 -14.74 -36.72 42.16
CA ASP G 280 -14.76 -37.43 43.42
C ASP G 280 -16.05 -38.24 43.52
N PHE G 281 -15.90 -39.55 43.70
CA PHE G 281 -17.06 -40.44 43.77
C PHE G 281 -17.93 -40.14 45.00
N THR G 282 -17.29 -39.92 46.14
CA THR G 282 -18.04 -39.70 47.38
C THR G 282 -18.87 -38.43 47.29
N VAL G 283 -18.33 -37.38 46.69
CA VAL G 283 -19.07 -36.12 46.54
C VAL G 283 -20.30 -36.34 45.67
N LEU G 284 -20.15 -37.08 44.57
CA LEU G 284 -21.29 -37.32 43.70
C LEU G 284 -22.36 -38.15 44.43
N ALA G 285 -21.93 -39.13 45.22
CA ALA G 285 -22.90 -39.89 46.01
C ALA G 285 -23.62 -39.00 47.01
N ARG G 286 -22.87 -38.11 47.67
CA ARG G 286 -23.44 -37.27 48.73
C ARG G 286 -24.39 -36.22 48.19
N VAL G 287 -24.06 -35.62 47.05
CA VAL G 287 -24.86 -34.50 46.55
C VAL G 287 -26.27 -34.96 46.20
N PHE G 288 -26.41 -36.17 45.67
CA PHE G 288 -27.74 -36.74 45.49
C PHE G 288 -28.34 -37.16 46.83
N GLY G 289 -27.49 -37.55 47.77
CA GLY G 289 -27.93 -37.98 49.08
C GLY G 289 -27.69 -39.45 49.35
N TYR G 290 -26.58 -39.73 50.03
CA TYR G 290 -26.15 -41.07 50.41
C TYR G 290 -25.31 -40.96 51.67
N PRO G 291 -25.15 -42.05 52.40
CA PRO G 291 -24.16 -42.06 53.49
C PRO G 291 -22.76 -41.80 52.94
N SER G 292 -21.98 -41.03 53.71
CA SER G 292 -20.63 -40.66 53.28
C SER G 292 -19.59 -41.72 53.61
N THR G 293 -19.97 -42.79 54.29
CA THR G 293 -19.02 -43.83 54.66
C THR G 293 -18.48 -44.53 53.42
N ALA G 294 -17.21 -44.92 53.47
CA ALA G 294 -16.61 -45.68 52.37
C ALA G 294 -17.26 -47.04 52.20
N GLU G 295 -17.92 -47.55 53.24
CA GLU G 295 -18.60 -48.84 53.13
C GLU G 295 -19.87 -48.76 52.28
N ALA G 296 -20.43 -47.56 52.12
CA ALA G 296 -21.60 -47.40 51.28
C ALA G 296 -21.28 -47.66 49.81
N GLN G 297 -20.02 -47.46 49.41
CA GLN G 297 -19.62 -47.71 48.03
C GLN G 297 -19.78 -49.17 47.64
N ASP G 298 -19.71 -50.08 48.61
CA ASP G 298 -19.93 -51.50 48.36
C ASP G 298 -21.38 -51.91 48.61
N SER G 299 -22.22 -51.01 49.08
CA SER G 299 -23.60 -51.35 49.39
C SER G 299 -24.41 -51.55 48.11
N ALA G 300 -25.49 -52.32 48.23
CA ALA G 300 -26.39 -52.59 47.13
C ALA G 300 -27.74 -51.92 47.41
N MET G 301 -28.22 -51.14 46.45
CA MET G 301 -29.49 -50.46 46.57
C MET G 301 -30.46 -50.99 45.51
N SER G 302 -31.74 -51.04 45.88
CA SER G 302 -32.77 -51.51 44.98
C SER G 302 -33.00 -50.50 43.86
N SER G 303 -33.12 -50.99 42.64
CA SER G 303 -33.33 -50.14 41.47
C SER G 303 -34.80 -50.18 41.05
N ARG G 304 -35.29 -49.04 40.57
CA ARG G 304 -36.66 -48.98 40.07
C ARG G 304 -36.84 -49.77 38.77
N GLY G 305 -35.75 -50.12 38.10
CA GLY G 305 -35.82 -50.84 36.85
C GLY G 305 -35.99 -49.97 35.62
N TYR G 306 -36.04 -48.65 35.77
CA TYR G 306 -36.22 -47.75 34.64
C TYR G 306 -35.17 -48.00 33.57
N ARG G 307 -33.89 -47.98 33.96
CA ARG G 307 -32.81 -48.17 33.01
C ARG G 307 -32.81 -49.58 32.43
N ALA G 308 -33.08 -50.58 33.28
CA ALA G 308 -32.99 -51.97 32.85
C ALA G 308 -33.98 -52.28 31.73
N MET G 309 -35.23 -51.88 31.90
CA MET G 309 -36.29 -52.21 30.95
C MET G 309 -36.65 -51.04 30.04
N ALA G 310 -35.88 -49.94 30.09
CA ALA G 310 -36.12 -48.84 29.16
C ALA G 310 -35.82 -49.20 27.72
N ALA G 311 -35.12 -50.31 27.48
CA ALA G 311 -34.75 -50.72 26.13
C ALA G 311 -35.94 -51.21 25.31
N ILE G 312 -37.10 -51.44 25.94
CA ILE G 312 -38.27 -51.95 25.23
C ILE G 312 -38.81 -50.86 24.31
N PRO G 313 -38.93 -51.13 23.01
CA PRO G 313 -39.40 -50.11 22.08
C PRO G 313 -40.90 -49.89 22.17
N ARG G 314 -41.33 -48.73 21.67
CA ARG G 314 -42.74 -48.34 21.65
C ARG G 314 -43.35 -48.39 23.04
N LEU G 315 -42.60 -47.90 24.02
CA LEU G 315 -42.99 -47.96 25.42
C LEU G 315 -43.14 -46.54 25.96
N GLN G 316 -44.24 -46.29 26.68
CA GLN G 316 -44.53 -44.96 27.19
C GLN G 316 -43.94 -44.79 28.59
N PHE G 317 -43.45 -43.58 28.86
CA PHE G 317 -42.82 -43.30 30.15
C PHE G 317 -43.83 -43.35 31.30
N ALA G 318 -45.05 -42.88 31.04
CA ALA G 318 -46.07 -42.85 32.11
C ALA G 318 -46.42 -44.27 32.56
N HIS G 319 -46.56 -45.20 31.62
CA HIS G 319 -46.87 -46.57 31.98
C HIS G 319 -45.75 -47.19 32.80
N VAL G 320 -44.50 -46.92 32.41
CA VAL G 320 -43.36 -47.44 33.15
C VAL G 320 -43.32 -46.86 34.56
N ASP G 321 -43.60 -45.56 34.69
CA ASP G 321 -43.61 -44.93 36.00
C ASP G 321 -44.71 -45.51 36.89
N LEU G 322 -45.90 -45.75 36.33
CA LEU G 322 -46.97 -46.35 37.10
C LEU G 322 -46.62 -47.79 37.50
N LEU G 323 -45.97 -48.53 36.60
CA LEU G 323 -45.54 -49.88 36.94
C LEU G 323 -44.51 -49.86 38.06
N VAL G 324 -43.58 -48.91 38.03
CA VAL G 324 -42.60 -48.79 39.10
C VAL G 324 -43.27 -48.43 40.41
N ARG G 325 -44.25 -47.54 40.37
CA ARG G 325 -45.03 -47.22 41.57
C ARG G 325 -45.71 -48.47 42.12
N SER G 326 -46.25 -49.30 41.23
CA SER G 326 -46.92 -50.53 41.67
C SER G 326 -45.93 -51.53 42.24
N PHE G 327 -44.71 -51.58 41.72
CA PHE G 327 -43.72 -52.57 42.13
C PHE G 327 -42.73 -52.01 43.15
N GLY G 328 -42.01 -50.95 42.78
CA GLY G 328 -41.07 -50.30 43.67
C GLY G 328 -39.64 -50.77 43.55
N SER G 329 -39.40 -51.91 42.90
CA SER G 329 -38.05 -52.43 42.76
C SER G 329 -37.94 -53.24 41.47
N LEU G 330 -36.70 -53.40 41.00
CA LEU G 330 -36.46 -54.16 39.77
C LEU G 330 -36.66 -55.65 39.99
N GLN G 331 -36.46 -56.13 41.22
CA GLN G 331 -36.64 -57.54 41.51
C GLN G 331 -38.07 -57.97 41.30
N ASN G 332 -39.03 -57.06 41.49
CA ASN G 332 -40.42 -57.37 41.19
C ASN G 332 -40.60 -57.65 39.70
N LEU G 333 -39.97 -56.84 38.85
CA LEU G 333 -40.02 -57.08 37.41
C LEU G 333 -39.32 -58.39 37.05
N LEU G 334 -38.18 -58.66 37.67
CA LEU G 334 -37.47 -59.90 37.40
C LEU G 334 -38.28 -61.12 37.83
N ALA G 335 -39.09 -60.97 38.87
CA ALA G 335 -39.96 -62.04 39.36
C ALA G 335 -41.41 -61.86 38.92
N ALA G 336 -41.68 -60.91 38.02
CA ALA G 336 -43.03 -60.69 37.55
C ALA G 336 -43.56 -61.89 36.80
N SER G 337 -44.84 -62.22 37.02
CA SER G 337 -45.46 -63.38 36.41
C SER G 337 -46.16 -62.97 35.12
N ALA G 338 -46.91 -63.90 34.53
CA ALA G 338 -47.64 -63.60 33.30
C ALA G 338 -48.91 -62.79 33.58
N ASP G 339 -49.59 -63.06 34.69
CA ASP G 339 -50.89 -62.46 34.95
C ASP G 339 -50.82 -61.25 35.87
N ASP G 340 -49.79 -61.13 36.72
CA ASP G 340 -49.72 -59.99 37.62
C ASP G 340 -49.59 -58.68 36.85
N LEU G 341 -48.83 -58.69 35.75
CA LEU G 341 -48.72 -57.50 34.93
C LEU G 341 -50.06 -57.12 34.31
N GLN G 342 -50.84 -58.11 33.88
CA GLN G 342 -52.19 -57.82 33.40
C GLN G 342 -53.08 -57.29 34.50
N SER G 343 -52.87 -57.76 35.74
CA SER G 343 -53.67 -57.30 36.87
C SER G 343 -53.44 -55.84 37.21
N VAL G 344 -52.32 -55.26 36.77
CA VAL G 344 -52.04 -53.86 37.04
C VAL G 344 -53.04 -52.99 36.29
N ASP G 345 -53.59 -51.99 36.99
CA ASP G 345 -54.58 -51.10 36.38
C ASP G 345 -53.94 -50.29 35.26
N GLY G 346 -54.69 -50.13 34.17
CA GLY G 346 -54.21 -49.40 33.01
C GLY G 346 -53.36 -50.19 32.06
N ILE G 347 -53.09 -51.46 32.33
CA ILE G 347 -52.26 -52.30 31.48
C ILE G 347 -53.10 -53.49 31.02
N GLY G 348 -53.11 -53.72 29.71
CA GLY G 348 -53.83 -54.83 29.12
C GLY G 348 -52.99 -56.09 29.07
N SER G 349 -53.52 -57.09 28.37
CA SER G 349 -52.85 -58.38 28.22
C SER G 349 -51.95 -58.43 27.00
N MET G 350 -52.34 -57.80 25.89
CA MET G 350 -51.50 -57.82 24.70
C MET G 350 -50.19 -57.07 24.95
N TRP G 351 -50.23 -55.96 25.66
CA TRP G 351 -49.00 -55.26 26.01
C TRP G 351 -48.25 -55.96 27.13
N ALA G 352 -48.92 -56.85 27.87
CA ALA G 352 -48.27 -57.54 28.98
C ALA G 352 -47.16 -58.44 28.49
N ARG G 353 -47.43 -59.23 27.45
CA ARG G 353 -46.39 -60.13 26.95
C ARG G 353 -45.51 -59.47 25.88
N HIS G 354 -45.78 -58.22 25.51
CA HIS G 354 -44.73 -57.41 24.89
C HIS G 354 -43.60 -57.17 25.88
N ILE G 355 -43.94 -56.83 27.12
CA ILE G 355 -42.93 -56.44 28.10
C ILE G 355 -42.10 -57.64 28.54
N ARG G 356 -42.77 -58.73 28.93
CA ARG G 356 -42.04 -59.88 29.47
C ARG G 356 -41.22 -60.59 28.41
N GLU G 357 -41.54 -60.42 27.13
CA GLU G 357 -40.66 -60.91 26.08
C GLU G 357 -39.31 -60.21 26.11
N GLY G 358 -39.32 -58.89 26.32
CA GLY G 358 -38.07 -58.16 26.36
C GLY G 358 -37.18 -58.59 27.52
N LEU G 359 -37.75 -58.79 28.70
CA LEU G 359 -36.97 -59.25 29.85
C LEU G 359 -36.43 -60.64 29.60
N SER G 360 -37.23 -61.52 29.02
CA SER G 360 -36.77 -62.89 28.74
C SER G 360 -35.65 -62.89 27.72
N LEU G 361 -35.76 -62.07 26.66
CA LEU G 361 -34.73 -62.04 25.63
C LEU G 361 -33.41 -61.53 26.18
N LEU G 362 -33.47 -60.50 27.04
CA LEU G 362 -32.23 -59.94 27.60
C LEU G 362 -31.58 -60.87 28.60
N ALA G 363 -32.30 -61.89 29.08
CA ALA G 363 -31.73 -62.79 30.09
C ALA G 363 -30.52 -63.54 29.55
N GLU G 364 -30.60 -64.01 28.30
CA GLU G 364 -29.51 -64.75 27.69
C GLU G 364 -28.32 -63.84 27.39
N PRO H 19 -0.78 31.98 21.39
CA PRO H 19 -0.09 31.72 20.11
C PRO H 19 -0.85 32.29 18.93
N THR H 20 -0.22 33.22 18.21
CA THR H 20 -0.80 33.77 17.01
C THR H 20 -0.66 32.79 15.86
N LEU H 21 -1.63 32.81 14.95
CA LEU H 21 -1.57 31.92 13.79
C LEU H 21 -0.31 32.19 12.97
N ARG H 22 -0.02 33.46 12.73
CA ARG H 22 1.20 33.83 11.99
C ARG H 22 2.37 34.02 12.95
N GLU H 23 2.53 33.10 13.86
CA GLU H 23 3.75 32.75 14.57
C GLU H 23 3.97 31.25 14.59
N THR H 24 2.89 30.47 14.74
CA THR H 24 2.96 29.04 14.60
C THR H 24 3.22 28.64 13.15
N LEU H 25 2.65 29.39 12.20
CA LEU H 25 3.01 29.16 10.81
C LEU H 25 4.51 29.32 10.60
N GLY H 26 5.11 30.32 11.24
CA GLY H 26 6.56 30.48 11.15
C GLY H 26 7.30 29.35 11.84
N ARG H 27 6.85 28.93 13.01
CA ARG H 27 7.48 27.82 13.71
C ARG H 27 7.37 26.51 12.93
N LEU H 28 6.44 26.42 11.99
CA LEU H 28 6.31 25.26 11.13
C LEU H 28 7.04 25.40 9.80
N ALA H 29 7.69 26.54 9.56
CA ALA H 29 8.27 26.79 8.26
C ALA H 29 9.42 25.83 7.98
N PRO H 30 9.70 25.55 6.72
CA PRO H 30 10.81 24.66 6.39
C PRO H 30 12.12 25.18 6.96
N GLY H 31 12.94 24.26 7.46
CA GLY H 31 14.19 24.62 8.10
C GLY H 31 14.16 24.41 9.60
N THR H 32 13.02 24.71 10.21
CA THR H 32 12.88 24.51 11.65
C THR H 32 12.88 23.02 11.97
N PRO H 33 13.35 22.64 13.17
CA PRO H 33 13.34 21.21 13.54
C PRO H 33 11.96 20.60 13.51
N LEU H 34 10.93 21.35 13.90
CA LEU H 34 9.57 20.82 13.89
C LEU H 34 9.14 20.47 12.47
N ARG H 35 9.51 21.30 11.49
CA ARG H 35 9.18 20.98 10.12
C ARG H 35 9.97 19.78 9.62
N ASP H 36 11.20 19.60 10.11
CA ASP H 36 11.96 18.40 9.76
C ASP H 36 11.25 17.15 10.27
N GLY H 37 10.79 17.19 11.52
CA GLY H 37 10.02 16.07 12.04
C GLY H 37 8.73 15.84 11.28
N LEU H 38 8.06 16.91 10.87
CA LEU H 38 6.82 16.78 10.09
C LEU H 38 7.09 16.15 8.73
N GLU H 39 8.18 16.55 8.08
CA GLU H 39 8.52 15.95 6.78
C GLU H 39 8.88 14.48 6.94
N ARG H 40 9.59 14.14 8.01
CA ARG H 40 9.90 12.73 8.25
C ARG H 40 8.63 11.94 8.51
N ILE H 41 7.69 12.50 9.26
CA ILE H 41 6.41 11.83 9.49
C ILE H 41 5.68 11.63 8.18
N LEU H 42 5.62 12.66 7.35
CA LEU H 42 4.93 12.56 6.08
C LEU H 42 5.57 11.53 5.17
N ARG H 43 6.89 11.41 5.20
CA ARG H 43 7.55 10.34 4.47
C ARG H 43 7.26 8.97 5.07
N GLY H 44 6.82 8.92 6.32
CA GLY H 44 6.46 7.67 6.95
C GLY H 44 5.12 7.11 6.57
N ARG H 45 4.34 7.86 5.82
CA ARG H 45 3.01 7.43 5.37
C ARG H 45 2.13 7.01 6.54
N THR H 46 2.21 7.77 7.62
CA THR H 46 1.35 7.58 8.77
C THR H 46 0.88 8.94 9.27
N GLY H 47 -0.20 8.93 10.03
CA GLY H 47 -0.76 10.16 10.54
C GLY H 47 0.00 10.68 11.73
N ALA H 48 -0.47 11.82 12.25
CA ALA H 48 0.11 12.42 13.43
C ALA H 48 -0.93 13.35 14.04
N LEU H 49 -0.99 13.37 15.37
CA LEU H 49 -1.86 14.26 16.13
C LEU H 49 -0.98 14.94 17.17
N ILE H 50 -0.37 16.05 16.77
CA ILE H 50 0.68 16.69 17.56
C ILE H 50 0.10 17.90 18.26
N VAL H 51 0.14 17.89 19.58
CA VAL H 51 -0.36 19.00 20.39
C VAL H 51 0.86 19.75 20.90
N LEU H 52 1.26 20.81 20.20
CA LEU H 52 2.40 21.61 20.63
C LEU H 52 2.00 22.36 21.89
N GLY H 53 2.50 21.91 23.04
CA GLY H 53 2.20 22.58 24.28
C GLY H 53 1.68 21.62 25.33
N TYR H 54 1.74 22.03 26.60
CA TYR H 54 1.28 21.18 27.68
C TYR H 54 1.05 22.04 28.91
N ASP H 55 -0.16 22.01 29.44
CA ASP H 55 -0.50 22.75 30.65
C ASP H 55 -1.71 22.07 31.28
N ASP H 56 -2.38 22.77 32.19
CA ASP H 56 -3.48 22.18 32.94
C ASP H 56 -4.61 21.74 32.02
N SER H 57 -4.91 22.53 30.99
CA SER H 57 -6.02 22.20 30.10
C SER H 57 -5.77 20.87 29.38
N VAL H 58 -4.57 20.69 28.82
CA VAL H 58 -4.29 19.46 28.09
C VAL H 58 -4.22 18.27 29.04
N GLU H 59 -3.50 18.42 30.17
CA GLU H 59 -3.38 17.29 31.09
C GLU H 59 -4.72 16.90 31.68
N ALA H 60 -5.67 17.85 31.74
CA ALA H 60 -7.04 17.50 32.08
C ALA H 60 -7.76 16.86 30.90
N ILE H 61 -7.38 17.21 29.67
CA ILE H 61 -8.04 16.65 28.50
C ILE H 61 -7.42 15.32 28.10
N CYS H 62 -6.11 15.20 28.15
CA CYS H 62 -5.44 13.99 27.70
C CYS H 62 -5.53 12.88 28.75
N ASP H 63 -5.62 11.64 28.30
CA ASP H 63 -5.64 10.50 29.20
C ASP H 63 -5.18 9.26 28.47
N GLY H 64 -4.66 8.30 29.23
CA GLY H 64 -4.31 7.00 28.70
C GLY H 64 -3.14 6.97 27.76
N GLY H 65 -1.95 7.25 28.27
CA GLY H 65 -0.76 7.26 27.44
C GLY H 65 0.49 7.15 28.28
N PHE H 66 1.63 7.32 27.61
CA PHE H 66 2.93 7.25 28.26
C PHE H 66 3.43 8.64 28.60
N VAL H 67 4.44 8.69 29.47
CA VAL H 67 5.08 9.92 29.88
C VAL H 67 6.58 9.75 29.63
N LEU H 68 7.14 10.56 28.73
CA LEU H 68 8.54 10.42 28.36
C LEU H 68 9.42 11.48 29.01
N ASP H 69 9.19 12.76 28.67
CA ASP H 69 10.06 13.87 29.07
C ASP H 69 11.47 13.66 28.53
N VAL H 70 11.58 13.62 27.20
CA VAL H 70 12.86 13.51 26.52
C VAL H 70 13.09 14.80 25.73
N ARG H 71 14.27 14.91 25.15
CA ARG H 71 14.59 16.06 24.32
C ARG H 71 14.14 15.83 22.89
N TYR H 72 13.53 16.85 22.31
CA TYR H 72 12.95 16.72 20.98
C TYR H 72 14.01 16.41 19.94
N ALA H 73 13.65 15.56 18.98
CA ALA H 73 14.46 15.24 17.84
C ALA H 73 13.50 14.79 16.74
N PRO H 74 13.77 15.14 15.48
CA PRO H 74 12.83 14.73 14.42
C PRO H 74 12.62 13.23 14.35
N THR H 75 13.67 12.45 14.60
CA THR H 75 13.55 11.00 14.61
C THR H 75 12.67 10.52 15.76
N ARG H 76 12.82 11.11 16.95
CA ARG H 76 11.99 10.72 18.08
C ARG H 76 10.53 11.02 17.82
N LEU H 77 10.24 12.21 17.29
CA LEU H 77 8.85 12.54 16.96
C LEU H 77 8.30 11.60 15.91
N ARG H 78 9.11 11.29 14.88
CA ARG H 78 8.65 10.38 13.84
C ARG H 78 8.36 9.00 14.40
N GLU H 79 9.16 8.55 15.37
CA GLU H 79 8.94 7.23 15.95
C GLU H 79 7.71 7.22 16.84
N LEU H 80 7.55 8.24 17.69
CA LEU H 80 6.42 8.28 18.60
C LEU H 80 5.10 8.47 17.86
N SER H 81 5.12 9.13 16.70
CA SER H 81 3.90 9.29 15.94
C SER H 81 3.38 7.98 15.38
N LYS H 82 4.16 6.90 15.44
CA LYS H 82 3.72 5.60 14.96
C LYS H 82 2.90 4.84 16.00
N MET H 83 2.73 5.39 17.20
CA MET H 83 2.02 4.71 18.27
C MET H 83 0.52 5.00 18.28
N ASP H 84 -0.02 5.49 17.16
CA ASP H 84 -1.46 5.57 16.94
C ASP H 84 -2.17 6.29 18.08
N GLY H 85 -1.57 7.38 18.54
CA GLY H 85 -2.18 8.20 19.58
C GLY H 85 -1.96 9.66 19.30
N ALA H 86 -1.81 10.47 20.35
CA ALA H 86 -1.55 11.89 20.21
C ALA H 86 -0.25 12.24 20.89
N VAL H 87 0.65 12.88 20.17
CA VAL H 87 1.92 13.37 20.70
C VAL H 87 1.69 14.76 21.28
N VAL H 88 2.26 15.02 22.43
CA VAL H 88 2.08 16.29 23.12
C VAL H 88 3.47 16.85 23.39
N LEU H 89 3.93 17.77 22.54
CA LEU H 89 5.21 18.39 22.78
C LEU H 89 5.08 19.51 23.80
N SER H 90 6.23 20.01 24.25
CA SER H 90 6.23 21.13 25.19
C SER H 90 5.81 22.42 24.47
N SER H 91 5.54 23.44 25.26
CA SER H 91 4.96 24.67 24.72
C SER H 91 5.88 25.30 23.67
N ASP H 92 7.17 25.35 23.95
CA ASP H 92 8.15 25.88 23.01
C ASP H 92 8.64 24.83 22.01
N GLY H 93 8.01 23.66 21.98
CA GLY H 93 8.38 22.62 21.03
C GLY H 93 9.80 22.10 21.20
N SER H 94 10.25 21.96 22.45
CA SER H 94 11.60 21.50 22.74
C SER H 94 11.66 20.15 23.41
N ARG H 95 10.55 19.66 23.96
CA ARG H 95 10.51 18.38 24.66
C ARG H 95 9.29 17.60 24.21
N ILE H 96 9.46 16.29 24.05
CA ILE H 96 8.35 15.37 23.88
C ILE H 96 8.00 14.83 25.25
N LEU H 97 6.77 15.05 25.70
CA LEU H 97 6.43 14.79 27.10
C LEU H 97 5.27 13.84 27.31
N ARG H 98 4.38 13.65 26.35
CA ARG H 98 3.32 12.67 26.47
C ARG H 98 3.08 12.03 25.11
N ALA H 99 2.90 10.72 25.10
CA ALA H 99 2.62 9.99 23.87
C ALA H 99 1.46 9.03 24.10
N ASN H 100 0.75 8.75 23.00
CA ASN H 100 -0.37 7.82 22.96
C ASN H 100 -1.58 8.28 23.77
N VAL H 101 -1.65 9.56 24.11
CA VAL H 101 -2.77 10.05 24.91
C VAL H 101 -4.04 10.06 24.05
N GLN H 102 -5.19 9.86 24.71
CA GLN H 102 -6.41 9.61 23.96
C GLN H 102 -7.05 10.90 23.46
N LEU H 103 -6.97 11.96 24.27
CA LEU H 103 -7.58 13.26 23.97
C LEU H 103 -9.11 13.15 23.85
N VAL H 104 -9.74 12.89 24.99
CA VAL H 104 -11.17 13.16 25.15
C VAL H 104 -11.39 14.67 25.22
N PRO H 105 -12.13 15.25 24.29
CA PRO H 105 -12.46 16.67 24.40
C PRO H 105 -13.62 16.89 25.36
N ASP H 106 -14.09 18.14 25.43
CA ASP H 106 -15.34 18.43 26.10
C ASP H 106 -16.43 18.41 25.04
N PRO H 107 -17.38 17.48 25.08
CA PRO H 107 -18.37 17.36 24.00
C PRO H 107 -19.29 18.56 23.87
N SER H 108 -19.38 19.40 24.89
CA SER H 108 -20.29 20.55 24.82
C SER H 108 -19.89 21.52 23.71
N ILE H 109 -18.60 21.60 23.40
CA ILE H 109 -18.12 22.57 22.40
C ILE H 109 -18.69 22.22 21.04
N PRO H 110 -19.29 23.16 20.32
CA PRO H 110 -19.84 22.87 19.00
C PRO H 110 -18.83 23.02 17.88
N THR H 111 -18.61 21.96 17.12
CA THR H 111 -17.65 21.95 16.04
C THR H 111 -18.27 21.32 14.81
N ASP H 112 -17.74 21.71 13.64
CA ASP H 112 -18.28 21.23 12.38
C ASP H 112 -17.42 20.16 11.73
N GLU H 113 -16.17 20.00 12.15
CA GLU H 113 -15.28 19.05 11.50
C GLU H 113 -15.73 17.64 11.85
N SER H 114 -16.46 17.02 10.93
CA SER H 114 -16.99 15.68 11.14
C SER H 114 -15.90 14.67 10.84
N GLY H 115 -15.61 13.84 11.83
CA GLY H 115 -14.45 12.96 11.80
C GLY H 115 -13.73 13.02 13.13
N THR H 116 -13.59 11.88 13.80
CA THR H 116 -13.21 11.89 15.21
C THR H 116 -11.84 12.52 15.44
N ARG H 117 -10.88 12.25 14.56
CA ARG H 117 -9.57 12.87 14.69
C ARG H 117 -9.69 14.38 14.56
N HIS H 118 -10.35 14.84 13.50
CA HIS H 118 -10.46 16.27 13.25
C HIS H 118 -11.37 16.95 14.26
N ARG H 119 -12.47 16.29 14.65
CA ARG H 119 -13.35 16.85 15.66
C ARG H 119 -12.63 17.02 16.99
N SER H 120 -11.89 15.99 17.42
CA SER H 120 -11.15 16.09 18.66
C SER H 120 -10.07 17.14 18.58
N ALA H 121 -9.38 17.23 17.43
CA ALA H 121 -8.38 18.27 17.24
C ALA H 121 -8.99 19.65 17.40
N GLU H 122 -10.10 19.90 16.71
CA GLU H 122 -10.73 21.22 16.77
C GLU H 122 -11.24 21.54 18.17
N ARG H 123 -11.83 20.54 18.85
CA ARG H 123 -12.37 20.81 20.17
C ARG H 123 -11.28 21.05 21.20
N THR H 124 -10.17 20.31 21.12
CA THR H 124 -9.04 20.62 21.98
C THR H 124 -8.49 22.01 21.67
N ALA H 125 -8.49 22.37 20.39
CA ALA H 125 -8.03 23.70 20.00
C ALA H 125 -8.90 24.79 20.61
N ILE H 126 -10.21 24.56 20.63
CA ILE H 126 -11.11 25.53 21.27
C ILE H 126 -10.87 25.56 22.78
N GLN H 127 -10.71 24.40 23.40
CA GLN H 127 -10.51 24.34 24.84
C GLN H 127 -9.26 25.11 25.25
N THR H 128 -8.18 24.95 24.50
CA THR H 128 -6.98 25.76 24.69
C THR H 128 -6.35 26.03 23.33
N GLY H 129 -6.02 27.29 23.08
CA GLY H 129 -5.69 27.72 21.74
C GLY H 129 -4.33 27.28 21.23
N TYR H 130 -3.77 26.23 21.83
CA TYR H 130 -2.51 25.71 21.35
C TYR H 130 -2.71 25.15 19.94
N PRO H 131 -1.67 25.22 19.11
CA PRO H 131 -1.75 24.54 17.80
C PRO H 131 -1.94 23.05 18.00
N VAL H 132 -2.75 22.45 17.13
CA VAL H 132 -2.97 21.01 17.12
C VAL H 132 -2.82 20.57 15.66
N ILE H 133 -1.60 20.19 15.30
CA ILE H 133 -1.33 19.71 13.95
C ILE H 133 -1.92 18.31 13.81
N SER H 134 -2.70 18.11 12.76
CA SER H 134 -3.41 16.86 12.52
C SER H 134 -3.07 16.38 11.12
N VAL H 135 -1.98 15.63 10.99
CA VAL H 135 -1.58 15.09 9.71
C VAL H 135 -2.43 13.87 9.41
N SER H 136 -3.11 13.88 8.27
CA SER H 136 -4.04 12.81 7.93
C SER H 136 -3.29 11.50 7.69
N HIS H 137 -3.96 10.39 8.00
CA HIS H 137 -3.35 9.08 7.87
C HIS H 137 -3.09 8.75 6.41
N SER H 138 -1.85 8.33 6.13
CA SER H 138 -1.42 7.91 4.80
C SER H 138 -1.69 8.99 3.75
N MET H 139 -1.66 10.25 4.16
CA MET H 139 -1.98 11.34 3.25
C MET H 139 -1.11 12.53 3.61
N SER H 140 -0.95 13.45 2.65
CA SER H 140 0.08 14.47 2.71
C SER H 140 -0.45 15.85 3.09
N ILE H 141 -1.41 15.92 4.03
CA ILE H 141 -2.02 17.18 4.41
C ILE H 141 -1.68 17.46 5.87
N VAL H 142 -1.24 18.69 6.14
CA VAL H 142 -0.93 19.15 7.48
C VAL H 142 -1.90 20.27 7.84
N THR H 143 -2.64 20.08 8.92
CA THR H 143 -3.69 21.00 9.34
C THR H 143 -3.23 21.78 10.56
N VAL H 144 -3.76 22.98 10.73
CA VAL H 144 -3.41 23.87 11.82
C VAL H 144 -4.68 24.31 12.53
N TYR H 145 -4.66 24.29 13.85
CA TYR H 145 -5.84 24.51 14.67
C TYR H 145 -5.55 25.56 15.75
N VAL H 146 -5.08 26.74 15.34
CA VAL H 146 -4.78 27.82 16.27
C VAL H 146 -5.89 28.85 16.21
N ALA H 147 -6.33 29.32 17.38
CA ALA H 147 -7.21 30.48 17.50
C ALA H 147 -8.49 30.32 16.69
N GLY H 148 -9.08 29.13 16.73
CA GLY H 148 -10.35 28.91 16.07
C GLY H 148 -10.32 29.01 14.57
N GLU H 149 -9.13 28.97 13.95
CA GLU H 149 -8.99 29.05 12.51
C GLU H 149 -8.32 27.79 12.00
N ARG H 150 -8.81 27.29 10.87
CA ARG H 150 -8.23 26.12 10.23
C ARG H 150 -7.47 26.56 8.99
N HIS H 151 -6.32 25.94 8.76
CA HIS H 151 -5.46 26.35 7.66
C HIS H 151 -4.59 25.18 7.24
N VAL H 152 -4.88 24.60 6.08
CA VAL H 152 -4.03 23.55 5.54
C VAL H 152 -2.69 24.13 5.18
N VAL H 153 -1.62 23.53 5.70
CA VAL H 153 -0.26 23.97 5.40
C VAL H 153 0.05 23.58 3.96
N PRO H 154 0.14 24.53 3.04
CA PRO H 154 0.36 24.19 1.64
C PRO H 154 1.81 23.86 1.36
N ASP H 155 2.03 23.16 0.25
CA ASP H 155 3.38 22.91 -0.21
C ASP H 155 4.03 24.22 -0.64
N SER H 156 5.36 24.29 -0.50
CA SER H 156 6.06 25.52 -0.82
C SER H 156 5.92 25.92 -2.27
N ALA H 157 5.61 24.98 -3.16
CA ALA H 157 5.43 25.32 -4.58
C ALA H 157 4.27 26.28 -4.77
N THR H 158 3.14 26.03 -4.10
CA THR H 158 1.99 26.91 -4.23
C THR H 158 2.27 28.29 -3.64
N ILE H 159 2.94 28.33 -2.49
CA ILE H 159 3.27 29.61 -1.88
C ILE H 159 4.20 30.41 -2.78
N LEU H 160 5.20 29.75 -3.36
CA LEU H 160 6.09 30.43 -4.28
C LEU H 160 5.35 30.90 -5.52
N SER H 161 4.40 30.10 -6.02
CA SER H 161 3.64 30.52 -7.19
C SER H 161 2.83 31.79 -6.91
N ARG H 162 2.10 31.81 -5.79
CA ARG H 162 1.31 33.00 -5.49
C ARG H 162 2.20 34.20 -5.16
N ALA H 163 3.35 33.97 -4.51
CA ALA H 163 4.26 35.07 -4.25
C ALA H 163 4.83 35.63 -5.55
N ASN H 164 5.14 34.76 -6.51
CA ASN H 164 5.62 35.21 -7.81
C ASN H 164 4.55 36.01 -8.53
N GLN H 165 3.29 35.57 -8.42
CA GLN H 165 2.21 36.35 -9.03
C GLN H 165 2.08 37.72 -8.38
N THR H 166 2.22 37.78 -7.06
CA THR H 166 2.01 39.04 -6.36
C THR H 166 3.19 40.00 -6.51
N ILE H 167 4.39 39.47 -6.72
CA ILE H 167 5.56 40.34 -6.80
C ILE H 167 5.50 41.20 -8.06
N ALA H 168 4.87 40.72 -9.12
CA ALA H 168 4.68 41.55 -10.30
C ALA H 168 3.80 42.75 -9.99
N THR H 169 2.72 42.54 -9.24
CA THR H 169 1.90 43.66 -8.81
C THR H 169 2.70 44.61 -7.93
N LEU H 170 3.53 44.06 -7.05
CA LEU H 170 4.35 44.91 -6.19
C LEU H 170 5.29 45.78 -7.01
N GLU H 171 5.92 45.20 -8.03
CA GLU H 171 6.88 45.99 -8.82
C GLU H 171 6.17 47.01 -9.69
N ARG H 172 4.99 46.68 -10.22
CA ARG H 172 4.22 47.66 -10.96
C ARG H 172 3.81 48.82 -10.06
N TYR H 173 3.38 48.52 -8.84
CA TYR H 173 3.02 49.57 -7.90
C TYR H 173 4.23 50.43 -7.56
N LYS H 174 5.38 49.80 -7.38
CA LYS H 174 6.60 50.55 -7.09
C LYS H 174 6.97 51.47 -8.26
N GLY H 175 6.79 50.99 -9.49
CA GLY H 175 7.10 51.83 -10.65
C GLY H 175 6.19 53.03 -10.74
N ARG H 176 4.88 52.82 -10.55
CA ARG H 176 3.97 53.96 -10.61
C ARG H 176 4.22 54.92 -9.45
N LEU H 177 4.57 54.40 -8.27
CA LEU H 177 4.96 55.26 -7.16
C LEU H 177 6.21 56.06 -7.51
N ASP H 178 7.16 55.43 -8.21
CA ASP H 178 8.39 56.10 -8.56
C ASP H 178 8.13 57.27 -9.51
N GLU H 179 7.33 57.03 -10.56
CA GLU H 179 7.05 58.12 -11.49
C GLU H 179 6.23 59.23 -10.82
N VAL H 180 5.27 58.86 -9.97
CA VAL H 180 4.48 59.87 -9.27
C VAL H 180 5.38 60.70 -8.34
N SER H 181 6.29 60.04 -7.63
CA SER H 181 7.18 60.76 -6.72
C SER H 181 8.15 61.65 -7.49
N ARG H 182 8.61 61.20 -8.66
CA ARG H 182 9.46 62.06 -9.47
C ARG H 182 8.71 63.30 -9.93
N GLN H 183 7.45 63.14 -10.34
CA GLN H 183 6.64 64.30 -10.68
C GLN H 183 6.46 65.21 -9.49
N LEU H 184 6.25 64.63 -8.30
CA LEU H 184 6.07 65.44 -7.10
C LEU H 184 7.32 66.24 -6.79
N SER H 185 8.50 65.62 -6.91
CA SER H 185 9.75 66.34 -6.66
C SER H 185 9.96 67.45 -7.68
N THR H 186 9.67 67.17 -8.95
CA THR H 186 9.83 68.20 -9.98
C THR H 186 8.90 69.39 -9.72
N ALA H 187 7.67 69.11 -9.28
CA ALA H 187 6.76 70.18 -8.92
C ALA H 187 7.22 70.91 -7.65
N GLU H 188 7.84 70.20 -6.72
CA GLU H 188 8.28 70.81 -5.48
C GLU H 188 9.43 71.78 -5.72
N ILE H 189 10.36 71.43 -6.61
CA ILE H 189 11.54 72.27 -6.84
C ILE H 189 11.19 73.61 -7.47
N GLU H 190 9.98 73.76 -8.01
CA GLU H 190 9.47 74.98 -8.61
C GLU H 190 8.08 75.28 -8.08
N ASP H 191 7.98 75.33 -6.75
CA ASP H 191 6.78 75.00 -5.97
C ASP H 191 5.49 75.41 -6.64
N PHE H 192 4.66 74.40 -6.94
CA PHE H 192 3.27 74.58 -7.31
C PHE H 192 2.62 73.21 -7.09
N VAL H 193 1.76 73.11 -6.08
CA VAL H 193 1.27 71.82 -5.63
C VAL H 193 -0.22 71.91 -5.37
N THR H 194 -0.97 70.95 -5.88
CA THR H 194 -2.38 70.79 -5.57
C THR H 194 -2.56 69.61 -4.62
N LEU H 195 -3.79 69.46 -4.11
CA LEU H 195 -4.08 68.34 -3.23
C LEU H 195 -3.91 67.01 -3.95
N ARG H 196 -4.33 66.94 -5.22
CA ARG H 196 -4.19 65.70 -5.97
C ARG H 196 -2.72 65.32 -6.11
N ASP H 197 -1.86 66.30 -6.35
CA ASP H 197 -0.44 66.01 -6.50
C ASP H 197 0.15 65.41 -5.23
N VAL H 198 -0.31 65.88 -4.07
CA VAL H 198 0.14 65.29 -2.81
C VAL H 198 -0.41 63.88 -2.64
N MET H 199 -1.72 63.70 -2.84
CA MET H 199 -2.34 62.45 -2.46
C MET H 199 -2.07 61.32 -3.45
N THR H 200 -1.75 61.65 -4.70
CA THR H 200 -1.37 60.59 -5.64
C THR H 200 -0.07 59.91 -5.24
N VAL H 201 0.69 60.51 -4.33
CA VAL H 201 1.86 59.86 -3.76
C VAL H 201 1.47 58.96 -2.59
N VAL H 202 0.67 59.50 -1.67
CA VAL H 202 0.34 58.77 -0.44
C VAL H 202 -0.51 57.55 -0.75
N GLN H 203 -1.41 57.65 -1.73
CA GLN H 203 -2.24 56.50 -2.09
C GLN H 203 -1.39 55.34 -2.57
N ARG H 204 -0.49 55.61 -3.51
CA ARG H 204 0.42 54.57 -4.00
C ARG H 204 1.31 54.05 -2.89
N LEU H 205 1.75 54.95 -2.00
CA LEU H 205 2.58 54.54 -0.88
C LEU H 205 1.85 53.54 0.01
N GLU H 206 0.61 53.85 0.38
CA GLU H 206 -0.14 52.96 1.26
C GLU H 206 -0.44 51.64 0.56
N MET H 207 -0.76 51.67 -0.73
CA MET H 207 -1.02 50.43 -1.45
C MET H 207 0.24 49.56 -1.52
N VAL H 208 1.40 50.19 -1.74
CA VAL H 208 2.65 49.45 -1.77
C VAL H 208 2.93 48.82 -0.41
N ARG H 209 2.68 49.56 0.67
CA ARG H 209 2.86 48.99 2.01
C ARG H 209 1.91 47.81 2.24
N ARG H 210 0.67 47.91 1.75
CA ARG H 210 -0.27 46.81 1.86
C ARG H 210 0.25 45.57 1.17
N ILE H 211 0.72 45.72 -0.07
CA ILE H 211 1.26 44.57 -0.79
C ILE H 211 2.51 44.05 -0.09
N SER H 212 3.30 44.95 0.50
CA SER H 212 4.49 44.54 1.23
C SER H 212 4.15 43.61 2.38
N LEU H 213 3.16 44.00 3.18
CA LEU H 213 2.76 43.14 4.29
C LEU H 213 2.18 41.82 3.80
N GLU H 214 1.38 41.87 2.73
CA GLU H 214 0.79 40.64 2.21
C GLU H 214 1.87 39.67 1.74
N ILE H 215 2.89 40.16 1.04
CA ILE H 215 3.96 39.28 0.58
C ILE H 215 4.84 38.83 1.75
N ASP H 216 5.04 39.69 2.75
CA ASP H 216 5.82 39.31 3.92
C ASP H 216 5.17 38.17 4.67
N ALA H 217 3.83 38.11 4.66
CA ALA H 217 3.16 36.96 5.26
C ALA H 217 3.58 35.66 4.59
N ASP H 218 3.56 35.62 3.26
CA ASP H 218 3.98 34.42 2.55
C ASP H 218 5.46 34.13 2.76
N VAL H 219 6.28 35.17 2.86
CA VAL H 219 7.70 34.97 3.10
C VAL H 219 7.95 34.32 4.44
N VAL H 220 7.26 34.78 5.48
CA VAL H 220 7.46 34.19 6.80
C VAL H 220 6.87 32.79 6.85
N GLU H 221 5.82 32.52 6.07
CA GLU H 221 5.32 31.16 5.95
C GLU H 221 6.36 30.24 5.32
N LEU H 222 7.03 30.71 4.26
CA LEU H 222 8.07 29.92 3.63
C LEU H 222 9.25 29.69 4.55
N GLY H 223 9.66 30.73 5.28
CA GLY H 223 10.69 30.59 6.29
C GLY H 223 12.11 30.54 5.76
N THR H 224 12.47 29.40 5.16
CA THR H 224 13.84 29.22 4.68
C THR H 224 13.83 28.71 3.24
N ASP H 225 12.76 28.03 2.85
CA ASP H 225 12.68 27.46 1.50
C ASP H 225 12.72 28.55 0.45
N GLY H 226 11.99 29.64 0.66
CA GLY H 226 11.98 30.74 -0.28
C GLY H 226 12.94 31.84 0.09
N ARG H 227 14.24 31.56 0.08
CA ARG H 227 15.23 32.60 0.35
C ARG H 227 15.63 33.34 -0.93
N GLN H 228 14.61 33.74 -1.69
CA GLN H 228 14.78 34.64 -2.83
C GLN H 228 13.70 35.70 -2.74
N LEU H 229 12.57 35.33 -2.13
CA LEU H 229 11.45 36.26 -2.03
C LEU H 229 11.76 37.39 -1.06
N LYS H 230 12.45 37.10 0.04
CA LYS H 230 12.87 38.17 0.94
C LYS H 230 13.85 39.09 0.24
N LEU H 231 14.77 38.53 -0.53
CA LEU H 231 15.70 39.33 -1.32
C LEU H 231 14.95 40.28 -2.25
N GLN H 232 14.03 39.74 -3.05
CA GLN H 232 13.29 40.56 -4.00
C GLN H 232 12.44 41.60 -3.30
N LEU H 233 11.79 41.22 -2.19
CA LEU H 233 10.93 42.16 -1.48
C LEU H 233 11.74 43.32 -0.92
N ASP H 234 12.89 43.04 -0.31
CA ASP H 234 13.70 44.13 0.20
C ASP H 234 14.34 44.95 -0.91
N GLU H 235 14.59 44.33 -2.06
CA GLU H 235 15.16 45.07 -3.19
C GLU H 235 14.12 45.98 -3.83
N LEU H 236 12.85 45.57 -3.83
CA LEU H 236 11.79 46.33 -4.48
C LEU H 236 11.20 47.38 -3.56
N VAL H 237 10.77 46.98 -2.37
CA VAL H 237 10.11 47.91 -1.46
C VAL H 237 11.07 49.02 -1.05
N GLY H 238 12.29 48.67 -0.68
CA GLY H 238 13.27 49.67 -0.31
C GLY H 238 12.83 50.48 0.88
N ASP H 239 13.02 51.79 0.79
CA ASP H 239 12.72 52.72 1.89
C ASP H 239 11.28 53.19 1.78
N ASN H 240 10.35 52.35 2.25
CA ASN H 240 8.94 52.68 2.29
C ASN H 240 8.52 53.31 3.61
N GLU H 241 8.97 52.72 4.73
CA GLU H 241 8.62 53.25 6.05
C GLU H 241 9.19 54.65 6.25
N THR H 242 10.46 54.85 5.88
CA THR H 242 11.06 56.17 6.04
C THR H 242 10.38 57.21 5.17
N ALA H 243 10.08 56.85 3.92
CA ALA H 243 9.38 57.78 3.04
C ALA H 243 8.00 58.12 3.59
N ARG H 244 7.30 57.12 4.11
CA ARG H 244 6.00 57.36 4.74
C ARG H 244 6.12 58.32 5.91
N GLU H 245 7.08 58.08 6.80
CA GLU H 245 7.23 58.92 7.98
C GLU H 245 7.56 60.36 7.59
N LEU H 246 8.47 60.54 6.63
CA LEU H 246 8.83 61.88 6.19
C LEU H 246 7.65 62.58 5.51
N ILE H 247 6.88 61.87 4.68
CA ILE H 247 5.77 62.52 4.02
C ILE H 247 4.67 62.87 5.03
N VAL H 248 4.49 62.06 6.07
CA VAL H 248 3.53 62.41 7.10
C VAL H 248 4.00 63.64 7.88
N ARG H 249 5.29 63.70 8.23
CA ARG H 249 5.78 64.90 8.90
C ARG H 249 5.69 66.14 8.02
N ASP H 250 5.84 65.98 6.70
CA ASP H 250 5.83 67.14 5.83
C ASP H 250 4.41 67.62 5.54
N TYR H 251 3.60 66.78 4.92
CA TYR H 251 2.26 67.16 4.48
C TYR H 251 1.29 66.93 5.62
N HIS H 252 0.95 68.02 6.33
CA HIS H 252 -0.02 67.97 7.41
C HIS H 252 -0.54 69.38 7.63
N ALA H 253 -1.86 69.55 7.60
CA ALA H 253 -2.46 70.87 7.76
C ALA H 253 -2.58 71.17 9.24
N ASN H 254 -1.54 71.79 9.79
CA ASN H 254 -1.52 72.20 11.18
C ASN H 254 -0.49 73.31 11.33
N PRO H 255 -0.58 74.12 12.38
CA PRO H 255 0.40 75.22 12.54
C PRO H 255 1.84 74.74 12.55
N ASP H 256 2.11 73.60 13.17
CA ASP H 256 3.45 73.03 13.18
C ASP H 256 3.35 71.55 12.84
N PRO H 257 4.31 71.01 12.09
CA PRO H 257 4.25 69.59 11.71
C PRO H 257 4.19 68.69 12.93
N PRO H 258 3.44 67.60 12.85
CA PRO H 258 3.21 66.77 14.04
C PRO H 258 4.48 66.15 14.56
N THR H 259 4.51 65.91 15.88
CA THR H 259 5.67 65.32 16.54
C THR H 259 5.74 63.83 16.24
N ALA H 260 6.77 63.18 16.79
CA ALA H 260 7.00 61.77 16.52
C ALA H 260 5.82 60.93 16.98
N ALA H 261 5.30 61.20 18.17
CA ALA H 261 4.14 60.46 18.66
C ALA H 261 2.91 60.71 17.79
N GLN H 262 2.69 61.96 17.41
CA GLN H 262 1.55 62.28 16.55
C GLN H 262 1.70 61.64 15.18
N VAL H 263 2.91 61.67 14.62
CA VAL H 263 3.15 61.03 13.33
C VAL H 263 2.90 59.53 13.43
N ALA H 264 3.36 58.89 14.50
CA ALA H 264 3.10 57.48 14.69
C ALA H 264 1.60 57.20 14.77
N ALA H 265 0.89 57.99 15.57
CA ALA H 265 -0.55 57.80 15.72
C ALA H 265 -1.27 57.95 14.39
N THR H 266 -0.86 58.93 13.59
CA THR H 266 -1.41 59.04 12.24
C THR H 266 -1.05 57.83 11.40
N LEU H 267 0.11 57.21 11.67
CA LEU H 267 0.45 55.99 10.94
C LEU H 267 -0.53 54.86 11.24
N GLU H 268 -0.84 54.65 12.53
CA GLU H 268 -1.87 53.65 12.81
C GLU H 268 -3.23 54.10 12.29
N GLU H 269 -3.47 55.40 12.20
CA GLU H 269 -4.72 55.87 11.60
C GLU H 269 -4.82 55.44 10.14
N LEU H 270 -3.75 55.65 9.37
CA LEU H 270 -3.72 55.19 7.99
C LEU H 270 -3.86 53.67 7.92
N ASP H 271 -3.16 52.94 8.78
CA ASP H 271 -3.26 51.50 8.79
C ASP H 271 -4.66 51.01 9.12
N SER H 272 -5.43 51.79 9.88
CA SER H 272 -6.81 51.43 10.18
C SER H 272 -7.71 51.62 8.97
N LEU H 273 -7.36 52.55 8.08
CA LEU H 273 -8.13 52.77 6.87
C LEU H 273 -8.09 51.54 5.96
N SER H 274 -9.18 51.32 5.25
CA SER H 274 -9.29 50.22 4.31
C SER H 274 -9.39 50.75 2.88
N ASP H 275 -9.56 49.83 1.93
CA ASP H 275 -9.49 50.18 0.51
C ASP H 275 -10.58 51.16 0.12
N SER H 276 -11.78 50.98 0.66
CA SER H 276 -12.89 51.86 0.29
C SER H 276 -12.58 53.31 0.64
N GLU H 277 -12.01 53.55 1.83
CA GLU H 277 -11.55 54.86 2.23
C GLU H 277 -10.08 55.10 1.92
N LEU H 278 -9.50 54.29 1.03
CA LEU H 278 -8.19 54.55 0.47
C LEU H 278 -8.23 55.00 -0.98
N LEU H 279 -9.25 54.59 -1.73
CA LEU H 279 -9.41 55.04 -3.10
C LEU H 279 -10.01 56.44 -3.21
N ASP H 280 -10.43 57.04 -2.09
CA ASP H 280 -10.99 58.38 -2.08
C ASP H 280 -9.96 59.35 -1.52
N PHE H 281 -9.77 60.47 -2.24
CA PHE H 281 -8.78 61.45 -1.83
C PHE H 281 -9.27 62.31 -0.66
N THR H 282 -10.58 62.57 -0.59
CA THR H 282 -11.10 63.47 0.44
C THR H 282 -10.95 62.87 1.82
N VAL H 283 -11.23 61.58 1.98
CA VAL H 283 -11.10 60.94 3.28
C VAL H 283 -9.64 60.90 3.71
N LEU H 284 -8.73 60.66 2.76
CA LEU H 284 -7.32 60.71 3.06
C LEU H 284 -6.89 62.10 3.49
N ALA H 285 -7.41 63.13 2.83
CA ALA H 285 -7.09 64.50 3.20
C ALA H 285 -7.57 64.81 4.61
N ARG H 286 -8.79 64.37 4.93
CA ARG H 286 -9.33 64.57 6.26
C ARG H 286 -8.60 63.75 7.32
N VAL H 287 -7.95 62.66 6.93
CA VAL H 287 -7.13 61.90 7.88
C VAL H 287 -6.00 62.77 8.41
N PHE H 288 -5.30 63.47 7.50
CA PHE H 288 -4.37 64.51 7.94
C PHE H 288 -5.12 65.66 8.60
N GLY H 289 -6.34 65.91 8.16
CA GLY H 289 -7.13 67.05 8.57
C GLY H 289 -7.08 68.13 7.51
N TYR H 290 -8.09 68.14 6.64
CA TYR H 290 -8.18 69.03 5.51
C TYR H 290 -9.65 69.36 5.29
N PRO H 291 -9.95 70.54 4.76
CA PRO H 291 -11.32 70.80 4.30
C PRO H 291 -11.71 69.81 3.22
N SER H 292 -12.93 69.30 3.33
CA SER H 292 -13.39 68.22 2.45
C SER H 292 -13.95 68.72 1.14
N THR H 293 -14.01 70.03 0.93
CA THR H 293 -14.57 70.58 -0.31
C THR H 293 -13.69 70.22 -1.51
N ALA H 294 -14.34 70.05 -2.65
CA ALA H 294 -13.61 69.84 -3.89
C ALA H 294 -12.79 71.07 -4.28
N GLU H 295 -13.15 72.25 -3.78
CA GLU H 295 -12.28 73.41 -3.92
C GLU H 295 -10.98 73.20 -3.15
N ALA H 296 -11.07 72.62 -1.96
CA ALA H 296 -9.87 72.26 -1.22
C ALA H 296 -9.09 71.18 -1.94
N GLN H 297 -9.77 70.34 -2.72
CA GLN H 297 -9.07 69.41 -3.60
C GLN H 297 -8.26 70.16 -4.65
N ASP H 298 -8.66 71.38 -4.98
CA ASP H 298 -7.93 72.24 -5.89
C ASP H 298 -7.05 73.24 -5.16
N SER H 299 -6.96 73.16 -3.83
CA SER H 299 -6.19 74.11 -3.06
C SER H 299 -4.69 73.89 -3.28
N ALA H 300 -3.89 74.80 -2.73
CA ALA H 300 -2.45 74.76 -2.87
C ALA H 300 -1.79 74.75 -1.50
N MET H 301 -0.75 73.93 -1.36
CA MET H 301 0.03 73.87 -0.13
C MET H 301 1.49 73.68 -0.48
N SER H 302 2.36 74.39 0.23
CA SER H 302 3.78 74.28 0.00
C SER H 302 4.39 73.22 0.92
N SER H 303 5.30 72.43 0.36
CA SER H 303 5.93 71.37 1.12
C SER H 303 6.85 71.95 2.20
N ARG H 304 6.89 71.29 3.35
CA ARG H 304 7.82 71.68 4.40
C ARG H 304 9.27 71.38 4.04
N GLY H 305 9.50 70.54 3.02
CA GLY H 305 10.82 70.27 2.51
C GLY H 305 11.41 68.93 2.90
N TYR H 306 10.84 68.26 3.91
CA TYR H 306 11.37 67.00 4.40
C TYR H 306 11.76 66.03 3.29
N ARG H 307 10.79 65.59 2.49
CA ARG H 307 11.09 64.62 1.45
C ARG H 307 11.98 65.21 0.37
N ALA H 308 11.78 66.47 0.03
CA ALA H 308 12.53 67.07 -1.08
C ALA H 308 14.01 67.18 -0.76
N MET H 309 14.35 67.75 0.39
CA MET H 309 15.75 67.94 0.74
C MET H 309 16.33 66.78 1.54
N ALA H 310 15.53 65.75 1.82
CA ALA H 310 16.05 64.56 2.49
C ALA H 310 17.03 63.79 1.61
N ALA H 311 17.12 64.12 0.32
CA ALA H 311 18.06 63.45 -0.58
C ALA H 311 19.51 63.76 -0.25
N ILE H 312 19.78 64.73 0.62
CA ILE H 312 21.15 65.08 0.99
C ILE H 312 21.74 63.92 1.79
N PRO H 313 22.83 63.32 1.32
CA PRO H 313 23.38 62.15 2.02
C PRO H 313 24.01 62.52 3.36
N ARG H 314 23.97 61.56 4.28
CA ARG H 314 24.61 61.65 5.59
C ARG H 314 24.08 62.80 6.44
N LEU H 315 22.97 63.42 6.03
CA LEU H 315 22.43 64.54 6.78
C LEU H 315 21.67 64.06 8.00
N GLN H 316 21.83 64.77 9.11
CA GLN H 316 21.17 64.40 10.35
C GLN H 316 19.68 64.68 10.27
N PHE H 317 18.87 63.70 10.70
CA PHE H 317 17.43 63.89 10.74
C PHE H 317 17.05 64.99 11.72
N ALA H 318 17.69 65.03 12.89
CA ALA H 318 17.43 66.09 13.86
C ALA H 318 17.81 67.45 13.29
N HIS H 319 18.93 67.52 12.58
CA HIS H 319 19.32 68.77 11.95
C HIS H 319 18.33 69.18 10.86
N VAL H 320 17.82 68.21 10.11
CA VAL H 320 16.80 68.49 9.10
C VAL H 320 15.56 69.08 9.74
N ASP H 321 15.11 68.47 10.83
CA ASP H 321 13.94 68.98 11.54
C ASP H 321 14.19 70.39 12.09
N LEU H 322 15.38 70.62 12.63
CA LEU H 322 15.71 71.94 13.18
C LEU H 322 15.71 73.00 12.08
N LEU H 323 16.32 72.70 10.93
CA LEU H 323 16.39 73.70 9.87
C LEU H 323 15.01 73.96 9.28
N VAL H 324 14.17 72.92 9.17
CA VAL H 324 12.81 73.12 8.69
C VAL H 324 12.00 73.95 9.68
N ARG H 325 12.16 73.68 10.98
CA ARG H 325 11.50 74.50 12.00
C ARG H 325 11.94 75.95 11.88
N SER H 326 13.23 76.19 11.64
CA SER H 326 13.70 77.55 11.47
C SER H 326 13.19 78.17 10.18
N PHE H 327 12.88 77.37 9.17
CA PHE H 327 12.44 77.87 7.87
C PHE H 327 10.94 77.71 7.66
N GLY H 328 10.43 76.49 7.79
CA GLY H 328 9.00 76.24 7.67
C GLY H 328 8.54 75.76 6.31
N SER H 329 9.35 75.90 5.26
CA SER H 329 8.96 75.45 3.94
C SER H 329 10.20 75.27 3.07
N LEU H 330 10.07 74.47 2.02
CA LEU H 330 11.17 74.25 1.09
C LEU H 330 11.48 75.50 0.28
N GLN H 331 10.49 76.37 0.07
CA GLN H 331 10.72 77.59 -0.69
C GLN H 331 11.73 78.49 0.01
N ASN H 332 11.63 78.60 1.33
CA ASN H 332 12.60 79.38 2.08
C ASN H 332 14.00 78.79 1.97
N LEU H 333 14.11 77.46 2.01
CA LEU H 333 15.41 76.81 1.86
C LEU H 333 15.99 77.07 0.47
N LEU H 334 15.16 77.00 -0.57
CA LEU H 334 15.64 77.28 -1.91
C LEU H 334 16.07 78.74 -2.05
N ALA H 335 15.36 79.65 -1.40
CA ALA H 335 15.69 81.07 -1.42
C ALA H 335 16.71 81.45 -0.37
N ALA H 336 17.19 80.50 0.42
CA ALA H 336 18.18 80.80 1.46
C ALA H 336 19.50 81.24 0.84
N SER H 337 20.21 82.09 1.57
CA SER H 337 21.49 82.62 1.13
C SER H 337 22.62 81.69 1.57
N ALA H 338 23.86 82.09 1.28
CA ALA H 338 25.02 81.28 1.63
C ALA H 338 25.14 81.13 3.15
N ASP H 339 24.96 82.22 3.89
CA ASP H 339 25.07 82.21 5.34
C ASP H 339 23.73 82.10 6.04
N ASP H 340 22.62 82.00 5.29
CA ASP H 340 21.31 81.87 5.91
C ASP H 340 21.22 80.59 6.73
N LEU H 341 21.69 79.47 6.16
CA LEU H 341 21.69 78.21 6.91
C LEU H 341 22.72 78.26 8.03
N GLN H 342 23.88 78.88 7.79
CA GLN H 342 24.88 79.02 8.85
C GLN H 342 24.37 79.88 9.99
N SER H 343 23.56 80.90 9.68
CA SER H 343 22.99 81.74 10.72
C SER H 343 22.08 80.93 11.65
N VAL H 344 21.44 79.89 11.12
CA VAL H 344 20.61 79.02 11.95
C VAL H 344 21.49 78.32 12.98
N ASP H 345 21.00 78.23 14.21
CA ASP H 345 21.78 77.67 15.30
C ASP H 345 22.14 76.22 15.03
N GLY H 346 23.34 75.82 15.43
CA GLY H 346 23.82 74.47 15.24
C GLY H 346 24.47 74.20 13.90
N ILE H 347 24.54 75.18 13.01
CA ILE H 347 25.11 75.01 11.69
C ILE H 347 26.35 75.89 11.57
N GLY H 348 27.47 75.27 11.22
CA GLY H 348 28.70 75.99 10.97
C GLY H 348 28.84 76.38 9.51
N SER H 349 30.08 76.70 9.13
CA SER H 349 30.34 77.11 7.75
C SER H 349 30.33 75.92 6.80
N MET H 350 30.96 74.81 7.21
CA MET H 350 31.04 73.64 6.34
C MET H 350 29.66 73.02 6.12
N TRP H 351 28.85 72.94 7.18
CA TRP H 351 27.51 72.37 7.04
C TRP H 351 26.58 73.28 6.27
N ALA H 352 26.88 74.58 6.23
CA ALA H 352 26.01 75.52 5.53
C ALA H 352 26.03 75.27 4.02
N ARG H 353 27.20 75.45 3.39
CA ARG H 353 27.29 75.27 1.94
C ARG H 353 27.17 73.81 1.53
N HIS H 354 27.34 72.88 2.46
CA HIS H 354 27.12 71.46 2.13
C HIS H 354 25.67 71.22 1.75
N ILE H 355 24.74 71.83 2.48
CA ILE H 355 23.32 71.71 2.15
C ILE H 355 23.02 72.43 0.83
N ARG H 356 23.56 73.64 0.67
CA ARG H 356 23.28 74.45 -0.51
C ARG H 356 23.85 73.83 -1.78
N GLU H 357 24.88 72.97 -1.67
CA GLU H 357 25.40 72.30 -2.84
C GLU H 357 24.34 71.42 -3.50
N GLY H 358 23.59 70.68 -2.69
CA GLY H 358 22.47 69.91 -3.23
C GLY H 358 21.35 70.79 -3.75
N LEU H 359 21.03 71.86 -3.02
CA LEU H 359 19.96 72.76 -3.45
C LEU H 359 20.29 73.42 -4.78
N SER H 360 21.53 73.87 -4.95
CA SER H 360 21.93 74.48 -6.21
C SER H 360 21.85 73.48 -7.36
N LEU H 361 22.33 72.26 -7.13
CA LEU H 361 22.29 71.24 -8.19
C LEU H 361 20.86 70.84 -8.50
N LEU H 362 20.03 70.64 -7.46
CA LEU H 362 18.64 70.26 -7.69
C LEU H 362 17.81 71.40 -8.28
N ALA H 363 18.32 72.63 -8.25
CA ALA H 363 17.57 73.75 -8.80
C ALA H 363 17.36 73.63 -10.30
N GLU H 364 18.16 72.81 -10.99
CA GLU H 364 18.00 72.62 -12.42
C GLU H 364 16.85 71.66 -12.73
#